data_8I98
#
_entry.id   8I98
#
_cell.length_a   82.273
_cell.length_b   162.042
_cell.length_c   135.873
_cell.angle_alpha   90.00
_cell.angle_beta   92.60
_cell.angle_gamma   90.00
#
_symmetry.space_group_name_H-M   'P 1 21 1'
#
loop_
_entity.id
_entity.type
_entity.pdbx_description
1 polymer 'Tll0078 protein'
2 non-polymer 'FLAVIN MONONUCLEOTIDE'
#
_entity_poly.entity_id   1
_entity_poly.type   'polypeptide(L)'
_entity_poly.pdbx_seq_one_letter_code
;MGSSHHHHHHSSGLVPRGSHMGLHRLIFLSCATDGLSYPDLRDIMAKSEVNNLRDGITGMLCYGNGMFLQTLEGDRQKVS
ETYARILKDPRHHSAEIVEFKAIEERTFINWSMRLVQLGEMDSDTIRRLRLKYSPAATFQPRSMTAEQCFRFLKELYDMS
QGS
;
_entity_poly.pdbx_strand_id   A,B,C,D,E,F,G,H,I,J,K,L,M,N,O,P,Q,R,S,T
#
# COMPACT_ATOMS: atom_id res chain seq x y z
N MET A 21 -21.59 32.95 12.88
CA MET A 21 -20.24 33.51 13.11
C MET A 21 -19.15 32.44 13.29
N GLY A 22 -19.48 31.21 12.98
CA GLY A 22 -18.45 30.21 12.85
C GLY A 22 -18.39 29.27 14.02
N LEU A 23 -17.52 28.30 13.84
CA LEU A 23 -17.31 27.26 14.83
C LEU A 23 -16.52 27.80 16.01
N HIS A 24 -16.97 27.45 17.21
CA HIS A 24 -16.31 27.87 18.44
C HIS A 24 -16.13 26.67 19.35
N ARG A 25 -15.25 26.83 20.33
CA ARG A 25 -15.09 25.87 21.41
C ARG A 25 -15.16 26.59 22.75
N LEU A 26 -15.91 25.97 23.65
CA LEU A 26 -16.02 26.35 25.04
C LEU A 26 -15.40 25.23 25.87
N ILE A 27 -14.65 25.63 26.91
CA ILE A 27 -14.23 24.70 27.94
C ILE A 27 -14.61 25.33 29.28
N PHE A 28 -15.25 24.55 30.14
CA PHE A 28 -15.53 25.03 31.48
C PHE A 28 -15.31 23.91 32.48
N LEU A 29 -15.28 24.28 33.75
CA LEU A 29 -15.18 23.32 34.84
C LEU A 29 -16.28 23.63 35.86
N SER A 30 -16.48 22.69 36.78
CA SER A 30 -17.46 22.88 37.83
C SER A 30 -17.22 21.83 38.92
N CYS A 31 -17.84 22.08 40.08
CA CYS A 31 -17.88 21.14 41.18
C CYS A 31 -19.19 20.35 41.14
N ALA A 32 -19.08 19.03 41.18
CA ALA A 32 -20.27 18.19 41.31
C ALA A 32 -20.91 18.41 42.67
N THR A 33 -22.25 18.46 42.68
CA THR A 33 -23.00 18.55 43.93
C THR A 33 -22.96 17.23 44.70
N ASP A 34 -22.89 17.33 46.03
CA ASP A 34 -22.80 16.13 46.86
C ASP A 34 -23.99 15.24 46.63
N GLY A 35 -23.73 13.95 46.54
CA GLY A 35 -24.76 12.98 46.26
C GLY A 35 -24.96 12.66 44.80
N LEU A 36 -24.02 13.05 43.93
CA LEU A 36 -24.12 12.68 42.53
C LEU A 36 -24.25 11.16 42.41
N SER A 37 -25.27 10.75 41.65
CA SER A 37 -25.56 9.31 41.46
C SER A 37 -25.44 8.95 39.98
N TYR A 38 -25.36 7.66 39.68
CA TYR A 38 -25.29 7.22 38.28
C TYR A 38 -26.56 7.67 37.56
N PRO A 39 -27.77 7.35 38.04
CA PRO A 39 -28.98 7.85 37.42
C PRO A 39 -28.80 9.35 37.10
N ASP A 40 -28.30 10.13 38.06
CA ASP A 40 -28.05 11.54 37.81
C ASP A 40 -27.21 11.71 36.54
N LEU A 41 -26.11 10.96 36.45
CA LEU A 41 -25.27 10.98 35.25
C LEU A 41 -26.05 10.50 34.04
N ARG A 42 -26.95 9.54 34.23
CA ARG A 42 -27.68 9.00 33.11
C ARG A 42 -28.58 10.04 32.50
N ASP A 43 -29.20 10.88 33.33
CA ASP A 43 -30.06 11.94 32.82
C ASP A 43 -29.24 12.98 32.09
N ILE A 44 -28.08 13.36 32.66
CA ILE A 44 -27.20 14.34 32.03
C ILE A 44 -26.80 13.86 30.64
N MET A 45 -26.22 12.67 30.55
CA MET A 45 -25.81 12.17 29.24
C MET A 45 -26.98 12.02 28.28
N ALA A 46 -28.16 11.62 28.77
CA ALA A 46 -29.27 11.36 27.85
C ALA A 46 -29.81 12.67 27.26
N LYS A 47 -30.01 13.68 28.10
CA LYS A 47 -30.50 14.94 27.58
C LYS A 47 -29.43 15.63 26.75
N SER A 48 -28.16 15.55 27.18
CA SER A 48 -27.06 16.14 26.43
C SER A 48 -26.96 15.57 25.02
N GLU A 49 -27.01 14.24 24.90
CA GLU A 49 -26.90 13.62 23.58
C GLU A 49 -28.01 14.12 22.67
N VAL A 50 -29.23 14.18 23.19
CA VAL A 50 -30.38 14.63 22.40
C VAL A 50 -30.24 16.12 22.07
N ASN A 51 -30.00 16.93 23.10
CA ASN A 51 -29.93 18.37 22.92
C ASN A 51 -28.77 18.76 21.99
N ASN A 52 -27.60 18.16 22.22
CA ASN A 52 -26.46 18.53 21.41
C ASN A 52 -26.63 18.10 19.96
N LEU A 53 -27.13 16.89 19.71
CA LEU A 53 -27.32 16.50 18.32
C LEU A 53 -28.26 17.46 17.61
N ARG A 54 -29.33 17.88 18.29
CA ARG A 54 -30.25 18.83 17.69
C ARG A 54 -29.53 20.12 17.32
N ASP A 55 -28.63 20.61 18.19
CA ASP A 55 -27.98 21.92 18.08
C ASP A 55 -26.66 21.93 17.30
N GLY A 56 -26.20 20.81 16.74
CA GLY A 56 -24.89 20.79 16.12
C GLY A 56 -23.72 20.88 17.08
N ILE A 57 -23.94 20.53 18.33
CA ILE A 57 -22.91 20.58 19.37
C ILE A 57 -22.26 19.21 19.54
N THR A 58 -20.93 19.17 19.63
CA THR A 58 -20.21 17.98 20.05
C THR A 58 -19.37 18.33 21.28
N GLY A 59 -18.86 17.31 21.96
CA GLY A 59 -18.05 17.61 23.12
C GLY A 59 -17.77 16.39 23.96
N MET A 60 -17.21 16.67 25.13
CA MET A 60 -16.72 15.68 26.05
C MET A 60 -16.88 16.17 27.48
N LEU A 61 -17.32 15.24 28.32
CA LEU A 61 -17.44 15.54 29.77
C LEU A 61 -16.51 14.60 30.54
N CYS A 62 -15.63 15.17 31.33
CA CYS A 62 -14.70 14.48 32.17
C CYS A 62 -15.13 14.65 33.61
N TYR A 63 -15.23 13.56 34.36
CA TYR A 63 -15.53 13.60 35.79
C TYR A 63 -14.44 12.85 36.53
N GLY A 64 -13.97 13.47 37.62
CA GLY A 64 -12.95 12.88 38.46
C GLY A 64 -12.71 13.76 39.66
N ASN A 65 -12.36 13.17 40.80
CA ASN A 65 -12.00 13.93 41.99
C ASN A 65 -13.06 14.99 42.32
N GLY A 66 -14.33 14.63 42.12
CA GLY A 66 -15.47 15.49 42.38
C GLY A 66 -15.65 16.69 41.48
N MET A 67 -14.96 16.74 40.34
CA MET A 67 -14.96 17.88 39.44
C MET A 67 -15.44 17.50 38.03
N PHE A 68 -16.10 18.43 37.37
CA PHE A 68 -16.41 18.30 35.96
C PHE A 68 -15.47 19.21 35.17
N LEU A 69 -14.98 18.70 34.05
CA LEU A 69 -14.23 19.47 33.06
C LEU A 69 -14.82 19.14 31.70
N GLN A 70 -15.41 20.14 31.03
CA GLN A 70 -16.19 19.89 29.83
C GLN A 70 -15.72 20.80 28.69
N THR A 71 -15.85 20.29 27.49
CA THR A 71 -15.64 21.06 26.29
C THR A 71 -16.86 20.89 25.39
N LEU A 72 -17.29 21.97 24.73
CA LEU A 72 -18.40 21.95 23.76
C LEU A 72 -17.92 22.67 22.52
N GLU A 73 -18.22 22.11 21.36
CA GLU A 73 -17.90 22.71 20.09
C GLU A 73 -19.18 22.90 19.31
N GLY A 74 -19.29 24.05 18.64
CA GLY A 74 -20.40 24.31 17.78
C GLY A 74 -20.58 25.82 17.57
N ASP A 75 -21.79 26.17 17.17
CA ASP A 75 -22.10 27.55 16.86
C ASP A 75 -21.99 28.44 18.10
N ARG A 76 -21.57 29.68 17.88
CA ARG A 76 -21.36 30.60 18.99
C ARG A 76 -22.62 30.80 19.83
N GLN A 77 -23.78 30.99 19.16
CA GLN A 77 -25.00 31.19 19.92
C GLN A 77 -25.43 29.90 20.61
N LYS A 78 -25.48 28.79 19.85
CA LYS A 78 -25.95 27.52 20.40
C LYS A 78 -25.13 27.12 21.64
N VAL A 79 -23.81 27.09 21.52
CA VAL A 79 -22.95 26.69 22.64
C VAL A 79 -23.23 27.57 23.86
N SER A 80 -23.37 28.88 23.65
CA SER A 80 -23.67 29.79 24.77
C SER A 80 -24.99 29.43 25.43
N GLU A 81 -26.04 29.20 24.63
CA GLU A 81 -27.34 28.86 25.21
C GLU A 81 -27.24 27.60 26.02
N THR A 82 -26.49 26.62 25.51
CA THR A 82 -26.27 25.39 26.25
C THR A 82 -25.54 25.66 27.56
N TYR A 83 -24.58 26.58 27.53
CA TYR A 83 -23.90 26.90 28.76
C TYR A 83 -24.87 27.51 29.76
N ALA A 84 -25.75 28.39 29.30
CA ALA A 84 -26.74 29.02 30.18
C ALA A 84 -27.66 27.96 30.80
N ARG A 85 -28.07 26.95 30.03
CA ARG A 85 -28.86 25.87 30.62
C ARG A 85 -28.05 25.09 31.64
N ILE A 86 -26.79 24.77 31.30
CA ILE A 86 -25.96 24.02 32.22
C ILE A 86 -25.77 24.79 33.53
N LEU A 87 -25.72 26.12 33.49
CA LEU A 87 -25.57 26.89 34.71
C LEU A 87 -26.81 26.79 35.63
N LYS A 88 -27.98 26.46 35.08
CA LYS A 88 -29.17 26.29 35.90
C LYS A 88 -29.27 24.90 36.50
N ASP A 89 -28.44 23.97 36.06
CA ASP A 89 -28.53 22.61 36.57
C ASP A 89 -28.08 22.54 38.02
N PRO A 90 -28.90 21.99 38.92
CA PRO A 90 -28.50 21.89 40.33
C PRO A 90 -27.59 20.71 40.63
N ARG A 91 -27.30 19.86 39.64
CA ARG A 91 -26.40 18.74 39.93
C ARG A 91 -24.93 19.15 40.06
N HIS A 92 -24.60 20.43 39.90
CA HIS A 92 -23.23 20.90 40.06
C HIS A 92 -23.31 22.38 40.36
N HIS A 93 -22.20 22.93 40.85
CA HIS A 93 -22.13 24.32 41.30
C HIS A 93 -20.72 24.84 41.05
N SER A 94 -20.54 26.16 41.17
CA SER A 94 -19.23 26.80 41.06
C SER A 94 -18.54 26.50 39.72
N ALA A 95 -19.23 26.83 38.64
CA ALA A 95 -18.63 26.70 37.33
C ALA A 95 -17.62 27.81 37.11
N GLU A 96 -16.61 27.52 36.31
CA GLU A 96 -15.64 28.50 35.85
C GLU A 96 -15.50 28.32 34.34
N ILE A 97 -15.65 29.40 33.57
CA ILE A 97 -15.27 29.28 32.16
C ILE A 97 -13.75 29.18 32.08
N VAL A 98 -13.25 28.25 31.25
CA VAL A 98 -11.81 28.11 31.03
C VAL A 98 -11.36 28.84 29.77
N GLU A 99 -12.12 28.75 28.69
CA GLU A 99 -11.83 29.47 27.45
C GLU A 99 -13.07 29.43 26.55
N PHE A 100 -13.20 30.45 25.72
CA PHE A 100 -14.21 30.46 24.70
C PHE A 100 -13.58 31.20 23.52
N LYS A 101 -13.42 30.50 22.41
CA LYS A 101 -12.76 31.05 21.23
C LYS A 101 -13.24 30.33 19.98
N ALA A 102 -13.00 30.97 18.84
CA ALA A 102 -13.21 30.46 17.51
C ALA A 102 -12.12 29.47 17.18
N ILE A 103 -12.46 28.45 16.37
CA ILE A 103 -11.55 27.38 15.96
C ILE A 103 -11.74 27.06 14.49
N GLU A 104 -10.63 26.64 13.84
CA GLU A 104 -10.67 26.30 12.42
C GLU A 104 -11.43 24.98 12.19
N GLU A 105 -11.28 24.00 13.08
CA GLU A 105 -11.91 22.68 12.96
C GLU A 105 -12.17 22.10 14.33
N ARG A 106 -13.11 21.16 14.40
CA ARG A 106 -13.37 20.46 15.65
C ARG A 106 -12.29 19.44 15.96
N THR A 107 -12.01 19.28 17.24
CA THR A 107 -11.22 18.16 17.75
C THR A 107 -12.11 17.03 18.22
N PHE A 108 -13.20 17.36 18.91
CA PHE A 108 -14.07 16.38 19.55
C PHE A 108 -15.26 16.10 18.63
N ILE A 109 -14.98 15.36 17.56
CA ILE A 109 -15.95 15.18 16.49
C ILE A 109 -16.98 14.09 16.83
N ASN A 110 -16.52 12.99 17.43
CA ASN A 110 -17.31 11.74 17.37
C ASN A 110 -18.56 11.78 18.23
N TRP A 111 -18.59 12.56 19.30
CA TRP A 111 -19.69 12.39 20.23
C TRP A 111 -20.42 13.72 20.44
N SER A 112 -21.75 13.68 20.27
CA SER A 112 -22.56 14.80 20.74
C SER A 112 -22.29 15.04 22.21
N MET A 113 -21.97 13.98 22.95
CA MET A 113 -21.60 14.09 24.35
C MET A 113 -21.07 12.74 24.82
N ARG A 114 -19.92 12.76 25.47
CA ARG A 114 -19.29 11.55 26.00
C ARG A 114 -18.81 11.85 27.41
N LEU A 115 -19.13 10.96 28.36
CA LEU A 115 -18.66 11.10 29.73
C LEU A 115 -17.42 10.23 29.91
N VAL A 116 -16.38 10.76 30.52
CA VAL A 116 -15.19 10.00 30.87
C VAL A 116 -15.00 10.16 32.36
N GLN A 117 -15.00 9.05 33.08
CA GLN A 117 -14.73 9.09 34.52
C GLN A 117 -13.29 8.68 34.78
N LEU A 118 -12.55 9.56 35.42
CA LEU A 118 -11.15 9.29 35.62
C LEU A 118 -10.92 8.16 36.60
N GLY A 119 -11.85 7.95 37.53
CA GLY A 119 -11.61 6.99 38.58
C GLY A 119 -11.70 5.59 38.07
N GLU A 120 -12.34 5.43 36.92
CA GLU A 120 -12.51 4.10 36.31
C GLU A 120 -11.49 3.92 35.18
N MET A 121 -10.24 4.31 35.44
CA MET A 121 -9.14 4.15 34.45
C MET A 121 -7.88 3.73 35.22
N ASP A 122 -6.81 3.40 34.50
CA ASP A 122 -5.55 2.93 35.15
C ASP A 122 -5.07 3.91 36.23
N SER A 123 -4.82 3.45 37.42
CA SER A 123 -4.31 4.47 38.35
C SER A 123 -2.99 5.01 37.81
N ASP A 124 -2.48 4.48 36.69
CA ASP A 124 -1.13 4.94 36.25
C ASP A 124 -1.22 5.89 35.06
N THR A 125 -1.98 5.52 34.04
CA THR A 125 -2.05 6.36 32.82
C THR A 125 -2.61 7.75 33.16
N ILE A 126 -3.67 7.82 33.96
CA ILE A 126 -4.32 9.12 34.30
C ILE A 126 -3.38 9.89 35.22
N ARG A 127 -2.84 9.25 36.25
CA ARG A 127 -1.85 9.95 37.12
C ARG A 127 -0.91 10.73 36.21
N ARG A 128 -0.27 10.05 35.26
CA ARG A 128 0.67 10.71 34.32
C ARG A 128 -0.05 11.83 33.57
N LEU A 129 -1.02 11.47 32.72
CA LEU A 129 -1.75 12.48 31.90
C LEU A 129 -1.99 13.73 32.76
N ARG A 130 -2.59 13.55 33.94
CA ARG A 130 -2.88 14.70 34.83
C ARG A 130 -1.58 15.45 35.11
N LEU A 131 -0.57 14.77 35.66
CA LEU A 131 0.71 15.44 36.01
C LEU A 131 1.25 16.10 34.75
N LYS A 132 1.04 15.48 33.60
CA LYS A 132 1.64 16.08 32.41
C LYS A 132 1.17 17.52 32.24
N TYR A 133 -0.11 17.79 32.49
CA TYR A 133 -0.81 19.01 32.12
C TYR A 133 -1.32 19.80 33.33
N SER A 134 -0.71 19.64 34.49
CA SER A 134 -1.17 20.33 35.67
C SER A 134 -0.08 20.28 36.73
N PRO A 135 -0.07 21.23 37.65
CA PRO A 135 0.90 21.19 38.76
C PRO A 135 0.44 20.37 39.96
N ALA A 136 -0.75 19.79 39.94
CA ALA A 136 -1.39 19.18 41.10
C ALA A 136 -1.21 17.66 41.18
N ALA A 137 -1.23 17.14 42.40
CA ALA A 137 -1.14 15.72 42.67
C ALA A 137 -2.44 14.98 42.44
N THR A 138 -3.55 15.70 42.32
CA THR A 138 -4.84 15.13 41.94
C THR A 138 -5.41 15.98 40.82
N PHE A 139 -6.53 15.52 40.28
CA PHE A 139 -7.20 16.24 39.23
C PHE A 139 -7.80 17.55 39.77
N GLN A 140 -7.25 18.67 39.33
CA GLN A 140 -7.66 19.98 39.83
C GLN A 140 -7.73 20.90 38.62
N PRO A 141 -8.79 20.83 37.84
CA PRO A 141 -8.84 21.68 36.65
C PRO A 141 -8.75 23.20 36.97
N ARG A 142 -9.08 23.63 38.19
CA ARG A 142 -8.89 25.05 38.50
C ARG A 142 -7.43 25.42 38.49
N SER A 143 -6.55 24.44 38.45
CA SER A 143 -5.12 24.72 38.42
C SER A 143 -4.55 24.62 37.01
N MET A 144 -5.37 24.43 36.02
CA MET A 144 -4.89 24.20 34.67
C MET A 144 -5.25 25.37 33.78
N THR A 145 -4.37 25.68 32.83
CA THR A 145 -4.64 26.69 31.83
C THR A 145 -5.59 26.15 30.74
N ALA A 146 -6.03 27.08 29.90
CA ALA A 146 -6.88 26.70 28.78
C ALA A 146 -6.19 25.65 27.92
N GLU A 147 -4.91 25.85 27.63
CA GLU A 147 -4.28 24.91 26.73
C GLU A 147 -4.04 23.58 27.46
N GLN A 148 -3.79 23.61 28.77
CA GLN A 148 -3.65 22.36 29.49
C GLN A 148 -4.98 21.59 29.52
N CYS A 149 -6.10 22.28 29.78
CA CYS A 149 -7.37 21.56 29.74
C CYS A 149 -7.60 20.96 28.37
N PHE A 150 -7.34 21.71 27.31
CA PHE A 150 -7.64 21.21 25.96
C PHE A 150 -6.84 19.94 25.65
N ARG A 151 -5.54 19.98 25.90
CA ARG A 151 -4.66 18.84 25.54
C ARG A 151 -5.00 17.66 26.44
N PHE A 152 -5.25 17.93 27.71
CA PHE A 152 -5.69 16.87 28.63
C PHE A 152 -6.96 16.19 28.11
N LEU A 153 -7.96 16.99 27.70
CA LEU A 153 -9.21 16.41 27.16
C LEU A 153 -8.96 15.71 25.83
N LYS A 154 -8.09 16.29 25.00
CA LYS A 154 -7.83 15.69 23.68
C LYS A 154 -7.20 14.29 23.86
N GLU A 155 -6.32 14.16 24.85
CA GLU A 155 -5.72 12.86 25.11
C GLU A 155 -6.76 11.86 25.60
N LEU A 156 -7.69 12.29 26.46
CA LEU A 156 -8.73 11.38 26.92
C LEU A 156 -9.60 10.91 25.75
N TYR A 157 -10.03 11.85 24.90
CA TYR A 157 -10.87 11.53 23.76
C TYR A 157 -10.14 10.62 22.78
N ASP A 158 -8.84 10.86 22.58
CA ASP A 158 -8.06 10.08 21.66
C ASP A 158 -7.90 8.63 22.15
N MET A 159 -8.06 8.38 23.46
CA MET A 159 -7.96 7.02 23.95
C MET A 159 -9.17 6.19 23.51
N SER A 160 -10.37 6.77 23.52
CA SER A 160 -11.55 6.04 23.01
C SER A 160 -11.90 6.36 21.54
N HIS B 20 32.33 34.81 33.12
CA HIS B 20 31.14 34.34 33.82
C HIS B 20 30.11 33.68 32.86
N MET B 21 28.80 33.79 33.16
CA MET B 21 27.77 33.14 32.36
C MET B 21 26.59 34.07 32.03
N GLY B 22 26.73 35.37 32.21
CA GLY B 22 25.80 36.31 31.64
C GLY B 22 24.94 37.00 32.69
N LEU B 23 24.27 38.04 32.22
CA LEU B 23 23.41 38.88 33.03
C LEU B 23 22.05 38.20 33.14
N HIS B 24 21.50 38.15 34.36
CA HIS B 24 20.20 37.51 34.61
C HIS B 24 19.32 38.44 35.43
N ARG B 25 18.01 38.17 35.42
CA ARG B 25 17.07 38.85 36.31
C ARG B 25 16.29 37.81 37.08
N LEU B 26 16.23 38.03 38.37
CA LEU B 26 15.39 37.24 39.23
C LEU B 26 14.28 38.16 39.69
N ILE B 27 13.08 37.60 39.74
CA ILE B 27 11.91 38.21 40.33
C ILE B 27 11.32 37.20 41.31
N PHE B 28 11.09 37.66 42.55
CA PHE B 28 10.45 36.85 43.57
C PHE B 28 9.56 37.74 44.40
N LEU B 29 8.66 37.10 45.16
CA LEU B 29 7.73 37.73 46.09
C LEU B 29 7.78 36.99 47.43
N SER B 30 7.29 37.67 48.47
CA SER B 30 7.26 37.12 49.82
C SER B 30 6.27 37.93 50.68
N CYS B 31 5.90 37.37 51.84
CA CYS B 31 5.08 38.03 52.84
C CYS B 31 5.95 38.66 53.93
N ALA B 32 5.69 39.92 54.26
CA ALA B 32 6.48 40.53 55.34
C ALA B 32 6.24 39.79 56.64
N THR B 33 7.27 39.58 57.44
CA THR B 33 7.01 38.95 58.76
C THR B 33 6.14 39.89 59.59
N ASP B 34 5.02 39.38 60.12
CA ASP B 34 4.05 40.22 60.86
C ASP B 34 4.75 41.09 61.89
N GLY B 35 4.41 42.37 61.91
CA GLY B 35 5.06 43.31 62.84
C GLY B 35 6.21 44.03 62.19
N LEU B 36 6.37 43.89 60.87
CA LEU B 36 7.50 44.64 60.31
C LEU B 36 7.42 46.15 60.61
N SER B 37 8.54 46.73 60.99
CA SER B 37 8.61 48.14 61.37
C SER B 37 9.36 48.97 60.33
N TYR B 38 9.21 50.28 60.40
CA TYR B 38 9.95 51.17 59.47
C TYR B 38 11.46 50.97 59.62
N PRO B 39 12.02 50.95 60.83
CA PRO B 39 13.46 50.73 61.03
C PRO B 39 13.95 49.41 60.39
N ASP B 40 13.13 48.37 60.43
CA ASP B 40 13.50 47.10 59.76
C ASP B 40 13.71 47.39 58.27
N LEU B 41 12.71 47.99 57.64
CA LEU B 41 12.77 48.29 56.19
C LEU B 41 14.02 49.13 55.91
N ARG B 42 14.32 50.07 56.82
CA ARG B 42 15.53 50.92 56.65
C ARG B 42 16.75 50.00 56.66
N ASP B 43 16.85 49.13 57.67
CA ASP B 43 18.02 48.25 57.78
C ASP B 43 18.14 47.33 56.57
N ILE B 44 17.02 46.79 56.08
CA ILE B 44 17.04 46.02 54.85
C ILE B 44 17.64 46.85 53.71
N MET B 45 17.13 48.08 53.52
CA MET B 45 17.61 48.92 52.43
C MET B 45 19.10 49.25 52.57
N ALA B 46 19.58 49.46 53.79
CA ALA B 46 20.99 49.83 53.96
C ALA B 46 21.92 48.65 53.65
N LYS B 47 21.55 47.42 54.04
CA LYS B 47 22.43 46.29 53.72
C LYS B 47 22.42 46.03 52.22
N SER B 48 21.24 46.17 51.61
CA SER B 48 21.04 45.88 50.19
C SER B 48 21.89 46.78 49.31
N GLU B 49 21.96 48.08 49.63
CA GLU B 49 22.76 48.96 48.80
C GLU B 49 24.23 48.60 48.86
N VAL B 50 24.72 48.26 50.06
CA VAL B 50 26.12 47.94 50.23
C VAL B 50 26.46 46.64 49.51
N ASN B 51 25.66 45.59 49.76
CA ASN B 51 25.93 44.28 49.17
C ASN B 51 25.74 44.29 47.67
N ASN B 52 24.59 44.80 47.22
CA ASN B 52 24.31 44.74 45.80
C ASN B 52 25.35 45.56 45.02
N LEU B 53 25.72 46.73 45.55
CA LEU B 53 26.78 47.51 44.92
C LEU B 53 28.08 46.71 44.82
N ARG B 54 28.45 45.97 45.88
CA ARG B 54 29.67 45.15 45.84
C ARG B 54 29.57 44.02 44.81
N ASP B 55 28.39 43.45 44.64
CA ASP B 55 28.21 42.27 43.81
C ASP B 55 27.80 42.55 42.37
N GLY B 56 27.78 43.83 41.94
CA GLY B 56 27.30 44.19 40.61
C GLY B 56 25.80 44.03 40.39
N ILE B 57 25.03 44.00 41.47
CA ILE B 57 23.60 43.71 41.41
C ILE B 57 22.79 45.00 41.49
N THR B 58 21.75 45.09 40.66
CA THR B 58 20.79 46.17 40.74
C THR B 58 19.40 45.56 40.91
N GLY B 59 18.43 46.39 41.31
CA GLY B 59 17.10 45.87 41.49
C GLY B 59 16.18 46.87 42.16
N MET B 60 15.00 46.37 42.51
CA MET B 60 13.93 47.22 43.00
C MET B 60 13.06 46.38 43.93
N LEU B 61 12.71 46.92 45.09
CA LEU B 61 11.87 46.23 46.06
C LEU B 61 10.57 47.00 46.26
N CYS B 62 9.46 46.32 45.97
CA CYS B 62 8.13 46.92 46.20
C CYS B 62 7.53 46.30 47.46
N TYR B 63 6.94 47.12 48.31
CA TYR B 63 6.26 46.67 49.51
C TYR B 63 4.88 47.28 49.53
N GLY B 64 3.86 46.48 49.78
CA GLY B 64 2.52 46.98 49.88
C GLY B 64 1.60 45.85 50.33
N ASN B 65 0.56 46.18 51.07
CA ASN B 65 -0.42 45.18 51.50
C ASN B 65 0.24 43.95 52.16
N GLY B 66 1.26 44.20 52.98
CA GLY B 66 1.98 43.15 53.69
C GLY B 66 2.83 42.23 52.85
N MET B 67 3.01 42.54 51.56
CA MET B 67 3.78 41.71 50.63
C MET B 67 4.97 42.48 50.09
N PHE B 68 6.02 41.71 49.81
CA PHE B 68 7.20 42.14 49.11
C PHE B 68 7.19 41.57 47.69
N LEU B 69 7.57 42.41 46.72
CA LEU B 69 7.84 41.99 45.34
C LEU B 69 9.16 42.63 44.93
N GLN B 70 10.18 41.80 44.67
CA GLN B 70 11.51 42.31 44.40
C GLN B 70 12.08 41.72 43.11
N THR B 71 12.96 42.50 42.47
CA THR B 71 13.74 42.02 41.35
C THR B 71 15.20 42.41 41.54
N LEU B 72 16.09 41.50 41.13
CA LEU B 72 17.53 41.67 41.16
C LEU B 72 18.08 41.27 39.79
N GLU B 73 19.03 42.05 39.30
CA GLU B 73 19.73 41.80 38.05
C GLU B 73 21.21 41.70 38.35
N GLY B 74 21.86 40.79 37.65
CA GLY B 74 23.29 40.64 37.83
C GLY B 74 23.77 39.28 37.37
N ASP B 75 24.89 38.87 37.94
CA ASP B 75 25.50 37.58 37.60
C ASP B 75 24.63 36.45 38.11
N ARG B 76 24.59 35.38 37.33
CA ARG B 76 23.80 34.20 37.70
C ARG B 76 24.15 33.71 39.09
N GLN B 77 25.45 33.62 39.36
CA GLN B 77 25.89 33.17 40.67
C GLN B 77 25.56 34.19 41.76
N LYS B 78 25.95 35.45 41.56
CA LYS B 78 25.75 36.49 42.57
C LYS B 78 24.29 36.60 42.96
N VAL B 79 23.41 36.75 41.96
CA VAL B 79 21.98 36.86 42.27
C VAL B 79 21.51 35.62 43.05
N SER B 80 21.97 34.42 42.65
CA SER B 80 21.52 33.22 43.37
C SER B 80 21.93 33.29 44.84
N GLU B 81 23.21 33.56 45.09
CA GLU B 81 23.67 33.60 46.47
C GLU B 81 22.99 34.68 47.26
N THR B 82 22.73 35.83 46.64
CA THR B 82 22.02 36.89 47.34
C THR B 82 20.60 36.45 47.67
N TYR B 83 19.94 35.77 46.73
CA TYR B 83 18.63 35.24 47.04
C TYR B 83 18.72 34.22 48.17
N ALA B 84 19.76 33.38 48.16
CA ALA B 84 19.90 32.40 49.24
C ALA B 84 20.04 33.10 50.59
N ARG B 85 20.71 34.26 50.60
CA ARG B 85 20.80 35.08 51.82
C ARG B 85 19.45 35.69 52.18
N ILE B 86 18.70 36.18 51.19
CA ILE B 86 17.39 36.75 51.51
C ILE B 86 16.50 35.68 52.14
N LEU B 87 16.65 34.41 51.72
CA LEU B 87 15.79 33.35 52.25
C LEU B 87 15.98 33.08 53.74
N LYS B 88 17.12 33.44 54.33
CA LYS B 88 17.35 33.23 55.75
C LYS B 88 16.88 34.40 56.61
N ASP B 89 16.33 35.47 56.00
CA ASP B 89 15.91 36.66 56.74
C ASP B 89 14.58 36.40 57.43
N PRO B 90 14.49 36.60 58.75
CA PRO B 90 13.20 36.43 59.45
C PRO B 90 12.24 37.59 59.25
N ARG B 91 12.64 38.67 58.61
CA ARG B 91 11.66 39.74 58.44
C ARG B 91 10.66 39.43 57.32
N HIS B 92 10.76 38.26 56.66
CA HIS B 92 9.71 37.80 55.74
C HIS B 92 9.70 36.28 55.69
N HIS B 93 8.65 35.74 55.10
CA HIS B 93 8.47 34.30 55.00
C HIS B 93 7.67 34.01 53.73
N SER B 94 7.54 32.74 53.39
CA SER B 94 6.75 32.31 52.24
C SER B 94 7.26 32.92 50.93
N ALA B 95 8.56 32.80 50.70
CA ALA B 95 9.11 33.32 49.46
C ALA B 95 8.69 32.43 48.31
N GLU B 96 8.46 33.05 47.17
CA GLU B 96 8.01 32.33 45.99
C GLU B 96 8.76 32.95 44.83
N ILE B 97 9.51 32.12 44.09
CA ILE B 97 10.18 32.60 42.91
C ILE B 97 9.15 32.86 41.83
N VAL B 98 9.26 34.00 41.17
CA VAL B 98 8.39 34.32 40.04
C VAL B 98 9.09 34.06 38.73
N GLU B 99 10.37 34.39 38.62
CA GLU B 99 11.05 34.20 37.34
C GLU B 99 12.55 34.27 37.53
N PHE B 100 13.27 33.50 36.72
CA PHE B 100 14.72 33.64 36.70
C PHE B 100 15.20 33.26 35.30
N LYS B 101 15.79 34.23 34.60
CA LYS B 101 16.20 34.04 33.22
C LYS B 101 17.32 35.00 32.86
N ALA B 102 17.99 34.67 31.77
CA ALA B 102 19.03 35.49 31.19
C ALA B 102 18.41 36.69 30.50
N ILE B 103 19.10 37.82 30.55
CA ILE B 103 18.58 39.05 29.95
C ILE B 103 19.70 39.71 29.16
N GLU B 104 19.31 40.36 28.06
CA GLU B 104 20.28 41.02 27.19
C GLU B 104 20.74 42.36 27.76
N GLU B 105 19.87 43.09 28.46
CA GLU B 105 20.22 44.37 29.05
C GLU B 105 19.43 44.55 30.34
N ARG B 106 19.97 45.36 31.25
CA ARG B 106 19.26 45.68 32.47
C ARG B 106 18.12 46.67 32.20
N THR B 107 17.05 46.48 32.95
CA THR B 107 16.02 47.48 33.05
C THR B 107 16.19 48.33 34.30
N PHE B 108 16.56 47.70 35.41
CA PHE B 108 16.60 48.38 36.69
C PHE B 108 18.04 48.80 36.97
N ILE B 109 18.45 49.84 36.22
CA ILE B 109 19.87 50.22 36.16
C ILE B 109 20.29 51.12 37.32
N ASN B 110 19.43 52.10 37.68
CA ASN B 110 19.89 53.29 38.41
C ASN B 110 20.30 52.98 39.84
N TRP B 111 19.74 51.94 40.46
CA TRP B 111 19.95 51.73 41.89
C TRP B 111 20.42 50.30 42.19
N SER B 112 21.45 50.19 43.02
CA SER B 112 21.75 48.88 43.58
C SER B 112 20.54 48.36 44.37
N MET B 113 19.73 49.25 44.92
CA MET B 113 18.45 48.81 45.48
C MET B 113 17.61 50.02 45.87
N ARG B 114 16.37 50.03 45.39
CA ARG B 114 15.43 51.12 45.63
C ARG B 114 14.13 50.57 46.21
N LEU B 115 13.65 51.19 47.29
CA LEU B 115 12.39 50.79 47.93
C LEU B 115 11.25 51.69 47.47
N VAL B 116 10.16 51.07 47.03
CA VAL B 116 8.93 51.75 46.66
C VAL B 116 7.81 51.16 47.49
N GLN B 117 7.18 52.02 48.30
CA GLN B 117 6.05 51.61 49.11
C GLN B 117 4.75 52.01 48.43
N LEU B 118 3.93 51.01 48.13
CA LEU B 118 2.65 51.32 47.51
C LEU B 118 1.83 52.19 48.43
N GLY B 119 2.26 52.42 49.67
CA GLY B 119 1.41 53.18 50.59
C GLY B 119 1.57 54.68 50.46
N GLU B 120 2.59 55.13 49.73
CA GLU B 120 2.89 56.58 49.63
C GLU B 120 2.80 57.03 48.19
N MET B 121 1.86 56.48 47.41
CA MET B 121 1.78 56.83 45.96
C MET B 121 0.39 57.39 45.67
N ASP B 122 0.25 58.18 44.60
CA ASP B 122 -1.11 58.59 44.25
C ASP B 122 -2.06 57.38 44.31
N SER B 123 -3.04 57.42 45.22
CA SER B 123 -3.93 56.28 45.42
C SER B 123 -4.53 55.77 44.10
N ASP B 124 -4.70 56.65 43.12
CA ASP B 124 -5.37 56.22 41.86
C ASP B 124 -4.32 55.64 40.91
N THR B 125 -3.15 56.27 40.84
CA THR B 125 -2.06 55.73 40.00
C THR B 125 -1.78 54.28 40.37
N ILE B 126 -1.61 53.99 41.66
CA ILE B 126 -1.29 52.62 42.12
C ILE B 126 -2.49 51.72 41.86
N ARG B 127 -3.71 52.24 42.03
CA ARG B 127 -4.92 51.42 41.82
C ARG B 127 -4.92 50.93 40.36
N ARG B 128 -4.72 51.85 39.43
CA ARG B 128 -4.79 51.50 37.99
C ARG B 128 -3.63 50.56 37.62
N LEU B 129 -2.43 50.82 38.14
CA LEU B 129 -1.26 49.95 37.85
C LEU B 129 -1.50 48.54 38.39
N ARG B 130 -2.02 48.43 39.60
CA ARG B 130 -2.27 47.10 40.21
C ARG B 130 -3.34 46.39 39.40
N LEU B 131 -4.33 47.12 38.92
CA LEU B 131 -5.42 46.52 38.13
C LEU B 131 -4.88 46.17 36.74
N LYS B 132 -4.06 47.02 36.17
CA LYS B 132 -3.49 46.80 34.82
C LYS B 132 -2.76 45.47 34.74
N TYR B 133 -2.02 45.09 35.79
CA TYR B 133 -1.16 43.88 35.72
C TYR B 133 -1.57 42.84 36.77
N SER B 134 -2.84 42.81 37.17
CA SER B 134 -3.29 41.86 38.22
C SER B 134 -4.81 41.67 38.15
N PRO B 135 -5.33 40.49 38.53
CA PRO B 135 -6.77 40.28 38.60
C PRO B 135 -7.29 40.60 40.00
N ALA B 136 -6.49 41.30 40.82
CA ALA B 136 -6.83 41.49 42.24
C ALA B 136 -7.34 42.90 42.58
N ALA B 137 -8.13 42.98 43.66
CA ALA B 137 -8.66 44.27 44.15
C ALA B 137 -7.69 44.83 45.19
N THR B 138 -6.64 44.08 45.49
CA THR B 138 -5.59 44.51 46.44
C THR B 138 -4.25 44.12 45.81
N PHE B 139 -3.15 44.65 46.31
CA PHE B 139 -1.84 44.20 45.79
C PHE B 139 -1.68 42.74 46.16
N GLN B 140 -1.67 41.88 45.14
CA GLN B 140 -1.49 40.44 45.39
C GLN B 140 -0.51 39.90 44.37
N PRO B 141 0.79 40.03 44.63
CA PRO B 141 1.76 39.50 43.66
C PRO B 141 1.60 38.00 43.41
N ARG B 142 1.09 37.21 44.37
CA ARG B 142 0.89 35.79 44.10
C ARG B 142 -0.14 35.57 43.00
N SER B 143 -0.92 36.57 42.63
CA SER B 143 -1.89 36.37 41.58
C SER B 143 -1.39 36.79 40.21
N MET B 144 -0.12 37.18 40.10
CA MET B 144 0.44 37.80 38.91
C MET B 144 1.47 36.89 38.21
N THR B 145 1.48 36.98 36.89
CA THR B 145 2.46 36.26 36.10
C THR B 145 3.82 36.93 36.13
N ALA B 146 4.78 36.19 35.58
CA ALA B 146 6.14 36.70 35.49
C ALA B 146 6.19 38.00 34.68
N GLU B 147 5.46 38.08 33.57
CA GLU B 147 5.50 39.31 32.77
C GLU B 147 4.77 40.48 33.48
N GLN B 148 3.68 40.18 34.17
CA GLN B 148 2.98 41.25 34.87
C GLN B 148 3.86 41.84 35.99
N CYS B 149 4.53 40.98 36.75
CA CYS B 149 5.44 41.49 37.76
C CYS B 149 6.52 42.33 37.14
N PHE B 150 7.08 41.88 36.01
CA PHE B 150 8.13 42.65 35.34
C PHE B 150 7.62 44.02 34.91
N ARG B 151 6.47 44.06 34.25
CA ARG B 151 5.92 45.32 33.75
C ARG B 151 5.48 46.22 34.93
N PHE B 152 4.89 45.62 35.97
CA PHE B 152 4.51 46.36 37.17
C PHE B 152 5.73 47.02 37.77
N LEU B 153 6.78 46.23 38.06
CA LEU B 153 7.97 46.84 38.67
C LEU B 153 8.61 47.86 37.74
N LYS B 154 8.58 47.62 36.44
CA LYS B 154 9.20 48.52 35.48
C LYS B 154 8.48 49.87 35.48
N GLU B 155 7.14 49.88 35.56
CA GLU B 155 6.44 51.15 35.63
C GLU B 155 6.78 51.90 36.93
N LEU B 156 6.83 51.17 38.07
CA LEU B 156 7.24 51.80 39.34
C LEU B 156 8.64 52.38 39.21
N TYR B 157 9.54 51.63 38.59
CA TYR B 157 10.90 52.14 38.38
C TYR B 157 10.89 53.40 37.51
N ASP B 158 10.10 53.41 36.42
CA ASP B 158 10.11 54.57 35.53
C ASP B 158 9.55 55.83 36.20
N MET B 159 8.68 55.70 37.20
CA MET B 159 8.15 56.85 37.92
C MET B 159 9.09 57.35 39.02
N SER B 160 10.34 56.94 39.01
CA SER B 160 11.25 57.37 40.03
C SER B 160 12.49 57.94 39.33
N MET C 21 33.41 38.51 -0.49
CA MET C 21 32.41 37.75 0.29
C MET C 21 31.53 38.63 1.16
N GLY C 22 31.93 39.85 1.36
CA GLY C 22 31.06 40.91 1.78
C GLY C 22 31.51 41.55 3.08
N LEU C 23 30.61 42.33 3.65
CA LEU C 23 30.92 43.13 4.81
C LEU C 23 30.78 42.28 6.06
N HIS C 24 31.75 42.41 6.95
CA HIS C 24 31.78 41.64 8.19
C HIS C 24 32.08 42.60 9.30
N ARG C 25 31.78 42.19 10.51
CA ARG C 25 32.20 42.91 11.70
C ARG C 25 32.84 41.91 12.64
N LEU C 26 33.97 42.30 13.20
CA LEU C 26 34.63 41.51 14.23
C LEU C 26 34.56 42.28 15.54
N ILE C 27 34.45 41.54 16.64
CA ILE C 27 34.60 42.09 17.97
C ILE C 27 35.57 41.21 18.74
N PHE C 28 36.54 41.82 19.39
CA PHE C 28 37.48 41.11 20.25
C PHE C 28 37.80 41.97 21.47
N LEU C 29 38.32 41.31 22.51
CA LEU C 29 38.73 41.95 23.75
C LEU C 29 40.10 41.44 24.17
N SER C 30 40.80 42.16 25.06
CA SER C 30 42.12 41.73 25.52
C SER C 30 42.51 42.51 26.77
N CYS C 31 43.59 42.04 27.42
CA CYS C 31 44.18 42.72 28.57
C CYS C 31 45.33 43.60 28.09
N ALA C 32 45.33 44.87 28.49
CA ALA C 32 46.45 45.73 28.17
C ALA C 32 47.68 45.23 28.92
N THR C 33 48.82 45.21 28.24
CA THR C 33 50.05 44.81 28.93
C THR C 33 50.46 45.90 29.92
N ASP C 34 51.02 45.48 31.04
CA ASP C 34 51.44 46.44 32.05
C ASP C 34 52.50 47.37 31.49
N GLY C 35 52.36 48.66 31.79
CA GLY C 35 53.23 49.69 31.24
C GLY C 35 52.61 50.50 30.12
N LEU C 36 51.34 50.28 29.79
CA LEU C 36 50.70 51.03 28.73
C LEU C 36 50.78 52.53 28.99
N SER C 37 51.24 53.29 27.98
CA SER C 37 51.45 54.71 28.06
C SER C 37 50.50 55.43 27.13
N TYR C 38 50.23 56.69 27.44
CA TYR C 38 49.48 57.52 26.50
C TYR C 38 50.21 57.57 25.17
N PRO C 39 51.52 57.77 25.11
CA PRO C 39 52.25 57.63 23.85
C PRO C 39 52.04 56.28 23.20
N ASP C 40 51.94 55.23 24.01
CA ASP C 40 51.63 53.90 23.49
C ASP C 40 50.29 53.89 22.77
N LEU C 41 49.26 54.43 23.42
CA LEU C 41 47.93 54.52 22.81
C LEU C 41 47.98 55.29 21.52
N ARG C 42 48.75 56.39 21.49
CA ARG C 42 48.79 57.24 20.31
C ARG C 42 49.47 56.54 19.15
N ASP C 43 50.51 55.73 19.41
CA ASP C 43 51.11 55.00 18.29
C ASP C 43 50.12 54.02 17.70
N ILE C 44 49.39 53.32 18.58
CA ILE C 44 48.36 52.41 18.13
C ILE C 44 47.33 53.15 17.30
N MET C 45 46.84 54.27 17.83
CA MET C 45 45.80 54.99 17.11
C MET C 45 46.30 55.47 15.75
N ALA C 46 47.53 55.94 15.69
CA ALA C 46 47.97 56.50 14.43
C ALA C 46 48.21 55.42 13.40
N LYS C 47 48.83 54.31 13.79
CA LYS C 47 49.08 53.26 12.81
C LYS C 47 47.77 52.59 12.38
N SER C 48 46.82 52.43 13.32
CA SER C 48 45.52 51.83 13.00
C SER C 48 44.75 52.70 12.00
N GLU C 49 44.76 54.02 12.22
CA GLU C 49 44.02 54.88 11.31
C GLU C 49 44.56 54.78 9.90
N VAL C 50 45.88 54.70 9.76
CA VAL C 50 46.44 54.65 8.41
C VAL C 50 46.16 53.30 7.76
N ASN C 51 46.40 52.22 8.49
CA ASN C 51 46.20 50.90 7.91
C ASN C 51 44.72 50.67 7.59
N ASN C 52 43.84 51.04 8.53
CA ASN C 52 42.43 50.75 8.32
C ASN C 52 41.88 51.53 7.11
N LEU C 53 42.26 52.79 6.97
CA LEU C 53 41.86 53.58 5.81
C LEU C 53 42.36 52.96 4.52
N ARG C 54 43.55 52.38 4.55
CA ARG C 54 44.05 51.67 3.38
C ARG C 54 43.20 50.44 3.09
N ASP C 55 42.77 49.75 4.16
CA ASP C 55 42.14 48.44 4.10
C ASP C 55 40.62 48.49 4.00
N GLY C 56 40.02 49.68 3.85
CA GLY C 56 38.58 49.82 3.82
C GLY C 56 37.92 49.52 5.14
N ILE C 57 38.69 49.57 6.25
CA ILE C 57 38.23 49.15 7.56
C ILE C 57 37.84 50.34 8.42
N THR C 58 36.75 50.18 9.17
CA THR C 58 36.32 51.14 10.17
C THR C 58 36.18 50.43 11.51
N GLY C 59 36.12 51.19 12.59
CA GLY C 59 35.97 50.56 13.89
C GLY C 59 36.19 51.51 15.04
N MET C 60 36.27 50.93 16.23
CA MET C 60 36.27 51.64 17.48
C MET C 60 37.05 50.86 18.53
N LEU C 61 37.86 51.56 19.32
CA LEU C 61 38.65 50.95 20.38
C LEU C 61 38.18 51.50 21.72
N CYS C 62 37.81 50.59 22.62
CA CYS C 62 37.45 50.94 23.98
C CYS C 62 38.54 50.44 24.92
N TYR C 63 39.01 51.32 25.79
CA TYR C 63 39.99 50.96 26.82
C TYR C 63 39.50 51.43 28.18
N GLY C 64 39.47 50.51 29.14
CA GLY C 64 39.10 50.82 30.52
C GLY C 64 39.44 49.65 31.44
N ASN C 65 39.75 49.95 32.71
CA ASN C 65 39.98 48.94 33.72
C ASN C 65 41.01 47.93 33.25
N GLY C 66 42.02 48.42 32.55
CA GLY C 66 43.06 47.58 31.98
C GLY C 66 42.64 46.70 30.83
N MET C 67 41.44 46.92 30.28
CA MET C 67 40.89 46.07 29.22
C MET C 67 40.71 46.84 27.91
N PHE C 68 40.89 46.13 26.80
CA PHE C 68 40.56 46.60 25.46
C PHE C 68 39.31 45.87 24.96
N LEU C 69 38.41 46.61 24.32
CA LEU C 69 37.27 46.05 23.60
C LEU C 69 37.20 46.80 22.27
N GLN C 70 37.40 46.07 21.17
CA GLN C 70 37.49 46.68 19.85
C GLN C 70 36.55 46.00 18.84
N THR C 71 36.11 46.80 17.86
CA THR C 71 35.34 46.27 16.75
C THR C 71 35.90 46.82 15.44
N LEU C 72 35.95 45.97 14.42
CA LEU C 72 36.39 46.28 13.06
C LEU C 72 35.32 45.82 12.08
N GLU C 73 35.05 46.64 11.09
CA GLU C 73 34.15 46.32 10.00
C GLU C 73 34.94 46.42 8.72
N GLY C 74 34.66 45.51 7.80
CA GLY C 74 35.31 45.54 6.51
C GLY C 74 35.27 44.16 5.87
N ASP C 75 36.21 43.97 4.95
CA ASP C 75 36.29 42.74 4.16
C ASP C 75 36.67 41.58 5.06
N ARG C 76 36.10 40.41 4.79
CA ARG C 76 36.37 39.23 5.61
C ARG C 76 37.88 38.95 5.68
N GLN C 77 38.53 38.95 4.52
CA GLN C 77 39.95 38.69 4.48
C GLN C 77 40.72 39.79 5.20
N LYS C 78 40.48 41.04 4.80
CA LYS C 78 41.18 42.19 5.37
C LYS C 78 41.05 42.24 6.90
N VAL C 79 39.82 42.12 7.41
CA VAL C 79 39.63 42.16 8.87
C VAL C 79 40.44 41.03 9.55
N SER C 80 40.44 39.83 8.95
CA SER C 80 41.19 38.72 9.54
C SER C 80 42.68 39.04 9.57
N GLU C 81 43.22 39.50 8.43
CA GLU C 81 44.65 39.83 8.38
C GLU C 81 45.03 40.88 9.40
N THR C 82 44.17 41.90 9.56
CA THR C 82 44.42 42.93 10.58
C THR C 82 44.38 42.32 11.98
N TYR C 83 43.44 41.43 12.22
CA TYR C 83 43.40 40.77 13.53
C TYR C 83 44.66 39.95 13.78
N ALA C 84 45.18 39.29 12.74
CA ALA C 84 46.40 38.50 12.90
C ALA C 84 47.56 39.39 13.30
N ARG C 85 47.61 40.59 12.71
CA ARG C 85 48.63 41.56 13.08
C ARG C 85 48.41 42.04 14.52
N ILE C 86 47.16 42.31 14.90
CA ILE C 86 46.90 42.73 16.27
C ILE C 86 47.38 41.66 17.26
N LEU C 87 47.28 40.40 16.88
CA LEU C 87 47.67 39.37 17.81
C LEU C 87 49.17 39.40 18.11
N LYS C 88 49.95 40.03 17.24
CA LYS C 88 51.41 39.98 17.52
C LYS C 88 51.85 41.23 18.29
N ASP C 89 50.95 42.18 18.56
CA ASP C 89 51.40 43.39 19.23
C ASP C 89 51.64 43.06 20.70
N PRO C 90 52.81 43.38 21.25
CA PRO C 90 53.09 43.06 22.67
C PRO C 90 52.38 43.94 23.68
N ARG C 91 51.77 45.03 23.23
CA ARG C 91 51.10 45.96 24.12
C ARG C 91 49.75 45.42 24.64
N HIS C 92 49.38 44.19 24.29
CA HIS C 92 48.25 43.52 24.91
C HIS C 92 48.48 42.02 24.85
N HIS C 93 47.69 41.29 25.62
CA HIS C 93 47.79 39.84 25.69
C HIS C 93 46.39 39.31 25.99
N SER C 94 46.26 37.99 25.96
CA SER C 94 45.02 37.32 26.35
C SER C 94 43.84 37.85 25.53
N ALA C 95 44.03 37.92 24.20
CA ALA C 95 42.94 38.34 23.33
C ALA C 95 41.92 37.23 23.22
N GLU C 96 40.66 37.63 23.14
CA GLU C 96 39.57 36.68 23.10
C GLU C 96 38.60 37.19 22.05
N ILE C 97 38.32 36.36 21.02
CA ILE C 97 37.32 36.75 20.02
C ILE C 97 35.93 36.78 20.64
N VAL C 98 35.17 37.82 20.32
CA VAL C 98 33.80 37.94 20.83
C VAL C 98 32.78 37.54 19.78
N GLU C 99 32.99 37.97 18.53
CA GLU C 99 32.04 37.73 17.45
C GLU C 99 32.68 37.99 16.08
N PHE C 100 32.22 37.26 15.08
CA PHE C 100 32.64 37.51 13.69
C PHE C 100 31.51 37.08 12.75
N LYS C 101 30.91 38.02 12.03
CA LYS C 101 29.76 37.68 11.20
C LYS C 101 29.62 38.69 10.07
N ALA C 102 28.85 38.27 9.07
CA ALA C 102 28.47 39.15 7.99
C ALA C 102 27.44 40.16 8.51
N ILE C 103 27.50 41.38 7.99
CA ILE C 103 26.60 42.44 8.41
C ILE C 103 26.09 43.09 7.13
N GLU C 104 24.84 43.57 7.21
CA GLU C 104 24.22 44.18 6.04
C GLU C 104 24.76 45.58 5.76
N GLU C 105 25.06 46.34 6.82
CA GLU C 105 25.55 47.71 6.73
C GLU C 105 26.41 48.00 7.96
N ARG C 106 27.31 48.98 7.81
CA ARG C 106 28.19 49.35 8.91
C ARG C 106 27.45 50.14 9.97
N THR C 107 27.81 49.92 11.24
CA THR C 107 27.41 50.84 12.28
C THR C 107 28.52 51.84 12.59
N PHE C 108 29.78 51.39 12.52
CA PHE C 108 30.93 52.21 12.88
C PHE C 108 31.55 52.82 11.63
N ILE C 109 30.83 53.81 11.09
CA ILE C 109 31.12 54.38 9.78
C ILE C 109 32.18 55.46 9.83
N ASN C 110 32.09 56.32 10.85
CA ASN C 110 32.71 57.64 10.78
C ASN C 110 34.22 57.61 10.92
N TRP C 111 34.74 56.61 11.63
CA TRP C 111 36.18 56.60 11.94
C TRP C 111 36.85 55.28 11.57
N SER C 112 38.03 55.37 10.97
CA SER C 112 38.82 54.16 10.66
C SER C 112 39.22 53.52 11.98
N MET C 113 39.51 54.37 12.96
CA MET C 113 39.85 53.88 14.32
C MET C 113 39.64 55.07 15.26
N ARG C 114 38.82 54.89 16.28
CA ARG C 114 38.56 55.96 17.27
C ARG C 114 38.80 55.39 18.66
N LEU C 115 39.63 56.06 19.45
CA LEU C 115 39.90 55.60 20.84
C LEU C 115 38.96 56.29 21.82
N VAL C 116 38.24 55.50 22.60
CA VAL C 116 37.40 56.01 23.65
C VAL C 116 37.89 55.42 24.94
N GLN C 117 38.30 56.28 25.87
CA GLN C 117 38.81 55.83 27.16
C GLN C 117 37.68 55.90 28.18
N LEU C 118 37.32 54.74 28.72
CA LEU C 118 36.18 54.74 29.62
C LEU C 118 36.45 55.60 30.83
N GLY C 119 37.69 55.57 31.30
CA GLY C 119 38.00 56.07 32.64
C GLY C 119 37.88 57.62 32.73
N GLU C 120 37.90 58.31 31.55
CA GLU C 120 37.86 59.81 31.42
C GLU C 120 36.63 60.38 30.70
N MET C 121 35.43 59.86 30.94
CA MET C 121 34.14 60.28 30.52
C MET C 121 33.31 60.43 31.80
N ASP C 122 32.12 60.99 31.69
CA ASP C 122 31.26 61.11 32.86
C ASP C 122 31.12 59.82 33.71
N SER C 123 31.56 59.87 34.97
CA SER C 123 31.50 58.68 35.81
C SER C 123 30.12 58.04 35.84
N ASP C 124 29.06 58.83 35.86
CA ASP C 124 27.70 58.24 36.01
C ASP C 124 27.27 57.61 34.69
N THR C 125 27.51 58.31 33.59
CA THR C 125 27.09 57.81 32.26
C THR C 125 27.74 56.45 31.99
N ILE C 126 29.02 56.28 32.36
CA ILE C 126 29.74 55.02 32.04
C ILE C 126 29.35 53.94 33.04
N ARG C 127 29.01 54.34 34.26
CA ARG C 127 28.54 53.35 35.27
C ARG C 127 27.24 52.75 34.75
N ARG C 128 26.33 53.60 34.32
CA ARG C 128 25.01 53.12 33.82
C ARG C 128 25.21 52.33 32.53
N LEU C 129 26.08 52.82 31.64
CA LEU C 129 26.26 52.11 30.40
C LEU C 129 26.83 50.72 30.66
N ARG C 130 27.83 50.64 31.53
CA ARG C 130 28.50 49.38 31.82
C ARG C 130 27.55 48.44 32.59
N LEU C 131 26.73 48.97 33.48
CA LEU C 131 25.75 48.11 34.14
C LEU C 131 24.70 47.66 33.13
N LYS C 132 24.29 48.59 32.25
CA LYS C 132 23.21 48.29 31.33
C LYS C 132 23.49 47.01 30.59
N TYR C 133 24.75 46.78 30.22
CA TYR C 133 25.11 45.71 29.31
C TYR C 133 26.04 44.69 29.93
N SER C 134 26.05 44.57 31.26
CA SER C 134 26.96 43.59 31.84
C SER C 134 26.55 43.29 33.28
N PRO C 135 26.90 42.10 33.77
CA PRO C 135 26.63 41.74 35.18
C PRO C 135 27.70 42.16 36.16
N ALA C 136 28.74 42.84 35.68
CA ALA C 136 29.94 43.15 36.46
C ALA C 136 29.87 44.54 37.08
N ALA C 137 30.55 44.67 38.23
CA ALA C 137 30.72 45.96 38.93
C ALA C 137 31.83 46.83 38.36
N THR C 138 32.63 46.31 37.43
CA THR C 138 33.59 47.13 36.71
C THR C 138 33.54 46.72 35.25
N PHE C 139 34.23 47.48 34.39
CA PHE C 139 34.30 47.10 33.00
C PHE C 139 34.96 45.74 32.83
N GLN C 140 34.19 44.74 32.40
CA GLN C 140 34.69 43.38 32.17
C GLN C 140 34.06 42.81 30.91
N PRO C 141 34.62 43.10 29.74
CA PRO C 141 34.04 42.55 28.50
C PRO C 141 34.01 41.03 28.49
N ARG C 142 34.88 40.37 29.27
CA ARG C 142 34.83 38.92 29.32
C ARG C 142 33.54 38.42 29.94
N SER C 143 32.78 39.29 30.61
CA SER C 143 31.51 38.87 31.18
C SER C 143 30.34 39.22 30.29
N MET C 144 30.58 39.72 29.08
CA MET C 144 29.52 40.25 28.24
C MET C 144 29.27 39.38 27.02
N THR C 145 28.02 39.32 26.60
CA THR C 145 27.75 38.60 25.35
C THR C 145 28.17 39.45 24.16
N ALA C 146 28.13 38.81 22.98
CA ALA C 146 28.42 39.52 21.75
C ALA C 146 27.49 40.73 21.57
N GLU C 147 26.17 40.54 21.80
CA GLU C 147 25.21 41.63 21.62
C GLU C 147 25.45 42.72 22.66
N GLN C 148 25.82 42.32 23.86
CA GLN C 148 26.15 43.32 24.85
C GLN C 148 27.38 44.14 24.43
N CYS C 149 28.40 43.47 23.89
CA CYS C 149 29.58 44.20 23.43
C CYS C 149 29.22 45.13 22.29
N PHE C 150 28.41 44.66 21.34
CA PHE C 150 28.03 45.50 20.22
C PHE C 150 27.22 46.71 20.67
N ARG C 151 26.23 46.50 21.52
CA ARG C 151 25.36 47.64 21.92
C ARG C 151 26.17 48.60 22.79
N PHE C 152 27.12 48.09 23.54
CA PHE C 152 28.01 48.94 24.32
C PHE C 152 28.87 49.82 23.43
N LEU C 153 29.56 49.20 22.48
CA LEU C 153 30.40 49.99 21.60
C LEU C 153 29.57 51.02 20.87
N LYS C 154 28.35 50.65 20.48
CA LYS C 154 27.51 51.52 19.65
C LYS C 154 27.08 52.76 20.41
N GLU C 155 26.69 52.62 21.68
CA GLU C 155 26.34 53.80 22.49
C GLU C 155 27.54 54.70 22.70
N LEU C 156 28.74 54.12 22.89
CA LEU C 156 29.94 54.96 22.93
C LEU C 156 30.10 55.74 21.64
N TYR C 157 30.05 55.03 20.50
CA TYR C 157 30.18 55.67 19.19
C TYR C 157 29.13 56.75 18.99
N ASP C 158 27.88 56.46 19.33
CA ASP C 158 26.84 57.45 19.14
C ASP C 158 27.06 58.69 20.00
N MET C 159 27.79 58.59 21.11
CA MET C 159 28.11 59.75 21.93
C MET C 159 29.31 60.54 21.43
N SER C 160 29.82 60.30 20.22
CA SER C 160 31.02 61.01 19.73
C SER C 160 30.74 61.76 18.42
N HIS D 20 1.99 40.17 -18.69
CA HIS D 20 1.74 40.59 -17.27
C HIS D 20 2.79 39.93 -16.37
N MET D 21 2.38 39.43 -15.19
CA MET D 21 3.30 38.76 -14.22
C MET D 21 3.71 39.73 -13.11
N GLY D 22 3.60 41.04 -13.34
CA GLY D 22 3.80 41.97 -12.21
C GLY D 22 5.00 42.89 -12.23
N LEU D 23 5.15 43.64 -11.15
CA LEU D 23 6.23 44.59 -11.03
C LEU D 23 7.53 43.92 -10.57
N HIS D 24 8.62 44.23 -11.26
CA HIS D 24 9.91 43.66 -10.89
C HIS D 24 10.97 44.75 -10.81
N ARG D 25 12.06 44.44 -10.13
CA ARG D 25 13.21 45.32 -10.12
C ARG D 25 14.44 44.52 -10.54
N LEU D 26 15.25 45.10 -11.40
CA LEU D 26 16.53 44.55 -11.77
C LEU D 26 17.59 45.47 -11.17
N ILE D 27 18.68 44.86 -10.67
CA ILE D 27 19.86 45.60 -10.28
C ILE D 27 21.05 44.92 -10.93
N PHE D 28 21.87 45.70 -11.63
CA PHE D 28 23.06 45.16 -12.27
C PHE D 28 24.20 46.17 -12.17
N LEU D 29 25.40 45.69 -12.44
CA LEU D 29 26.56 46.57 -12.45
C LEU D 29 27.39 46.23 -13.68
N SER D 30 28.26 47.16 -14.04
CA SER D 30 29.12 46.97 -15.21
C SER D 30 30.31 47.93 -15.13
N CYS D 31 31.31 47.65 -15.98
CA CYS D 31 32.51 48.47 -16.10
C CYS D 31 32.33 49.45 -17.24
N ALA D 32 32.63 50.73 -16.98
CA ALA D 32 32.66 51.69 -18.06
C ALA D 32 33.81 51.37 -19.01
N THR D 33 33.54 51.48 -20.31
CA THR D 33 34.61 51.32 -21.29
C THR D 33 35.59 52.48 -21.24
N ASP D 34 36.87 52.17 -21.39
CA ASP D 34 37.88 53.22 -21.27
C ASP D 34 37.66 54.28 -22.34
N GLY D 35 37.67 55.55 -21.91
CA GLY D 35 37.41 56.67 -22.78
C GLY D 35 36.01 57.22 -22.70
N LEU D 36 35.17 56.66 -21.83
CA LEU D 36 33.79 57.11 -21.74
C LEU D 36 33.73 58.61 -21.57
N SER D 37 32.92 59.25 -22.42
CA SER D 37 32.86 60.73 -22.44
C SER D 37 31.55 61.26 -21.86
N TYR D 38 31.55 62.50 -21.40
CA TYR D 38 30.29 63.12 -20.93
C TYR D 38 29.26 63.02 -22.05
N PRO D 39 29.57 63.39 -23.30
CA PRO D 39 28.63 63.21 -24.38
C PRO D 39 28.03 61.79 -24.30
N ASP D 40 28.88 60.77 -24.35
CA ASP D 40 28.40 59.39 -24.21
C ASP D 40 27.41 59.25 -23.05
N LEU D 41 27.76 59.78 -21.88
CA LEU D 41 26.82 59.75 -20.76
C LEU D 41 25.51 60.43 -21.13
N ARG D 42 25.58 61.58 -21.79
CA ARG D 42 24.35 62.29 -22.12
C ARG D 42 23.58 61.53 -23.20
N ASP D 43 24.27 60.91 -24.15
CA ASP D 43 23.52 60.16 -25.15
C ASP D 43 22.78 58.98 -24.52
N ILE D 44 23.42 58.28 -23.60
CA ILE D 44 22.77 57.19 -22.89
C ILE D 44 21.51 57.67 -22.19
N MET D 45 21.62 58.76 -21.43
CA MET D 45 20.47 59.29 -20.71
C MET D 45 19.36 59.70 -21.65
N ALA D 46 19.72 60.21 -22.82
CA ALA D 46 18.69 60.70 -23.72
C ALA D 46 17.86 59.55 -24.27
N LYS D 47 18.51 58.48 -24.71
CA LYS D 47 17.78 57.39 -25.29
C LYS D 47 17.03 56.57 -24.22
N SER D 48 17.65 56.32 -23.06
CA SER D 48 16.96 55.54 -22.03
C SER D 48 15.67 56.23 -21.58
N GLU D 49 15.71 57.55 -21.42
CA GLU D 49 14.51 58.24 -20.88
C GLU D 49 13.34 58.06 -21.85
N VAL D 50 13.59 58.16 -23.15
CA VAL D 50 12.51 58.00 -24.12
C VAL D 50 12.01 56.55 -24.08
N ASN D 51 12.94 55.60 -24.14
CA ASN D 51 12.63 54.16 -24.14
C ASN D 51 11.96 53.72 -22.84
N ASN D 52 12.52 54.08 -21.69
CA ASN D 52 11.94 53.61 -20.45
C ASN D 52 10.55 54.20 -20.23
N LEU D 53 10.36 55.47 -20.61
CA LEU D 53 9.03 56.08 -20.54
C LEU D 53 8.03 55.33 -21.42
N ARG D 54 8.45 54.94 -22.62
CA ARG D 54 7.57 54.17 -23.47
C ARG D 54 7.24 52.80 -22.84
N ASP D 55 8.20 52.20 -22.13
CA ASP D 55 8.10 50.82 -21.65
C ASP D 55 7.55 50.71 -20.23
N GLY D 56 7.13 51.82 -19.61
CA GLY D 56 6.71 51.79 -18.23
C GLY D 56 7.84 51.58 -17.25
N ILE D 57 9.07 51.87 -17.64
CA ILE D 57 10.25 51.59 -16.84
C ILE D 57 10.74 52.84 -16.15
N THR D 58 11.07 52.71 -14.87
CA THR D 58 11.71 53.75 -14.09
C THR D 58 12.99 53.19 -13.52
N GLY D 59 13.89 54.07 -13.09
CA GLY D 59 15.13 53.58 -12.51
C GLY D 59 16.18 54.65 -12.37
N MET D 60 17.38 54.17 -12.08
CA MET D 60 18.46 55.07 -11.69
C MET D 60 19.80 54.49 -12.12
N LEU D 61 20.66 55.36 -12.66
CA LEU D 61 22.01 54.98 -13.08
C LEU D 61 23.01 55.74 -12.22
N CYS D 62 23.89 54.98 -11.58
CA CYS D 62 24.95 55.54 -10.78
C CYS D 62 26.26 55.27 -11.51
N TYR D 63 27.08 56.32 -11.66
CA TYR D 63 28.39 56.18 -12.27
C TYR D 63 29.44 56.70 -11.30
N GLY D 64 30.48 55.90 -11.09
CA GLY D 64 31.57 56.30 -10.24
C GLY D 64 32.74 55.32 -10.28
N ASN D 65 33.95 55.81 -10.09
CA ASN D 65 35.13 54.95 -9.99
C ASN D 65 35.20 53.99 -11.18
N GLY D 66 34.78 54.47 -12.35
CA GLY D 66 34.74 53.70 -13.57
C GLY D 66 33.68 52.62 -13.64
N MET D 67 32.76 52.58 -12.67
CA MET D 67 31.75 51.55 -12.56
C MET D 67 30.36 52.11 -12.80
N PHE D 68 29.52 51.27 -13.38
CA PHE D 68 28.09 51.53 -13.50
C PHE D 68 27.36 50.65 -12.50
N LEU D 69 26.37 51.21 -11.82
CA LEU D 69 25.46 50.43 -10.97
C LEU D 69 24.06 50.96 -11.25
N GLN D 70 23.18 50.14 -11.83
CA GLN D 70 21.87 50.60 -12.28
C GLN D 70 20.75 49.69 -11.75
N THR D 71 19.55 50.28 -11.59
CA THR D 71 18.34 49.54 -11.27
C THR D 71 17.23 49.99 -12.20
N LEU D 72 16.39 49.02 -12.65
CA LEU D 72 15.22 49.23 -13.48
C LEU D 72 14.02 48.57 -12.82
N GLU D 73 12.87 49.25 -12.83
CA GLU D 73 11.62 48.73 -12.30
C GLU D 73 10.57 48.74 -13.40
N GLY D 74 9.77 47.69 -13.45
CA GLY D 74 8.75 47.60 -14.48
C GLY D 74 8.36 46.15 -14.69
N ASP D 75 7.83 45.92 -15.88
CA ASP D 75 7.33 44.62 -16.28
C ASP D 75 8.46 43.61 -16.44
N ARG D 76 8.20 42.36 -16.07
CA ARG D 76 9.22 41.33 -16.19
C ARG D 76 9.81 41.27 -17.59
N GLN D 77 8.95 41.28 -18.60
CA GLN D 77 9.43 41.18 -19.97
C GLN D 77 10.18 42.43 -20.39
N LYS D 78 9.56 43.60 -20.23
CA LYS D 78 10.16 44.86 -20.68
C LYS D 78 11.54 45.08 -20.04
N VAL D 79 11.64 44.94 -18.72
CA VAL D 79 12.93 45.14 -18.09
C VAL D 79 13.96 44.20 -18.70
N SER D 80 13.57 42.93 -18.90
CA SER D 80 14.48 41.96 -19.51
C SER D 80 14.90 42.40 -20.90
N GLU D 81 13.93 42.79 -21.73
CA GLU D 81 14.28 43.25 -23.08
C GLU D 81 15.20 44.45 -23.04
N THR D 82 14.95 45.38 -22.10
CA THR D 82 15.84 46.54 -21.99
C THR D 82 17.24 46.10 -21.59
N TYR D 83 17.35 45.18 -20.64
CA TYR D 83 18.65 44.63 -20.25
C TYR D 83 19.33 43.92 -21.42
N ALA D 84 18.57 43.17 -22.24
CA ALA D 84 19.19 42.53 -23.39
C ALA D 84 19.77 43.58 -24.33
N ARG D 85 19.07 44.71 -24.48
CA ARG D 85 19.58 45.79 -25.32
C ARG D 85 20.82 46.43 -24.68
N ILE D 86 20.77 46.68 -23.37
CA ILE D 86 21.92 47.27 -22.68
C ILE D 86 23.15 46.40 -22.79
N LEU D 87 22.96 45.08 -22.85
CA LEU D 87 24.11 44.18 -22.91
C LEU D 87 24.88 44.36 -24.20
N LYS D 88 24.26 44.89 -25.22
CA LYS D 88 24.91 45.06 -26.50
C LYS D 88 25.66 46.38 -26.62
N ASP D 89 25.59 47.22 -25.61
CA ASP D 89 26.21 48.54 -25.68
C ASP D 89 27.72 48.43 -25.47
N PRO D 90 28.53 48.94 -26.38
CA PRO D 90 29.99 48.92 -26.18
C PRO D 90 30.46 49.96 -25.20
N ARG D 91 29.60 50.92 -24.80
CA ARG D 91 30.09 51.93 -23.87
C ARG D 91 30.30 51.37 -22.45
N HIS D 92 30.03 50.08 -22.24
CA HIS D 92 30.42 49.39 -21.02
C HIS D 92 30.61 47.93 -21.39
N HIS D 93 31.19 47.19 -20.46
CA HIS D 93 31.48 45.77 -20.65
C HIS D 93 31.41 45.10 -19.28
N SER D 94 31.53 43.77 -19.29
CA SER D 94 31.60 42.98 -18.06
C SER D 94 30.41 43.25 -17.14
N ALA D 95 29.21 43.22 -17.71
CA ALA D 95 28.01 43.40 -16.88
C ALA D 95 27.80 42.19 -15.98
N GLU D 96 27.34 42.46 -14.77
CA GLU D 96 27.08 41.47 -13.75
C GLU D 96 25.70 41.77 -13.16
N ILE D 97 24.78 40.80 -13.23
CA ILE D 97 23.46 40.96 -12.59
C ILE D 97 23.60 40.88 -11.08
N VAL D 98 22.97 41.83 -10.37
CA VAL D 98 22.98 41.82 -8.91
C VAL D 98 21.69 41.22 -8.33
N GLU D 99 20.52 41.52 -8.88
CA GLU D 99 19.28 40.86 -8.45
C GLU D 99 18.15 41.15 -9.43
N PHE D 100 17.17 40.28 -9.42
CA PHE D 100 15.97 40.40 -10.21
C PHE D 100 14.87 39.71 -9.42
N LYS D 101 13.85 40.48 -9.00
CA LYS D 101 12.80 39.90 -8.19
C LYS D 101 11.51 40.71 -8.31
N ALA D 102 10.41 40.09 -7.89
CA ALA D 102 9.13 40.75 -7.83
C ALA D 102 9.10 41.74 -6.67
N ILE D 103 8.36 42.87 -6.84
CA ILE D 103 8.26 43.89 -5.79
C ILE D 103 6.81 44.36 -5.61
N GLU D 104 6.47 44.71 -4.35
CA GLU D 104 5.09 45.13 -4.09
C GLU D 104 4.85 46.52 -4.62
N GLU D 105 5.87 47.38 -4.51
CA GLU D 105 5.79 48.75 -4.98
C GLU D 105 7.16 49.19 -5.48
N ARG D 106 7.20 50.22 -6.33
CA ARG D 106 8.44 50.82 -6.80
C ARG D 106 9.06 51.71 -5.73
N THR D 107 10.38 51.73 -5.72
CA THR D 107 11.13 52.71 -4.97
C THR D 107 11.55 53.87 -5.86
N PHE D 108 11.91 53.59 -7.11
CA PHE D 108 12.49 54.57 -7.98
C PHE D 108 11.42 55.11 -8.92
N ILE D 109 10.50 55.88 -8.31
CA ILE D 109 9.25 56.27 -8.97
C ILE D 109 9.47 57.47 -9.89
N ASN D 110 10.27 58.43 -9.44
CA ASN D 110 10.22 59.78 -9.99
C ASN D 110 10.80 59.91 -11.39
N TRP D 111 11.79 59.07 -11.77
CA TRP D 111 12.53 59.32 -13.02
C TRP D 111 12.48 58.10 -13.92
N SER D 112 12.16 58.33 -15.18
CA SER D 112 12.31 57.27 -16.16
C SER D 112 13.73 56.73 -16.14
N MET D 113 14.69 57.59 -15.89
CA MET D 113 16.08 57.23 -15.70
C MET D 113 16.86 58.47 -15.27
N ARG D 114 17.50 58.40 -14.11
CA ARG D 114 18.25 59.51 -13.56
C ARG D 114 19.69 59.07 -13.41
N LEU D 115 20.61 59.89 -13.92
CA LEU D 115 22.04 59.65 -13.81
C LEU D 115 22.56 60.40 -12.58
N VAL D 116 23.33 59.69 -11.76
CA VAL D 116 23.98 60.28 -10.60
C VAL D 116 25.46 59.96 -10.70
N GLN D 117 26.29 60.99 -10.77
CA GLN D 117 27.73 60.83 -10.81
C GLN D 117 28.29 61.00 -9.42
N LEU D 118 28.95 59.95 -8.90
CA LEU D 118 29.45 60.03 -7.53
C LEU D 118 30.50 61.11 -7.37
N GLY D 119 31.28 61.38 -8.43
CA GLY D 119 32.34 62.37 -8.45
C GLY D 119 31.87 63.81 -8.36
N GLU D 120 30.64 64.10 -8.73
CA GLU D 120 30.10 65.44 -8.65
C GLU D 120 29.38 65.65 -7.34
N MET D 121 29.72 64.85 -6.34
CA MET D 121 28.98 64.90 -5.10
C MET D 121 29.93 65.15 -3.93
N ASP D 122 29.31 65.58 -2.85
CA ASP D 122 29.97 65.83 -1.58
C ASP D 122 30.88 64.66 -1.22
N SER D 123 32.20 64.83 -1.21
CA SER D 123 33.09 63.72 -0.91
C SER D 123 32.80 63.06 0.46
N ASP D 124 32.29 63.81 1.42
CA ASP D 124 32.04 63.26 2.78
C ASP D 124 30.71 62.51 2.78
N THR D 125 29.73 62.99 2.04
CA THR D 125 28.47 62.28 1.90
C THR D 125 28.68 60.94 1.22
N ILE D 126 29.41 60.92 0.10
CA ILE D 126 29.57 59.71 -0.67
C ILE D 126 30.47 58.72 0.06
N ARG D 127 31.50 59.21 0.75
CA ARG D 127 32.40 58.33 1.51
C ARG D 127 31.63 57.57 2.59
N ARG D 128 30.75 58.26 3.32
CA ARG D 128 29.93 57.62 4.34
C ARG D 128 29.00 56.58 3.72
N LEU D 129 28.38 56.95 2.60
CA LEU D 129 27.44 56.06 1.93
C LEU D 129 28.12 54.80 1.44
N ARG D 130 29.27 54.96 0.77
CA ARG D 130 29.98 53.84 0.20
C ARG D 130 30.51 52.93 1.30
N LEU D 131 30.92 53.50 2.43
CA LEU D 131 31.34 52.72 3.59
C LEU D 131 30.16 52.02 4.23
N LYS D 132 29.05 52.74 4.38
CA LYS D 132 27.87 52.18 5.03
C LYS D 132 27.46 50.84 4.41
N TYR D 133 27.55 50.74 3.08
CA TYR D 133 26.96 49.61 2.36
C TYR D 133 27.99 48.80 1.58
N SER D 134 29.25 48.81 1.96
CA SER D 134 30.26 48.03 1.28
C SER D 134 31.53 47.91 2.11
N PRO D 135 32.35 46.92 1.96
CA PRO D 135 33.64 46.78 2.64
C PRO D 135 34.82 47.48 1.98
N ALA D 136 34.62 48.16 0.84
CA ALA D 136 35.71 48.66 0.02
C ALA D 136 36.12 50.08 0.40
N ALA D 137 37.39 50.40 0.15
CA ALA D 137 37.96 51.72 0.36
C ALA D 137 37.65 52.69 -0.78
N THR D 138 37.05 52.21 -1.87
CA THR D 138 36.50 53.00 -2.97
C THR D 138 35.17 52.37 -3.37
N PHE D 139 34.46 53.02 -4.30
CA PHE D 139 33.23 52.46 -4.85
C PHE D 139 33.45 51.15 -5.62
N GLN D 140 32.96 50.04 -5.08
CA GLN D 140 33.14 48.72 -5.71
C GLN D 140 31.85 47.93 -5.63
N PRO D 141 30.92 48.16 -6.58
CA PRO D 141 29.65 47.43 -6.54
C PRO D 141 29.84 45.93 -6.58
N ARG D 142 30.95 45.45 -7.14
CA ARG D 142 31.18 44.02 -7.22
C ARG D 142 31.37 43.40 -5.86
N SER D 143 31.67 44.22 -4.86
CA SER D 143 31.83 43.76 -3.49
C SER D 143 30.55 43.92 -2.67
N MET D 144 29.43 44.25 -3.28
CA MET D 144 28.22 44.59 -2.52
C MET D 144 27.10 43.57 -2.74
N THR D 145 26.31 43.34 -1.70
CA THR D 145 25.16 42.44 -1.86
C THR D 145 24.04 43.13 -2.60
N ALA D 146 23.05 42.33 -2.97
CA ALA D 146 21.86 42.88 -3.59
C ALA D 146 21.18 43.89 -2.65
N GLU D 147 21.10 43.58 -1.35
CA GLU D 147 20.44 44.51 -0.44
C GLU D 147 21.24 45.79 -0.27
N GLN D 148 22.57 45.68 -0.24
CA GLN D 148 23.41 46.86 -0.12
C GLN D 148 23.28 47.75 -1.35
N CYS D 149 23.29 47.17 -2.54
CA CYS D 149 23.10 47.96 -3.75
C CYS D 149 21.73 48.61 -3.75
N PHE D 150 20.69 47.90 -3.32
CA PHE D 150 19.37 48.52 -3.29
C PHE D 150 19.39 49.74 -2.35
N ARG D 151 19.87 49.55 -1.12
CA ARG D 151 19.87 50.62 -0.13
C ARG D 151 20.81 51.78 -0.50
N PHE D 152 21.97 51.47 -1.07
CA PHE D 152 22.87 52.52 -1.56
C PHE D 152 22.17 53.37 -2.61
N LEU D 153 21.61 52.73 -3.64
CA LEU D 153 20.91 53.45 -4.69
C LEU D 153 19.73 54.25 -4.14
N LYS D 154 19.03 53.68 -3.14
CA LYS D 154 17.85 54.37 -2.64
C LYS D 154 18.25 55.64 -1.92
N GLU D 155 19.32 55.60 -1.14
CA GLU D 155 19.75 56.82 -0.48
C GLU D 155 20.13 57.88 -1.52
N LEU D 156 20.78 57.45 -2.62
CA LEU D 156 21.07 58.37 -3.71
C LEU D 156 19.80 58.96 -4.29
N TYR D 157 18.83 58.09 -4.58
CA TYR D 157 17.57 58.57 -5.13
C TYR D 157 16.92 59.56 -4.18
N ASP D 158 16.91 59.24 -2.88
CA ASP D 158 16.33 60.16 -1.88
C ASP D 158 17.18 61.43 -1.86
N MET D 159 18.50 61.33 -1.89
CA MET D 159 19.32 62.56 -1.74
C MET D 159 19.11 63.43 -2.97
N SER D 160 18.60 62.84 -4.05
CA SER D 160 18.42 63.59 -5.31
C SER D 160 16.98 64.08 -5.38
N HIS E 20 -24.03 34.56 8.39
CA HIS E 20 -23.31 35.76 8.87
C HIS E 20 -21.84 35.51 9.20
N MET E 21 -21.00 35.54 8.15
CA MET E 21 -19.63 35.03 8.22
C MET E 21 -18.60 36.13 8.37
N GLY E 22 -18.98 37.29 8.94
CA GLY E 22 -18.02 38.36 9.14
C GLY E 22 -17.94 39.41 8.02
N LEU E 23 -17.04 40.36 8.26
CA LEU E 23 -16.72 41.41 7.30
C LEU E 23 -15.77 40.88 6.20
N HIS E 24 -16.06 41.23 4.96
CA HIS E 24 -15.22 40.80 3.84
C HIS E 24 -14.92 42.01 2.96
N ARG E 25 -13.90 41.86 2.11
CA ARG E 25 -13.62 42.86 1.08
C ARG E 25 -13.50 42.18 -0.28
N LEU E 26 -14.14 42.78 -1.26
CA LEU E 26 -13.99 42.38 -2.64
C LEU E 26 -13.26 43.48 -3.40
N ILE E 27 -12.34 43.08 -4.29
CA ILE E 27 -11.76 44.01 -5.25
C ILE E 27 -11.90 43.41 -6.64
N PHE E 28 -12.42 44.21 -7.59
CA PHE E 28 -12.50 43.79 -8.99
C PHE E 28 -12.20 44.97 -9.91
N LEU E 29 -11.95 44.64 -11.18
CA LEU E 29 -11.74 45.61 -12.23
C LEU E 29 -12.61 45.23 -13.44
N SER E 30 -12.75 46.16 -14.38
CA SER E 30 -13.53 45.97 -15.61
C SER E 30 -13.22 47.08 -16.61
N CYS E 31 -13.63 46.86 -17.86
CA CYS E 31 -13.58 47.84 -18.95
C CYS E 31 -14.90 48.59 -19.07
N ALA E 32 -14.84 49.92 -19.06
CA ALA E 32 -16.05 50.71 -19.32
C ALA E 32 -16.51 50.45 -20.74
N THR E 33 -17.83 50.42 -20.92
CA THR E 33 -18.43 50.26 -22.24
C THR E 33 -18.21 51.51 -23.07
N ASP E 34 -18.06 51.32 -24.39
CA ASP E 34 -17.89 52.47 -25.28
C ASP E 34 -19.07 53.39 -25.19
N GLY E 35 -18.80 54.68 -25.11
CA GLY E 35 -19.84 55.69 -25.10
C GLY E 35 -20.35 56.03 -23.72
N LEU E 36 -19.75 55.48 -22.68
CA LEU E 36 -20.12 55.87 -21.33
C LEU E 36 -19.95 57.38 -21.20
N SER E 37 -20.96 58.01 -20.64
CA SER E 37 -21.02 59.46 -20.45
C SER E 37 -21.12 59.79 -18.95
N TYR E 38 -20.99 61.07 -18.65
CA TYR E 38 -21.11 61.51 -17.24
C TYR E 38 -22.46 61.08 -16.68
N PRO E 39 -23.61 61.22 -17.37
CA PRO E 39 -24.86 60.67 -16.79
C PRO E 39 -24.76 59.20 -16.38
N ASP E 40 -24.03 58.38 -17.12
CA ASP E 40 -23.88 57.01 -16.67
C ASP E 40 -23.23 56.97 -15.30
N LEU E 41 -22.12 57.70 -15.14
CA LEU E 41 -21.40 57.69 -13.88
C LEU E 41 -22.29 58.17 -12.75
N ARG E 42 -23.13 59.16 -13.02
CA ARG E 42 -24.01 59.64 -11.96
C ARG E 42 -25.07 58.61 -11.62
N ASP E 43 -25.58 57.89 -12.63
CA ASP E 43 -26.59 56.89 -12.34
C ASP E 43 -26.03 55.75 -11.51
N ILE E 44 -24.83 55.27 -11.89
CA ILE E 44 -24.14 54.23 -11.11
C ILE E 44 -23.96 54.68 -9.65
N MET E 45 -23.41 55.89 -9.44
CA MET E 45 -23.24 56.42 -8.10
C MET E 45 -24.58 56.60 -7.37
N ALA E 46 -25.63 56.98 -8.07
CA ALA E 46 -26.88 57.26 -7.36
C ALA E 46 -27.48 55.96 -6.82
N LYS E 47 -27.52 54.91 -7.67
CA LYS E 47 -28.03 53.62 -7.22
C LYS E 47 -27.10 52.98 -6.21
N SER E 48 -25.78 53.09 -6.45
CA SER E 48 -24.79 52.44 -5.57
C SER E 48 -24.86 52.97 -4.14
N GLU E 49 -25.01 54.30 -3.97
CA GLU E 49 -25.11 54.85 -2.63
C GLU E 49 -26.34 54.32 -1.90
N VAL E 50 -27.48 54.26 -2.60
CA VAL E 50 -28.71 53.83 -1.94
C VAL E 50 -28.64 52.34 -1.61
N ASN E 51 -28.25 51.52 -2.58
CA ASN E 51 -28.17 50.09 -2.32
C ASN E 51 -27.11 49.78 -1.27
N ASN E 52 -25.92 50.37 -1.41
CA ASN E 52 -24.86 50.04 -0.46
C ASN E 52 -25.23 50.49 0.97
N LEU E 53 -25.81 51.68 1.12
CA LEU E 53 -26.24 52.10 2.45
C LEU E 53 -27.27 51.14 2.99
N ARG E 54 -28.20 50.70 2.15
CA ARG E 54 -29.17 49.72 2.62
C ARG E 54 -28.48 48.42 3.07
N ASP E 55 -27.46 47.95 2.31
CA ASP E 55 -26.83 46.65 2.52
C ASP E 55 -25.64 46.68 3.49
N GLY E 56 -25.33 47.83 4.09
CA GLY E 56 -24.16 47.92 4.95
C GLY E 56 -22.84 47.82 4.23
N ILE E 57 -22.85 48.12 2.93
CA ILE E 57 -21.69 48.03 2.06
C ILE E 57 -21.05 49.42 1.96
N THR E 58 -19.73 49.48 2.08
CA THR E 58 -18.97 50.69 1.78
C THR E 58 -17.99 50.37 0.69
N GLY E 59 -17.44 51.39 0.07
CA GLY E 59 -16.43 51.13 -0.93
C GLY E 59 -16.09 52.35 -1.75
N MET E 60 -15.30 52.12 -2.78
CA MET E 60 -14.90 53.22 -3.65
C MET E 60 -14.66 52.67 -5.06
N LEU E 61 -15.04 53.47 -6.05
CA LEU E 61 -14.92 53.15 -7.46
C LEU E 61 -13.94 54.13 -8.10
N CYS E 62 -12.94 53.58 -8.77
CA CYS E 62 -11.92 54.35 -9.47
C CYS E 62 -12.14 54.21 -10.96
N TYR E 63 -12.14 55.32 -11.68
CA TYR E 63 -12.28 55.30 -13.14
C TYR E 63 -11.13 56.06 -13.78
N GLY E 64 -10.51 55.45 -14.80
CA GLY E 64 -9.43 56.07 -15.52
C GLY E 64 -9.05 55.23 -16.72
N ASN E 65 -8.62 55.86 -17.82
CA ASN E 65 -8.11 55.13 -19.00
C ASN E 65 -9.10 54.05 -19.44
N GLY E 66 -10.40 54.36 -19.40
CA GLY E 66 -11.40 53.40 -19.81
C GLY E 66 -11.56 52.19 -18.91
N MET E 67 -10.99 52.21 -17.70
CA MET E 67 -11.04 51.06 -16.84
C MET E 67 -11.71 51.43 -15.54
N PHE E 68 -12.39 50.46 -14.96
CA PHE E 68 -12.97 50.55 -13.65
C PHE E 68 -12.15 49.70 -12.68
N LEU E 69 -11.88 50.25 -11.50
CA LEU E 69 -11.32 49.51 -10.38
C LEU E 69 -12.09 49.85 -9.11
N GLN E 70 -12.72 48.85 -8.51
CA GLN E 70 -13.59 49.06 -7.38
C GLN E 70 -13.28 48.07 -6.25
N THR E 71 -13.49 48.52 -5.00
CA THR E 71 -13.47 47.69 -3.81
C THR E 71 -14.79 47.88 -3.05
N LEU E 72 -15.31 46.78 -2.47
CA LEU E 72 -16.54 46.80 -1.67
C LEU E 72 -16.31 46.05 -0.39
N GLU E 73 -16.74 46.64 0.73
CA GLU E 73 -16.61 45.99 2.02
C GLU E 73 -17.98 45.72 2.64
N GLY E 74 -18.14 44.53 3.22
CA GLY E 74 -19.36 44.24 3.95
C GLY E 74 -19.54 42.76 4.14
N ASP E 75 -20.79 42.39 4.38
CA ASP E 75 -21.14 41.01 4.64
C ASP E 75 -20.89 40.17 3.38
N ARG E 76 -20.46 38.91 3.60
CA ARG E 76 -20.07 38.02 2.51
C ARG E 76 -21.20 37.83 1.52
N GLN E 77 -22.40 37.66 2.04
CA GLN E 77 -23.51 37.41 1.15
C GLN E 77 -23.89 38.69 0.40
N LYS E 78 -24.01 39.83 1.11
CA LYS E 78 -24.42 41.09 0.48
C LYS E 78 -23.45 41.49 -0.62
N VAL E 79 -22.15 41.55 -0.31
CA VAL E 79 -21.17 41.95 -1.31
C VAL E 79 -21.25 41.05 -2.54
N SER E 80 -21.41 39.73 -2.32
CA SER E 80 -21.55 38.82 -3.45
C SER E 80 -22.79 39.17 -4.28
N GLU E 81 -23.92 39.37 -3.60
CA GLU E 81 -25.12 39.77 -4.32
C GLU E 81 -24.93 41.08 -5.08
N THR E 82 -24.27 42.05 -4.46
CA THR E 82 -24.02 43.29 -5.19
C THR E 82 -23.16 43.03 -6.41
N TYR E 83 -22.13 42.19 -6.28
CA TYR E 83 -21.28 41.91 -7.43
C TYR E 83 -22.05 41.18 -8.53
N ALA E 84 -22.91 40.21 -8.18
CA ALA E 84 -23.66 39.56 -9.25
C ALA E 84 -24.56 40.56 -10.00
N ARG E 85 -25.14 41.53 -9.30
CA ARG E 85 -25.90 42.55 -10.01
C ARG E 85 -25.00 43.34 -10.94
N ILE E 86 -23.82 43.74 -10.45
CA ILE E 86 -22.86 44.53 -11.23
C ILE E 86 -22.45 43.80 -12.51
N LEU E 87 -22.27 42.47 -12.45
CA LEU E 87 -21.87 41.75 -13.66
C LEU E 87 -22.96 41.80 -14.72
N LYS E 88 -24.21 42.01 -14.33
CA LYS E 88 -25.28 42.16 -15.31
C LYS E 88 -25.34 43.57 -15.88
N ASP E 89 -24.61 44.54 -15.32
CA ASP E 89 -24.69 45.91 -15.82
C ASP E 89 -24.05 46.03 -17.20
N PRO E 90 -24.76 46.59 -18.19
CA PRO E 90 -24.22 46.71 -19.54
C PRO E 90 -23.27 47.89 -19.68
N ARG E 91 -23.12 48.70 -18.63
CA ARG E 91 -22.23 49.85 -18.67
C ARG E 91 -20.75 49.49 -18.52
N HIS E 92 -20.41 48.20 -18.46
CA HIS E 92 -19.02 47.75 -18.47
C HIS E 92 -19.01 46.32 -18.93
N HIS E 93 -17.81 45.81 -19.21
CA HIS E 93 -17.65 44.43 -19.67
C HIS E 93 -16.29 43.89 -19.22
N SER E 94 -16.08 42.57 -19.38
CA SER E 94 -14.81 41.92 -19.06
C SER E 94 -14.43 42.18 -17.60
N ALA E 95 -15.34 41.86 -16.69
CA ALA E 95 -14.97 42.00 -15.30
C ALA E 95 -13.99 40.89 -14.93
N GLU E 96 -13.07 41.23 -14.04
CA GLU E 96 -12.07 40.31 -13.50
C GLU E 96 -12.05 40.51 -11.98
N ILE E 97 -12.26 39.43 -11.23
CA ILE E 97 -12.12 39.49 -9.78
C ILE E 97 -10.65 39.62 -9.41
N VAL E 98 -10.34 40.56 -8.52
CA VAL E 98 -8.98 40.70 -8.04
C VAL E 98 -8.77 39.99 -6.72
N GLU E 99 -9.69 40.14 -5.77
CA GLU E 99 -9.51 39.48 -4.50
C GLU E 99 -10.84 39.51 -3.75
N PHE E 100 -11.08 38.47 -2.95
CA PHE E 100 -12.21 38.45 -2.02
C PHE E 100 -11.78 37.69 -0.77
N LYS E 101 -11.78 38.36 0.38
CA LYS E 101 -11.27 37.78 1.62
C LYS E 101 -11.95 38.39 2.83
N ALA E 102 -11.81 37.70 3.96
CA ALA E 102 -12.27 38.19 5.23
C ALA E 102 -11.34 39.28 5.69
N ILE E 103 -11.87 40.28 6.42
CA ILE E 103 -11.04 41.39 6.91
C ILE E 103 -11.38 41.71 8.35
N GLU E 104 -10.37 42.15 9.09
CA GLU E 104 -10.61 42.46 10.48
C GLU E 104 -11.36 43.78 10.65
N GLU E 105 -11.03 44.78 9.81
CA GLU E 105 -11.62 46.10 9.86
C GLU E 105 -11.64 46.67 8.46
N ARG E 106 -12.58 47.59 8.22
CA ARG E 106 -12.69 48.26 6.94
C ARG E 106 -11.62 49.33 6.79
N THR E 107 -11.17 49.50 5.57
CA THR E 107 -10.36 50.64 5.19
C THR E 107 -11.23 51.78 4.59
N PHE E 108 -12.23 51.41 3.78
CA PHE E 108 -13.02 52.39 3.04
C PHE E 108 -14.32 52.63 3.80
N ILE E 109 -14.17 53.38 4.89
CA ILE E 109 -15.22 53.51 5.90
C ILE E 109 -16.26 54.55 5.50
N ASN E 110 -15.81 55.69 4.96
CA ASN E 110 -16.61 56.92 5.00
C ASN E 110 -17.77 56.92 4.02
N TRP E 111 -17.66 56.25 2.87
CA TRP E 111 -18.67 56.35 1.82
C TRP E 111 -19.25 54.98 1.50
N SER E 112 -20.58 54.91 1.44
CA SER E 112 -21.21 53.74 0.86
C SER E 112 -20.73 53.51 -0.59
N MET E 113 -20.36 54.57 -1.30
CA MET E 113 -19.73 54.54 -2.61
C MET E 113 -19.22 55.93 -2.97
N ARG E 114 -18.00 55.99 -3.48
CA ARG E 114 -17.35 57.23 -3.87
C ARG E 114 -16.71 57.05 -5.24
N LEU E 115 -16.91 58.00 -6.15
CA LEU E 115 -16.31 57.91 -7.46
C LEU E 115 -15.04 58.76 -7.46
N VAL E 116 -13.95 58.19 -7.92
CA VAL E 116 -12.70 58.91 -8.11
C VAL E 116 -12.33 58.74 -9.57
N GLN E 117 -12.23 59.85 -10.26
CA GLN E 117 -11.81 59.85 -11.65
C GLN E 117 -10.34 60.24 -11.66
N LEU E 118 -9.50 59.39 -12.28
CA LEU E 118 -8.08 59.67 -12.23
C LEU E 118 -7.73 60.94 -13.02
N GLY E 119 -8.56 61.30 -14.00
CA GLY E 119 -8.32 62.45 -14.84
C GLY E 119 -8.69 63.79 -14.22
N GLU E 120 -9.51 63.80 -13.18
CA GLU E 120 -9.83 65.03 -12.44
C GLU E 120 -8.96 65.17 -11.21
N MET E 121 -7.67 64.88 -11.35
CA MET E 121 -6.76 64.96 -10.22
C MET E 121 -5.42 65.44 -10.74
N ASP E 122 -4.57 65.85 -9.80
CA ASP E 122 -3.23 66.29 -10.15
C ASP E 122 -2.50 65.21 -10.95
N SER E 123 -2.29 65.47 -12.25
CA SER E 123 -1.64 64.55 -13.17
C SER E 123 -0.33 63.96 -12.64
N ASP E 124 0.49 64.79 -11.97
CA ASP E 124 1.76 64.30 -11.46
C ASP E 124 1.55 63.38 -10.25
N THR E 125 0.65 63.79 -9.34
CA THR E 125 0.38 62.94 -8.19
C THR E 125 -0.14 61.57 -8.63
N ILE E 126 -0.98 61.55 -9.67
CA ILE E 126 -1.56 60.29 -10.11
C ILE E 126 -0.53 59.49 -10.88
N ARG E 127 0.25 60.16 -11.74
CA ARG E 127 1.28 59.47 -12.50
C ARG E 127 2.22 58.73 -11.57
N ARG E 128 2.65 59.40 -10.51
CA ARG E 128 3.57 58.77 -9.57
C ARG E 128 2.90 57.62 -8.81
N LEU E 129 1.64 57.80 -8.44
CA LEU E 129 0.87 56.74 -7.77
C LEU E 129 0.65 55.54 -8.70
N ARG E 130 0.28 55.79 -9.96
CA ARG E 130 0.08 54.67 -10.87
C ARG E 130 1.39 53.92 -11.12
N LEU E 131 2.51 54.64 -11.12
CA LEU E 131 3.80 53.98 -11.21
C LEU E 131 4.12 53.21 -9.93
N LYS E 132 3.81 53.81 -8.77
CA LYS E 132 4.15 53.20 -7.50
C LYS E 132 3.63 51.77 -7.40
N TYR E 133 2.44 51.50 -7.93
CA TYR E 133 1.75 50.25 -7.66
C TYR E 133 1.45 49.45 -8.92
N SER E 134 2.22 49.62 -9.97
CA SER E 134 1.94 48.89 -11.19
C SER E 134 3.13 49.00 -12.12
N PRO E 135 3.27 48.04 -13.04
CA PRO E 135 4.34 48.11 -14.03
C PRO E 135 3.98 48.88 -15.30
N ALA E 136 2.79 49.44 -15.40
CA ALA E 136 2.30 49.92 -16.68
C ALA E 136 2.58 51.40 -16.90
N ALA E 137 2.66 51.75 -18.17
CA ALA E 137 2.86 53.14 -18.56
C ALA E 137 1.55 53.93 -18.48
N THR E 138 0.42 53.22 -18.36
CA THR E 138 -0.91 53.80 -18.16
C THR E 138 -1.64 53.03 -17.04
N PHE E 139 -2.81 53.51 -16.66
CA PHE E 139 -3.62 52.83 -15.66
C PHE E 139 -4.14 51.49 -16.22
N GLN E 140 -3.64 50.38 -15.65
CA GLN E 140 -3.91 49.03 -16.14
C GLN E 140 -4.15 48.13 -14.94
N PRO E 141 -5.35 48.13 -14.37
CA PRO E 141 -5.55 47.30 -13.18
C PRO E 141 -5.34 45.82 -13.46
N ARG E 142 -5.45 45.38 -14.71
CA ARG E 142 -5.19 43.97 -15.00
C ARG E 142 -3.73 43.59 -14.84
N SER E 143 -2.84 44.56 -14.78
CA SER E 143 -1.44 44.27 -14.56
C SER E 143 -1.04 44.39 -13.08
N MET E 144 -2.01 44.60 -12.19
CA MET E 144 -1.73 44.87 -10.80
C MET E 144 -2.17 43.72 -9.90
N THR E 145 -1.41 43.49 -8.82
CA THR E 145 -1.78 42.46 -7.87
C THR E 145 -2.88 42.95 -6.94
N ALA E 146 -3.40 42.00 -6.15
CA ALA E 146 -4.36 42.32 -5.13
C ALA E 146 -3.78 43.35 -4.17
N GLU E 147 -2.52 43.19 -3.75
CA GLU E 147 -1.95 44.13 -2.79
C GLU E 147 -1.71 45.48 -3.46
N GLN E 148 -1.32 45.47 -4.73
CA GLN E 148 -1.17 46.73 -5.43
C GLN E 148 -2.52 47.43 -5.62
N CYS E 149 -3.57 46.68 -5.96
CA CYS E 149 -4.87 47.31 -6.10
C CYS E 149 -5.33 47.92 -4.77
N PHE E 150 -5.19 47.17 -3.67
CA PHE E 150 -5.62 47.69 -2.37
C PHE E 150 -4.89 48.98 -2.01
N ARG E 151 -3.55 48.96 -2.13
CA ARG E 151 -2.78 50.13 -1.71
C ARG E 151 -2.99 51.32 -2.64
N PHE E 152 -3.20 51.07 -3.94
CA PHE E 152 -3.58 52.14 -4.87
C PHE E 152 -4.90 52.76 -4.44
N LEU E 153 -5.90 51.91 -4.15
CA LEU E 153 -7.21 52.41 -3.75
C LEU E 153 -7.16 53.14 -2.41
N LYS E 154 -6.36 52.65 -1.46
CA LYS E 154 -6.30 53.29 -0.15
C LYS E 154 -5.70 54.70 -0.24
N GLU E 155 -4.67 54.87 -1.08
CA GLU E 155 -4.08 56.20 -1.19
C GLU E 155 -5.09 57.18 -1.81
N LEU E 156 -5.82 56.72 -2.85
CA LEU E 156 -6.87 57.55 -3.42
C LEU E 156 -7.89 57.90 -2.35
N TYR E 157 -8.33 56.91 -1.58
CA TYR E 157 -9.29 57.18 -0.54
C TYR E 157 -8.74 58.20 0.48
N ASP E 158 -7.47 58.07 0.84
CA ASP E 158 -6.92 58.98 1.83
C ASP E 158 -6.81 60.40 1.28
N MET E 159 -6.54 60.56 -0.03
CA MET E 159 -6.46 61.90 -0.58
C MET E 159 -7.85 62.55 -0.71
N SER E 160 -8.88 61.77 -1.10
CA SER E 160 -10.26 62.22 -1.29
C SER E 160 -10.98 62.67 -0.02
N GLN E 161 -10.38 62.56 1.15
CA GLN E 161 -11.11 62.82 2.37
C GLN E 161 -11.63 64.26 2.37
N HIS F 20 -6.41 31.06 41.75
CA HIS F 20 -5.56 32.02 41.05
C HIS F 20 -4.93 31.42 39.77
N MET F 21 -5.58 31.70 38.62
CA MET F 21 -5.11 31.31 37.29
C MET F 21 -4.85 32.53 36.38
N GLY F 22 -4.80 33.74 36.94
CA GLY F 22 -4.38 34.88 36.18
C GLY F 22 -5.55 35.73 35.69
N LEU F 23 -5.16 36.81 35.04
CA LEU F 23 -6.10 37.79 34.50
C LEU F 23 -6.70 37.29 33.19
N HIS F 24 -8.02 37.47 33.07
CA HIS F 24 -8.77 37.07 31.89
C HIS F 24 -9.69 38.21 31.46
N ARG F 25 -10.20 38.09 30.25
CA ARG F 25 -11.23 38.96 29.77
C ARG F 25 -12.36 38.15 29.16
N LEU F 26 -13.58 38.53 29.51
CA LEU F 26 -14.78 37.97 28.93
C LEU F 26 -15.41 39.05 28.08
N ILE F 27 -15.98 38.65 26.92
CA ILE F 27 -16.83 39.50 26.09
C ILE F 27 -18.09 38.74 25.78
N PHE F 28 -19.24 39.37 26.00
CA PHE F 28 -20.52 38.74 25.66
C PHE F 28 -21.45 39.82 25.13
N LEU F 29 -22.54 39.37 24.51
CA LEU F 29 -23.62 40.23 24.04
C LEU F 29 -24.95 39.66 24.50
N SER F 30 -25.99 40.49 24.36
CA SER F 30 -27.36 40.11 24.71
C SER F 30 -28.33 41.15 24.17
N CYS F 31 -29.61 40.77 24.11
CA CYS F 31 -30.72 41.70 23.78
C CYS F 31 -31.32 42.26 25.06
N ALA F 32 -31.50 43.57 25.10
CA ALA F 32 -32.22 44.15 26.23
C ALA F 32 -33.68 43.72 26.20
N THR F 33 -34.23 43.40 27.37
CA THR F 33 -35.64 43.04 27.44
C THR F 33 -36.49 44.28 27.15
N ASP F 34 -37.63 44.04 26.49
CA ASP F 34 -38.51 45.15 26.12
C ASP F 34 -38.93 45.95 27.34
N GLY F 35 -38.91 47.27 27.18
CA GLY F 35 -39.32 48.16 28.25
C GLY F 35 -38.22 48.62 29.17
N LEU F 36 -36.96 48.38 28.80
CA LEU F 36 -35.84 48.85 29.60
C LEU F 36 -35.91 50.37 29.74
N SER F 37 -35.76 50.86 30.98
CA SER F 37 -35.88 52.27 31.28
C SER F 37 -34.54 52.83 31.75
N TYR F 38 -34.45 54.15 31.73
CA TYR F 38 -33.25 54.77 32.28
C TYR F 38 -33.00 54.31 33.72
N PRO F 39 -33.99 54.30 34.62
CA PRO F 39 -33.72 53.75 35.97
C PRO F 39 -33.17 52.34 35.94
N ASP F 40 -33.56 51.51 34.97
CA ASP F 40 -33.01 50.15 34.83
C ASP F 40 -31.51 50.20 34.60
N LEU F 41 -31.08 51.03 33.66
CA LEU F 41 -29.64 51.14 33.35
C LEU F 41 -28.90 51.67 34.58
N ARG F 42 -29.58 52.45 35.40
CA ARG F 42 -28.96 53.06 36.60
C ARG F 42 -28.84 52.00 37.71
N ASP F 43 -29.85 51.15 37.86
CA ASP F 43 -29.69 50.10 38.86
C ASP F 43 -28.58 49.14 38.46
N ILE F 44 -28.52 48.80 37.17
CA ILE F 44 -27.44 47.97 36.68
C ILE F 44 -26.10 48.61 37.01
N MET F 45 -25.92 49.88 36.63
CA MET F 45 -24.65 50.55 36.88
C MET F 45 -24.29 50.67 38.37
N ALA F 46 -25.23 50.94 39.27
CA ALA F 46 -24.88 51.14 40.67
C ALA F 46 -24.44 49.81 41.24
N LYS F 47 -25.14 48.75 40.84
CA LYS F 47 -24.83 47.41 41.40
C LYS F 47 -23.55 46.86 40.76
N SER F 48 -23.36 47.04 39.45
CA SER F 48 -22.14 46.50 38.85
C SER F 48 -20.91 47.12 39.51
N GLU F 49 -20.97 48.43 39.78
CA GLU F 49 -19.86 49.12 40.41
C GLU F 49 -19.53 48.51 41.76
N VAL F 50 -20.51 48.27 42.60
CA VAL F 50 -20.24 47.75 43.94
C VAL F 50 -19.71 46.32 43.85
N ASN F 51 -20.38 45.46 43.06
CA ASN F 51 -19.90 44.07 42.95
C ASN F 51 -18.53 44.01 42.30
N ASN F 52 -18.37 44.67 41.16
CA ASN F 52 -17.11 44.56 40.42
C ASN F 52 -15.94 45.11 41.22
N LEU F 53 -16.13 46.24 41.91
CA LEU F 53 -15.05 46.76 42.77
C LEU F 53 -14.69 45.75 43.84
N ARG F 54 -15.69 45.08 44.43
CA ARG F 54 -15.42 44.05 45.41
C ARG F 54 -14.58 42.91 44.84
N ASP F 55 -14.90 42.46 43.62
CA ASP F 55 -14.37 41.25 43.03
C ASP F 55 -13.09 41.46 42.18
N GLY F 56 -12.50 42.66 42.20
CA GLY F 56 -11.38 43.04 41.36
C GLY F 56 -11.68 43.11 39.87
N ILE F 57 -12.95 43.17 39.49
CA ILE F 57 -13.39 43.15 38.10
C ILE F 57 -13.54 44.56 37.58
N THR F 58 -13.04 44.81 36.37
CA THR F 58 -13.30 46.06 35.66
C THR F 58 -13.96 45.74 34.34
N GLY F 59 -14.46 46.77 33.67
CA GLY F 59 -15.07 46.53 32.38
C GLY F 59 -15.89 47.69 31.85
N MET F 60 -16.62 47.38 30.78
CA MET F 60 -17.40 48.35 30.06
C MET F 60 -18.62 47.69 29.45
N LEU F 61 -19.76 48.37 29.54
CA LEU F 61 -21.02 47.94 28.94
C LEU F 61 -21.46 48.96 27.90
N CYS F 62 -21.74 48.48 26.70
CA CYS F 62 -22.21 49.30 25.62
C CYS F 62 -23.67 48.96 25.41
N TYR F 63 -24.52 49.98 25.30
CA TYR F 63 -25.93 49.82 25.01
C TYR F 63 -26.27 50.65 23.78
N GLY F 64 -26.94 50.02 22.83
CA GLY F 64 -27.36 50.69 21.63
C GLY F 64 -28.20 49.76 20.75
N ASN F 65 -29.18 50.36 20.07
CA ASN F 65 -30.02 49.63 19.13
C ASN F 65 -30.63 48.38 19.78
N GLY F 66 -31.03 48.51 21.05
CA GLY F 66 -31.65 47.43 21.79
C GLY F 66 -30.75 46.26 22.13
N MET F 67 -29.42 46.41 21.95
CA MET F 67 -28.43 45.35 22.16
C MET F 67 -27.47 45.79 23.25
N PHE F 68 -27.02 44.82 24.05
CA PHE F 68 -25.92 45.04 24.99
C PHE F 68 -24.63 44.39 24.46
N LEU F 69 -23.51 45.08 24.60
CA LEU F 69 -22.21 44.48 24.34
C LEU F 69 -21.28 44.88 25.47
N GLN F 70 -20.82 43.90 26.24
CA GLN F 70 -20.06 44.13 27.48
C GLN F 70 -18.76 43.32 27.53
N THR F 71 -17.77 43.87 28.20
CA THR F 71 -16.56 43.14 28.48
C THR F 71 -16.24 43.20 29.97
N LEU F 72 -15.71 42.09 30.49
CA LEU F 72 -15.27 42.00 31.89
C LEU F 72 -13.83 41.47 31.97
N GLU F 73 -13.03 42.10 32.83
CA GLU F 73 -11.67 41.69 33.10
C GLU F 73 -11.54 41.43 34.59
N GLY F 74 -10.83 40.37 34.93
CA GLY F 74 -10.59 39.99 36.30
C GLY F 74 -10.18 38.52 36.38
N ASP F 75 -10.32 37.99 37.58
CA ASP F 75 -9.92 36.63 37.89
C ASP F 75 -10.85 35.66 37.15
N ARG F 76 -10.30 34.51 36.74
CA ARG F 76 -11.06 33.55 35.93
C ARG F 76 -12.36 33.13 36.63
N GLN F 77 -12.28 32.85 37.93
CA GLN F 77 -13.47 32.41 38.65
C GLN F 77 -14.43 33.58 38.90
N LYS F 78 -13.92 34.70 39.40
CA LYS F 78 -14.81 35.83 39.71
C LYS F 78 -15.60 36.25 38.47
N VAL F 79 -14.91 36.44 37.33
CA VAL F 79 -15.61 36.84 36.10
C VAL F 79 -16.69 35.82 35.76
N SER F 80 -16.41 34.52 35.94
CA SER F 80 -17.40 33.49 35.61
C SER F 80 -18.63 33.64 36.48
N GLU F 81 -18.43 33.81 37.77
CA GLU F 81 -19.57 33.96 38.68
C GLU F 81 -20.38 35.21 38.33
N THR F 82 -19.71 36.32 38.03
CA THR F 82 -20.47 37.50 37.68
C THR F 82 -21.32 37.24 36.44
N TYR F 83 -20.75 36.52 35.46
CA TYR F 83 -21.53 36.16 34.27
C TYR F 83 -22.71 35.26 34.61
N ALA F 84 -22.53 34.31 35.53
CA ALA F 84 -23.68 33.48 35.92
C ALA F 84 -24.77 34.35 36.55
N ARG F 85 -24.38 35.36 37.32
CA ARG F 85 -25.35 36.27 37.89
C ARG F 85 -26.02 37.06 36.77
N ILE F 86 -25.23 37.58 35.85
CA ILE F 86 -25.83 38.36 34.78
C ILE F 86 -26.81 37.50 33.98
N LEU F 87 -26.53 36.20 33.84
CA LEU F 87 -27.41 35.39 33.03
C LEU F 87 -28.79 35.27 33.66
N LYS F 88 -28.87 35.49 34.97
CA LYS F 88 -30.14 35.30 35.71
C LYS F 88 -31.01 36.56 35.64
N ASP F 89 -30.43 37.69 35.25
CA ASP F 89 -31.14 38.95 35.20
C ASP F 89 -32.23 38.97 34.13
N PRO F 90 -33.45 39.36 34.47
CA PRO F 90 -34.53 39.44 33.48
C PRO F 90 -34.46 40.69 32.63
N ARG F 91 -33.54 41.61 32.90
CA ARG F 91 -33.49 42.82 32.10
C ARG F 91 -32.89 42.60 30.69
N HIS F 92 -32.50 41.38 30.35
CA HIS F 92 -31.98 41.05 29.01
C HIS F 92 -32.14 39.55 28.82
N HIS F 93 -31.96 39.13 27.59
CA HIS F 93 -32.14 37.73 27.22
C HIS F 93 -31.24 37.43 26.05
N SER F 94 -31.15 36.15 25.68
CA SER F 94 -30.44 35.73 24.46
C SER F 94 -28.98 36.22 24.44
N ALA F 95 -28.24 35.91 25.51
CA ALA F 95 -26.83 36.27 25.60
C ALA F 95 -26.00 35.36 24.71
N GLU F 96 -24.92 35.90 24.16
CA GLU F 96 -23.94 35.15 23.37
C GLU F 96 -22.57 35.43 23.95
N ILE F 97 -21.81 34.39 24.26
CA ILE F 97 -20.41 34.61 24.59
C ILE F 97 -19.66 34.92 23.31
N VAL F 98 -18.89 36.01 23.32
CA VAL F 98 -18.03 36.34 22.20
C VAL F 98 -16.61 35.83 22.45
N GLU F 99 -16.12 35.94 23.68
CA GLU F 99 -14.76 35.50 23.88
C GLU F 99 -14.48 35.35 25.36
N PHE F 100 -13.57 34.44 25.69
CA PHE F 100 -13.07 34.36 27.05
C PHE F 100 -11.66 33.81 26.98
N LYS F 101 -10.69 34.60 27.44
CA LYS F 101 -9.28 34.20 27.35
C LYS F 101 -8.48 34.93 28.42
N ALA F 102 -7.30 34.41 28.68
CA ALA F 102 -6.34 35.04 29.55
C ALA F 102 -5.69 36.21 28.81
N ILE F 103 -5.32 37.26 29.55
CA ILE F 103 -4.71 38.44 28.95
C ILE F 103 -3.51 38.87 29.79
N GLU F 104 -2.49 39.45 29.15
CA GLU F 104 -1.34 39.91 29.93
C GLU F 104 -1.69 41.14 30.75
N GLU F 105 -2.53 42.04 30.22
CA GLU F 105 -2.81 43.29 30.92
C GLU F 105 -4.21 43.78 30.59
N ARG F 106 -4.78 44.58 31.49
CA ARG F 106 -6.11 45.09 31.25
C ARG F 106 -6.10 46.23 30.21
N THR F 107 -7.20 46.29 29.47
CA THR F 107 -7.49 47.44 28.65
C THR F 107 -8.48 48.35 29.35
N PHE F 108 -9.50 47.78 29.98
CA PHE F 108 -10.58 48.54 30.56
C PHE F 108 -10.32 48.77 32.03
N ILE F 109 -9.32 49.59 32.34
CA ILE F 109 -8.85 49.73 33.75
C ILE F 109 -9.55 50.81 34.56
N ASN F 110 -9.94 51.94 33.95
CA ASN F 110 -10.43 53.10 34.74
C ASN F 110 -11.74 52.86 35.49
N TRP F 111 -12.59 51.93 35.08
CA TRP F 111 -13.91 51.84 35.76
C TRP F 111 -14.33 50.41 36.11
N SER F 112 -14.77 50.17 37.34
CA SER F 112 -15.37 48.88 37.67
C SER F 112 -16.47 48.51 36.69
N MET F 113 -17.19 49.52 36.21
CA MET F 113 -18.17 49.41 35.14
C MET F 113 -18.50 50.80 34.67
N ARG F 114 -18.47 50.97 33.37
CA ARG F 114 -18.81 52.21 32.73
C ARG F 114 -19.83 51.83 31.67
N LEU F 115 -20.92 52.58 31.64
CA LEU F 115 -21.97 52.42 30.64
C LEU F 115 -21.74 53.45 29.57
N VAL F 116 -21.78 53.02 28.34
CA VAL F 116 -21.72 53.90 27.19
C VAL F 116 -22.97 53.63 26.41
N GLN F 117 -23.76 54.66 26.20
CA GLN F 117 -24.93 54.56 25.35
C GLN F 117 -24.58 55.11 23.98
N LEU F 118 -24.82 54.32 22.94
CA LEU F 118 -24.41 54.79 21.63
C LEU F 118 -25.18 56.03 21.24
N GLY F 119 -26.39 56.21 21.79
CA GLY F 119 -27.24 57.35 21.43
C GLY F 119 -26.85 58.67 22.07
N GLU F 120 -26.07 58.65 23.14
CA GLU F 120 -25.56 59.88 23.71
C GLU F 120 -24.21 60.28 23.13
N MET F 121 -23.83 59.69 21.99
CA MET F 121 -22.49 59.99 21.41
C MET F 121 -22.66 60.50 19.97
N ASP F 122 -21.56 60.96 19.35
CA ASP F 122 -21.64 61.55 17.99
C ASP F 122 -22.09 60.48 16.99
N SER F 123 -23.25 60.66 16.39
CA SER F 123 -23.80 59.71 15.40
C SER F 123 -22.74 59.33 14.37
N ASP F 124 -22.12 60.32 13.73
CA ASP F 124 -21.10 60.06 12.68
C ASP F 124 -19.90 59.34 13.29
N THR F 125 -19.46 59.76 14.47
CA THR F 125 -18.35 59.06 15.10
C THR F 125 -18.72 57.61 15.38
N ILE F 126 -19.93 57.38 15.88
CA ILE F 126 -20.35 56.01 16.17
C ILE F 126 -20.65 55.27 14.88
N ARG F 127 -21.26 55.96 13.92
CA ARG F 127 -21.57 55.32 12.65
C ARG F 127 -20.30 54.75 12.00
N ARG F 128 -19.25 55.56 11.87
CA ARG F 128 -18.06 55.05 11.20
C ARG F 128 -17.38 54.00 12.06
N LEU F 129 -17.42 54.17 13.37
CA LEU F 129 -16.85 53.15 14.25
C LEU F 129 -17.57 51.82 14.09
N ARG F 130 -18.90 51.85 14.00
CA ARG F 130 -19.63 50.62 13.83
C ARG F 130 -19.36 49.98 12.47
N LEU F 131 -19.20 50.79 11.43
CA LEU F 131 -18.88 50.19 10.15
C LEU F 131 -17.47 49.63 10.17
N LYS F 132 -16.55 50.38 10.80
CA LYS F 132 -15.15 49.96 10.86
C LYS F 132 -15.01 48.54 11.38
N TYR F 133 -15.85 48.16 12.34
CA TYR F 133 -15.67 46.89 13.05
C TYR F 133 -16.82 45.92 12.83
N SER F 134 -17.59 46.08 11.77
CA SER F 134 -18.74 45.21 11.56
C SER F 134 -19.23 45.37 10.11
N PRO F 135 -19.93 44.35 9.61
CA PRO F 135 -20.55 44.41 8.27
C PRO F 135 -21.95 44.96 8.27
N ALA F 136 -22.47 45.36 9.43
CA ALA F 136 -23.90 45.65 9.58
C ALA F 136 -24.20 47.12 9.31
N ALA F 137 -25.41 47.35 8.82
CA ALA F 137 -25.86 48.71 8.56
C ALA F 137 -26.33 49.39 9.83
N THR F 138 -26.56 48.63 10.91
CA THR F 138 -26.82 49.14 12.27
C THR F 138 -25.95 48.36 13.26
N PHE F 139 -25.96 48.79 14.52
CA PHE F 139 -25.18 48.11 15.55
C PHE F 139 -25.72 46.71 15.78
N GLN F 140 -24.93 45.70 15.37
CA GLN F 140 -25.32 44.30 15.44
C GLN F 140 -24.12 43.49 15.92
N PRO F 141 -23.88 43.47 17.23
CA PRO F 141 -22.73 42.74 17.74
C PRO F 141 -22.73 41.27 17.34
N ARG F 142 -23.87 40.71 16.95
CA ARG F 142 -23.91 39.31 16.56
C ARG F 142 -23.20 39.07 15.24
N SER F 143 -22.93 40.13 14.48
CA SER F 143 -22.23 40.00 13.22
C SER F 143 -20.74 40.31 13.35
N MET F 144 -20.24 40.54 14.56
CA MET F 144 -18.86 40.95 14.78
C MET F 144 -18.05 39.84 15.45
N THR F 145 -16.75 39.80 15.13
CA THR F 145 -15.83 38.84 15.75
C THR F 145 -15.39 39.30 17.15
N ALA F 146 -14.73 38.39 17.85
CA ALA F 146 -14.16 38.71 19.14
C ALA F 146 -13.22 39.89 19.02
N GLU F 147 -12.40 39.90 17.98
CA GLU F 147 -11.43 40.97 17.86
C GLU F 147 -12.12 42.29 17.49
N GLN F 148 -13.17 42.21 16.66
CA GLN F 148 -13.92 43.41 16.30
C GLN F 148 -14.62 44.01 17.51
N CYS F 149 -15.22 43.14 18.35
CA CYS F 149 -15.87 43.57 19.56
C CYS F 149 -14.87 44.22 20.51
N PHE F 150 -13.71 43.59 20.66
CA PHE F 150 -12.69 44.16 21.53
C PHE F 150 -12.32 45.56 21.05
N ARG F 151 -12.04 45.69 19.76
CA ARG F 151 -11.55 46.97 19.23
C ARG F 151 -12.65 48.05 19.28
N PHE F 152 -13.89 47.67 18.99
CA PHE F 152 -15.02 48.58 19.12
C PHE F 152 -15.13 49.08 20.55
N LEU F 153 -15.10 48.17 21.52
CA LEU F 153 -15.23 48.62 22.90
C LEU F 153 -14.03 49.47 23.31
N LYS F 154 -12.83 49.12 22.85
CA LYS F 154 -11.65 49.89 23.23
C LYS F 154 -11.73 51.34 22.68
N GLU F 155 -12.17 51.54 21.44
CA GLU F 155 -12.28 52.91 20.95
C GLU F 155 -13.35 53.69 21.73
N LEU F 156 -14.43 53.02 22.12
CA LEU F 156 -15.42 53.66 22.97
C LEU F 156 -14.81 54.06 24.29
N TYR F 157 -14.08 53.13 24.91
CA TYR F 157 -13.47 53.40 26.20
C TYR F 157 -12.50 54.57 26.12
N ASP F 158 -11.76 54.64 25.05
CA ASP F 158 -10.75 55.67 24.90
C ASP F 158 -11.33 57.05 24.60
N MET F 159 -12.36 57.11 23.77
CA MET F 159 -12.88 58.41 23.39
C MET F 159 -13.68 59.05 24.52
N SER F 160 -14.48 58.27 25.21
CA SER F 160 -15.28 58.82 26.29
C SER F 160 -14.66 58.49 27.64
N GLN F 161 -13.46 59.03 27.83
CA GLN F 161 -12.82 59.10 29.14
C GLN F 161 -13.43 60.17 30.05
N GLY F 162 -14.17 61.14 29.49
CA GLY F 162 -14.83 62.16 30.28
C GLY F 162 -13.98 62.80 31.37
N MET G 21 -1.42 29.71 39.58
CA MET G 21 -0.51 30.46 38.69
C MET G 21 0.22 29.51 37.72
N GLY G 22 0.07 28.23 38.02
CA GLY G 22 0.27 27.21 37.04
C GLY G 22 1.56 26.46 37.23
N LEU G 23 1.89 25.73 36.18
CA LEU G 23 3.02 24.80 36.17
C LEU G 23 4.32 25.53 35.83
N HIS G 24 5.34 25.28 36.65
CA HIS G 24 6.65 25.89 36.47
C HIS G 24 7.74 24.83 36.48
N ARG G 25 8.89 25.20 35.96
CA ARG G 25 10.06 24.36 36.07
C ARG G 25 11.20 25.15 36.65
N LEU G 26 11.88 24.58 37.62
CA LEU G 26 13.11 25.13 38.14
C LEU G 26 14.29 24.26 37.68
N ILE G 27 15.43 24.89 37.39
CA ILE G 27 16.69 24.21 37.17
C ILE G 27 17.74 24.92 38.01
N PHE G 28 18.50 24.16 38.81
CA PHE G 28 19.60 24.75 39.57
C PHE G 28 20.76 23.76 39.63
N LEU G 29 21.92 24.27 40.04
CA LEU G 29 23.12 23.46 40.22
C LEU G 29 23.79 23.79 41.55
N SER G 30 24.63 22.86 42.02
CA SER G 30 25.37 22.99 43.28
C SER G 30 26.57 22.04 43.28
N CYS G 31 27.48 22.28 44.22
CA CYS G 31 28.63 21.42 44.47
C CYS G 31 28.31 20.47 45.61
N ALA G 32 28.58 19.17 45.40
CA ALA G 32 28.44 18.23 46.50
C ALA G 32 29.47 18.53 47.58
N THR G 33 29.05 18.45 48.83
CA THR G 33 29.95 18.63 49.94
C THR G 33 30.94 17.47 50.01
N ASP G 34 32.17 17.76 50.44
CA ASP G 34 33.21 16.74 50.47
C ASP G 34 32.80 15.55 51.36
N GLY G 35 33.01 14.34 50.85
CA GLY G 35 32.68 13.16 51.63
C GLY G 35 31.32 12.56 51.34
N LEU G 36 30.60 13.08 50.35
CA LEU G 36 29.27 12.58 50.05
C LEU G 36 29.31 11.07 49.82
N SER G 37 28.43 10.36 50.52
CA SER G 37 28.43 8.91 50.51
C SER G 37 27.18 8.38 49.82
N TYR G 38 27.27 7.12 49.37
CA TYR G 38 26.12 6.43 48.79
C TYR G 38 24.91 6.43 49.71
N PRO G 39 25.04 6.11 51.00
CA PRO G 39 23.91 6.31 51.92
C PRO G 39 23.38 7.73 51.93
N ASP G 40 24.27 8.72 51.84
CA ASP G 40 23.85 10.11 51.73
C ASP G 40 22.99 10.31 50.47
N LEU G 41 23.50 9.85 49.32
CA LEU G 41 22.70 9.88 48.11
C LEU G 41 21.41 9.09 48.32
N ARG G 42 21.43 7.97 49.03
CA ARG G 42 20.15 7.22 49.12
C ARG G 42 19.15 7.98 50.01
N ASP G 43 19.61 8.69 51.03
CA ASP G 43 18.65 9.44 51.84
C ASP G 43 18.03 10.62 51.08
N ILE G 44 18.85 11.38 50.36
CA ILE G 44 18.32 12.46 49.54
C ILE G 44 17.22 11.92 48.62
N MET G 45 17.50 10.83 47.93
CA MET G 45 16.49 10.27 47.05
C MET G 45 15.25 9.86 47.82
N ALA G 46 15.42 9.35 49.04
CA ALA G 46 14.27 8.80 49.75
C ALA G 46 13.34 9.90 50.23
N LYS G 47 13.88 10.94 50.87
CA LYS G 47 13.01 12.03 51.31
C LYS G 47 12.46 12.84 50.13
N SER G 48 13.25 12.99 49.06
CA SER G 48 12.77 13.70 47.87
C SER G 48 11.56 13.01 47.27
N GLU G 49 11.51 11.68 47.31
CA GLU G 49 10.38 10.97 46.67
C GLU G 49 9.10 11.27 47.43
N VAL G 50 9.17 11.29 48.76
CA VAL G 50 8.01 11.53 49.58
C VAL G 50 7.57 13.00 49.51
N ASN G 51 8.50 13.94 49.70
CA ASN G 51 8.10 15.34 49.69
C ASN G 51 7.51 15.71 48.33
N ASN G 52 8.19 15.35 47.25
CA ASN G 52 7.75 15.75 45.94
C ASN G 52 6.39 15.13 45.59
N LEU G 53 6.20 13.86 45.96
CA LEU G 53 4.92 13.20 45.68
C LEU G 53 3.77 13.89 46.41
N ARG G 54 4.00 14.28 47.65
CA ARG G 54 3.00 15.03 48.37
C ARG G 54 2.74 16.40 47.73
N ASP G 55 3.80 17.05 47.22
CA ASP G 55 3.76 18.43 46.76
C ASP G 55 3.40 18.55 45.28
N GLY G 56 3.04 17.46 44.62
CA GLY G 56 2.81 17.45 43.20
C GLY G 56 4.04 17.68 42.34
N ILE G 57 5.21 17.47 42.88
CA ILE G 57 6.46 17.81 42.17
C ILE G 57 7.06 16.57 41.51
N THR G 58 7.56 16.77 40.28
CA THR G 58 8.34 15.80 39.52
C THR G 58 9.69 16.43 39.15
N GLY G 59 10.63 15.59 38.76
CA GLY G 59 11.89 16.14 38.34
C GLY G 59 12.97 15.07 38.31
N MET G 60 14.20 15.57 38.19
CA MET G 60 15.32 14.68 38.00
C MET G 60 16.56 15.35 38.59
N LEU G 61 17.36 14.55 39.27
CA LEU G 61 18.61 14.98 39.87
C LEU G 61 19.75 14.20 39.20
N CYS G 62 20.70 14.92 38.64
CA CYS G 62 21.86 14.35 37.98
C CYS G 62 23.07 14.64 38.84
N TYR G 63 23.88 13.61 39.12
CA TYR G 63 25.08 13.74 39.93
C TYR G 63 26.27 13.27 39.13
N GLY G 64 27.30 14.10 39.10
CA GLY G 64 28.51 13.80 38.37
C GLY G 64 29.62 14.79 38.63
N ASN G 65 30.86 14.29 38.54
CA ASN G 65 32.03 15.15 38.66
C ASN G 65 31.92 16.04 39.90
N GLY G 66 31.38 15.49 40.97
CA GLY G 66 31.20 16.26 42.18
C GLY G 66 30.16 17.35 42.08
N MET G 67 29.39 17.39 41.00
CA MET G 67 28.43 18.47 40.81
C MET G 67 27.01 17.93 40.80
N PHE G 68 26.08 18.74 41.29
CA PHE G 68 24.66 18.45 41.20
C PHE G 68 24.04 19.34 40.14
N LEU G 69 23.18 18.75 39.30
CA LEU G 69 22.31 19.49 38.38
C LEU G 69 20.93 18.88 38.50
N GLN G 70 19.95 19.66 38.99
CA GLN G 70 18.62 19.13 39.26
C GLN G 70 17.55 19.99 38.59
N THR G 71 16.43 19.38 38.23
CA THR G 71 15.28 20.14 37.75
C THR G 71 14.03 19.68 38.49
N LEU G 72 13.14 20.63 38.78
CA LEU G 72 11.89 20.37 39.47
C LEU G 72 10.75 21.03 38.71
N GLU G 73 9.66 20.30 38.54
CA GLU G 73 8.46 20.79 37.89
C GLU G 73 7.31 20.73 38.88
N GLY G 74 6.48 21.76 38.86
CA GLY G 74 5.31 21.77 39.70
C GLY G 74 4.77 23.17 39.91
N ASP G 75 4.05 23.30 41.02
CA ASP G 75 3.44 24.56 41.37
C ASP G 75 4.53 25.57 41.73
N ARG G 76 4.31 26.83 41.35
CA ARG G 76 5.26 27.92 41.60
C ARG G 76 5.65 28.03 43.08
N GLN G 77 4.65 28.01 43.98
CA GLN G 77 4.95 28.10 45.41
C GLN G 77 5.70 26.86 45.91
N LYS G 78 5.14 25.66 45.66
CA LYS G 78 5.75 24.43 46.15
C LYS G 78 7.18 24.31 45.66
N VAL G 79 7.41 24.52 44.37
CA VAL G 79 8.77 24.39 43.86
C VAL G 79 9.70 25.35 44.60
N SER G 80 9.25 26.58 44.86
CA SER G 80 10.13 27.52 45.58
C SER G 80 10.44 27.04 47.00
N GLU G 81 9.40 26.67 47.75
CA GLU G 81 9.63 26.21 49.13
C GLU G 81 10.55 25.00 49.15
N THR G 82 10.40 24.08 48.20
CA THR G 82 11.30 22.94 48.13
C THR G 82 12.72 23.40 47.85
N TYR G 83 12.87 24.37 46.95
CA TYR G 83 14.19 24.93 46.72
C TYR G 83 14.76 25.54 47.99
N ALA G 84 13.92 26.26 48.77
CA ALA G 84 14.41 26.85 50.02
C ALA G 84 14.86 25.81 51.02
N ARG G 85 14.16 24.67 51.14
CA ARG G 85 14.66 23.58 52.01
C ARG G 85 15.95 22.99 51.46
N ILE G 86 16.02 22.79 50.15
CA ILE G 86 17.26 22.26 49.55
C ILE G 86 18.44 23.17 49.85
N LEU G 87 18.21 24.49 49.96
CA LEU G 87 19.31 25.37 50.26
C LEU G 87 19.86 25.20 51.70
N LYS G 88 19.09 24.62 52.63
CA LYS G 88 19.62 24.43 53.98
C LYS G 88 20.34 23.10 54.17
N ASP G 89 20.37 22.27 53.15
CA ASP G 89 20.93 20.94 53.29
C ASP G 89 22.45 21.03 53.28
N PRO G 90 23.12 20.53 54.32
CA PRO G 90 24.59 20.62 54.36
C PRO G 90 25.30 19.64 53.42
N ARG G 91 24.58 18.73 52.80
CA ARG G 91 25.22 17.79 51.89
C ARG G 91 25.60 18.41 50.54
N HIS G 92 25.34 19.70 50.32
CA HIS G 92 25.82 20.40 49.13
C HIS G 92 25.99 21.87 49.46
N HIS G 93 26.67 22.58 48.56
CA HIS G 93 26.91 24.02 48.73
C HIS G 93 27.01 24.71 47.38
N SER G 94 27.06 26.05 47.40
CA SER G 94 27.22 26.85 46.18
C SER G 94 26.10 26.59 45.16
N ALA G 95 24.86 26.73 45.61
CA ALA G 95 23.75 26.57 44.68
C ALA G 95 23.71 27.77 43.74
N GLU G 96 23.32 27.51 42.50
CA GLU G 96 23.14 28.53 41.48
C GLU G 96 21.80 28.22 40.83
N ILE G 97 20.90 29.18 40.81
CA ILE G 97 19.71 29.02 40.00
C ILE G 97 20.14 29.06 38.54
N VAL G 98 19.62 28.14 37.72
CA VAL G 98 19.92 28.21 36.31
C VAL G 98 18.80 28.87 35.53
N GLU G 99 17.55 28.55 35.89
CA GLU G 99 16.39 29.07 35.20
C GLU G 99 15.19 28.75 36.05
N PHE G 100 14.17 29.61 35.95
CA PHE G 100 12.87 29.35 36.57
C PHE G 100 11.79 29.99 35.72
N LYS G 101 10.88 29.20 35.15
CA LYS G 101 9.90 29.74 34.23
C LYS G 101 8.67 28.87 34.22
N ALA G 102 7.62 29.42 33.66
CA ALA G 102 6.39 28.70 33.41
C ALA G 102 6.51 27.75 32.22
N ILE G 103 5.81 26.64 32.30
CA ILE G 103 5.82 25.65 31.25
C ILE G 103 4.40 25.18 30.97
N GLU G 104 4.18 24.69 29.76
CA GLU G 104 2.81 24.28 29.38
C GLU G 104 2.59 22.81 29.74
N GLU G 105 3.64 22.00 29.67
CA GLU G 105 3.52 20.59 30.06
C GLU G 105 4.80 20.10 30.71
N ARG G 106 4.67 19.06 31.52
CA ARG G 106 5.85 18.51 32.15
C ARG G 106 6.65 17.68 31.15
N THR G 107 7.97 17.75 31.26
CA THR G 107 8.85 16.83 30.57
C THR G 107 9.29 15.68 31.47
N PHE G 108 9.51 15.95 32.76
CA PHE G 108 10.03 14.95 33.69
C PHE G 108 8.89 14.39 34.51
N ILE G 109 8.06 13.60 33.81
CA ILE G 109 6.74 13.21 34.31
C ILE G 109 6.81 12.00 35.23
N ASN G 110 7.60 10.99 34.84
CA ASN G 110 7.43 9.64 35.39
C ASN G 110 7.88 9.55 36.82
N TRP G 111 8.77 10.46 37.22
CA TRP G 111 9.48 10.36 38.49
C TRP G 111 9.25 11.64 39.29
N SER G 112 8.75 11.48 40.52
CA SER G 112 8.72 12.59 41.46
C SER G 112 10.14 13.04 41.84
N MET G 113 11.11 12.14 41.74
CA MET G 113 12.51 12.47 41.94
C MET G 113 13.27 11.24 41.48
N ARG G 114 14.17 11.40 40.53
CA ARG G 114 15.00 10.28 40.09
C ARG G 114 16.46 10.72 40.04
N LEU G 115 17.34 9.85 40.53
CA LEU G 115 18.77 10.07 40.47
C LEU G 115 19.39 9.48 39.21
N VAL G 116 20.20 10.27 38.53
CA VAL G 116 21.01 9.76 37.43
C VAL G 116 22.45 10.08 37.80
N GLN G 117 23.25 9.03 37.98
CA GLN G 117 24.67 9.16 38.29
C GLN G 117 25.43 9.03 36.98
N LEU G 118 26.14 10.08 36.60
CA LEU G 118 26.83 9.96 35.33
C LEU G 118 27.90 8.88 35.38
N GLY G 119 28.50 8.68 36.56
CA GLY G 119 29.58 7.72 36.76
C GLY G 119 29.17 6.27 36.55
N GLU G 120 27.88 5.97 36.70
CA GLU G 120 27.34 4.62 36.52
C GLU G 120 26.70 4.41 35.15
N MET G 121 27.11 5.19 34.15
CA MET G 121 26.58 5.08 32.81
C MET G 121 27.74 5.06 31.81
N ASP G 122 27.41 4.69 30.56
CA ASP G 122 28.45 4.58 29.51
C ASP G 122 29.26 5.87 29.40
N SER G 123 30.55 5.75 29.62
CA SER G 123 31.45 6.90 29.53
C SER G 123 31.31 7.63 28.18
N ASP G 124 30.99 6.89 27.11
CA ASP G 124 30.97 7.48 25.78
C ASP G 124 29.65 8.16 25.51
N THR G 125 28.54 7.53 25.90
CA THR G 125 27.25 8.19 25.77
C THR G 125 27.23 9.48 26.60
N ILE G 126 27.77 9.43 27.82
CA ILE G 126 27.79 10.61 28.68
C ILE G 126 28.84 11.60 28.21
N ARG G 127 30.01 11.14 27.76
CA ARG G 127 31.01 12.07 27.27
C ARG G 127 30.46 12.83 26.07
N ARG G 128 29.86 12.11 25.13
CA ARG G 128 29.31 12.78 23.96
C ARG G 128 28.18 13.74 24.35
N LEU G 129 27.35 13.33 25.30
CA LEU G 129 26.27 14.18 25.75
C LEU G 129 26.80 15.44 26.41
N ARG G 130 27.80 15.29 27.25
CA ARG G 130 28.36 16.44 27.95
C ARG G 130 29.04 17.41 27.00
N LEU G 131 29.69 16.90 25.97
CA LEU G 131 30.27 17.78 24.98
C LEU G 131 29.18 18.48 24.17
N LYS G 132 28.13 17.74 23.81
CA LYS G 132 27.10 18.32 22.98
C LYS G 132 26.55 19.60 23.59
N TYR G 133 26.49 19.67 24.93
CA TYR G 133 25.75 20.73 25.58
C TYR G 133 26.64 21.59 26.46
N SER G 134 27.94 21.65 26.21
CA SER G 134 28.80 22.42 27.09
C SER G 134 30.14 22.64 26.42
N PRO G 135 30.87 23.69 26.81
CA PRO G 135 32.24 23.86 26.30
C PRO G 135 33.29 23.08 27.09
N ALA G 136 32.88 22.32 28.13
CA ALA G 136 33.84 21.75 29.08
C ALA G 136 34.28 20.35 28.68
N ALA G 137 35.53 20.03 29.08
CA ALA G 137 36.15 18.72 28.92
C ALA G 137 35.71 17.72 29.98
N THR G 138 34.99 18.18 31.01
CA THR G 138 34.32 17.34 31.99
C THR G 138 32.95 17.96 32.28
N PHE G 139 32.10 17.25 33.05
CA PHE G 139 30.80 17.77 33.44
C PHE G 139 30.95 19.02 34.31
N GLN G 140 30.50 20.17 33.80
CA GLN G 140 30.57 21.44 34.53
C GLN G 140 29.30 22.24 34.28
N PRO G 141 28.23 21.97 35.03
CA PRO G 141 26.99 22.72 34.81
C PRO G 141 27.16 24.25 34.95
N ARG G 142 28.16 24.73 35.67
CA ARG G 142 28.28 26.19 35.72
C ARG G 142 28.62 26.81 34.36
N SER G 143 29.05 26.02 33.37
CA SER G 143 29.42 26.51 32.05
C SER G 143 28.29 26.34 31.02
N MET G 144 27.10 25.90 31.44
CA MET G 144 26.02 25.59 30.52
C MET G 144 24.87 26.60 30.67
N THR G 145 24.19 26.84 29.55
CA THR G 145 23.02 27.68 29.55
C THR G 145 21.80 26.91 30.07
N ALA G 146 20.72 27.65 30.34
CA ALA G 146 19.47 27.05 30.80
C ALA G 146 18.95 26.06 29.78
N GLU G 147 19.06 26.42 28.51
CA GLU G 147 18.56 25.53 27.43
C GLU G 147 19.46 24.30 27.32
N GLN G 148 20.77 24.48 27.51
CA GLN G 148 21.67 23.34 27.48
C GLN G 148 21.43 22.40 28.64
N CYS G 149 21.24 22.97 29.83
CA CYS G 149 20.91 22.16 31.00
C CYS G 149 19.60 21.38 30.79
N PHE G 150 18.56 22.04 30.26
CA PHE G 150 17.28 21.36 30.08
C PHE G 150 17.44 20.18 29.14
N ARG G 151 18.05 20.47 27.99
CA ARG G 151 18.22 19.43 26.95
C ARG G 151 19.19 18.36 27.45
N PHE G 152 20.22 18.75 28.18
CA PHE G 152 21.06 17.71 28.75
C PHE G 152 20.20 16.79 29.62
N LEU G 153 19.46 17.38 30.58
CA LEU G 153 18.67 16.59 31.53
C LEU G 153 17.61 15.76 30.82
N LYS G 154 17.02 16.27 29.75
CA LYS G 154 15.97 15.57 29.02
C LYS G 154 16.52 14.34 28.31
N GLU G 155 17.70 14.45 27.71
CA GLU G 155 18.30 13.28 27.11
C GLU G 155 18.62 12.20 28.16
N LEU G 156 19.13 12.59 29.32
CA LEU G 156 19.31 11.61 30.39
C LEU G 156 18.00 10.95 30.75
N TYR G 157 16.96 11.76 30.99
CA TYR G 157 15.66 11.20 31.37
C TYR G 157 15.10 10.25 30.30
N ASP G 158 15.21 10.65 29.03
CA ASP G 158 14.66 9.83 27.95
C ASP G 158 15.40 8.51 27.82
N MET G 159 16.70 8.48 28.09
CA MET G 159 17.47 7.26 28.05
C MET G 159 17.41 6.52 29.39
N SER G 160 16.48 6.91 30.27
CA SER G 160 16.38 6.37 31.63
C SER G 160 14.96 5.85 31.94
N MET H 21 31.38 31.94 29.55
CA MET H 21 30.52 32.61 28.55
C MET H 21 29.96 31.63 27.47
N GLY H 22 30.09 30.32 27.69
CA GLY H 22 29.30 29.37 26.92
C GLY H 22 30.02 28.74 25.73
N LEU H 23 29.30 27.85 25.08
CA LEU H 23 29.83 27.18 23.91
C LEU H 23 29.81 28.08 22.68
N HIS H 24 30.91 28.03 21.90
CA HIS H 24 31.06 28.79 20.66
C HIS H 24 31.62 27.89 19.56
N ARG H 25 31.50 28.36 18.33
CA ARG H 25 32.12 27.71 17.20
C ARG H 25 32.91 28.71 16.39
N LEU H 26 34.12 28.31 15.99
CA LEU H 26 34.93 29.08 15.05
C LEU H 26 35.02 28.30 13.74
N ILE H 27 35.02 29.02 12.62
CA ILE H 27 35.33 28.47 11.31
C ILE H 27 36.36 29.40 10.67
N PHE H 28 37.44 28.83 10.13
CA PHE H 28 38.43 29.62 9.41
C PHE H 28 38.97 28.82 8.22
N LEU H 29 39.66 29.53 7.33
CA LEU H 29 40.31 28.92 6.20
C LEU H 29 41.73 29.45 6.09
N SER H 30 42.58 28.72 5.35
CA SER H 30 43.96 29.17 5.11
C SER H 30 44.53 28.40 3.94
N CYS H 31 45.64 28.92 3.38
CA CYS H 31 46.39 28.27 2.32
C CYS H 31 47.50 27.45 2.95
N ALA H 32 47.56 26.18 2.57
CA ALA H 32 48.66 25.35 3.01
C ALA H 32 49.94 25.86 2.40
N THR H 33 50.99 25.90 3.21
CA THR H 33 52.29 26.29 2.71
C THR H 33 52.80 25.22 1.75
N ASP H 34 53.54 25.67 0.72
CA ASP H 34 54.03 24.79 -0.34
C ASP H 34 54.90 23.64 0.18
N GLY H 35 54.69 22.46 -0.37
CA GLY H 35 55.47 21.31 0.00
C GLY H 35 54.96 20.55 1.20
N LEU H 36 53.74 20.82 1.63
CA LEU H 36 53.16 20.12 2.77
C LEU H 36 53.25 18.62 2.56
N SER H 37 53.70 17.91 3.59
CA SER H 37 53.91 16.47 3.49
C SER H 37 52.92 15.73 4.38
N TYR H 38 52.82 14.42 4.12
CA TYR H 38 52.05 13.55 5.01
C TYR H 38 52.57 13.67 6.45
N PRO H 39 53.86 13.61 6.69
CA PRO H 39 54.34 13.86 8.05
C PRO H 39 53.87 15.19 8.60
N ASP H 40 53.79 16.21 7.77
CA ASP H 40 53.30 17.50 8.26
C ASP H 40 51.90 17.36 8.83
N LEU H 41 51.01 16.70 8.07
CA LEU H 41 49.65 16.51 8.52
C LEU H 41 49.59 15.66 9.79
N ARG H 42 50.42 14.62 9.85
CA ARG H 42 50.40 13.76 11.04
C ARG H 42 50.81 14.55 12.27
N ASP H 43 51.77 15.45 12.12
CA ASP H 43 52.15 16.26 13.27
C ASP H 43 51.04 17.25 13.66
N ILE H 44 50.38 17.88 12.68
CA ILE H 44 49.24 18.73 12.99
C ILE H 44 48.15 17.94 13.74
N MET H 45 47.72 16.81 13.17
CA MET H 45 46.69 16.03 13.85
C MET H 45 47.12 15.62 15.25
N ALA H 46 48.40 15.28 15.41
CA ALA H 46 48.89 14.75 16.71
C ALA H 46 48.73 15.76 17.85
N LYS H 47 49.19 16.99 17.64
CA LYS H 47 49.15 18.00 18.72
C LYS H 47 47.70 18.49 18.89
N SER H 48 46.98 18.70 17.79
CA SER H 48 45.57 19.14 17.86
C SER H 48 44.74 18.11 18.64
N GLU H 49 44.91 16.82 18.34
CA GLU H 49 44.21 15.79 19.09
C GLU H 49 44.50 15.92 20.58
N VAL H 50 45.76 16.15 20.95
CA VAL H 50 46.09 16.27 22.37
C VAL H 50 45.55 17.54 22.95
N ASN H 51 45.91 18.69 22.34
CA ASN H 51 45.56 20.01 22.87
C ASN H 51 44.06 20.22 22.96
N ASN H 52 43.31 19.88 21.89
CA ASN H 52 41.87 20.14 21.93
C ASN H 52 41.23 19.29 23.03
N LEU H 53 41.67 18.03 23.18
CA LEU H 53 41.15 17.20 24.26
C LEU H 53 41.38 17.86 25.61
N ARG H 54 42.57 18.40 25.83
CA ARG H 54 42.81 19.11 27.07
C ARG H 54 41.87 20.32 27.19
N ASP H 55 41.59 21.01 26.08
CA ASP H 55 40.87 22.29 26.09
C ASP H 55 39.36 22.16 25.99
N GLY H 56 38.81 20.94 25.98
CA GLY H 56 37.39 20.81 25.71
C GLY H 56 36.99 21.15 24.29
N ILE H 57 37.95 21.10 23.35
CA ILE H 57 37.73 21.50 21.97
C ILE H 57 37.46 20.26 21.14
N THR H 58 36.43 20.36 20.31
CA THR H 58 36.18 19.37 19.29
C THR H 58 36.27 20.12 17.97
N GLY H 59 36.36 19.40 16.86
CA GLY H 59 36.43 20.08 15.60
C GLY H 59 36.78 19.15 14.47
N MET H 60 36.99 19.76 13.31
CA MET H 60 37.25 19.03 12.09
C MET H 60 38.10 19.89 11.17
N LEU H 61 39.03 19.22 10.45
CA LEU H 61 39.91 19.85 9.49
C LEU H 61 39.69 19.26 8.10
N CYS H 62 39.43 20.12 7.14
CA CYS H 62 39.29 19.68 5.76
C CYS H 62 40.48 20.21 4.97
N TYR H 63 41.15 19.32 4.23
CA TYR H 63 42.25 19.69 3.34
C TYR H 63 41.92 19.24 1.93
N GLY H 64 42.10 20.16 0.98
CA GLY H 64 41.85 19.89 -0.43
C GLY H 64 42.29 21.06 -1.28
N ASN H 65 42.73 20.79 -2.51
CA ASN H 65 43.09 21.81 -3.48
C ASN H 65 44.05 22.84 -2.91
N GLY H 66 44.94 22.39 -2.04
CA GLY H 66 45.89 23.29 -1.42
C GLY H 66 45.31 24.24 -0.39
N MET H 67 44.08 24.00 0.04
CA MET H 67 43.40 24.85 1.02
C MET H 67 42.99 24.05 2.26
N PHE H 68 43.02 24.73 3.40
CA PHE H 68 42.51 24.25 4.67
C PHE H 68 41.18 24.92 5.02
N LEU H 69 40.24 24.15 5.55
CA LEU H 69 38.99 24.70 6.09
C LEU H 69 38.69 23.97 7.38
N GLN H 70 38.66 24.69 8.48
CA GLN H 70 38.54 24.09 9.80
C GLN H 70 37.46 24.79 10.62
N THR H 71 36.85 24.01 11.52
CA THR H 71 35.95 24.47 12.55
C THR H 71 36.41 23.95 13.90
N LEU H 72 36.24 24.76 14.93
CA LEU H 72 36.55 24.39 16.30
C LEU H 72 35.35 24.78 17.15
N GLU H 73 34.94 23.86 18.03
CA GLU H 73 33.87 24.13 18.98
C GLU H 73 34.44 24.01 20.39
N GLY H 74 34.03 24.94 21.24
CA GLY H 74 34.44 24.92 22.63
C GLY H 74 34.26 26.29 23.26
N ASP H 75 35.01 26.49 24.33
CA ASP H 75 34.97 27.72 25.10
C ASP H 75 35.51 28.89 24.28
N ARG H 76 34.90 30.07 24.51
CA ARG H 76 35.22 31.29 23.78
C ARG H 76 36.69 31.67 23.94
N GLN H 77 37.21 31.61 25.17
CA GLN H 77 38.61 31.94 25.36
C GLN H 77 39.52 30.84 24.80
N LYS H 78 39.28 29.60 25.17
CA LYS H 78 40.16 28.53 24.69
C LYS H 78 40.21 28.53 23.17
N VAL H 79 39.04 28.53 22.52
CA VAL H 79 39.02 28.52 21.06
C VAL H 79 39.83 29.70 20.51
N SER H 80 39.70 30.87 21.14
CA SER H 80 40.44 32.03 20.67
C SER H 80 41.94 31.79 20.78
N GLU H 81 42.40 31.31 21.93
CA GLU H 81 43.82 31.06 22.12
C GLU H 81 44.33 30.01 21.14
N THR H 82 43.55 28.95 20.93
CA THR H 82 43.94 27.95 19.93
C THR H 82 44.05 28.58 18.55
N TYR H 83 43.15 29.53 18.22
CA TYR H 83 43.31 30.25 16.96
C TYR H 83 44.60 31.08 16.97
N ALA H 84 44.89 31.76 18.07
CA ALA H 84 46.09 32.57 18.11
C ALA H 84 47.33 31.69 17.87
N ARG H 85 47.35 30.49 18.47
CA ARG H 85 48.46 29.58 18.23
C ARG H 85 48.50 29.13 16.78
N ILE H 86 47.34 28.81 16.21
CA ILE H 86 47.32 28.35 14.82
C ILE H 86 47.85 29.41 13.87
N LEU H 87 47.65 30.69 14.17
CA LEU H 87 48.14 31.72 13.27
C LEU H 87 49.67 31.76 13.20
N LYS H 88 50.37 31.28 14.23
CA LYS H 88 51.82 31.30 14.21
C LYS H 88 52.42 30.14 13.43
N ASP H 89 51.62 29.12 13.13
CA ASP H 89 52.13 27.96 12.44
C ASP H 89 52.56 28.29 11.03
N PRO H 90 53.80 28.00 10.63
CA PRO H 90 54.22 28.27 9.24
C PRO H 90 53.77 27.23 8.23
N ARG H 91 53.08 26.16 8.61
CA ARG H 91 52.67 25.18 7.59
C ARG H 91 51.47 25.67 6.77
N HIS H 92 51.00 26.89 7.03
CA HIS H 92 49.91 27.48 6.27
C HIS H 92 50.07 28.99 6.38
N HIS H 93 49.38 29.70 5.49
CA HIS H 93 49.48 31.14 5.44
C HIS H 93 48.15 31.67 4.94
N SER H 94 47.96 32.99 5.03
CA SER H 94 46.74 33.65 4.53
C SER H 94 45.48 33.11 5.22
N ALA H 95 45.48 33.10 6.54
CA ALA H 95 44.30 32.63 7.24
C ALA H 95 43.20 33.70 7.17
N GLU H 96 41.97 33.24 7.01
CA GLU H 96 40.78 34.09 6.96
C GLU H 96 39.71 33.53 7.89
N ILE H 97 39.23 34.36 8.84
CA ILE H 97 38.11 33.96 9.69
C ILE H 97 36.81 33.92 8.88
N VAL H 98 36.05 32.84 9.02
CA VAL H 98 34.77 32.70 8.35
C VAL H 98 33.62 33.06 9.28
N GLU H 99 33.65 32.60 10.52
CA GLU H 99 32.55 32.88 11.42
C GLU H 99 33.01 32.62 12.85
N PHE H 100 32.45 33.38 13.80
CA PHE H 100 32.64 33.06 15.20
C PHE H 100 31.42 33.50 15.97
N LYS H 101 30.70 32.54 16.59
CA LYS H 101 29.41 32.78 17.25
C LYS H 101 29.13 31.76 18.36
N ALA H 102 28.23 32.13 19.27
CA ALA H 102 27.76 31.24 20.30
C ALA H 102 26.79 30.22 19.68
N ILE H 103 26.75 29.01 20.24
CA ILE H 103 25.92 27.94 19.69
C ILE H 103 25.23 27.21 20.85
N GLU H 104 24.01 26.73 20.59
CA GLU H 104 23.27 26.01 21.63
C GLU H 104 23.86 24.60 21.87
N GLU H 105 24.30 23.92 20.81
CA GLU H 105 24.88 22.60 20.94
C GLU H 105 25.95 22.41 19.89
N ARG H 106 26.89 21.50 20.18
CA ARG H 106 27.93 21.14 19.24
C ARG H 106 27.39 20.31 18.08
N THR H 107 28.02 20.46 16.92
CA THR H 107 27.83 19.57 15.80
C THR H 107 28.95 18.52 15.70
N PHE H 108 30.19 18.94 15.91
CA PHE H 108 31.31 18.06 15.68
C PHE H 108 31.76 17.43 17.00
N ILE H 109 30.95 16.50 17.48
CA ILE H 109 31.09 16.02 18.86
C ILE H 109 32.20 14.98 18.96
N ASN H 110 32.25 14.05 18.01
CA ASN H 110 32.98 12.79 18.20
C ASN H 110 34.48 12.98 18.26
N TRP H 111 35.00 14.02 17.61
CA TRP H 111 36.48 14.11 17.52
C TRP H 111 37.04 15.42 18.07
N SER H 112 38.16 15.33 18.80
CA SER H 112 38.87 16.53 19.29
C SER H 112 39.45 17.23 18.07
N MET H 113 39.82 16.46 17.07
CA MET H 113 40.33 17.01 15.79
C MET H 113 40.37 15.83 14.82
N ARG H 114 39.73 15.97 13.67
CA ARG H 114 39.76 14.89 12.66
C ARG H 114 40.09 15.50 11.31
N LEU H 115 41.03 14.89 10.58
CA LEU H 115 41.40 15.41 9.24
C LEU H 115 40.67 14.63 8.16
N VAL H 116 40.11 15.35 7.21
CA VAL H 116 39.46 14.77 6.04
C VAL H 116 40.13 15.39 4.83
N GLN H 117 40.71 14.57 3.96
CA GLN H 117 41.34 15.04 2.75
C GLN H 117 40.41 14.81 1.58
N LEU H 118 40.07 15.88 0.83
CA LEU H 118 39.08 15.76 -0.24
C LEU H 118 39.58 14.94 -1.43
N GLY H 119 40.90 14.89 -1.67
CA GLY H 119 41.45 14.12 -2.77
C GLY H 119 41.50 12.63 -2.52
N GLU H 120 41.42 12.22 -1.25
CA GLU H 120 41.33 10.80 -0.92
C GLU H 120 39.87 10.37 -0.83
N MET H 121 39.00 10.93 -1.68
CA MET H 121 37.59 10.58 -1.66
C MET H 121 37.05 10.50 -3.08
N ASP H 122 35.83 9.97 -3.18
CA ASP H 122 35.16 9.78 -4.49
C ASP H 122 34.93 11.12 -5.15
N SER H 123 35.57 11.31 -6.31
CA SER H 123 35.44 12.59 -7.04
C SER H 123 33.99 13.04 -7.04
N ASP H 124 33.05 12.11 -7.24
CA ASP H 124 31.62 12.48 -7.36
C ASP H 124 31.07 13.05 -6.04
N THR H 125 30.99 12.25 -4.98
CA THR H 125 30.38 12.72 -3.76
C THR H 125 31.07 13.96 -3.27
N ILE H 126 32.37 14.04 -3.43
CA ILE H 126 32.99 15.27 -2.99
C ILE H 126 32.71 16.38 -4.00
N ARG H 127 32.86 16.09 -5.28
CA ARG H 127 32.58 17.10 -6.28
C ARG H 127 31.15 17.63 -6.14
N ARG H 128 30.18 16.72 -5.98
CA ARG H 128 28.81 17.22 -5.90
C ARG H 128 28.58 17.90 -4.55
N LEU H 129 29.14 17.38 -3.46
CA LEU H 129 29.04 18.07 -2.19
C LEU H 129 29.64 19.46 -2.27
N ARG H 130 30.82 19.57 -2.88
CA ARG H 130 31.48 20.87 -3.03
C ARG H 130 30.70 21.82 -3.94
N LEU H 131 30.05 21.31 -4.98
CA LEU H 131 29.23 22.17 -5.82
C LEU H 131 28.02 22.63 -5.05
N LYS H 132 27.50 21.73 -4.22
CA LYS H 132 26.27 21.99 -3.48
C LYS H 132 26.39 23.27 -2.68
N TYR H 133 27.57 23.50 -2.09
CA TYR H 133 27.74 24.55 -1.09
C TYR H 133 28.72 25.62 -1.55
N SER H 134 28.90 25.81 -2.85
CA SER H 134 29.86 26.80 -3.32
C SER H 134 29.64 27.04 -4.81
N PRO H 135 30.06 28.18 -5.33
CA PRO H 135 29.94 28.44 -6.76
C PRO H 135 31.11 27.95 -7.60
N ALA H 136 32.15 27.43 -6.96
CA ALA H 136 33.41 27.23 -7.64
C ALA H 136 33.49 25.83 -8.25
N ALA H 137 34.32 25.71 -9.29
CA ALA H 137 34.53 24.45 -10.00
C ALA H 137 35.49 23.52 -9.26
N THR H 138 36.24 24.02 -8.29
CA THR H 138 37.07 23.26 -7.37
C THR H 138 36.82 23.77 -5.95
N PHE H 139 37.40 23.09 -4.96
CA PHE H 139 37.27 23.49 -3.57
C PHE H 139 37.96 24.83 -3.33
N GLN H 140 37.14 25.85 -3.01
CA GLN H 140 37.62 27.22 -2.78
C GLN H 140 36.87 27.83 -1.61
N PRO H 141 37.27 27.51 -0.38
CA PRO H 141 36.53 28.03 0.77
C PRO H 141 36.40 29.55 0.79
N ARG H 142 37.23 30.26 0.03
CA ARG H 142 37.16 31.73 0.05
C ARG H 142 35.89 32.25 -0.63
N SER H 143 35.26 31.44 -1.46
CA SER H 143 34.02 31.80 -2.13
C SER H 143 32.79 31.30 -1.40
N MET H 144 32.93 30.78 -0.18
CA MET H 144 31.83 30.16 0.54
C MET H 144 31.39 30.99 1.73
N THR H 145 30.10 31.02 1.96
CA THR H 145 29.62 31.72 3.13
C THR H 145 29.84 30.89 4.37
N ALA H 146 29.65 31.54 5.52
CA ALA H 146 29.68 30.88 6.81
C ALA H 146 28.72 29.68 6.85
N GLU H 147 27.49 29.86 6.36
CA GLU H 147 26.53 28.76 6.47
C GLU H 147 26.89 27.62 5.54
N GLN H 148 27.47 27.96 4.38
CA GLN H 148 27.93 26.94 3.46
C GLN H 148 29.15 26.19 4.03
N CYS H 149 30.09 26.90 4.66
CA CYS H 149 31.22 26.17 5.22
C CYS H 149 30.74 25.18 6.27
N PHE H 150 29.87 25.66 7.16
CA PHE H 150 29.34 24.82 8.22
C PHE H 150 28.66 23.60 7.65
N ARG H 151 27.80 23.80 6.65
CA ARG H 151 27.04 22.68 6.11
C ARG H 151 27.93 21.74 5.33
N PHE H 152 28.93 22.29 4.64
CA PHE H 152 29.92 21.47 3.96
C PHE H 152 30.65 20.60 4.97
N LEU H 153 31.10 21.23 6.07
CA LEU H 153 31.84 20.49 7.09
C LEU H 153 30.95 19.45 7.76
N LYS H 154 29.69 19.78 7.98
CA LYS H 154 28.78 18.89 8.69
C LYS H 154 28.50 17.64 7.86
N GLU H 155 28.31 17.78 6.55
CA GLU H 155 28.11 16.60 5.74
C GLU H 155 29.39 15.75 5.70
N LEU H 156 30.57 16.39 5.72
CA LEU H 156 31.80 15.61 5.77
C LEU H 156 31.89 14.84 7.07
N TYR H 157 31.61 15.51 8.19
CA TYR H 157 31.65 14.85 9.48
C TYR H 157 30.67 13.67 9.53
N ASP H 158 29.48 13.86 8.94
CA ASP H 158 28.45 12.84 8.91
C ASP H 158 28.81 11.64 8.04
N MET H 159 29.57 11.86 6.95
CA MET H 159 29.93 10.76 6.06
C MET H 159 31.05 9.92 6.63
N SER H 160 31.97 10.54 7.32
CA SER H 160 33.16 9.90 7.86
C SER H 160 33.00 9.41 9.29
N GLN H 161 31.82 8.94 9.66
CA GLN H 161 31.66 8.21 10.92
C GLN H 161 31.90 6.71 10.71
N MET I 21 31.65 36.64 -4.38
CA MET I 21 30.40 37.26 -3.95
C MET I 21 29.24 36.26 -3.70
N GLY I 22 29.47 34.98 -3.98
CA GLY I 22 28.61 33.94 -3.50
C GLY I 22 27.85 33.23 -4.61
N LEU I 23 27.16 32.17 -4.17
CA LEU I 23 26.35 31.34 -5.02
C LEU I 23 25.01 32.01 -5.35
N HIS I 24 24.64 31.93 -6.62
CA HIS I 24 23.41 32.52 -7.08
C HIS I 24 22.66 31.53 -7.94
N ARG I 25 21.37 31.79 -8.11
CA ARG I 25 20.58 31.06 -9.08
C ARG I 25 19.86 32.03 -9.98
N LEU I 26 19.89 31.75 -11.27
CA LEU I 26 19.15 32.47 -12.28
C LEU I 26 18.09 31.55 -12.86
N ILE I 27 16.92 32.12 -13.14
CA ILE I 27 15.90 31.44 -13.94
C ILE I 27 15.44 32.41 -15.01
N PHE I 28 15.39 31.94 -16.25
CA PHE I 28 14.84 32.70 -17.38
C PHE I 28 14.10 31.73 -18.30
N LEU I 29 13.27 32.28 -19.17
CA LEU I 29 12.52 31.54 -20.17
C LEU I 29 12.72 32.21 -21.52
N SER I 30 12.35 31.50 -22.59
CA SER I 30 12.46 32.08 -23.93
C SER I 30 11.60 31.28 -24.90
N CYS I 31 11.32 31.90 -26.05
CA CYS I 31 10.59 31.25 -27.14
C CYS I 31 11.59 30.62 -28.08
N ALA I 32 11.42 29.33 -28.35
CA ALA I 32 12.30 28.64 -29.28
C ALA I 32 12.10 29.13 -30.72
N THR I 33 13.18 29.14 -31.46
CA THR I 33 13.07 29.44 -32.89
C THR I 33 12.34 28.29 -33.58
N ASP I 34 11.51 28.66 -34.56
CA ASP I 34 10.72 27.68 -35.29
C ASP I 34 11.59 26.68 -36.02
N GLY I 35 11.16 25.43 -35.97
CA GLY I 35 11.80 24.36 -36.69
C GLY I 35 12.95 23.70 -35.97
N LEU I 36 13.17 24.01 -34.69
CA LEU I 36 14.25 23.41 -33.93
C LEU I 36 14.16 21.88 -33.96
N SER I 37 15.29 21.22 -34.17
CA SER I 37 15.30 19.76 -34.29
C SER I 37 16.05 19.18 -33.12
N TYR I 38 15.96 17.86 -32.97
CA TYR I 38 16.73 17.21 -31.91
C TYR I 38 18.21 17.50 -32.01
N PRO I 39 18.87 17.35 -33.15
CA PRO I 39 20.29 17.68 -33.21
C PRO I 39 20.60 19.09 -32.69
N ASP I 40 19.69 20.04 -32.89
CA ASP I 40 19.87 21.37 -32.31
C ASP I 40 19.85 21.33 -30.78
N LEU I 41 18.88 20.60 -30.20
CA LEU I 41 18.82 20.49 -28.74
C LEU I 41 20.06 19.81 -28.20
N ARG I 42 20.52 18.75 -28.88
CA ARG I 42 21.70 18.01 -28.43
C ARG I 42 22.94 18.88 -28.54
N ASP I 43 22.97 19.75 -29.57
CA ASP I 43 24.09 20.67 -29.70
C ASP I 43 24.11 21.65 -28.53
N ILE I 44 22.95 22.17 -28.14
CA ILE I 44 22.90 23.04 -26.97
C ILE I 44 23.40 22.30 -25.74
N MET I 45 22.88 21.09 -25.51
CA MET I 45 23.29 20.34 -24.33
C MET I 45 24.79 20.11 -24.31
N ALA I 46 25.38 19.83 -25.47
CA ALA I 46 26.78 19.46 -25.51
C ALA I 46 27.68 20.65 -25.20
N LYS I 47 27.39 21.82 -25.78
CA LYS I 47 28.21 22.99 -25.45
C LYS I 47 27.96 23.48 -24.02
N SER I 48 26.69 23.46 -23.59
CA SER I 48 26.38 23.93 -22.24
C SER I 48 27.08 23.10 -21.19
N GLU I 49 27.09 21.77 -21.35
CA GLU I 49 27.76 20.93 -20.37
C GLU I 49 29.24 21.29 -20.27
N VAL I 50 29.91 21.50 -21.40
CA VAL I 50 31.34 21.76 -21.35
C VAL I 50 31.61 23.13 -20.75
N ASN I 51 30.92 24.16 -21.25
CA ASN I 51 31.15 25.51 -20.72
C ASN I 51 30.78 25.59 -19.25
N ASN I 52 29.62 25.03 -18.90
CA ASN I 52 29.17 25.16 -17.52
C ASN I 52 30.10 24.45 -16.56
N LEU I 53 30.55 23.26 -16.94
CA LEU I 53 31.49 22.53 -16.09
C LEU I 53 32.73 23.37 -15.82
N ARG I 54 33.23 24.06 -16.85
CA ARG I 54 34.38 24.95 -16.70
C ARG I 54 34.08 26.12 -15.76
N ASP I 55 32.88 26.69 -15.85
CA ASP I 55 32.52 27.92 -15.19
C ASP I 55 31.97 27.75 -13.77
N GLY I 56 31.94 26.52 -13.25
CA GLY I 56 31.32 26.20 -11.97
C GLY I 56 29.80 26.31 -11.96
N ILE I 57 29.18 26.22 -13.12
CA ILE I 57 27.74 26.41 -13.30
C ILE I 57 27.03 25.07 -13.39
N THR I 58 25.92 24.92 -12.67
CA THR I 58 25.02 23.80 -12.84
C THR I 58 23.66 24.32 -13.31
N GLY I 59 22.78 23.40 -13.71
CA GLY I 59 21.46 23.86 -14.10
C GLY I 59 20.68 22.81 -14.88
N MET I 60 19.56 23.28 -15.41
CA MET I 60 18.63 22.43 -16.13
C MET I 60 17.89 23.23 -17.18
N LEU I 61 17.67 22.62 -18.34
CA LEU I 61 16.93 23.23 -19.42
C LEU I 61 15.72 22.38 -19.73
N CYS I 62 14.56 23.03 -19.75
CA CYS I 62 13.27 22.42 -20.01
C CYS I 62 12.79 22.91 -21.35
N TYR I 63 12.38 21.99 -22.21
CA TYR I 63 11.87 22.35 -23.52
C TYR I 63 10.50 21.72 -23.74
N GLY I 64 9.53 22.54 -24.18
CA GLY I 64 8.19 22.10 -24.47
C GLY I 64 7.30 23.17 -25.07
N ASN I 65 6.38 22.79 -25.95
CA ASN I 65 5.38 23.72 -26.46
C ASN I 65 6.02 25.00 -26.99
N GLY I 66 7.16 24.83 -27.65
CA GLY I 66 7.90 25.90 -28.28
C GLY I 66 8.58 26.88 -27.37
N MET I 67 8.68 26.55 -26.07
CA MET I 67 9.21 27.39 -25.02
C MET I 67 10.41 26.75 -24.35
N PHE I 68 11.38 27.57 -23.93
CA PHE I 68 12.48 27.14 -23.07
C PHE I 68 12.29 27.69 -21.66
N LEU I 69 12.63 26.89 -20.65
CA LEU I 69 12.72 27.34 -19.26
C LEU I 69 14.01 26.78 -18.70
N GLN I 70 14.90 27.66 -18.25
CA GLN I 70 16.22 27.28 -17.81
C GLN I 70 16.53 27.88 -16.43
N THR I 71 17.32 27.13 -15.68
CA THR I 71 17.93 27.63 -14.47
C THR I 71 19.42 27.33 -14.53
N LEU I 72 20.22 28.30 -14.06
CA LEU I 72 21.67 28.20 -13.93
C LEU I 72 22.04 28.57 -12.50
N GLU I 73 22.89 27.77 -11.87
CA GLU I 73 23.38 28.06 -10.54
C GLU I 73 24.88 28.25 -10.61
N GLY I 74 25.39 29.24 -9.88
CA GLY I 74 26.82 29.44 -9.81
C GLY I 74 27.18 30.83 -9.31
N ASP I 75 28.38 31.26 -9.68
CA ASP I 75 28.91 32.56 -9.30
C ASP I 75 28.10 33.64 -9.98
N ARG I 76 27.92 34.76 -9.28
CA ARG I 76 27.13 35.88 -9.80
C ARG I 76 27.67 36.37 -11.13
N GLN I 77 29.00 36.49 -11.24
CA GLN I 77 29.61 36.97 -12.47
C GLN I 77 29.54 35.92 -13.57
N LYS I 78 29.92 34.68 -13.26
CA LYS I 78 29.93 33.64 -14.28
C LYS I 78 28.55 33.43 -14.88
N VAL I 79 27.55 33.22 -14.02
CA VAL I 79 26.17 33.03 -14.50
C VAL I 79 25.72 34.24 -15.34
N SER I 80 26.10 35.47 -14.94
CA SER I 80 25.75 36.63 -15.76
C SER I 80 26.38 36.53 -17.15
N GLU I 81 27.68 36.22 -17.21
CA GLU I 81 28.37 36.13 -18.50
C GLU I 81 27.77 35.05 -19.38
N THR I 82 27.43 33.90 -18.79
CA THR I 82 26.78 32.87 -19.61
C THR I 82 25.44 33.33 -20.15
N TYR I 83 24.63 33.99 -19.32
CA TYR I 83 23.34 34.48 -19.78
C TYR I 83 23.50 35.47 -20.93
N ALA I 84 24.47 36.39 -20.83
CA ALA I 84 24.72 37.33 -21.93
C ALA I 84 25.10 36.57 -23.22
N ARG I 85 25.81 35.44 -23.08
CA ARG I 85 26.12 34.58 -24.24
C ARG I 85 24.87 33.91 -24.78
N ILE I 86 24.05 33.34 -23.90
CA ILE I 86 22.82 32.68 -24.32
C ILE I 86 21.92 33.64 -25.08
N LEU I 87 21.93 34.94 -24.71
CA LEU I 87 21.06 35.90 -25.41
C LEU I 87 21.45 36.07 -26.88
N LYS I 88 22.70 35.76 -27.24
CA LYS I 88 23.20 35.88 -28.61
C LYS I 88 22.82 34.69 -29.49
N ASP I 89 22.35 33.62 -28.90
CA ASP I 89 22.04 32.44 -29.65
C ASP I 89 20.81 32.63 -30.53
N PRO I 90 20.90 32.27 -31.82
CA PRO I 90 19.75 32.41 -32.72
C PRO I 90 18.73 31.28 -32.59
N ARG I 91 18.99 30.26 -31.75
CA ARG I 91 17.99 29.20 -31.62
C ARG I 91 16.78 29.60 -30.76
N HIS I 92 16.72 30.82 -30.24
CA HIS I 92 15.60 31.30 -29.44
C HIS I 92 15.56 32.82 -29.52
N HIS I 93 14.44 33.39 -29.06
CA HIS I 93 14.19 34.83 -29.05
C HIS I 93 13.24 35.14 -27.90
N SER I 94 13.10 36.45 -27.60
CA SER I 94 12.16 36.92 -26.58
C SER I 94 12.43 36.27 -25.22
N ALA I 95 13.66 36.43 -24.73
CA ALA I 95 14.01 35.93 -23.42
C ALA I 95 13.46 36.86 -22.31
N GLU I 96 13.07 36.24 -21.21
CA GLU I 96 12.56 36.91 -20.01
C GLU I 96 13.33 36.38 -18.82
N ILE I 97 13.88 37.27 -18.00
CA ILE I 97 14.38 36.84 -16.69
C ILE I 97 13.22 36.57 -15.75
N VAL I 98 13.27 35.47 -15.03
CA VAL I 98 12.27 35.16 -13.99
C VAL I 98 12.79 35.50 -12.60
N GLU I 99 14.08 35.31 -12.33
CA GLU I 99 14.58 35.56 -10.99
C GLU I 99 16.11 35.56 -11.01
N PHE I 100 16.70 36.33 -10.10
CA PHE I 100 18.13 36.27 -9.84
C PHE I 100 18.34 36.63 -8.39
N LYS I 101 18.87 35.68 -7.62
CA LYS I 101 19.02 35.95 -6.19
C LYS I 101 20.15 35.09 -5.64
N ALA I 102 20.63 35.49 -4.48
CA ALA I 102 21.59 34.68 -3.79
C ALA I 102 20.87 33.46 -3.27
N ILE I 103 21.60 32.34 -3.15
CA ILE I 103 21.04 31.07 -2.67
C ILE I 103 22.00 30.49 -1.66
N GLU I 104 21.45 29.82 -0.62
CA GLU I 104 22.33 29.20 0.37
C GLU I 104 22.97 27.89 -0.14
N GLU I 105 22.25 27.10 -0.94
CA GLU I 105 22.80 25.84 -1.46
C GLU I 105 22.18 25.54 -2.82
N ARG I 106 22.89 24.75 -3.62
CA ARG I 106 22.35 24.41 -4.93
C ARG I 106 21.22 23.39 -4.81
N THR I 107 20.26 23.51 -5.71
CA THR I 107 19.27 22.46 -5.92
C THR I 107 19.65 21.55 -7.07
N PHE I 108 20.15 22.13 -8.16
CA PHE I 108 20.41 21.37 -9.38
C PHE I 108 21.90 20.97 -9.42
N ILE I 109 22.21 20.02 -8.56
CA ILE I 109 23.61 19.74 -8.25
C ILE I 109 24.27 18.87 -9.31
N ASN I 110 23.55 17.83 -9.76
CA ASN I 110 24.15 16.66 -10.40
C ASN I 110 24.61 16.89 -11.84
N TRP I 111 24.01 17.79 -12.57
CA TRP I 111 24.30 17.94 -13.99
C TRP I 111 24.80 19.35 -14.27
N SER I 112 25.91 19.46 -15.02
CA SER I 112 26.32 20.74 -15.57
C SER I 112 25.21 21.34 -16.41
N MET I 113 24.39 20.47 -16.98
CA MET I 113 23.25 20.89 -17.75
C MET I 113 22.49 19.62 -18.11
N ARG I 114 21.18 19.63 -17.94
CA ARG I 114 20.35 18.50 -18.29
C ARG I 114 19.20 19.06 -19.09
N LEU I 115 18.92 18.45 -20.23
CA LEU I 115 17.79 18.86 -21.05
C LEU I 115 16.64 17.93 -20.74
N VAL I 116 15.46 18.48 -20.53
CA VAL I 116 14.27 17.70 -20.30
C VAL I 116 13.28 18.17 -21.32
N GLN I 117 12.80 17.24 -22.16
CA GLN I 117 11.75 17.52 -23.12
C GLN I 117 10.43 17.03 -22.57
N LEU I 118 9.45 17.94 -22.48
CA LEU I 118 8.17 17.54 -21.91
C LEU I 118 7.47 16.51 -22.81
N GLY I 119 7.84 16.49 -24.09
CA GLY I 119 7.18 15.57 -25.04
C GLY I 119 7.71 14.15 -24.94
N GLU I 120 8.86 13.98 -24.31
CA GLU I 120 9.46 12.64 -24.15
C GLU I 120 9.18 12.16 -22.73
N MET I 121 8.22 12.80 -22.07
CA MET I 121 7.90 12.45 -20.66
C MET I 121 6.44 12.00 -20.58
N ASP I 122 6.10 11.28 -19.51
CA ASP I 122 4.73 10.75 -19.35
C ASP I 122 3.71 11.88 -19.54
N SER I 123 2.94 11.81 -20.61
CA SER I 123 1.91 12.83 -20.90
C SER I 123 1.16 13.16 -19.62
N ASP I 124 0.75 12.15 -18.84
CA ASP I 124 -0.09 12.45 -17.65
C ASP I 124 0.73 13.16 -16.56
N THR I 125 1.92 12.66 -16.25
CA THR I 125 2.76 13.28 -15.20
C THR I 125 2.99 14.76 -15.50
N ILE I 126 3.38 15.08 -16.73
CA ILE I 126 3.69 16.49 -17.10
C ILE I 126 2.43 17.35 -16.97
N ARG I 127 1.32 16.89 -17.50
CA ARG I 127 0.08 17.69 -17.45
C ARG I 127 -0.21 18.04 -16.00
N ARG I 128 -0.01 17.08 -15.11
CA ARG I 128 -0.35 17.30 -13.69
C ARG I 128 0.69 18.24 -13.08
N LEU I 129 1.95 18.08 -13.47
CA LEU I 129 2.96 19.01 -12.98
C LEU I 129 2.78 20.41 -13.57
N ARG I 130 2.45 20.50 -14.85
CA ARG I 130 2.22 21.82 -15.43
C ARG I 130 0.99 22.51 -14.80
N LEU I 131 -0.04 21.73 -14.47
CA LEU I 131 -1.21 22.29 -13.81
C LEU I 131 -0.86 22.70 -12.40
N LYS I 132 -0.08 21.86 -11.72
CA LYS I 132 0.22 22.11 -10.33
C LYS I 132 0.83 23.50 -10.13
N TYR I 133 1.70 23.93 -11.05
CA TYR I 133 2.52 25.13 -10.85
C TYR I 133 2.22 26.22 -11.87
N SER I 134 1.04 26.20 -12.46
CA SER I 134 0.77 27.12 -13.55
C SER I 134 -0.74 27.17 -13.79
N PRO I 135 -1.24 28.29 -14.29
CA PRO I 135 -2.67 28.43 -14.62
C PRO I 135 -3.04 28.06 -16.06
N ALA I 136 -2.06 27.66 -16.85
CA ALA I 136 -2.21 27.53 -18.29
C ALA I 136 -2.61 26.12 -18.70
N ALA I 137 -3.32 26.04 -19.82
CA ALA I 137 -3.76 24.75 -20.37
C ALA I 137 -2.66 24.02 -21.12
N THR I 138 -1.59 24.73 -21.48
CA THR I 138 -0.39 24.18 -22.09
C THR I 138 0.81 24.74 -21.32
N PHE I 139 2.00 24.27 -21.67
CA PHE I 139 3.21 24.78 -21.03
C PHE I 139 3.41 26.24 -21.43
N GLN I 140 3.30 27.16 -20.45
CA GLN I 140 3.38 28.60 -20.68
C GLN I 140 4.20 29.21 -19.55
N PRO I 141 5.52 29.14 -19.61
CA PRO I 141 6.35 29.66 -18.49
C PRO I 141 6.18 31.18 -18.22
N ARG I 142 5.68 31.97 -19.16
CA ARG I 142 5.45 33.39 -18.93
C ARG I 142 4.30 33.65 -17.97
N SER I 143 3.47 32.66 -17.69
CA SER I 143 2.36 32.79 -16.75
C SER I 143 2.69 32.25 -15.36
N MET I 144 3.94 31.85 -15.11
CA MET I 144 4.35 31.29 -13.83
C MET I 144 5.26 32.23 -13.05
N THR I 145 5.09 32.21 -11.74
CA THR I 145 5.92 32.99 -10.84
C THR I 145 7.32 32.36 -10.71
N ALA I 146 8.22 33.15 -10.13
CA ALA I 146 9.56 32.64 -9.88
C ALA I 146 9.52 31.36 -9.06
N GLU I 147 8.74 31.33 -7.98
CA GLU I 147 8.76 30.15 -7.13
C GLU I 147 8.11 28.96 -7.84
N GLN I 148 7.13 29.23 -8.69
CA GLN I 148 6.53 28.16 -9.47
C GLN I 148 7.49 27.59 -10.50
N CYS I 149 8.24 28.45 -11.19
CA CYS I 149 9.25 27.96 -12.11
C CYS I 149 10.30 27.14 -11.37
N PHE I 150 10.73 27.61 -10.22
CA PHE I 150 11.71 26.84 -9.46
C PHE I 150 11.17 25.46 -9.10
N ARG I 151 9.95 25.43 -8.55
CA ARG I 151 9.42 24.15 -8.07
C ARG I 151 9.09 23.21 -9.23
N PHE I 152 8.65 23.77 -10.38
CA PHE I 152 8.46 22.95 -11.59
C PHE I 152 9.76 22.29 -12.00
N LEU I 153 10.84 23.08 -12.12
CA LEU I 153 12.13 22.54 -12.50
C LEU I 153 12.65 21.58 -11.45
N LYS I 154 12.36 21.84 -10.17
CA LYS I 154 12.86 20.93 -9.15
C LYS I 154 12.23 19.55 -9.31
N GLU I 155 10.92 19.47 -9.54
CA GLU I 155 10.31 18.17 -9.69
C GLU I 155 10.79 17.47 -10.96
N LEU I 156 10.99 18.22 -12.05
CA LEU I 156 11.55 17.60 -13.25
C LEU I 156 12.92 17.00 -12.95
N TYR I 157 13.76 17.76 -12.26
CA TYR I 157 15.09 17.28 -11.90
C TYR I 157 14.99 16.06 -10.99
N ASP I 158 14.04 16.06 -10.04
CA ASP I 158 13.97 14.99 -9.07
C ASP I 158 13.48 13.70 -9.68
N MET I 159 12.63 13.80 -10.68
CA MET I 159 12.11 12.59 -11.36
C MET I 159 13.12 12.16 -12.43
N SER I 160 13.81 13.10 -13.08
CA SER I 160 14.70 12.76 -14.22
C SER I 160 16.06 12.24 -13.72
N GLN I 161 16.17 11.93 -12.44
CA GLN I 161 17.46 11.49 -11.88
C GLN I 161 17.79 10.09 -12.41
N HIS J 20 -1.77 38.10 -17.58
CA HIS J 20 -1.21 36.98 -16.82
C HIS J 20 -0.80 37.44 -15.39
N MET J 21 -1.72 37.31 -14.43
CA MET J 21 -1.46 37.72 -13.05
C MET J 21 -1.35 36.54 -12.09
N GLY J 22 -1.39 35.33 -12.59
CA GLY J 22 -0.97 34.12 -11.92
C GLY J 22 -2.12 33.18 -11.58
N LEU J 23 -1.77 32.19 -10.80
CA LEU J 23 -2.69 31.14 -10.44
C LEU J 23 -3.53 31.62 -9.29
N HIS J 24 -4.83 31.36 -9.38
CA HIS J 24 -5.76 31.81 -8.34
C HIS J 24 -6.68 30.68 -7.97
N ARG J 25 -7.31 30.81 -6.81
CA ARG J 25 -8.35 29.84 -6.45
C ARG J 25 -9.63 30.58 -6.09
N LEU J 26 -10.73 30.12 -6.66
CA LEU J 26 -12.03 30.62 -6.31
C LEU J 26 -12.77 29.54 -5.52
N ILE J 27 -13.49 29.95 -4.50
CA ILE J 27 -14.45 29.10 -3.83
C ILE J 27 -15.76 29.88 -3.73
N PHE J 28 -16.86 29.27 -4.16
CA PHE J 28 -18.17 29.87 -3.99
C PHE J 28 -19.18 28.78 -3.61
N LEU J 29 -20.32 29.24 -3.09
CA LEU J 29 -21.43 28.37 -2.78
C LEU J 29 -22.70 28.96 -3.41
N SER J 30 -23.72 28.13 -3.50
CA SER J 30 -24.98 28.59 -4.08
C SER J 30 -26.09 27.63 -3.64
N CYS J 31 -27.31 28.08 -3.87
CA CYS J 31 -28.48 27.27 -3.64
C CYS J 31 -28.98 26.64 -4.95
N ALA J 32 -29.15 25.32 -4.96
CA ALA J 32 -29.74 24.68 -6.14
C ALA J 32 -31.22 25.04 -6.29
N THR J 33 -31.61 25.39 -7.51
CA THR J 33 -33.00 25.70 -7.81
C THR J 33 -33.87 24.44 -7.73
N ASP J 34 -35.10 24.59 -7.21
CA ASP J 34 -35.97 23.46 -6.94
C ASP J 34 -36.24 22.63 -8.18
N GLY J 35 -36.20 21.32 -8.01
CA GLY J 35 -36.43 20.42 -9.11
C GLY J 35 -35.15 19.97 -9.77
N LEU J 36 -34.01 20.41 -9.27
CA LEU J 36 -32.75 20.04 -9.88
C LEU J 36 -32.75 18.54 -10.09
N SER J 37 -32.42 18.13 -11.31
CA SER J 37 -32.55 16.73 -11.71
C SER J 37 -31.20 16.08 -11.94
N TYR J 38 -31.19 14.76 -11.83
CA TYR J 38 -29.98 14.02 -12.14
C TYR J 38 -29.39 14.31 -13.55
N PRO J 39 -30.18 14.29 -14.65
CA PRO J 39 -29.62 14.72 -15.93
C PRO J 39 -29.09 16.15 -15.89
N ASP J 40 -29.63 17.00 -15.04
CA ASP J 40 -29.19 18.42 -15.02
C ASP J 40 -27.75 18.45 -14.49
N LEU J 41 -27.46 17.66 -13.46
CA LEU J 41 -26.10 17.61 -12.88
C LEU J 41 -25.13 17.06 -13.93
N ARG J 42 -25.55 16.05 -14.65
CA ARG J 42 -24.63 15.42 -15.63
C ARG J 42 -24.36 16.43 -16.74
N ASP J 43 -25.37 17.19 -17.11
CA ASP J 43 -25.11 18.25 -18.12
C ASP J 43 -24.09 19.21 -17.50
N ILE J 44 -24.31 19.59 -16.25
CA ILE J 44 -23.36 20.58 -15.70
C ILE J 44 -21.95 20.01 -15.81
N MET J 45 -21.80 18.77 -15.35
CA MET J 45 -20.47 18.16 -15.36
C MET J 45 -19.92 18.07 -16.77
N ALA J 46 -20.77 17.87 -17.78
CA ALA J 46 -20.28 17.69 -19.14
C ALA J 46 -19.74 18.99 -19.72
N LYS J 47 -20.44 20.11 -19.49
CA LYS J 47 -19.99 21.41 -20.04
C LYS J 47 -18.78 21.93 -19.26
N SER J 48 -18.72 21.68 -17.95
CA SER J 48 -17.59 22.18 -17.16
C SER J 48 -16.29 21.53 -17.54
N GLU J 49 -16.30 20.21 -17.75
CA GLU J 49 -15.07 19.53 -18.16
C GLU J 49 -14.58 20.10 -19.48
N VAL J 50 -15.49 20.37 -20.41
CA VAL J 50 -15.04 20.85 -21.71
C VAL J 50 -14.54 22.30 -21.58
N ASN J 51 -15.33 23.15 -20.93
CA ASN J 51 -14.91 24.55 -20.78
C ASN J 51 -13.65 24.66 -19.93
N ASN J 52 -13.63 23.98 -18.79
CA ASN J 52 -12.47 24.12 -17.89
C ASN J 52 -11.20 23.57 -18.56
N LEU J 53 -11.30 22.43 -19.21
CA LEU J 53 -10.14 21.92 -19.94
C LEU J 53 -9.69 22.93 -20.97
N ARG J 54 -10.66 23.57 -21.66
CA ARG J 54 -10.29 24.56 -22.66
C ARG J 54 -9.57 25.74 -22.00
N ASP J 55 -9.98 26.13 -20.80
CA ASP J 55 -9.52 27.35 -20.14
C ASP J 55 -8.37 27.13 -19.17
N GLY J 56 -7.81 25.94 -19.08
CA GLY J 56 -6.75 25.69 -18.11
C GLY J 56 -7.19 25.65 -16.67
N ILE J 57 -8.50 25.44 -16.44
CA ILE J 57 -9.11 25.50 -15.12
C ILE J 57 -9.31 24.08 -14.58
N THR J 58 -9.04 23.90 -13.28
CA THR J 58 -9.39 22.67 -12.58
C THR J 58 -10.25 23.01 -11.37
N GLY J 59 -10.88 22.00 -10.79
CA GLY J 59 -11.72 22.27 -9.64
C GLY J 59 -12.58 21.08 -9.25
N MET J 60 -13.51 21.37 -8.35
CA MET J 60 -14.31 20.36 -7.70
C MET J 60 -15.64 20.96 -7.32
N LEU J 61 -16.72 20.21 -7.57
CA LEU J 61 -18.07 20.63 -7.24
C LEU J 61 -18.66 19.66 -6.22
N CYS J 62 -19.15 20.21 -5.12
CA CYS J 62 -19.80 19.47 -4.06
C CYS J 62 -21.29 19.77 -4.05
N TYR J 63 -22.12 18.72 -4.00
CA TYR J 63 -23.58 18.88 -3.90
C TYR J 63 -24.13 18.08 -2.72
N GLY J 64 -24.89 18.75 -1.88
CA GLY J 64 -25.53 18.12 -0.75
C GLY J 64 -26.51 19.09 -0.11
N ASN J 65 -27.62 18.57 0.44
CA ASN J 65 -28.60 19.38 1.17
C ASN J 65 -29.11 20.56 0.35
N GLY J 66 -29.33 20.35 -0.93
CA GLY J 66 -29.79 21.42 -1.79
C GLY J 66 -28.79 22.54 -2.03
N MET J 67 -27.54 22.37 -1.62
CA MET J 67 -26.51 23.38 -1.75
C MET J 67 -25.35 22.93 -2.64
N PHE J 68 -24.74 23.88 -3.35
CA PHE J 68 -23.50 23.71 -4.10
C PHE J 68 -22.34 24.37 -3.34
N LEU J 69 -21.19 23.70 -3.31
CA LEU J 69 -19.91 24.28 -2.87
C LEU J 69 -18.85 23.86 -3.89
N GLN J 70 -18.30 24.82 -4.61
CA GLN J 70 -17.39 24.54 -5.70
C GLN J 70 -16.11 25.34 -5.53
N THR J 71 -15.02 24.82 -6.08
CA THR J 71 -13.78 25.56 -6.14
C THR J 71 -13.23 25.47 -7.56
N LEU J 72 -12.61 26.56 -8.03
CA LEU J 72 -11.98 26.61 -9.34
C LEU J 72 -10.57 27.15 -9.20
N GLU J 73 -9.62 26.53 -9.89
CA GLU J 73 -8.24 27.00 -9.89
C GLU J 73 -7.84 27.31 -11.31
N GLY J 74 -7.09 28.40 -11.46
CA GLY J 74 -6.58 28.76 -12.77
C GLY J 74 -6.27 30.25 -12.82
N ASP J 75 -6.29 30.76 -14.05
CA ASP J 75 -5.95 32.15 -14.33
C ASP J 75 -7.01 33.11 -13.77
N ARG J 76 -6.56 34.25 -13.27
CA ARG J 76 -7.42 35.22 -12.62
C ARG J 76 -8.54 35.64 -13.54
N GLN J 77 -8.20 35.95 -14.78
CA GLN J 77 -9.23 36.37 -15.71
C GLN J 77 -10.14 35.21 -16.10
N LYS J 78 -9.55 34.07 -16.49
CA LYS J 78 -10.40 32.96 -16.91
C LYS J 78 -11.37 32.54 -15.81
N VAL J 79 -10.87 32.36 -14.59
CA VAL J 79 -11.76 31.93 -13.51
C VAL J 79 -12.87 32.95 -13.32
N SER J 80 -12.55 34.25 -13.40
CA SER J 80 -13.59 35.25 -13.28
C SER J 80 -14.64 35.08 -14.37
N GLU J 81 -14.19 35.02 -15.61
CA GLU J 81 -15.14 34.86 -16.69
C GLU J 81 -15.96 33.58 -16.50
N THR J 82 -15.35 32.52 -16.00
CA THR J 82 -16.15 31.33 -15.76
C THR J 82 -17.18 31.54 -14.66
N TYR J 83 -16.80 32.22 -13.58
CA TYR J 83 -17.80 32.54 -12.55
C TYR J 83 -18.92 33.42 -13.13
N ALA J 84 -18.58 34.39 -14.00
CA ALA J 84 -19.65 35.22 -14.57
C ALA J 84 -20.60 34.37 -15.41
N ARG J 85 -20.08 33.37 -16.14
CA ARG J 85 -21.00 32.48 -16.88
C ARG J 85 -21.84 31.64 -15.94
N ILE J 86 -21.24 31.08 -14.88
CA ILE J 86 -21.98 30.27 -13.93
C ILE J 86 -23.09 31.08 -13.29
N LEU J 87 -22.86 32.38 -13.04
CA LEU J 87 -23.89 33.19 -12.43
C LEU J 87 -25.14 33.32 -13.31
N LYS J 88 -25.06 33.08 -14.62
CA LYS J 88 -26.25 33.18 -15.47
C LYS J 88 -27.04 31.88 -15.56
N ASP J 89 -26.58 30.82 -14.93
CA ASP J 89 -27.19 29.52 -15.04
C ASP J 89 -28.43 29.47 -14.16
N PRO J 90 -29.59 29.13 -14.72
CA PRO J 90 -30.84 29.05 -13.91
C PRO J 90 -30.92 27.84 -13.00
N ARG J 91 -29.97 26.90 -13.07
CA ARG J 91 -30.02 25.73 -12.20
C ARG J 91 -29.57 26.00 -10.76
N HIS J 92 -29.17 27.24 -10.44
CA HIS J 92 -28.95 27.64 -9.07
C HIS J 92 -29.15 29.15 -8.97
N HIS J 93 -29.24 29.62 -7.73
CA HIS J 93 -29.47 31.02 -7.39
C HIS J 93 -28.77 31.29 -6.06
N SER J 94 -28.72 32.57 -5.65
CA SER J 94 -28.18 32.96 -4.34
C SER J 94 -26.74 32.47 -4.13
N ALA J 95 -25.88 32.76 -5.08
CA ALA J 95 -24.49 32.43 -4.92
C ALA J 95 -23.83 33.41 -3.96
N GLU J 96 -22.81 32.90 -3.25
CA GLU J 96 -22.00 33.62 -2.28
C GLU J 96 -20.56 33.28 -2.64
N ILE J 97 -19.72 34.31 -2.87
CA ILE J 97 -18.27 34.07 -2.96
C ILE J 97 -17.75 33.77 -1.57
N VAL J 98 -16.91 32.74 -1.44
CA VAL J 98 -16.34 32.39 -0.14
C VAL J 98 -14.93 32.94 0.02
N GLU J 99 -14.13 32.87 -1.04
CA GLU J 99 -12.78 33.43 -1.11
C GLU J 99 -12.30 33.41 -2.57
N PHE J 100 -11.42 34.36 -2.90
CA PHE J 100 -10.75 34.42 -4.20
C PHE J 100 -9.35 34.96 -3.98
N LYS J 101 -8.32 34.17 -4.29
CA LYS J 101 -6.98 34.63 -3.95
C LYS J 101 -5.95 33.94 -4.84
N ALA J 102 -4.75 34.51 -4.81
CA ALA J 102 -3.59 33.95 -5.48
C ALA J 102 -3.10 32.74 -4.70
N ILE J 103 -2.59 31.76 -5.42
CA ILE J 103 -2.08 30.55 -4.79
C ILE J 103 -0.75 30.20 -5.42
N GLU J 104 0.13 29.60 -4.61
CA GLU J 104 1.43 29.20 -5.15
C GLU J 104 1.29 27.91 -5.94
N GLU J 105 0.41 26.99 -5.51
CA GLU J 105 0.23 25.73 -6.23
C GLU J 105 -1.22 25.29 -6.16
N ARG J 106 -1.62 24.52 -7.17
CA ARG J 106 -2.96 23.96 -7.24
C ARG J 106 -3.11 22.82 -6.25
N THR J 107 -4.29 22.69 -5.66
CA THR J 107 -4.64 21.49 -4.90
C THR J 107 -5.50 20.53 -5.72
N PHE J 108 -6.46 21.08 -6.46
CA PHE J 108 -7.42 20.27 -7.19
C PHE J 108 -6.86 20.04 -8.59
N ILE J 109 -5.79 19.24 -8.64
CA ILE J 109 -5.03 19.11 -9.88
C ILE J 109 -5.71 18.16 -10.82
N ASN J 110 -6.32 17.11 -10.26
CA ASN J 110 -6.65 15.92 -11.04
C ASN J 110 -7.81 16.11 -12.02
N TRP J 111 -8.77 16.97 -11.73
CA TRP J 111 -9.97 17.01 -12.54
C TRP J 111 -10.17 18.42 -13.06
N SER J 112 -10.41 18.56 -14.37
CA SER J 112 -10.86 19.87 -14.82
C SER J 112 -12.20 20.20 -14.15
N MET J 113 -12.95 19.17 -13.74
CA MET J 113 -14.17 19.31 -12.93
C MET J 113 -14.66 17.93 -12.47
N ARG J 114 -14.87 17.75 -11.16
CA ARG J 114 -15.40 16.52 -10.58
C ARG J 114 -16.60 16.78 -9.68
N LEU J 115 -17.66 15.99 -9.82
CA LEU J 115 -18.85 16.09 -8.98
C LEU J 115 -18.77 15.10 -7.82
N VAL J 116 -19.06 15.58 -6.62
CA VAL J 116 -19.16 14.71 -5.46
C VAL J 116 -20.54 14.94 -4.85
N GLN J 117 -21.35 13.88 -4.79
CA GLN J 117 -22.66 13.97 -4.18
C GLN J 117 -22.54 13.48 -2.74
N LEU J 118 -22.85 14.36 -1.78
CA LEU J 118 -22.71 13.99 -0.38
C LEU J 118 -23.71 12.90 -0.03
N GLY J 119 -24.86 12.88 -0.70
CA GLY J 119 -25.90 11.87 -0.47
C GLY J 119 -25.50 10.44 -0.86
N GLU J 120 -24.54 10.28 -1.77
CA GLU J 120 -24.10 8.95 -2.16
C GLU J 120 -22.86 8.51 -1.41
N MET J 121 -22.64 9.06 -0.23
CA MET J 121 -21.40 8.73 0.44
C MET J 121 -21.71 8.21 1.84
N ASP J 122 -20.73 7.52 2.40
CA ASP J 122 -20.91 6.94 3.73
C ASP J 122 -21.48 7.96 4.68
N SER J 123 -22.70 7.72 5.15
CA SER J 123 -23.37 8.65 6.05
C SER J 123 -22.50 9.06 7.24
N ASP J 124 -21.59 8.18 7.66
CA ASP J 124 -20.74 8.42 8.80
C ASP J 124 -19.49 9.18 8.39
N THR J 125 -18.90 8.82 7.25
CA THR J 125 -17.73 9.53 6.79
C THR J 125 -18.05 11.00 6.52
N ILE J 126 -19.22 11.26 5.92
CA ILE J 126 -19.68 12.61 5.57
C ILE J 126 -20.17 13.39 6.79
N ARG J 127 -20.86 12.71 7.70
CA ARG J 127 -21.30 13.39 8.91
C ARG J 127 -20.10 13.90 9.69
N ARG J 128 -19.10 13.03 9.85
CA ARG J 128 -17.91 13.42 10.60
C ARG J 128 -17.17 14.57 9.90
N LEU J 129 -17.02 14.46 8.58
CA LEU J 129 -16.38 15.52 7.81
C LEU J 129 -17.19 16.80 7.85
N ARG J 130 -18.53 16.68 7.83
CA ARG J 130 -19.35 17.88 7.91
C ARG J 130 -19.18 18.58 9.26
N LEU J 131 -19.15 17.81 10.35
CA LEU J 131 -18.96 18.44 11.66
C LEU J 131 -17.56 18.97 11.80
N LYS J 132 -16.59 18.22 11.27
CA LYS J 132 -15.20 18.60 11.43
C LYS J 132 -14.97 20.06 11.06
N TYR J 133 -15.68 20.54 10.03
CA TYR J 133 -15.37 21.83 9.40
C TYR J 133 -16.54 22.84 9.39
N SER J 134 -17.51 22.72 10.28
CA SER J 134 -18.64 23.63 10.31
C SER J 134 -19.41 23.43 11.62
N PRO J 135 -20.11 24.45 12.07
CA PRO J 135 -20.92 24.32 13.30
C PRO J 135 -22.32 23.75 13.10
N ALA J 136 -22.68 23.37 11.88
CA ALA J 136 -24.06 23.02 11.57
C ALA J 136 -24.30 21.51 11.66
N ALA J 137 -25.53 21.15 12.04
CA ALA J 137 -25.93 19.74 12.07
C ALA J 137 -26.26 19.18 10.69
N THR J 138 -26.38 20.01 9.67
CA THR J 138 -26.51 19.55 8.30
C THR J 138 -25.52 20.35 7.46
N PHE J 139 -25.34 19.95 6.20
CA PHE J 139 -24.44 20.67 5.32
C PHE J 139 -24.89 22.12 5.10
N GLN J 140 -24.14 23.09 5.63
CA GLN J 140 -24.49 24.52 5.49
C GLN J 140 -23.24 25.31 5.18
N PRO J 141 -22.80 25.30 3.93
CA PRO J 141 -21.56 26.01 3.56
C PRO J 141 -21.58 27.49 3.89
N ARG J 142 -22.76 28.10 4.00
CA ARG J 142 -22.80 29.50 4.40
C ARG J 142 -22.33 29.73 5.84
N SER J 143 -22.22 28.68 6.65
CA SER J 143 -21.80 28.80 8.03
C SER J 143 -20.32 28.50 8.18
N MET J 144 -19.62 28.34 7.08
CA MET J 144 -18.26 27.88 7.06
C MET J 144 -17.30 28.97 6.59
N THR J 145 -16.12 29.00 7.16
CA THR J 145 -15.13 29.95 6.68
C THR J 145 -14.52 29.50 5.36
N ALA J 146 -13.72 30.40 4.79
CA ALA J 146 -13.00 30.08 3.58
C ALA J 146 -12.10 28.88 3.80
N GLU J 147 -11.42 28.86 4.94
CA GLU J 147 -10.47 27.79 5.23
C GLU J 147 -11.17 26.46 5.45
N GLN J 148 -12.34 26.47 6.11
CA GLN J 148 -13.13 25.26 6.28
C GLN J 148 -13.67 24.70 4.97
N CYS J 149 -14.16 25.57 4.07
CA CYS J 149 -14.61 25.11 2.76
C CYS J 149 -13.45 24.50 1.99
N PHE J 150 -12.29 25.16 2.03
CA PHE J 150 -11.12 24.62 1.36
C PHE J 150 -10.76 23.25 1.92
N ARG J 151 -10.64 23.16 3.26
CA ARG J 151 -10.25 21.90 3.88
C ARG J 151 -11.33 20.83 3.67
N PHE J 152 -12.60 21.22 3.74
CA PHE J 152 -13.68 20.28 3.47
C PHE J 152 -13.56 19.73 2.03
N LEU J 153 -13.49 20.61 1.03
CA LEU J 153 -13.38 20.15 -0.36
C LEU J 153 -12.10 19.34 -0.56
N LYS J 154 -11.03 19.68 0.13
CA LYS J 154 -9.79 18.94 -0.09
C LYS J 154 -9.93 17.48 0.36
N GLU J 155 -10.53 17.22 1.53
CA GLU J 155 -10.74 15.85 1.97
C GLU J 155 -11.64 15.08 0.99
N LEU J 156 -12.68 15.73 0.48
CA LEU J 156 -13.46 15.09 -0.59
C LEU J 156 -12.55 14.74 -1.76
N TYR J 157 -11.72 15.69 -2.19
CA TYR J 157 -10.80 15.47 -3.30
C TYR J 157 -9.85 14.32 -2.99
N ASP J 158 -9.31 14.29 -1.78
CA ASP J 158 -8.39 13.23 -1.42
C ASP J 158 -9.08 11.86 -1.34
N MET J 159 -10.39 11.81 -1.10
CA MET J 159 -11.13 10.55 -1.10
C MET J 159 -11.54 10.12 -2.51
N SER J 160 -11.00 10.73 -3.56
CA SER J 160 -11.39 10.39 -4.94
C SER J 160 -10.17 9.96 -5.78
N MET K 21 -26.71 -25.10 5.09
CA MET K 21 -25.91 -24.99 6.33
C MET K 21 -24.38 -25.28 6.14
N GLY K 22 -23.62 -25.45 7.22
CA GLY K 22 -22.25 -25.91 7.15
C GLY K 22 -21.21 -24.88 7.62
N LEU K 23 -19.96 -25.36 7.69
CA LEU K 23 -18.82 -24.55 8.09
C LEU K 23 -18.31 -23.66 6.94
N HIS K 24 -18.04 -22.40 7.25
CA HIS K 24 -17.59 -21.46 6.24
C HIS K 24 -16.42 -20.67 6.75
N ARG K 25 -15.77 -19.99 5.82
CA ARG K 25 -14.73 -19.04 6.18
C ARG K 25 -14.98 -17.77 5.41
N LEU K 26 -14.85 -16.64 6.09
CA LEU K 26 -14.89 -15.31 5.49
C LEU K 26 -13.53 -14.69 5.62
N ILE K 27 -13.08 -14.00 4.59
CA ILE K 27 -11.88 -13.17 4.69
C ILE K 27 -12.23 -11.80 4.15
N PHE K 28 -11.85 -10.75 4.90
CA PHE K 28 -12.00 -9.38 4.42
C PHE K 28 -10.83 -8.53 4.88
N LEU K 29 -10.71 -7.39 4.23
CA LEU K 29 -9.72 -6.40 4.60
C LEU K 29 -10.44 -5.06 4.76
N SER K 30 -9.72 -4.11 5.34
CA SER K 30 -10.28 -2.77 5.48
C SER K 30 -9.15 -1.84 5.87
N CYS K 31 -9.45 -0.56 5.73
CA CYS K 31 -8.58 0.52 6.16
C CYS K 31 -8.97 0.90 7.59
N ALA K 32 -7.98 0.91 8.47
CA ALA K 32 -8.18 1.40 9.84
C ALA K 32 -8.44 2.90 9.85
N THR K 33 -9.33 3.33 10.74
CA THR K 33 -9.60 4.76 10.87
C THR K 33 -8.37 5.44 11.48
N ASP K 34 -8.06 6.65 10.98
CA ASP K 34 -6.92 7.41 11.48
C ASP K 34 -7.06 7.63 12.98
N GLY K 35 -5.96 7.45 13.72
CA GLY K 35 -6.02 7.61 15.15
C GLY K 35 -6.32 6.34 15.92
N LEU K 36 -6.21 5.19 15.27
CA LEU K 36 -6.40 3.93 15.95
C LEU K 36 -5.50 3.91 17.18
N SER K 37 -6.05 3.52 18.33
CA SER K 37 -5.25 3.50 19.55
C SER K 37 -5.10 2.08 20.07
N TYR K 38 -4.06 1.86 20.89
CA TYR K 38 -3.93 0.57 21.53
C TYR K 38 -5.15 0.24 22.37
N PRO K 39 -5.66 1.11 23.22
CA PRO K 39 -6.90 0.77 23.97
C PRO K 39 -8.07 0.34 23.08
N ASP K 40 -8.23 0.96 21.91
CA ASP K 40 -9.27 0.58 20.96
C ASP K 40 -9.07 -0.87 20.49
N LEU K 41 -7.82 -1.24 20.15
CA LEU K 41 -7.53 -2.63 19.73
C LEU K 41 -7.83 -3.62 20.85
N ARG K 42 -7.48 -3.28 22.09
CA ARG K 42 -7.74 -4.20 23.20
C ARG K 42 -9.25 -4.33 23.45
N ASP K 43 -9.99 -3.24 23.28
CA ASP K 43 -11.44 -3.36 23.40
C ASP K 43 -11.99 -4.20 22.26
N ILE K 44 -11.48 -4.02 21.03
CA ILE K 44 -11.91 -4.87 19.91
C ILE K 44 -11.66 -6.33 20.24
N MET K 45 -10.43 -6.65 20.62
CA MET K 45 -10.07 -8.02 20.94
C MET K 45 -10.91 -8.54 22.08
N ALA K 46 -11.29 -7.68 23.02
CA ALA K 46 -12.07 -8.15 24.16
C ALA K 46 -13.50 -8.48 23.73
N LYS K 47 -14.09 -7.62 22.90
CA LYS K 47 -15.45 -7.90 22.42
C LYS K 47 -15.44 -9.05 21.42
N SER K 48 -14.42 -9.11 20.54
CA SER K 48 -14.38 -10.18 19.54
C SER K 48 -14.30 -11.54 20.21
N GLU K 49 -13.48 -11.66 21.23
CA GLU K 49 -13.31 -12.98 21.87
C GLU K 49 -14.66 -13.43 22.43
N VAL K 50 -15.32 -12.58 23.22
CA VAL K 50 -16.59 -12.98 23.90
C VAL K 50 -17.67 -13.28 22.86
N ASN K 51 -17.92 -12.35 21.96
CA ASN K 51 -19.00 -12.51 20.95
C ASN K 51 -18.75 -13.75 20.08
N ASN K 52 -17.52 -13.97 19.63
CA ASN K 52 -17.25 -15.08 18.68
C ASN K 52 -17.42 -16.42 19.41
N LEU K 53 -16.98 -16.49 20.67
CA LEU K 53 -17.08 -17.76 21.42
C LEU K 53 -18.54 -18.18 21.49
N ARG K 54 -19.42 -17.24 21.79
CA ARG K 54 -20.87 -17.55 21.85
C ARG K 54 -21.36 -18.00 20.49
N ASP K 55 -20.78 -17.47 19.42
CA ASP K 55 -21.29 -17.76 18.06
C ASP K 55 -20.51 -18.91 17.41
N GLY K 56 -19.68 -19.60 18.17
CA GLY K 56 -18.82 -20.67 17.61
C GLY K 56 -17.99 -20.16 16.46
N ILE K 57 -17.57 -18.90 16.51
CA ILE K 57 -16.73 -18.30 15.44
C ILE K 57 -15.28 -18.26 15.89
N THR K 58 -14.36 -18.59 15.00
CA THR K 58 -12.91 -18.56 15.30
C THR K 58 -12.23 -17.70 14.22
N GLY K 59 -11.02 -17.23 14.46
CA GLY K 59 -10.41 -16.34 13.46
C GLY K 59 -9.13 -15.64 13.89
N MET K 60 -8.63 -14.76 13.04
CA MET K 60 -7.39 -14.00 13.33
C MET K 60 -7.50 -12.61 12.69
N LEU K 61 -6.96 -11.58 13.34
CA LEU K 61 -6.92 -10.22 12.75
C LEU K 61 -5.48 -9.74 12.66
N CYS K 62 -5.09 -9.24 11.50
CA CYS K 62 -3.71 -8.72 11.30
C CYS K 62 -3.79 -7.21 11.09
N TYR K 63 -2.93 -6.44 11.75
CA TYR K 63 -2.88 -4.99 11.49
C TYR K 63 -1.46 -4.58 11.08
N GLY K 64 -1.36 -3.75 10.04
CA GLY K 64 -0.06 -3.25 9.55
C GLY K 64 -0.29 -2.26 8.42
N ASN K 65 0.57 -1.25 8.29
CA ASN K 65 0.43 -0.20 7.24
C ASN K 65 -1.00 0.34 7.26
N GLY K 66 -1.60 0.47 8.45
CA GLY K 66 -2.95 1.05 8.59
C GLY K 66 -4.03 0.18 8.02
N MET K 67 -3.76 -1.11 7.87
CA MET K 67 -4.73 -1.99 7.19
C MET K 67 -5.12 -3.16 8.09
N PHE K 68 -6.35 -3.62 7.96
CA PHE K 68 -6.78 -4.81 8.72
C PHE K 68 -7.01 -5.95 7.74
N LEU K 69 -6.56 -7.16 8.08
CA LEU K 69 -6.88 -8.36 7.26
C LEU K 69 -7.38 -9.41 8.24
N GLN K 70 -8.61 -9.88 8.06
CA GLN K 70 -9.19 -10.81 9.05
C GLN K 70 -9.85 -12.03 8.39
N THR K 71 -9.81 -13.16 9.10
CA THR K 71 -10.52 -14.37 8.64
C THR K 71 -11.42 -14.79 9.78
N LEU K 72 -12.68 -15.11 9.49
CA LEU K 72 -13.60 -15.62 10.52
C LEU K 72 -14.16 -16.96 10.04
N GLU K 73 -14.15 -17.97 10.90
CA GLU K 73 -14.67 -19.30 10.54
C GLU K 73 -15.90 -19.62 11.38
N GLY K 74 -16.94 -20.17 10.77
CA GLY K 74 -18.15 -20.57 11.52
C GLY K 74 -19.38 -20.71 10.65
N ASP K 75 -20.56 -20.53 11.24
CA ASP K 75 -21.84 -20.69 10.50
C ASP K 75 -21.99 -19.58 9.46
N ARG K 76 -22.55 -19.91 8.31
CA ARG K 76 -22.72 -18.93 7.22
C ARG K 76 -23.48 -17.71 7.73
N GLN K 77 -24.42 -17.93 8.64
CA GLN K 77 -25.27 -16.82 9.14
C GLN K 77 -24.52 -16.08 10.24
N LYS K 78 -24.09 -16.80 11.27
CA LYS K 78 -23.40 -16.16 12.41
C LYS K 78 -22.23 -15.31 11.91
N VAL K 79 -21.38 -15.85 11.03
CA VAL K 79 -20.19 -15.11 10.55
C VAL K 79 -20.67 -13.90 9.76
N SER K 80 -21.70 -14.09 8.95
CA SER K 80 -22.21 -12.99 8.11
C SER K 80 -22.76 -11.88 9.00
N GLU K 81 -23.31 -12.25 10.14
CA GLU K 81 -23.92 -11.25 11.05
C GLU K 81 -22.81 -10.51 11.79
N THR K 82 -21.76 -11.22 12.17
CA THR K 82 -20.62 -10.57 12.86
C THR K 82 -19.98 -9.58 11.88
N TYR K 83 -20.01 -9.90 10.59
CA TYR K 83 -19.42 -9.00 9.57
C TYR K 83 -20.27 -7.74 9.51
N ALA K 84 -21.57 -7.88 9.64
CA ALA K 84 -22.47 -6.71 9.62
C ALA K 84 -22.15 -5.81 10.81
N ARG K 85 -22.13 -6.40 12.01
CA ARG K 85 -21.77 -5.63 13.22
C ARG K 85 -20.42 -4.95 12.98
N ILE K 86 -19.47 -5.64 12.34
CA ILE K 86 -18.11 -5.06 12.13
C ILE K 86 -18.20 -3.90 11.15
N LEU K 87 -19.00 -4.05 10.10
CA LEU K 87 -19.13 -2.99 9.06
C LEU K 87 -19.82 -1.78 9.69
N LYS K 88 -20.32 -1.94 10.90
CA LYS K 88 -20.99 -0.82 11.61
C LYS K 88 -19.97 -0.13 12.51
N ASP K 89 -18.84 -0.77 12.77
CA ASP K 89 -17.76 -0.14 13.57
C ASP K 89 -17.16 1.01 12.76
N PRO K 90 -16.96 2.19 13.38
CA PRO K 90 -16.34 3.31 12.70
C PRO K 90 -14.83 3.35 12.99
N ARG K 91 -14.31 2.34 13.68
CA ARG K 91 -12.85 2.26 13.92
C ARG K 91 -12.16 1.80 12.63
N HIS K 92 -12.94 1.55 11.58
CA HIS K 92 -12.35 1.17 10.26
C HIS K 92 -13.32 1.58 9.16
N HIS K 93 -12.83 1.62 7.92
CA HIS K 93 -13.66 2.02 6.76
C HIS K 93 -13.14 1.39 5.48
N SER K 94 -13.91 1.50 4.39
CA SER K 94 -13.47 0.99 3.08
C SER K 94 -13.17 -0.50 3.16
N ALA K 95 -14.15 -1.28 3.62
CA ALA K 95 -13.96 -2.74 3.77
C ALA K 95 -14.09 -3.42 2.41
N GLU K 96 -13.31 -4.48 2.20
CA GLU K 96 -13.35 -5.21 0.92
C GLU K 96 -13.40 -6.70 1.24
N ILE K 97 -14.48 -7.37 0.81
CA ILE K 97 -14.58 -8.85 1.00
C ILE K 97 -13.55 -9.50 0.09
N VAL K 98 -12.72 -10.38 0.66
CA VAL K 98 -11.70 -11.11 -0.14
C VAL K 98 -12.31 -12.45 -0.56
N GLU K 99 -13.00 -13.12 0.37
CA GLU K 99 -13.54 -14.46 0.06
C GLU K 99 -14.53 -14.97 1.10
N PHE K 100 -15.60 -15.62 0.65
CA PHE K 100 -16.54 -16.29 1.58
C PHE K 100 -16.88 -17.65 0.95
N LYS K 101 -16.55 -18.74 1.65
CA LYS K 101 -16.73 -20.09 1.05
C LYS K 101 -16.94 -21.15 2.13
N ALA K 102 -17.43 -22.30 1.73
CA ALA K 102 -17.58 -23.42 2.68
C ALA K 102 -16.23 -24.11 2.85
N ILE K 103 -15.97 -24.59 4.05
CA ILE K 103 -14.68 -25.27 4.33
C ILE K 103 -15.01 -26.62 4.96
N GLU K 104 -14.13 -27.60 4.78
CA GLU K 104 -14.35 -28.96 5.34
C GLU K 104 -13.85 -28.96 6.78
N GLU K 105 -12.74 -28.27 7.02
CA GLU K 105 -12.18 -28.18 8.39
C GLU K 105 -11.64 -26.77 8.64
N ARG K 106 -11.57 -26.40 9.91
CA ARG K 106 -11.10 -25.06 10.29
C ARG K 106 -9.57 -25.04 10.30
N THR K 107 -8.96 -23.88 10.01
CA THR K 107 -7.49 -23.75 10.08
C THR K 107 -7.17 -22.97 11.36
N PHE K 108 -7.97 -21.95 11.65
CA PHE K 108 -7.73 -21.10 12.84
C PHE K 108 -8.66 -21.58 13.96
N ILE K 109 -8.24 -22.60 14.71
CA ILE K 109 -9.12 -23.22 15.72
C ILE K 109 -8.76 -22.79 17.14
N ASN K 110 -7.51 -22.48 17.40
CA ASN K 110 -7.06 -22.25 18.80
C ASN K 110 -7.56 -20.94 19.42
N TRP K 111 -8.04 -19.98 18.64
CA TRP K 111 -8.42 -18.67 19.24
C TRP K 111 -9.76 -18.16 18.70
N SER K 112 -10.63 -17.69 19.59
CA SER K 112 -11.90 -17.07 19.17
C SER K 112 -11.52 -15.84 18.34
N MET K 113 -10.43 -15.19 18.73
CA MET K 113 -9.92 -14.05 17.95
C MET K 113 -8.50 -13.80 18.47
N ARG K 114 -7.53 -13.80 17.57
CA ARG K 114 -6.13 -13.48 17.96
C ARG K 114 -5.67 -12.32 17.09
N LEU K 115 -5.00 -11.35 17.69
CA LEU K 115 -4.58 -10.16 16.92
C LEU K 115 -3.08 -10.23 16.70
N VAL K 116 -2.67 -10.06 15.46
CA VAL K 116 -1.26 -9.99 15.13
C VAL K 116 -0.99 -8.60 14.56
N GLN K 117 -0.04 -7.90 15.17
CA GLN K 117 0.42 -6.62 14.65
C GLN K 117 1.77 -6.81 13.99
N LEU K 118 1.88 -6.41 12.72
CA LEU K 118 3.12 -6.68 11.99
C LEU K 118 4.29 -5.85 12.50
N GLY K 119 3.99 -4.70 13.09
CA GLY K 119 5.08 -3.86 13.63
C GLY K 119 5.67 -4.46 14.88
N GLU K 120 4.90 -5.31 15.57
CA GLU K 120 5.37 -5.88 16.85
C GLU K 120 6.26 -7.09 16.57
N MET K 121 6.65 -7.30 15.32
CA MET K 121 7.46 -8.53 15.05
C MET K 121 8.73 -8.32 14.23
N ASP K 122 9.54 -9.37 14.12
CA ASP K 122 10.82 -9.30 13.37
C ASP K 122 10.61 -8.70 11.99
N SER K 123 11.45 -7.74 11.64
CA SER K 123 11.37 -7.07 10.32
C SER K 123 11.64 -8.10 9.22
N ASP K 124 12.75 -8.84 9.35
CA ASP K 124 13.04 -9.82 8.32
C ASP K 124 11.93 -10.85 8.11
N THR K 125 11.45 -11.47 9.18
CA THR K 125 10.45 -12.51 9.02
C THR K 125 9.20 -11.98 8.34
N ILE K 126 8.77 -10.77 8.72
CA ILE K 126 7.55 -10.19 8.17
C ILE K 126 7.78 -9.69 6.74
N ARG K 127 8.95 -9.09 6.50
CA ARG K 127 9.28 -8.63 5.16
C ARG K 127 9.17 -9.79 4.17
N ARG K 128 9.75 -10.94 4.52
CA ARG K 128 9.71 -12.10 3.63
C ARG K 128 8.31 -12.67 3.50
N LEU K 129 7.59 -12.77 4.60
CA LEU K 129 6.21 -13.25 4.54
C LEU K 129 5.34 -12.31 3.71
N ARG K 130 5.51 -11.02 3.87
CA ARG K 130 4.75 -10.14 3.01
C ARG K 130 5.19 -10.25 1.55
N LEU K 131 6.47 -10.46 1.26
CA LEU K 131 6.85 -10.58 -0.15
C LEU K 131 6.32 -11.86 -0.75
N LYS K 132 6.36 -12.94 0.03
CA LYS K 132 6.00 -14.26 -0.47
C LYS K 132 4.62 -14.24 -1.12
N TYR K 133 3.65 -13.51 -0.52
CA TYR K 133 2.25 -13.60 -0.88
C TYR K 133 1.68 -12.29 -1.41
N SER K 134 2.51 -11.38 -1.92
CA SER K 134 1.97 -10.13 -2.38
C SER K 134 2.96 -9.44 -3.30
N PRO K 135 2.49 -8.60 -4.21
CA PRO K 135 3.41 -7.86 -5.07
C PRO K 135 3.88 -6.55 -4.48
N ALA K 136 3.43 -6.19 -3.26
CA ALA K 136 3.62 -4.84 -2.74
C ALA K 136 4.90 -4.71 -1.94
N ALA K 137 5.42 -3.49 -1.93
CA ALA K 137 6.61 -3.23 -1.13
C ALA K 137 6.26 -3.06 0.34
N THR K 138 4.99 -2.83 0.66
CA THR K 138 4.53 -2.74 2.03
C THR K 138 3.32 -3.65 2.15
N PHE K 139 2.82 -3.83 3.38
CA PHE K 139 1.67 -4.69 3.58
C PHE K 139 0.44 -4.03 2.96
N GLN K 140 -0.11 -4.66 1.92
CA GLN K 140 -1.25 -4.12 1.17
C GLN K 140 -2.18 -5.24 0.78
N PRO K 141 -2.99 -5.69 1.69
CA PRO K 141 -3.84 -6.84 1.41
C PRO K 141 -4.70 -6.63 0.17
N ARG K 142 -4.85 -5.39 -0.28
CA ARG K 142 -5.74 -5.18 -1.44
C ARG K 142 -5.05 -5.68 -2.72
N SER K 143 -3.72 -5.89 -2.68
CA SER K 143 -3.02 -6.43 -3.83
C SER K 143 -2.93 -7.94 -3.73
N MET K 144 -3.61 -8.54 -2.77
CA MET K 144 -3.48 -9.96 -2.51
C MET K 144 -4.73 -10.71 -2.94
N THR K 145 -4.52 -11.91 -3.45
CA THR K 145 -5.59 -12.79 -3.85
C THR K 145 -6.21 -13.46 -2.62
N ALA K 146 -7.35 -14.09 -2.83
CA ALA K 146 -7.97 -14.86 -1.76
C ALA K 146 -7.03 -15.91 -1.21
N GLU K 147 -6.36 -16.65 -2.09
CA GLU K 147 -5.50 -17.72 -1.59
C GLU K 147 -4.25 -17.16 -0.91
N GLN K 148 -3.73 -16.03 -1.41
CA GLN K 148 -2.58 -15.39 -0.79
C GLN K 148 -2.89 -14.83 0.62
N CYS K 149 -4.06 -14.21 0.80
CA CYS K 149 -4.44 -13.73 2.13
C CYS K 149 -4.58 -14.91 3.10
N PHE K 150 -5.21 -15.99 2.64
CA PHE K 150 -5.38 -17.18 3.47
C PHE K 150 -4.04 -17.72 3.92
N ARG K 151 -3.11 -17.91 2.97
CA ARG K 151 -1.82 -18.50 3.32
C ARG K 151 -1.01 -17.56 4.21
N PHE K 152 -1.09 -16.25 3.97
CA PHE K 152 -0.41 -15.28 4.82
C PHE K 152 -0.93 -15.34 6.25
N LEU K 153 -2.27 -15.35 6.42
CA LEU K 153 -2.83 -15.44 7.76
C LEU K 153 -2.52 -16.79 8.39
N LYS K 154 -2.49 -17.85 7.58
CA LYS K 154 -2.22 -19.17 8.15
C LYS K 154 -0.81 -19.25 8.70
N GLU K 155 0.17 -18.70 7.98
CA GLU K 155 1.54 -18.74 8.46
C GLU K 155 1.71 -17.91 9.74
N LEU K 156 1.02 -16.76 9.82
CA LEU K 156 1.01 -15.96 11.04
C LEU K 156 0.42 -16.76 12.19
N TYR K 157 -0.71 -17.43 11.95
CA TYR K 157 -1.31 -18.27 12.96
C TYR K 157 -0.38 -19.40 13.39
N ASP K 158 0.35 -20.01 12.43
CA ASP K 158 1.24 -21.11 12.82
C ASP K 158 2.42 -20.60 13.65
N MET K 159 2.84 -19.35 13.45
CA MET K 159 3.93 -18.83 14.28
C MET K 159 3.49 -18.69 15.73
N SER K 160 2.22 -18.31 15.96
CA SER K 160 1.63 -18.38 17.30
C SER K 160 2.26 -17.39 18.29
N HIS L 20 7.30 -27.06 -23.95
CA HIS L 20 7.12 -26.70 -25.39
C HIS L 20 8.11 -25.59 -25.72
N MET L 21 8.55 -25.48 -26.98
CA MET L 21 9.63 -24.52 -27.21
C MET L 21 9.61 -23.77 -28.54
N GLY L 22 8.61 -23.94 -29.40
CA GLY L 22 8.58 -23.15 -30.61
C GLY L 22 7.54 -22.05 -30.63
N LEU L 23 6.26 -22.43 -30.78
CA LEU L 23 5.18 -21.47 -30.94
C LEU L 23 4.69 -20.95 -29.60
N HIS L 24 4.59 -19.61 -29.50
CA HIS L 24 4.21 -18.90 -28.29
C HIS L 24 3.18 -17.85 -28.63
N ARG L 25 2.47 -17.39 -27.60
CA ARG L 25 1.62 -16.22 -27.77
C ARG L 25 1.92 -15.19 -26.68
N LEU L 26 2.05 -13.93 -27.08
CA LEU L 26 2.19 -12.80 -26.18
C LEU L 26 0.89 -12.02 -26.21
N ILE L 27 0.53 -11.45 -25.06
CA ILE L 27 -0.57 -10.49 -24.96
C ILE L 27 -0.04 -9.31 -24.18
N PHE L 28 -0.25 -8.11 -24.70
CA PHE L 28 0.14 -6.91 -23.97
C PHE L 28 -0.93 -5.82 -24.15
N LEU L 29 -0.85 -4.78 -23.33
CA LEU L 29 -1.75 -3.64 -23.41
C LEU L 29 -0.93 -2.36 -23.31
N SER L 30 -1.53 -1.24 -23.71
CA SER L 30 -0.85 0.05 -23.65
C SER L 30 -1.87 1.17 -23.71
N CYS L 31 -1.42 2.37 -23.36
CA CYS L 31 -2.20 3.59 -23.52
C CYS L 31 -1.82 4.24 -24.83
N ALA L 32 -2.82 4.58 -25.63
CA ALA L 32 -2.57 5.32 -26.85
C ALA L 32 -2.06 6.73 -26.51
N THR L 33 -1.07 7.18 -27.26
CA THR L 33 -0.53 8.53 -27.07
C THR L 33 -1.57 9.59 -27.45
N ASP L 34 -1.62 10.66 -26.67
CA ASP L 34 -2.62 11.69 -26.93
C ASP L 34 -2.43 12.25 -28.32
N GLY L 35 -3.53 12.35 -29.06
CA GLY L 35 -3.47 12.84 -30.42
C GLY L 35 -3.44 11.76 -31.47
N LEU L 36 -3.51 10.50 -31.09
CA LEU L 36 -3.42 9.44 -32.08
C LEU L 36 -4.45 9.66 -33.18
N SER L 37 -3.98 9.65 -34.44
CA SER L 37 -4.78 9.98 -35.60
C SER L 37 -5.04 8.73 -36.43
N TYR L 38 -6.16 8.73 -37.15
CA TYR L 38 -6.52 7.53 -37.93
C TYR L 38 -5.32 7.15 -38.80
N PRO L 39 -4.73 8.11 -39.55
CA PRO L 39 -3.50 7.78 -40.28
C PRO L 39 -2.44 7.05 -39.48
N ASP L 40 -2.25 7.41 -38.22
CA ASP L 40 -1.26 6.71 -37.36
C ASP L 40 -1.61 5.22 -37.33
N LEU L 41 -2.84 4.89 -36.94
CA LEU L 41 -3.26 3.48 -36.85
C LEU L 41 -2.93 2.77 -38.16
N ARG L 42 -3.09 3.45 -39.29
CA ARG L 42 -2.87 2.79 -40.60
C ARG L 42 -1.37 2.62 -40.85
N ASP L 43 -0.54 3.61 -40.47
CA ASP L 43 0.87 3.38 -40.64
C ASP L 43 1.28 2.17 -39.79
N ILE L 44 0.79 2.13 -38.54
CA ILE L 44 1.02 0.97 -37.68
C ILE L 44 0.51 -0.28 -38.37
N MET L 45 -0.73 -0.22 -38.88
CA MET L 45 -1.33 -1.38 -39.52
C MET L 45 -0.51 -1.81 -40.73
N ALA L 46 0.02 -0.85 -41.46
CA ALA L 46 0.74 -1.18 -42.68
C ALA L 46 2.08 -1.82 -42.35
N LYS L 47 2.82 -1.24 -41.38
CA LYS L 47 4.14 -1.76 -40.99
C LYS L 47 4.04 -3.10 -40.29
N SER L 48 2.97 -3.29 -39.52
CA SER L 48 2.83 -4.55 -38.81
C SER L 48 2.79 -5.69 -39.79
N GLU L 49 2.15 -5.47 -40.93
CA GLU L 49 1.99 -6.60 -41.88
C GLU L 49 3.32 -6.85 -42.61
N VAL L 50 4.06 -5.81 -43.00
CA VAL L 50 5.31 -6.12 -43.68
C VAL L 50 6.17 -6.98 -42.77
N ASN L 51 6.29 -6.57 -41.50
CA ASN L 51 7.12 -7.27 -40.51
C ASN L 51 6.56 -8.64 -40.08
N ASN L 52 5.29 -8.73 -39.66
CA ASN L 52 4.83 -9.98 -39.06
C ASN L 52 4.81 -11.13 -40.07
N LEU L 53 4.32 -10.86 -41.28
CA LEU L 53 4.35 -11.87 -42.32
C LEU L 53 5.78 -12.30 -42.62
N ARG L 54 6.71 -11.35 -42.60
CA ARG L 54 8.11 -11.69 -42.79
C ARG L 54 8.59 -12.59 -41.65
N ASP L 55 8.13 -12.33 -40.43
CA ASP L 55 8.64 -12.98 -39.22
C ASP L 55 7.85 -14.22 -38.81
N GLY L 56 6.85 -14.61 -39.59
CA GLY L 56 5.95 -15.70 -39.24
C GLY L 56 4.98 -15.36 -38.13
N ILE L 57 4.74 -14.08 -37.88
CA ILE L 57 3.91 -13.66 -36.75
C ILE L 57 2.50 -13.39 -37.25
N THR L 58 1.51 -13.80 -36.48
CA THR L 58 0.11 -13.44 -36.66
C THR L 58 -0.35 -12.80 -35.36
N GLY L 59 -1.51 -12.17 -35.40
CA GLY L 59 -2.02 -11.53 -34.19
C GLY L 59 -3.19 -10.63 -34.51
N MET L 60 -3.57 -9.84 -33.52
CA MET L 60 -4.73 -8.95 -33.64
C MET L 60 -4.54 -7.78 -32.69
N LEU L 61 -4.88 -6.58 -33.16
CA LEU L 61 -4.75 -5.36 -32.37
C LEU L 61 -6.11 -4.77 -32.10
N CYS L 62 -6.42 -4.55 -30.83
CA CYS L 62 -7.68 -3.99 -30.39
C CYS L 62 -7.49 -2.58 -29.86
N TYR L 63 -8.33 -1.64 -30.32
CA TYR L 63 -8.31 -0.27 -29.83
C TYR L 63 -9.69 0.12 -29.34
N GLY L 64 -9.74 0.73 -28.15
CA GLY L 64 -10.98 1.21 -27.59
C GLY L 64 -10.69 2.00 -26.33
N ASN L 65 -11.52 3.01 -26.06
CA ASN L 65 -11.44 3.80 -24.82
C ASN L 65 -10.03 4.29 -24.58
N GLY L 66 -9.35 4.65 -25.65
CA GLY L 66 -7.98 5.15 -25.56
C GLY L 66 -6.93 4.13 -25.20
N MET L 67 -7.27 2.84 -25.23
CA MET L 67 -6.38 1.76 -24.83
C MET L 67 -6.05 0.85 -26.02
N PHE L 68 -4.86 0.28 -25.97
CA PHE L 68 -4.47 -0.76 -26.89
C PHE L 68 -4.47 -2.10 -26.14
N LEU L 69 -4.95 -3.14 -26.80
CA LEU L 69 -4.80 -4.49 -26.30
C LEU L 69 -4.45 -5.37 -27.49
N GLN L 70 -3.24 -5.92 -27.52
CA GLN L 70 -2.77 -6.67 -28.68
C GLN L 70 -2.27 -8.05 -28.29
N THR L 71 -2.32 -8.96 -29.26
CA THR L 71 -1.77 -10.29 -29.11
C THR L 71 -0.90 -10.62 -30.30
N LEU L 72 0.19 -11.32 -30.05
CA LEU L 72 1.08 -11.79 -31.10
C LEU L 72 1.33 -13.27 -30.87
N GLU L 73 1.30 -14.03 -31.95
CA GLU L 73 1.60 -15.44 -31.96
C GLU L 73 2.75 -15.64 -32.92
N GLY L 74 3.68 -16.52 -32.55
CA GLY L 74 4.80 -16.81 -33.42
C GLY L 74 5.97 -17.36 -32.63
N ASP L 75 7.15 -17.19 -33.22
CA ASP L 75 8.37 -17.69 -32.61
C ASP L 75 8.72 -16.89 -31.37
N ARG L 76 9.26 -17.59 -30.38
CA ARG L 76 9.58 -16.97 -29.10
C ARG L 76 10.49 -15.77 -29.29
N GLN L 77 11.58 -15.94 -30.05
CA GLN L 77 12.50 -14.84 -30.27
C GLN L 77 11.87 -13.75 -31.12
N LYS L 78 11.29 -14.11 -32.27
CA LYS L 78 10.71 -13.10 -33.13
C LYS L 78 9.66 -12.29 -32.39
N VAL L 79 8.72 -12.97 -31.73
CA VAL L 79 7.69 -12.20 -31.02
C VAL L 79 8.38 -11.29 -30.02
N SER L 80 9.39 -11.82 -29.32
CA SER L 80 10.13 -10.99 -28.37
C SER L 80 10.74 -9.80 -29.08
N GLU L 81 11.47 -10.05 -30.17
CA GLU L 81 12.09 -8.95 -30.88
C GLU L 81 11.04 -7.95 -31.32
N THR L 82 9.91 -8.44 -31.82
CA THR L 82 8.86 -7.52 -32.26
C THR L 82 8.32 -6.71 -31.08
N TYR L 83 8.11 -7.34 -29.93
CA TYR L 83 7.67 -6.53 -28.78
C TYR L 83 8.70 -5.45 -28.50
N ALA L 84 9.99 -5.79 -28.66
CA ALA L 84 11.03 -4.83 -28.34
C ALA L 84 10.92 -3.58 -29.21
N ARG L 85 10.63 -3.74 -30.50
CA ARG L 85 10.45 -2.57 -31.35
C ARG L 85 9.17 -1.85 -31.02
N ILE L 86 8.11 -2.60 -30.74
CA ILE L 86 6.85 -1.95 -30.40
C ILE L 86 7.04 -1.05 -29.18
N LEU L 87 7.87 -1.48 -28.24
CA LEU L 87 8.03 -0.68 -27.02
C LEU L 87 8.69 0.66 -27.32
N LYS L 88 9.39 0.76 -28.44
CA LYS L 88 10.12 2.01 -28.75
C LYS L 88 9.20 2.97 -29.50
N ASP L 89 7.95 2.57 -29.73
CA ASP L 89 7.04 3.39 -30.51
C ASP L 89 6.43 4.50 -29.68
N PRO L 90 6.58 5.75 -30.08
CA PRO L 90 6.00 6.84 -29.29
C PRO L 90 4.51 6.95 -29.46
N ARG L 91 3.90 6.17 -30.36
CA ARG L 91 2.48 6.20 -30.61
C ARG L 91 1.65 5.51 -29.53
N HIS L 92 2.31 4.97 -28.50
CA HIS L 92 1.68 4.48 -27.28
C HIS L 92 2.69 4.57 -26.15
N HIS L 93 2.20 4.36 -24.94
CA HIS L 93 3.01 4.42 -23.74
C HIS L 93 2.42 3.49 -22.69
N SER L 94 3.13 3.39 -21.56
CA SER L 94 2.65 2.64 -20.39
C SER L 94 2.23 1.21 -20.76
N ALA L 95 3.13 0.52 -21.45
CA ALA L 95 2.86 -0.86 -21.82
C ALA L 95 2.91 -1.76 -20.59
N GLU L 96 2.02 -2.75 -20.59
CA GLU L 96 1.92 -3.70 -19.49
C GLU L 96 1.75 -5.08 -20.11
N ILE L 97 2.70 -5.99 -19.88
CA ILE L 97 2.59 -7.35 -20.39
C ILE L 97 1.50 -8.08 -19.62
N VAL L 98 0.65 -8.82 -20.34
CA VAL L 98 -0.42 -9.60 -19.73
C VAL L 98 -0.10 -11.10 -19.69
N GLU L 99 0.55 -11.64 -20.71
CA GLU L 99 0.85 -13.05 -20.69
C GLU L 99 1.86 -13.36 -21.79
N PHE L 100 2.69 -14.37 -21.53
CA PHE L 100 3.60 -14.86 -22.53
C PHE L 100 3.83 -16.33 -22.26
N LYS L 101 3.42 -17.20 -23.19
CA LYS L 101 3.51 -18.64 -22.93
C LYS L 101 3.53 -19.42 -24.24
N ALA L 102 3.93 -20.67 -24.10
CA ALA L 102 3.88 -21.57 -25.22
C ALA L 102 2.44 -21.98 -25.46
N ILE L 103 2.11 -22.19 -26.75
CA ILE L 103 0.76 -22.59 -27.17
C ILE L 103 0.90 -23.73 -28.15
N GLU L 104 -0.06 -24.65 -28.12
CA GLU L 104 -0.02 -25.82 -29.01
C GLU L 104 -0.46 -25.45 -30.43
N GLU L 105 -1.41 -24.51 -30.57
CA GLU L 105 -1.88 -24.06 -31.88
C GLU L 105 -2.29 -22.59 -31.84
N ARG L 106 -2.17 -21.94 -33.00
CA ARG L 106 -2.54 -20.53 -33.12
C ARG L 106 -4.05 -20.37 -33.09
N THR L 107 -4.50 -19.29 -32.49
CA THR L 107 -5.90 -18.92 -32.58
C THR L 107 -6.14 -17.82 -33.60
N PHE L 108 -5.19 -16.92 -33.75
CA PHE L 108 -5.34 -15.78 -34.66
C PHE L 108 -4.57 -16.08 -35.95
N ILE L 109 -5.06 -17.09 -36.70
CA ILE L 109 -4.31 -17.59 -37.87
C ILE L 109 -4.48 -16.76 -39.15
N ASN L 110 -5.62 -16.13 -39.35
CA ASN L 110 -5.90 -15.46 -40.65
C ASN L 110 -5.12 -14.15 -40.85
N TRP L 111 -4.99 -13.33 -39.81
CA TRP L 111 -4.39 -12.00 -40.03
C TRP L 111 -3.01 -11.85 -39.40
N SER L 112 -2.01 -11.52 -40.22
CA SER L 112 -0.66 -11.25 -39.71
C SER L 112 -0.72 -10.11 -38.70
N MET L 113 -1.76 -9.28 -38.77
CA MET L 113 -1.96 -8.18 -37.79
C MET L 113 -3.31 -7.53 -38.10
N ARG L 114 -4.20 -7.45 -37.11
CA ARG L 114 -5.56 -6.92 -37.43
C ARG L 114 -5.81 -5.66 -36.59
N LEU L 115 -6.67 -4.76 -37.07
CA LEU L 115 -7.03 -3.56 -36.27
C LEU L 115 -8.54 -3.52 -36.00
N VAL L 116 -8.97 -4.02 -34.84
CA VAL L 116 -10.38 -3.93 -34.47
C VAL L 116 -10.54 -2.73 -33.54
N GLN L 117 -11.34 -1.77 -33.96
CA GLN L 117 -11.71 -0.61 -33.13
C GLN L 117 -13.06 -0.87 -32.49
N LEU L 118 -13.14 -0.75 -31.17
CA LEU L 118 -14.41 -1.04 -30.51
C LEU L 118 -15.48 -0.04 -30.91
N GLY L 119 -15.08 1.22 -31.14
CA GLY L 119 -15.95 2.29 -31.58
C GLY L 119 -16.56 2.06 -32.96
N GLU L 120 -16.03 1.12 -33.72
CA GLU L 120 -16.54 0.93 -35.09
C GLU L 120 -17.50 -0.27 -35.08
N MET L 121 -17.92 -0.68 -33.89
CA MET L 121 -18.74 -1.92 -33.82
C MET L 121 -20.02 -1.70 -33.00
N ASP L 122 -20.94 -2.67 -33.07
CA ASP L 122 -22.24 -2.58 -32.38
C ASP L 122 -22.04 -2.42 -30.87
N SER L 123 -22.64 -1.39 -30.28
CA SER L 123 -22.53 -1.15 -28.82
C SER L 123 -22.81 -2.42 -28.02
N ASP L 124 -24.03 -2.96 -28.12
CA ASP L 124 -24.42 -4.11 -27.26
C ASP L 124 -23.36 -5.20 -27.37
N THR L 125 -23.06 -5.64 -28.60
CA THR L 125 -22.05 -6.69 -28.79
C THR L 125 -20.80 -6.30 -27.99
N ILE L 126 -20.29 -5.09 -28.19
CA ILE L 126 -19.01 -4.68 -27.55
C ILE L 126 -19.18 -4.60 -26.02
N ARG L 127 -20.27 -4.00 -25.53
CA ARG L 127 -20.42 -3.83 -24.07
C ARG L 127 -20.67 -5.20 -23.45
N ARG L 128 -21.54 -5.99 -24.07
CA ARG L 128 -21.80 -7.35 -23.56
C ARG L 128 -20.48 -8.12 -23.60
N LEU L 129 -19.63 -7.84 -24.59
CA LEU L 129 -18.34 -8.50 -24.58
C LEU L 129 -17.44 -7.97 -23.48
N ARG L 130 -17.39 -6.65 -23.31
CA ARG L 130 -16.53 -6.07 -22.29
C ARG L 130 -17.00 -6.44 -20.88
N LEU L 131 -18.31 -6.57 -20.69
CA LEU L 131 -18.81 -7.02 -19.40
C LEU L 131 -18.49 -8.48 -19.15
N LYS L 132 -18.67 -9.33 -20.16
CA LYS L 132 -18.51 -10.77 -19.97
C LYS L 132 -17.16 -11.08 -19.36
N TYR L 133 -16.13 -10.31 -19.74
CA TYR L 133 -14.74 -10.61 -19.47
C TYR L 133 -14.00 -9.51 -18.71
N SER L 134 -14.68 -8.66 -17.94
CA SER L 134 -13.96 -7.63 -17.21
C SER L 134 -14.90 -7.08 -16.16
N PRO L 135 -14.38 -6.54 -15.05
CA PRO L 135 -15.24 -5.92 -14.02
C PRO L 135 -15.57 -4.46 -14.28
N ALA L 136 -15.14 -3.92 -15.41
CA ALA L 136 -15.16 -2.48 -15.65
C ALA L 136 -16.45 -2.03 -16.36
N ALA L 137 -16.84 -0.78 -16.07
CA ALA L 137 -17.94 -0.16 -16.79
C ALA L 137 -17.52 0.40 -18.15
N THR L 138 -16.21 0.47 -18.41
CA THR L 138 -15.65 0.82 -19.71
C THR L 138 -14.53 -0.16 -20.03
N PHE L 139 -13.98 -0.04 -21.23
CA PHE L 139 -12.80 -0.83 -21.61
C PHE L 139 -11.64 -0.49 -20.69
N GLN L 140 -11.24 -1.43 -19.84
CA GLN L 140 -10.08 -1.26 -18.96
C GLN L 140 -9.32 -2.58 -18.98
N PRO L 141 -8.49 -2.79 -20.01
CA PRO L 141 -7.74 -4.04 -20.06
C PRO L 141 -6.87 -4.25 -18.85
N ARG L 142 -6.45 -3.17 -18.17
CA ARG L 142 -5.62 -3.34 -17.00
C ARG L 142 -6.36 -4.07 -15.90
N SER L 143 -7.69 -4.16 -15.99
CA SER L 143 -8.48 -4.84 -14.99
C SER L 143 -8.82 -6.27 -15.38
N MET L 144 -8.27 -6.78 -16.46
CA MET L 144 -8.62 -8.12 -16.90
C MET L 144 -7.45 -9.09 -16.75
N THR L 145 -7.78 -10.34 -16.48
CA THR L 145 -6.79 -11.40 -16.40
C THR L 145 -6.31 -11.81 -17.79
N ALA L 146 -5.27 -12.64 -17.82
CA ALA L 146 -4.77 -13.17 -19.08
C ALA L 146 -5.82 -14.03 -19.79
N GLU L 147 -6.59 -14.81 -19.04
CA GLU L 147 -7.62 -15.61 -19.70
C GLU L 147 -8.70 -14.70 -20.26
N GLN L 148 -9.07 -13.66 -19.53
CA GLN L 148 -10.06 -12.72 -20.01
C GLN L 148 -9.57 -11.97 -21.24
N CYS L 149 -8.32 -11.51 -21.23
CA CYS L 149 -7.82 -10.85 -22.44
C CYS L 149 -7.83 -11.80 -23.63
N PHE L 150 -7.39 -13.04 -23.44
CA PHE L 150 -7.37 -13.98 -24.54
C PHE L 150 -8.78 -14.24 -25.08
N ARG L 151 -9.72 -14.58 -24.20
CA ARG L 151 -11.07 -14.89 -24.65
C ARG L 151 -11.76 -13.67 -25.27
N PHE L 152 -11.50 -12.48 -24.74
CA PHE L 152 -12.06 -11.28 -25.34
C PHE L 152 -11.61 -11.16 -26.80
N LEU L 153 -10.30 -11.17 -27.01
CA LEU L 153 -9.76 -11.01 -28.36
C LEU L 153 -10.21 -12.13 -29.29
N LYS L 154 -10.40 -13.35 -28.76
CA LYS L 154 -10.84 -14.46 -29.58
C LYS L 154 -12.23 -14.22 -30.12
N GLU L 155 -13.13 -13.71 -29.29
CA GLU L 155 -14.46 -13.42 -29.80
C GLU L 155 -14.42 -12.34 -30.89
N LEU L 156 -13.62 -11.28 -30.69
CA LEU L 156 -13.46 -10.28 -31.74
C LEU L 156 -12.96 -10.92 -33.03
N TYR L 157 -11.92 -11.74 -32.93
CA TYR L 157 -11.41 -12.42 -34.11
C TYR L 157 -12.50 -13.26 -34.77
N ASP L 158 -13.31 -13.97 -33.97
CA ASP L 158 -14.33 -14.82 -34.55
C ASP L 158 -15.40 -13.98 -35.24
N MET L 159 -15.68 -12.79 -34.72
CA MET L 159 -16.59 -11.82 -35.30
C MET L 159 -15.88 -10.98 -36.37
N SER L 160 -15.23 -11.62 -37.33
CA SER L 160 -14.48 -10.90 -38.36
C SER L 160 -13.97 -11.84 -39.47
N MET M 21 5.29 -55.04 -26.79
CA MET M 21 4.87 -55.02 -28.20
C MET M 21 3.76 -54.01 -28.49
N GLY M 22 2.84 -54.40 -29.36
CA GLY M 22 1.64 -53.62 -29.64
C GLY M 22 1.79 -52.60 -30.75
N LEU M 23 0.75 -51.76 -30.88
CA LEU M 23 0.62 -50.78 -31.95
C LEU M 23 1.31 -49.48 -31.58
N HIS M 24 2.07 -48.92 -32.51
CA HIS M 24 2.83 -47.70 -32.26
C HIS M 24 2.66 -46.72 -33.41
N ARG M 25 3.04 -45.47 -33.16
CA ARG M 25 3.14 -44.47 -34.21
C ARG M 25 4.51 -43.81 -34.14
N LEU M 26 5.16 -43.70 -35.30
CA LEU M 26 6.41 -42.96 -35.44
C LEU M 26 6.13 -41.71 -36.25
N ILE M 27 6.82 -40.62 -35.92
CA ILE M 27 6.81 -39.39 -36.71
C ILE M 27 8.24 -38.94 -36.86
N PHE M 28 8.67 -38.68 -38.11
CA PHE M 28 10.00 -38.16 -38.35
C PHE M 28 9.94 -37.18 -39.52
N LEU M 29 11.02 -36.43 -39.69
CA LEU M 29 11.17 -35.48 -40.78
C LEU M 29 12.54 -35.67 -41.42
N SER M 30 12.71 -35.11 -42.62
CA SER M 30 14.01 -35.20 -43.29
C SER M 30 14.05 -34.14 -44.40
N CYS M 31 15.26 -33.92 -44.91
CA CYS M 31 15.51 -33.05 -46.06
C CYS M 31 15.60 -33.87 -47.33
N ALA M 32 14.83 -33.49 -48.33
CA ALA M 32 14.91 -34.09 -49.65
C ALA M 32 16.23 -33.73 -50.33
N THR M 33 16.83 -34.70 -51.00
CA THR M 33 18.01 -34.44 -51.83
C THR M 33 17.62 -33.56 -53.03
N ASP M 34 18.50 -32.63 -53.40
CA ASP M 34 18.19 -31.69 -54.49
C ASP M 34 17.93 -32.42 -55.80
N GLY M 35 16.84 -32.06 -56.49
CA GLY M 35 16.50 -32.69 -57.74
C GLY M 35 15.46 -33.79 -57.67
N LEU M 36 14.90 -34.05 -56.49
CA LEU M 36 13.92 -35.11 -56.35
C LEU M 36 12.82 -34.93 -57.38
N SER M 37 12.54 -35.97 -58.16
CA SER M 37 11.61 -35.97 -59.29
C SER M 37 10.46 -36.92 -59.01
N TYR M 38 9.48 -36.95 -59.89
CA TYR M 38 8.44 -37.96 -59.66
C TYR M 38 9.10 -39.35 -59.80
N PRO M 39 10.02 -39.63 -60.74
CA PRO M 39 10.56 -41.00 -60.84
C PRO M 39 11.06 -41.42 -59.46
N ASP M 40 11.70 -40.46 -58.76
CA ASP M 40 12.09 -40.66 -57.37
C ASP M 40 10.86 -40.83 -56.47
N LEU M 41 9.88 -39.90 -56.55
CA LEU M 41 8.65 -40.02 -55.75
C LEU M 41 7.90 -41.30 -56.07
N ARG M 42 7.84 -41.67 -57.36
CA ARG M 42 7.06 -42.83 -57.77
C ARG M 42 7.68 -44.11 -57.24
N ASP M 43 9.02 -44.19 -57.24
CA ASP M 43 9.67 -45.36 -56.68
C ASP M 43 9.39 -45.49 -55.19
N ILE M 44 9.48 -44.37 -54.44
CA ILE M 44 9.17 -44.36 -53.01
C ILE M 44 7.72 -44.80 -52.75
N MET M 45 6.76 -44.17 -53.43
CA MET M 45 5.37 -44.55 -53.19
C MET M 45 5.13 -46.00 -53.56
N ALA M 46 5.85 -46.49 -54.58
CA ALA M 46 5.61 -47.84 -55.06
C ALA M 46 6.08 -48.88 -54.06
N LYS M 47 7.34 -48.76 -53.59
CA LYS M 47 7.86 -49.74 -52.64
C LYS M 47 7.17 -49.61 -51.29
N SER M 48 6.88 -48.38 -50.86
CA SER M 48 6.25 -48.22 -49.55
C SER M 48 4.89 -48.89 -49.52
N GLU M 49 4.09 -48.71 -50.57
CA GLU M 49 2.77 -49.32 -50.58
C GLU M 49 2.87 -50.82 -50.47
N VAL M 50 3.86 -51.42 -51.15
CA VAL M 50 4.00 -52.88 -51.09
C VAL M 50 4.58 -53.32 -49.75
N ASN M 51 5.68 -52.68 -49.32
CA ASN M 51 6.37 -53.11 -48.10
C ASN M 51 5.50 -52.92 -46.88
N ASN M 52 4.90 -51.72 -46.73
CA ASN M 52 4.05 -51.45 -45.58
C ASN M 52 2.82 -52.35 -45.61
N LEU M 53 2.24 -52.55 -46.79
CA LEU M 53 1.13 -53.47 -46.86
C LEU M 53 1.54 -54.81 -46.29
N ARG M 54 2.74 -55.28 -46.65
CA ARG M 54 3.19 -56.57 -46.14
C ARG M 54 3.37 -56.53 -44.63
N ASP M 55 3.91 -55.43 -44.11
CA ASP M 55 4.31 -55.37 -42.70
C ASP M 55 3.20 -54.90 -41.78
N GLY M 56 2.00 -54.64 -42.32
CA GLY M 56 0.94 -54.08 -41.52
C GLY M 56 1.12 -52.61 -41.17
N ILE M 57 1.90 -51.88 -41.94
CA ILE M 57 2.19 -50.50 -41.64
C ILE M 57 1.30 -49.64 -42.51
N THR M 58 0.67 -48.66 -41.89
CA THR M 58 -0.09 -47.61 -42.53
C THR M 58 0.50 -46.28 -42.10
N GLY M 59 0.17 -45.24 -42.85
CA GLY M 59 0.73 -43.94 -42.57
C GLY M 59 0.53 -43.00 -43.74
N MET M 60 1.29 -41.90 -43.70
CA MET M 60 1.19 -40.82 -44.68
C MET M 60 2.51 -40.08 -44.81
N LEU M 61 2.87 -39.70 -46.04
CA LEU M 61 4.07 -38.92 -46.29
C LEU M 61 3.68 -37.56 -46.89
N CYS M 62 4.16 -36.49 -46.25
CA CYS M 62 3.92 -35.12 -46.68
C CYS M 62 5.22 -34.53 -47.22
N TYR M 63 5.14 -33.84 -48.35
CA TYR M 63 6.29 -33.18 -48.96
C TYR M 63 5.98 -31.73 -49.28
N GLY M 64 6.89 -30.85 -48.90
CA GLY M 64 6.74 -29.44 -49.20
C GLY M 64 8.03 -28.73 -48.85
N ASN M 65 8.32 -27.63 -49.54
CA ASN M 65 9.46 -26.79 -49.17
C ASN M 65 10.74 -27.60 -48.98
N GLY M 66 10.92 -28.60 -49.83
CA GLY M 66 12.12 -29.42 -49.76
C GLY M 66 12.25 -30.29 -48.55
N MET M 67 11.20 -30.43 -47.75
CA MET M 67 11.22 -31.19 -46.51
C MET M 67 10.25 -32.37 -46.60
N PHE M 68 10.62 -33.46 -45.95
CA PHE M 68 9.73 -34.59 -45.77
C PHE M 68 9.25 -34.62 -44.33
N LEU M 69 7.97 -34.89 -44.13
CA LEU M 69 7.42 -35.15 -42.80
C LEU M 69 6.48 -36.33 -42.91
N GLN M 70 6.85 -37.46 -42.32
CA GLN M 70 6.16 -38.73 -42.46
C GLN M 70 5.79 -39.31 -41.11
N THR M 71 4.74 -40.12 -41.09
CA THR M 71 4.31 -40.86 -39.92
C THR M 71 4.05 -42.32 -40.30
N LEU M 72 4.38 -43.23 -39.41
CA LEU M 72 4.14 -44.64 -39.65
C LEU M 72 3.47 -45.24 -38.45
N GLU M 73 2.48 -46.09 -38.68
CA GLU M 73 1.80 -46.80 -37.60
C GLU M 73 1.97 -48.30 -37.80
N GLY M 74 2.21 -49.01 -36.71
CA GLY M 74 2.35 -50.44 -36.80
C GLY M 74 3.10 -51.03 -35.61
N ASP M 75 3.66 -52.19 -35.85
CA ASP M 75 4.37 -52.92 -34.82
C ASP M 75 5.65 -52.18 -34.44
N ARG M 76 6.01 -52.28 -33.15
CA ARG M 76 7.22 -51.59 -32.70
C ARG M 76 8.43 -52.02 -33.54
N GLN M 77 8.58 -53.34 -33.75
CA GLN M 77 9.70 -53.84 -34.53
C GLN M 77 9.54 -53.49 -36.00
N LYS M 78 8.40 -53.80 -36.60
CA LYS M 78 8.23 -53.53 -38.03
C LYS M 78 8.50 -52.05 -38.35
N VAL M 79 7.86 -51.14 -37.62
CA VAL M 79 8.05 -49.71 -37.85
C VAL M 79 9.52 -49.32 -37.68
N SER M 80 10.16 -49.83 -36.64
CA SER M 80 11.58 -49.55 -36.47
C SER M 80 12.37 -50.06 -37.66
N GLU M 81 12.14 -51.32 -38.03
CA GLU M 81 12.87 -51.88 -39.16
C GLU M 81 12.65 -51.04 -40.41
N THR M 82 11.41 -50.61 -40.65
CA THR M 82 11.15 -49.77 -41.82
C THR M 82 11.95 -48.47 -41.73
N TYR M 83 11.93 -47.83 -40.57
CA TYR M 83 12.67 -46.58 -40.44
C TYR M 83 14.16 -46.79 -40.71
N ALA M 84 14.74 -47.88 -40.22
CA ALA M 84 16.19 -48.06 -40.38
C ALA M 84 16.55 -48.19 -41.86
N ARG M 85 15.66 -48.79 -42.65
CA ARG M 85 15.91 -48.98 -44.10
C ARG M 85 15.68 -47.64 -44.78
N ILE M 86 14.73 -46.88 -44.25
CA ILE M 86 14.47 -45.54 -44.78
C ILE M 86 15.68 -44.66 -44.54
N LEU M 87 16.38 -44.90 -43.43
CA LEU M 87 17.55 -44.09 -43.13
C LEU M 87 18.68 -44.33 -44.12
N LYS M 88 18.68 -45.46 -44.84
CA LYS M 88 19.73 -45.72 -45.82
C LYS M 88 19.39 -45.16 -47.21
N ASP M 89 18.18 -44.61 -47.38
CA ASP M 89 17.75 -44.18 -48.70
C ASP M 89 18.44 -42.86 -49.06
N PRO M 90 19.16 -42.79 -50.18
CA PRO M 90 19.89 -41.56 -50.52
C PRO M 90 19.02 -40.41 -51.02
N ARG M 91 17.73 -40.62 -51.23
CA ARG M 91 16.87 -39.56 -51.74
C ARG M 91 16.47 -38.51 -50.69
N HIS M 92 16.95 -38.65 -49.46
CA HIS M 92 16.80 -37.63 -48.42
C HIS M 92 17.97 -37.74 -47.47
N HIS M 93 18.10 -36.75 -46.60
CA HIS M 93 19.19 -36.71 -45.63
C HIS M 93 18.73 -35.93 -44.41
N SER M 94 19.53 -35.96 -43.35
CA SER M 94 19.28 -35.20 -42.13
C SER M 94 17.93 -35.57 -41.51
N ALA M 95 17.72 -36.88 -41.32
CA ALA M 95 16.51 -37.36 -40.69
C ALA M 95 16.48 -36.97 -39.21
N GLU M 96 15.28 -36.72 -38.71
CA GLU M 96 15.09 -36.30 -37.32
C GLU M 96 13.83 -36.96 -36.78
N ILE M 97 13.96 -37.76 -35.72
CA ILE M 97 12.77 -38.31 -35.08
C ILE M 97 12.02 -37.18 -34.38
N VAL M 98 10.70 -37.17 -34.54
CA VAL M 98 9.84 -36.21 -33.86
C VAL M 98 9.15 -36.85 -32.67
N GLU M 99 8.71 -38.11 -32.83
CA GLU M 99 8.02 -38.81 -31.77
C GLU M 99 7.98 -40.30 -32.11
N PHE M 100 7.93 -41.13 -31.06
CA PHE M 100 7.69 -42.56 -31.20
C PHE M 100 7.03 -43.05 -29.92
N LYS M 101 5.78 -43.52 -30.02
CA LYS M 101 5.04 -43.92 -28.82
C LYS M 101 4.00 -44.95 -29.18
N ALA M 102 3.47 -45.61 -28.16
CA ALA M 102 2.36 -46.52 -28.31
C ALA M 102 1.10 -45.70 -28.52
N ILE M 103 0.15 -46.26 -29.28
CA ILE M 103 -1.11 -45.57 -29.53
C ILE M 103 -2.27 -46.53 -29.33
N GLU M 104 -3.39 -45.97 -28.87
CA GLU M 104 -4.56 -46.77 -28.59
C GLU M 104 -5.23 -47.23 -29.88
N GLU M 105 -5.23 -46.37 -30.90
CA GLU M 105 -5.83 -46.66 -32.20
C GLU M 105 -5.09 -45.93 -33.31
N ARG M 106 -5.20 -46.46 -34.53
CA ARG M 106 -4.60 -45.79 -35.67
C ARG M 106 -5.44 -44.58 -36.02
N THR M 107 -4.77 -43.53 -36.48
CA THR M 107 -5.41 -42.37 -37.07
C THR M 107 -5.36 -42.40 -38.60
N PHE M 108 -4.25 -42.90 -39.14
CA PHE M 108 -4.03 -42.94 -40.59
C PHE M 108 -4.31 -44.35 -41.11
N ILE M 109 -5.61 -44.67 -41.12
CA ILE M 109 -6.08 -46.04 -41.34
C ILE M 109 -6.13 -46.39 -42.82
N ASN M 110 -6.62 -45.45 -43.65
CA ASN M 110 -7.10 -45.79 -44.98
C ASN M 110 -5.96 -46.20 -45.90
N TRP M 111 -4.76 -45.68 -45.69
CA TRP M 111 -3.72 -45.82 -46.70
C TRP M 111 -2.49 -46.46 -46.08
N SER M 112 -1.95 -47.51 -46.73
CA SER M 112 -0.66 -48.06 -46.31
C SER M 112 0.47 -47.05 -46.47
N MET M 113 0.29 -46.10 -47.39
CA MET M 113 1.19 -44.97 -47.59
C MET M 113 0.60 -44.00 -48.61
N ARG M 114 0.40 -42.74 -48.25
CA ARG M 114 -0.12 -41.74 -49.18
C ARG M 114 0.80 -40.54 -49.19
N LEU M 115 1.18 -40.09 -50.39
CA LEU M 115 1.99 -38.90 -50.54
C LEU M 115 1.09 -37.68 -50.67
N VAL M 116 1.38 -36.63 -49.91
CA VAL M 116 0.67 -35.36 -50.00
C VAL M 116 1.71 -34.30 -50.28
N GLN M 117 1.60 -33.64 -51.42
CA GLN M 117 2.51 -32.56 -51.77
C GLN M 117 1.88 -31.21 -51.42
N LEU M 118 2.54 -30.43 -50.55
CA LEU M 118 1.96 -29.16 -50.10
C LEU M 118 1.93 -28.12 -51.20
N GLY M 119 2.94 -28.15 -52.06
CA GLY M 119 2.99 -27.22 -53.19
C GLY M 119 1.85 -27.41 -54.18
N GLU M 120 1.12 -28.52 -54.06
CA GLU M 120 0.00 -28.82 -55.00
C GLU M 120 -1.31 -28.79 -54.21
N MET M 121 -1.65 -27.66 -53.60
CA MET M 121 -2.88 -27.55 -52.78
C MET M 121 -3.27 -26.09 -52.61
N ASP M 122 -4.54 -25.81 -52.30
CA ASP M 122 -5.01 -24.44 -52.16
C ASP M 122 -3.98 -23.63 -51.38
N SER M 123 -3.40 -22.61 -52.00
CA SER M 123 -2.38 -21.81 -51.32
C SER M 123 -2.84 -21.40 -49.93
N ASP M 124 -4.13 -21.30 -49.78
CA ASP M 124 -4.83 -20.56 -48.74
C ASP M 124 -5.12 -21.42 -47.51
N THR M 125 -5.59 -22.66 -47.74
CA THR M 125 -5.71 -23.64 -46.66
C THR M 125 -4.34 -24.11 -46.17
N ILE M 126 -3.37 -24.26 -47.06
CA ILE M 126 -2.07 -24.74 -46.61
C ILE M 126 -1.35 -23.64 -45.81
N ARG M 127 -1.59 -22.40 -46.15
CA ARG M 127 -1.01 -21.34 -45.29
C ARG M 127 -1.79 -21.37 -43.98
N ARG M 128 -3.12 -21.51 -44.04
CA ARG M 128 -3.84 -21.62 -42.77
C ARG M 128 -3.39 -22.86 -41.97
N LEU M 129 -3.25 -24.01 -42.63
CA LEU M 129 -2.82 -25.22 -41.92
C LEU M 129 -1.39 -25.09 -41.41
N ARG M 130 -0.48 -24.54 -42.23
CA ARG M 130 0.92 -24.43 -41.83
C ARG M 130 1.08 -23.46 -40.66
N LEU M 131 0.33 -22.36 -40.66
CA LEU M 131 0.43 -21.41 -39.56
C LEU M 131 -0.18 -21.98 -38.28
N LYS M 132 -1.30 -22.68 -38.40
CA LYS M 132 -1.99 -23.17 -37.21
C LYS M 132 -1.06 -24.01 -36.33
N TYR M 133 -0.18 -24.80 -36.95
CA TYR M 133 0.62 -25.78 -36.23
C TYR M 133 2.12 -25.50 -36.31
N SER M 134 2.54 -24.25 -36.55
CA SER M 134 3.96 -23.95 -36.53
C SER M 134 4.17 -22.45 -36.45
N PRO M 135 5.30 -22.00 -35.91
CA PRO M 135 5.63 -20.56 -35.90
C PRO M 135 6.33 -20.06 -37.15
N ALA M 136 6.57 -20.91 -38.15
CA ALA M 136 7.42 -20.56 -39.28
C ALA M 136 6.62 -19.95 -40.43
N ALA M 137 7.29 -19.08 -41.20
CA ALA M 137 6.70 -18.48 -42.39
C ALA M 137 6.71 -19.41 -43.60
N THR M 138 7.35 -20.58 -43.50
CA THR M 138 7.25 -21.63 -44.49
C THR M 138 7.11 -22.96 -43.74
N PHE M 139 6.84 -24.02 -44.50
CA PHE M 139 6.76 -25.34 -43.91
C PHE M 139 8.12 -25.68 -43.34
N GLN M 140 8.22 -25.75 -42.02
CA GLN M 140 9.48 -26.08 -41.35
C GLN M 140 9.14 -27.03 -40.24
N PRO M 141 8.99 -28.31 -40.54
CA PRO M 141 8.68 -29.28 -39.50
C PRO M 141 9.71 -29.30 -38.37
N ARG M 142 10.92 -28.80 -38.59
CA ARG M 142 11.92 -28.75 -37.53
C ARG M 142 11.52 -27.79 -36.41
N SER M 143 10.55 -26.92 -36.67
CA SER M 143 10.05 -25.96 -35.68
C SER M 143 8.79 -26.45 -34.99
N MET M 144 8.40 -27.69 -35.21
CA MET M 144 7.11 -28.19 -34.77
C MET M 144 7.28 -29.24 -33.68
N THR M 145 6.32 -29.24 -32.76
CA THR M 145 6.29 -30.23 -31.71
C THR M 145 5.73 -31.54 -32.23
N ALA M 146 5.86 -32.58 -31.40
CA ALA M 146 5.25 -33.85 -31.76
C ALA M 146 3.74 -33.71 -31.95
N GLU M 147 3.06 -32.94 -31.09
CA GLU M 147 1.61 -32.83 -31.22
C GLU M 147 1.23 -31.98 -32.43
N GLN M 148 1.97 -30.91 -32.70
CA GLN M 148 1.66 -30.11 -33.89
C GLN M 148 1.85 -30.95 -35.16
N CYS M 149 2.92 -31.73 -35.24
CA CYS M 149 3.10 -32.58 -36.41
C CYS M 149 1.95 -33.58 -36.57
N PHE M 150 1.52 -34.16 -35.45
CA PHE M 150 0.39 -35.10 -35.50
C PHE M 150 -0.85 -34.40 -36.04
N ARG M 151 -1.19 -33.26 -35.47
CA ARG M 151 -2.38 -32.56 -35.89
C ARG M 151 -2.27 -32.09 -37.34
N PHE M 152 -1.08 -31.61 -37.73
CA PHE M 152 -0.85 -31.21 -39.12
C PHE M 152 -1.04 -32.39 -40.07
N LEU M 153 -0.32 -33.48 -39.84
CA LEU M 153 -0.47 -34.62 -40.76
C LEU M 153 -1.90 -35.14 -40.75
N LYS M 154 -2.57 -35.13 -39.59
CA LYS M 154 -3.91 -35.68 -39.48
C LYS M 154 -4.93 -34.86 -40.25
N GLU M 155 -4.88 -33.52 -40.14
CA GLU M 155 -5.81 -32.68 -40.91
C GLU M 155 -5.58 -32.87 -42.41
N LEU M 156 -4.33 -33.00 -42.82
CA LEU M 156 -4.04 -33.32 -44.21
C LEU M 156 -4.74 -34.62 -44.61
N TYR M 157 -4.55 -35.67 -43.83
CA TYR M 157 -5.20 -36.94 -44.12
C TYR M 157 -6.72 -36.81 -44.13
N ASP M 158 -7.27 -35.98 -43.23
CA ASP M 158 -8.73 -35.86 -43.16
C ASP M 158 -9.33 -35.23 -44.40
N MET M 159 -8.56 -34.40 -45.12
CA MET M 159 -8.97 -33.78 -46.38
C MET M 159 -8.76 -34.68 -47.58
N SER M 160 -8.65 -35.99 -47.38
CA SER M 160 -8.44 -36.90 -48.49
C SER M 160 -9.39 -38.10 -48.44
N MET N 21 -21.02 -59.26 -4.76
CA MET N 21 -20.07 -58.69 -5.71
C MET N 21 -20.74 -58.41 -7.04
N GLY N 22 -20.16 -57.49 -7.82
CA GLY N 22 -20.88 -56.84 -8.90
C GLY N 22 -20.87 -57.49 -10.28
N LEU N 23 -21.19 -56.67 -11.26
CA LEU N 23 -21.23 -57.03 -12.66
C LEU N 23 -19.84 -56.97 -13.25
N HIS N 24 -19.49 -57.99 -14.05
CA HIS N 24 -18.15 -58.06 -14.59
C HIS N 24 -18.18 -58.31 -16.08
N ARG N 25 -17.04 -58.03 -16.73
CA ARG N 25 -16.85 -58.37 -18.13
C ARG N 25 -15.51 -59.10 -18.31
N LEU N 26 -15.55 -60.22 -19.02
CA LEU N 26 -14.38 -60.99 -19.43
C LEU N 26 -14.17 -60.87 -20.94
N ILE N 27 -12.92 -60.78 -21.35
CA ILE N 27 -12.55 -60.83 -22.76
C ILE N 27 -11.46 -61.87 -22.88
N PHE N 28 -11.60 -62.81 -23.83
CA PHE N 28 -10.54 -63.78 -24.08
C PHE N 28 -10.43 -64.07 -25.57
N LEU N 29 -9.33 -64.73 -25.93
CA LEU N 29 -9.06 -65.11 -27.30
C LEU N 29 -8.58 -66.56 -27.34
N SER N 30 -8.66 -67.18 -28.53
CA SER N 30 -8.18 -68.55 -28.69
C SER N 30 -8.00 -68.90 -30.17
N CYS N 31 -7.29 -70.02 -30.40
CA CYS N 31 -7.11 -70.57 -31.73
C CYS N 31 -8.20 -71.58 -31.99
N ALA N 32 -8.88 -71.43 -33.12
CA ALA N 32 -9.82 -72.45 -33.53
C ALA N 32 -9.03 -73.70 -33.90
N THR N 33 -9.48 -74.86 -33.43
CA THR N 33 -8.85 -76.10 -33.82
C THR N 33 -9.06 -76.37 -35.31
N ASP N 34 -8.06 -76.97 -35.95
CA ASP N 34 -8.13 -77.24 -37.39
C ASP N 34 -9.30 -78.18 -37.68
N GLY N 35 -10.07 -77.86 -38.71
CA GLY N 35 -11.24 -78.63 -39.06
C GLY N 35 -12.55 -78.06 -38.58
N LEU N 36 -12.54 -76.86 -37.99
CA LEU N 36 -13.75 -76.25 -37.50
C LEU N 36 -14.78 -76.12 -38.62
N SER N 37 -15.98 -76.63 -38.38
CA SER N 37 -17.04 -76.66 -39.38
C SER N 37 -18.16 -75.72 -38.98
N TYR N 38 -18.97 -75.31 -39.97
CA TYR N 38 -20.18 -74.54 -39.64
C TYR N 38 -21.09 -75.32 -38.70
N PRO N 39 -21.28 -76.61 -38.87
CA PRO N 39 -21.99 -77.36 -37.83
C PRO N 39 -21.38 -77.17 -36.46
N ASP N 40 -20.05 -77.13 -36.39
CA ASP N 40 -19.38 -76.89 -35.12
C ASP N 40 -19.77 -75.53 -34.53
N LEU N 41 -19.64 -74.46 -35.33
CA LEU N 41 -20.05 -73.13 -34.89
C LEU N 41 -21.50 -73.13 -34.44
N ARG N 42 -22.37 -73.84 -35.17
CA ARG N 42 -23.78 -73.80 -34.86
C ARG N 42 -24.06 -74.46 -33.53
N ASP N 43 -23.31 -75.53 -33.22
CA ASP N 43 -23.42 -76.20 -31.92
C ASP N 43 -22.91 -75.30 -30.78
N ILE N 44 -21.79 -74.60 -31.00
CA ILE N 44 -21.30 -73.63 -30.01
C ILE N 44 -22.36 -72.55 -29.78
N MET N 45 -22.82 -71.91 -30.86
CA MET N 45 -23.80 -70.84 -30.69
C MET N 45 -25.05 -71.37 -30.01
N ALA N 46 -25.40 -72.64 -30.26
CA ALA N 46 -26.62 -73.18 -29.72
C ALA N 46 -26.51 -73.37 -28.21
N LYS N 47 -25.40 -73.91 -27.73
CA LYS N 47 -25.25 -74.15 -26.28
C LYS N 47 -25.03 -72.80 -25.58
N SER N 48 -24.37 -71.86 -26.25
CA SER N 48 -24.10 -70.57 -25.64
C SER N 48 -25.38 -69.77 -25.41
N GLU N 49 -26.29 -69.72 -26.39
CA GLU N 49 -27.51 -68.96 -26.20
C GLU N 49 -28.31 -69.52 -25.03
N VAL N 50 -28.31 -70.84 -24.87
CA VAL N 50 -29.10 -71.46 -23.80
C VAL N 50 -28.46 -71.22 -22.44
N ASN N 51 -27.16 -71.51 -22.32
CA ASN N 51 -26.50 -71.39 -21.02
C ASN N 51 -26.41 -69.93 -20.55
N ASN N 52 -25.97 -69.02 -21.43
CA ASN N 52 -25.78 -67.63 -21.02
C ASN N 52 -27.10 -67.01 -20.57
N LEU N 53 -28.18 -67.23 -21.34
CA LEU N 53 -29.49 -66.76 -20.91
C LEU N 53 -29.84 -67.37 -19.57
N ARG N 54 -29.48 -68.63 -19.38
CA ARG N 54 -29.70 -69.28 -18.09
C ARG N 54 -28.94 -68.55 -17.00
N ASP N 55 -27.73 -68.08 -17.32
CA ASP N 55 -26.79 -67.57 -16.34
C ASP N 55 -26.78 -66.05 -16.16
N GLY N 56 -27.64 -65.30 -16.86
CA GLY N 56 -27.54 -63.86 -16.87
C GLY N 56 -26.35 -63.29 -17.62
N ILE N 57 -25.76 -64.06 -18.52
CA ILE N 57 -24.56 -63.69 -19.27
C ILE N 57 -24.97 -63.24 -20.66
N THR N 58 -24.36 -62.16 -21.13
CA THR N 58 -24.51 -61.67 -22.49
C THR N 58 -23.11 -61.52 -23.06
N GLY N 59 -23.00 -61.39 -24.37
CA GLY N 59 -21.67 -61.27 -24.94
C GLY N 59 -21.66 -61.40 -26.44
N MET N 60 -20.44 -61.58 -26.95
CA MET N 60 -20.17 -61.56 -28.37
C MET N 60 -18.99 -62.46 -28.66
N LEU N 61 -19.10 -63.29 -29.72
CA LEU N 61 -18.03 -64.17 -30.18
C LEU N 61 -17.65 -63.76 -31.58
N CYS N 62 -16.38 -63.45 -31.77
CA CYS N 62 -15.84 -63.07 -33.06
C CYS N 62 -14.95 -64.20 -33.58
N TYR N 63 -15.17 -64.59 -34.84
CA TYR N 63 -14.34 -65.58 -35.53
C TYR N 63 -13.80 -65.00 -36.83
N GLY N 64 -12.49 -65.14 -37.02
CA GLY N 64 -11.82 -64.71 -38.22
C GLY N 64 -10.40 -65.23 -38.19
N ASN N 65 -9.85 -65.50 -39.36
CA ASN N 65 -8.45 -65.90 -39.49
C ASN N 65 -8.07 -67.03 -38.55
N GLY N 66 -8.98 -67.99 -38.39
CA GLY N 66 -8.73 -69.12 -37.52
C GLY N 66 -8.64 -68.77 -36.06
N MET N 67 -9.03 -67.56 -35.68
CA MET N 67 -8.93 -67.08 -34.31
C MET N 67 -10.31 -66.74 -33.76
N PHE N 68 -10.49 -67.00 -32.46
CA PHE N 68 -11.67 -66.57 -31.72
C PHE N 68 -11.30 -65.39 -30.82
N LEU N 69 -12.17 -64.38 -30.80
CA LEU N 69 -12.11 -63.28 -29.82
C LEU N 69 -13.55 -63.08 -29.30
N GLN N 70 -13.75 -63.36 -28.02
CA GLN N 70 -15.06 -63.37 -27.40
C GLN N 70 -15.06 -62.47 -26.17
N THR N 71 -16.24 -61.90 -25.84
CA THR N 71 -16.43 -61.16 -24.60
C THR N 71 -17.70 -61.62 -23.90
N LEU N 72 -17.64 -61.70 -22.58
CA LEU N 72 -18.79 -62.10 -21.77
C LEU N 72 -19.01 -61.10 -20.63
N GLU N 73 -20.28 -60.76 -20.38
CA GLU N 73 -20.65 -59.89 -19.29
C GLU N 73 -21.62 -60.60 -18.35
N GLY N 74 -21.41 -60.45 -17.06
CA GLY N 74 -22.31 -61.05 -16.10
C GLY N 74 -21.68 -61.14 -14.71
N ASP N 75 -22.24 -62.03 -13.92
CA ASP N 75 -21.81 -62.21 -12.55
C ASP N 75 -20.38 -62.77 -12.49
N ARG N 76 -19.63 -62.36 -11.47
CA ARG N 76 -18.24 -62.78 -11.33
C ARG N 76 -18.12 -64.30 -11.30
N GLN N 77 -18.99 -64.93 -10.51
CA GLN N 77 -18.97 -66.38 -10.40
C GLN N 77 -19.41 -67.02 -11.71
N LYS N 78 -20.63 -66.68 -12.15
CA LYS N 78 -21.17 -67.33 -13.33
C LYS N 78 -20.24 -67.17 -14.52
N VAL N 79 -19.80 -65.95 -14.78
CA VAL N 79 -18.89 -65.74 -15.90
C VAL N 79 -17.65 -66.58 -15.73
N SER N 80 -17.14 -66.65 -14.50
CA SER N 80 -15.94 -67.43 -14.28
C SER N 80 -16.19 -68.88 -14.64
N GLU N 81 -17.22 -69.48 -14.06
CA GLU N 81 -17.52 -70.88 -14.33
C GLU N 81 -17.78 -71.11 -15.81
N THR N 82 -18.42 -70.15 -16.48
CA THR N 82 -18.60 -70.32 -17.92
C THR N 82 -17.25 -70.39 -18.61
N TYR N 83 -16.29 -69.57 -18.20
CA TYR N 83 -14.97 -69.62 -18.83
C TYR N 83 -14.30 -70.98 -18.62
N ALA N 84 -14.40 -71.55 -17.42
CA ALA N 84 -13.76 -72.85 -17.15
C ALA N 84 -14.34 -73.93 -18.05
N ARG N 85 -15.66 -73.85 -18.32
CA ARG N 85 -16.30 -74.79 -19.23
C ARG N 85 -15.76 -74.61 -20.66
N ILE N 86 -15.60 -73.37 -21.10
CA ILE N 86 -15.07 -73.11 -22.44
C ILE N 86 -13.66 -73.68 -22.60
N LEU N 87 -12.83 -73.63 -21.55
CA LEU N 87 -11.44 -74.09 -21.67
C LEU N 87 -11.38 -75.60 -21.93
N LYS N 88 -12.45 -76.34 -21.64
CA LYS N 88 -12.50 -77.77 -21.90
C LYS N 88 -12.92 -78.09 -23.33
N ASP N 89 -13.26 -77.08 -24.12
CA ASP N 89 -13.78 -77.32 -25.46
C ASP N 89 -12.66 -77.66 -26.43
N PRO N 90 -12.71 -78.82 -27.09
CA PRO N 90 -11.67 -79.18 -28.05
C PRO N 90 -11.79 -78.42 -29.35
N ARG N 91 -12.88 -77.68 -29.55
CA ARG N 91 -12.99 -76.92 -30.78
C ARG N 91 -12.09 -75.70 -30.80
N HIS N 92 -11.36 -75.44 -29.71
CA HIS N 92 -10.33 -74.43 -29.71
C HIS N 92 -9.28 -74.86 -28.70
N HIS N 93 -8.14 -74.19 -28.78
CA HIS N 93 -7.02 -74.52 -27.94
C HIS N 93 -6.26 -73.20 -27.74
N SER N 94 -5.26 -73.22 -26.87
CA SER N 94 -4.37 -72.08 -26.74
C SER N 94 -5.15 -70.80 -26.42
N ALA N 95 -6.03 -70.90 -25.43
CA ALA N 95 -6.82 -69.75 -24.99
C ALA N 95 -5.93 -68.75 -24.25
N GLU N 96 -6.30 -67.48 -24.36
CA GLU N 96 -5.57 -66.40 -23.71
C GLU N 96 -6.58 -65.43 -23.07
N ILE N 97 -6.53 -65.26 -21.73
CA ILE N 97 -7.36 -64.23 -21.09
C ILE N 97 -6.84 -62.86 -21.48
N VAL N 98 -7.74 -61.95 -21.85
CA VAL N 98 -7.33 -60.61 -22.26
C VAL N 98 -7.54 -59.57 -21.16
N GLU N 99 -8.64 -59.68 -20.41
CA GLU N 99 -8.98 -58.81 -19.28
C GLU N 99 -10.20 -59.34 -18.56
N PHE N 100 -10.26 -59.09 -17.25
CA PHE N 100 -11.42 -59.44 -16.44
C PHE N 100 -11.59 -58.36 -15.38
N LYS N 101 -12.67 -57.59 -15.44
CA LYS N 101 -12.80 -56.46 -14.52
C LYS N 101 -14.27 -56.16 -14.20
N ALA N 102 -14.45 -55.42 -13.12
CA ALA N 102 -15.75 -54.92 -12.74
C ALA N 102 -16.18 -53.83 -13.71
N ILE N 103 -17.48 -53.75 -13.99
CA ILE N 103 -17.99 -52.76 -14.93
C ILE N 103 -19.26 -52.11 -14.40
N GLU N 104 -19.49 -50.86 -14.84
CA GLU N 104 -20.64 -50.02 -14.48
C GLU N 104 -21.93 -50.44 -15.13
N GLU N 105 -21.89 -50.65 -16.44
CA GLU N 105 -23.02 -51.02 -17.25
C GLU N 105 -22.56 -51.98 -18.36
N ARG N 106 -23.51 -52.78 -18.84
CA ARG N 106 -23.21 -53.69 -19.95
C ARG N 106 -23.10 -52.91 -21.24
N THR N 107 -22.18 -53.34 -22.10
CA THR N 107 -22.04 -52.88 -23.48
C THR N 107 -22.69 -53.84 -24.46
N PHE N 108 -22.59 -55.13 -24.18
CA PHE N 108 -23.09 -56.18 -25.05
C PHE N 108 -24.43 -56.69 -24.49
N ILE N 109 -25.44 -55.87 -24.68
CA ILE N 109 -26.70 -56.07 -24.00
C ILE N 109 -27.59 -57.06 -24.73
N ASN N 110 -27.63 -56.95 -26.06
CA ASN N 110 -28.75 -57.48 -26.82
C ASN N 110 -28.74 -59.01 -26.94
N TRP N 111 -27.58 -59.65 -26.94
CA TRP N 111 -27.49 -61.07 -27.30
C TRP N 111 -26.88 -61.88 -26.17
N SER N 112 -27.51 -63.02 -25.84
CA SER N 112 -26.89 -63.98 -24.94
C SER N 112 -25.56 -64.46 -25.49
N MET N 113 -25.46 -64.50 -26.82
CA MET N 113 -24.24 -64.82 -27.53
C MET N 113 -24.55 -64.65 -29.00
N ARG N 114 -23.70 -63.87 -29.66
CA ARG N 114 -23.89 -63.60 -31.10
C ARG N 114 -22.55 -63.81 -31.79
N LEU N 115 -22.58 -64.53 -32.90
CA LEU N 115 -21.39 -64.83 -33.67
C LEU N 115 -21.25 -63.82 -34.78
N VAL N 116 -20.04 -63.35 -34.98
CA VAL N 116 -19.70 -62.47 -36.08
C VAL N 116 -18.52 -63.13 -36.81
N GLN N 117 -18.71 -63.49 -38.06
CA GLN N 117 -17.65 -64.07 -38.86
C GLN N 117 -17.05 -62.94 -39.67
N LEU N 118 -15.75 -62.72 -39.51
CA LEU N 118 -15.17 -61.60 -40.21
C LEU N 118 -15.19 -61.81 -41.72
N GLY N 119 -15.05 -63.07 -42.17
CA GLY N 119 -15.02 -63.41 -43.58
C GLY N 119 -16.31 -63.11 -44.31
N GLU N 120 -17.43 -63.03 -43.58
CA GLU N 120 -18.75 -62.76 -44.13
C GLU N 120 -19.15 -61.30 -43.99
N MET N 121 -18.18 -60.38 -44.00
CA MET N 121 -18.46 -58.96 -43.88
C MET N 121 -17.75 -58.21 -44.99
N ASP N 122 -18.22 -56.98 -45.25
CA ASP N 122 -17.62 -56.17 -46.29
C ASP N 122 -16.09 -56.15 -46.12
N SER N 123 -15.39 -56.76 -47.07
CA SER N 123 -13.93 -56.92 -46.97
C SER N 123 -13.24 -55.61 -46.62
N ASP N 124 -13.82 -54.47 -46.98
CA ASP N 124 -13.18 -53.18 -46.72
C ASP N 124 -13.53 -52.66 -45.33
N THR N 125 -14.79 -52.80 -44.92
CA THR N 125 -15.16 -52.34 -43.60
C THR N 125 -14.32 -53.03 -42.52
N ILE N 126 -14.08 -54.33 -42.65
CA ILE N 126 -13.33 -55.05 -41.63
C ILE N 126 -11.83 -54.78 -41.73
N ARG N 127 -11.27 -54.65 -42.94
CA ARG N 127 -9.85 -54.32 -43.04
C ARG N 127 -9.58 -52.98 -42.35
N ARG N 128 -10.46 -51.99 -42.58
CA ARG N 128 -10.29 -50.72 -41.90
C ARG N 128 -10.39 -50.89 -40.38
N LEU N 129 -11.38 -51.66 -39.92
CA LEU N 129 -11.55 -51.88 -38.48
C LEU N 129 -10.39 -52.67 -37.89
N ARG N 130 -9.88 -53.66 -38.62
CA ARG N 130 -8.79 -54.47 -38.11
C ARG N 130 -7.49 -53.68 -37.98
N LEU N 131 -7.22 -52.75 -38.91
CA LEU N 131 -6.03 -51.93 -38.76
C LEU N 131 -6.20 -50.91 -37.64
N LYS N 132 -7.39 -50.32 -37.53
CA LYS N 132 -7.62 -49.26 -36.58
C LYS N 132 -7.21 -49.67 -35.17
N TYR N 133 -7.43 -50.93 -34.82
CA TYR N 133 -7.29 -51.41 -33.46
C TYR N 133 -6.24 -52.53 -33.36
N SER N 134 -5.31 -52.60 -34.30
CA SER N 134 -4.25 -53.63 -34.21
C SER N 134 -3.11 -53.25 -35.06
N PRO N 135 -1.89 -53.75 -34.78
CA PRO N 135 -0.75 -53.50 -35.65
C PRO N 135 -0.54 -54.62 -36.66
N ALA N 136 -1.54 -55.49 -36.83
CA ALA N 136 -1.39 -56.65 -37.67
C ALA N 136 -1.98 -56.41 -39.06
N ALA N 137 -1.39 -57.08 -40.05
CA ALA N 137 -1.93 -57.08 -41.39
C ALA N 137 -3.09 -58.06 -41.54
N THR N 138 -3.35 -58.87 -40.52
CA THR N 138 -4.50 -59.77 -40.47
C THR N 138 -5.12 -59.71 -39.07
N PHE N 139 -6.25 -60.40 -38.90
CA PHE N 139 -6.83 -60.51 -37.58
C PHE N 139 -5.94 -61.34 -36.66
N GLN N 140 -5.32 -60.67 -35.69
CA GLN N 140 -4.46 -61.31 -34.69
C GLN N 140 -4.77 -60.73 -33.32
N PRO N 141 -5.80 -61.24 -32.65
CA PRO N 141 -6.11 -60.72 -31.30
C PRO N 141 -4.95 -60.82 -30.34
N ARG N 142 -4.01 -61.75 -30.55
CA ARG N 142 -2.89 -61.86 -29.63
C ARG N 142 -2.01 -60.61 -29.66
N SER N 143 -2.15 -59.79 -30.69
CA SER N 143 -1.38 -58.56 -30.85
C SER N 143 -2.13 -57.31 -30.37
N MET N 144 -3.28 -57.46 -29.73
CA MET N 144 -4.12 -56.32 -29.37
C MET N 144 -4.23 -56.20 -27.85
N THR N 145 -4.29 -54.95 -27.37
CA THR N 145 -4.46 -54.69 -25.95
C THR N 145 -5.89 -54.99 -25.52
N ALA N 146 -6.13 -55.02 -24.20
CA ALA N 146 -7.48 -55.30 -23.70
C ALA N 146 -8.47 -54.26 -24.18
N GLU N 147 -8.08 -52.99 -24.20
CA GLU N 147 -9.01 -51.92 -24.63
C GLU N 147 -9.24 -51.99 -26.14
N GLN N 148 -8.20 -52.28 -26.91
CA GLN N 148 -8.32 -52.40 -28.38
C GLN N 148 -9.30 -53.52 -28.72
N CYS N 149 -9.25 -54.60 -27.95
CA CYS N 149 -10.13 -55.76 -28.21
C CYS N 149 -11.59 -55.36 -27.97
N PHE N 150 -11.86 -54.55 -26.94
CA PHE N 150 -13.25 -54.16 -26.58
C PHE N 150 -13.79 -53.13 -27.57
N ARG N 151 -12.96 -52.14 -27.90
CA ARG N 151 -13.37 -51.11 -28.87
C ARG N 151 -13.67 -51.84 -30.19
N PHE N 152 -12.85 -52.85 -30.51
CA PHE N 152 -13.12 -53.64 -31.69
C PHE N 152 -14.45 -54.40 -31.59
N LEU N 153 -14.66 -55.16 -30.52
CA LEU N 153 -15.88 -55.95 -30.39
C LEU N 153 -17.13 -55.09 -30.35
N LYS N 154 -17.06 -53.95 -29.67
CA LYS N 154 -18.21 -53.04 -29.57
C LYS N 154 -18.53 -52.45 -30.94
N GLU N 155 -17.50 -52.04 -31.68
CA GLU N 155 -17.74 -51.53 -33.01
C GLU N 155 -18.41 -52.59 -33.89
N LEU N 156 -17.99 -53.86 -33.74
CA LEU N 156 -18.70 -54.95 -34.40
C LEU N 156 -20.12 -55.05 -33.90
N TYR N 157 -20.30 -55.08 -32.58
CA TYR N 157 -21.64 -55.22 -32.01
C TYR N 157 -22.58 -54.13 -32.51
N ASP N 158 -22.08 -52.89 -32.60
CA ASP N 158 -22.93 -51.79 -33.04
C ASP N 158 -23.32 -51.93 -34.52
N MET N 159 -22.51 -52.58 -35.33
CA MET N 159 -22.87 -52.83 -36.72
C MET N 159 -23.80 -54.02 -36.91
N SER N 160 -24.36 -54.58 -35.84
CA SER N 160 -25.17 -55.77 -35.98
C SER N 160 -26.52 -55.62 -35.28
N MET O 21 -26.66 -30.09 6.92
CA MET O 21 -27.93 -29.83 6.19
C MET O 21 -27.70 -30.00 4.68
N GLY O 22 -28.73 -29.71 3.88
CA GLY O 22 -28.55 -29.79 2.43
C GLY O 22 -29.41 -30.85 1.78
N LEU O 23 -29.48 -30.81 0.45
CA LEU O 23 -30.24 -31.80 -0.30
C LEU O 23 -29.50 -33.15 -0.34
N HIS O 24 -30.25 -34.22 -0.11
CA HIS O 24 -29.68 -35.55 -0.05
C HIS O 24 -30.48 -36.50 -0.93
N ARG O 25 -29.90 -37.68 -1.21
CA ARG O 25 -30.63 -38.77 -1.87
C ARG O 25 -30.42 -40.07 -1.13
N LEU O 26 -31.51 -40.81 -0.94
CA LEU O 26 -31.50 -42.14 -0.36
C LEU O 26 -31.90 -43.15 -1.44
N ILE O 27 -31.23 -44.30 -1.43
CA ILE O 27 -31.61 -45.45 -2.25
C ILE O 27 -31.69 -46.64 -1.32
N PHE O 28 -32.81 -47.36 -1.37
CA PHE O 28 -32.95 -48.59 -0.61
C PHE O 28 -33.75 -49.57 -1.43
N LEU O 29 -33.71 -50.82 -1.00
CA LEU O 29 -34.45 -51.92 -1.59
C LEU O 29 -35.12 -52.74 -0.48
N SER O 30 -36.04 -53.63 -0.89
CA SER O 30 -36.70 -54.52 0.06
C SER O 30 -37.49 -55.58 -0.68
N CYS O 31 -37.90 -56.60 0.07
CA CYS O 31 -38.77 -57.66 -0.41
C CYS O 31 -40.23 -57.34 -0.09
N ALA O 32 -41.10 -57.44 -1.11
CA ALA O 32 -42.53 -57.30 -0.84
C ALA O 32 -43.00 -58.44 0.06
N THR O 33 -43.87 -58.11 1.01
CA THR O 33 -44.44 -59.11 1.91
C THR O 33 -45.43 -60.00 1.16
N ASP O 34 -45.57 -61.24 1.65
CA ASP O 34 -46.46 -62.21 1.02
C ASP O 34 -47.87 -61.67 0.90
N GLY O 35 -48.45 -61.78 -0.29
CA GLY O 35 -49.80 -61.34 -0.49
C GLY O 35 -49.97 -59.89 -0.88
N LEU O 36 -48.89 -59.18 -1.21
CA LEU O 36 -49.04 -57.82 -1.70
C LEU O 36 -49.90 -57.80 -2.99
N SER O 37 -50.94 -56.96 -3.04
CA SER O 37 -51.91 -56.90 -4.16
C SER O 37 -51.90 -55.50 -4.80
N TYR O 38 -52.90 -55.22 -5.64
CA TYR O 38 -52.94 -53.91 -6.34
C TYR O 38 -53.23 -52.76 -5.37
N PRO O 39 -54.30 -52.89 -4.51
CA PRO O 39 -54.62 -51.89 -3.50
C PRO O 39 -53.41 -51.49 -2.65
N ASP O 40 -52.82 -52.47 -1.97
CA ASP O 40 -51.64 -52.20 -1.12
C ASP O 40 -50.76 -51.17 -1.85
N LEU O 41 -50.58 -51.34 -3.16
CA LEU O 41 -49.67 -50.43 -3.89
C LEU O 41 -50.19 -49.00 -3.80
N ARG O 42 -51.39 -48.74 -4.34
CA ARG O 42 -51.93 -47.34 -4.36
C ARG O 42 -52.01 -46.79 -2.94
N ASP O 43 -52.37 -47.63 -1.96
CA ASP O 43 -52.35 -47.14 -0.56
C ASP O 43 -51.00 -46.48 -0.33
N ILE O 44 -49.93 -47.25 -0.51
CA ILE O 44 -48.56 -46.67 -0.37
C ILE O 44 -48.47 -45.44 -1.27
N MET O 45 -48.73 -45.59 -2.56
CA MET O 45 -48.55 -44.45 -3.49
C MET O 45 -49.47 -43.30 -3.07
N ALA O 46 -50.37 -43.55 -2.12
CA ALA O 46 -51.34 -42.51 -1.72
C ALA O 46 -50.77 -41.72 -0.54
N LYS O 47 -50.57 -42.41 0.57
CA LYS O 47 -49.98 -41.75 1.76
C LYS O 47 -48.65 -41.11 1.36
N SER O 48 -47.91 -41.75 0.43
CA SER O 48 -46.59 -41.23 0.09
C SER O 48 -46.66 -39.90 -0.65
N GLU O 49 -47.52 -39.80 -1.65
CA GLU O 49 -47.62 -38.54 -2.37
C GLU O 49 -47.92 -37.43 -1.39
N VAL O 50 -48.74 -37.71 -0.39
CA VAL O 50 -49.11 -36.68 0.58
C VAL O 50 -47.95 -36.37 1.50
N ASN O 51 -47.38 -37.38 2.15
CA ASN O 51 -46.31 -37.09 3.10
C ASN O 51 -45.11 -36.44 2.41
N ASN O 52 -44.70 -37.00 1.28
CA ASN O 52 -43.53 -36.46 0.60
C ASN O 52 -43.76 -35.00 0.22
N LEU O 53 -45.00 -34.66 -0.13
CA LEU O 53 -45.30 -33.24 -0.34
C LEU O 53 -45.05 -32.43 0.93
N ARG O 54 -45.40 -32.98 2.10
CA ARG O 54 -45.14 -32.23 3.33
C ARG O 54 -43.67 -31.94 3.48
N ASP O 55 -42.83 -32.97 3.33
CA ASP O 55 -41.42 -32.91 3.70
C ASP O 55 -40.50 -32.42 2.59
N GLY O 56 -41.03 -32.06 1.43
CA GLY O 56 -40.15 -31.76 0.32
C GLY O 56 -39.39 -32.95 -0.23
N ILE O 57 -39.89 -34.16 -0.03
CA ILE O 57 -39.22 -35.37 -0.49
C ILE O 57 -39.79 -35.72 -1.84
N THR O 58 -38.93 -36.02 -2.81
CA THR O 58 -39.35 -36.56 -4.10
C THR O 58 -38.74 -37.95 -4.28
N GLY O 59 -39.17 -38.67 -5.31
CA GLY O 59 -38.58 -39.96 -5.55
C GLY O 59 -39.36 -40.78 -6.56
N MET O 60 -38.95 -42.03 -6.64
CA MET O 60 -39.50 -43.03 -7.54
C MET O 60 -39.40 -44.38 -6.84
N LEU O 61 -40.45 -45.17 -6.97
CA LEU O 61 -40.55 -46.49 -6.38
C LEU O 61 -40.69 -47.49 -7.52
N CYS O 62 -39.86 -48.52 -7.48
CA CYS O 62 -39.82 -49.58 -8.48
C CYS O 62 -40.30 -50.90 -7.88
N TYR O 63 -41.25 -51.56 -8.54
CA TYR O 63 -41.70 -52.87 -8.10
C TYR O 63 -41.51 -53.88 -9.21
N GLY O 64 -40.96 -55.02 -8.85
CA GLY O 64 -40.79 -56.05 -9.86
C GLY O 64 -40.28 -57.30 -9.20
N ASN O 65 -40.66 -58.46 -9.72
CA ASN O 65 -40.10 -59.71 -9.24
C ASN O 65 -40.11 -59.80 -7.72
N GLY O 66 -41.17 -59.27 -7.10
CA GLY O 66 -41.35 -59.29 -5.66
C GLY O 66 -40.38 -58.44 -4.88
N MET O 67 -39.66 -57.55 -5.55
CA MET O 67 -38.63 -56.74 -4.92
C MET O 67 -39.00 -55.27 -5.06
N PHE O 68 -38.70 -54.48 -4.03
CA PHE O 68 -38.85 -53.03 -4.09
C PHE O 68 -37.49 -52.33 -4.23
N LEU O 69 -37.43 -51.32 -5.12
CA LEU O 69 -36.27 -50.44 -5.23
C LEU O 69 -36.73 -48.98 -5.30
N GLN O 70 -36.34 -48.17 -4.29
CA GLN O 70 -36.83 -46.79 -4.18
C GLN O 70 -35.70 -45.78 -3.96
N THR O 71 -35.89 -44.59 -4.50
CA THR O 71 -35.01 -43.48 -4.20
C THR O 71 -35.82 -42.30 -3.66
N LEU O 72 -35.26 -41.64 -2.64
CA LEU O 72 -35.87 -40.48 -2.01
C LEU O 72 -34.89 -39.33 -1.98
N GLU O 73 -35.34 -38.16 -2.42
CA GLU O 73 -34.55 -36.94 -2.41
C GLU O 73 -35.23 -35.92 -1.51
N GLY O 74 -34.42 -35.24 -0.70
CA GLY O 74 -34.95 -34.16 0.10
C GLY O 74 -33.99 -33.85 1.24
N ASP O 75 -34.52 -33.16 2.24
CA ASP O 75 -33.70 -32.73 3.37
C ASP O 75 -33.20 -33.96 4.11
N ARG O 76 -31.98 -33.84 4.66
CA ARG O 76 -31.33 -34.96 5.33
C ARG O 76 -32.22 -35.54 6.42
N GLN O 77 -32.86 -34.68 7.22
CA GLN O 77 -33.67 -35.13 8.35
C GLN O 77 -34.97 -35.76 7.86
N LYS O 78 -35.66 -35.08 6.95
CA LYS O 78 -36.95 -35.56 6.49
C LYS O 78 -36.82 -36.98 5.98
N VAL O 79 -35.90 -37.18 5.02
CA VAL O 79 -35.70 -38.48 4.37
C VAL O 79 -35.39 -39.55 5.39
N SER O 80 -34.52 -39.25 6.36
CA SER O 80 -34.23 -40.25 7.38
C SER O 80 -35.49 -40.63 8.13
N GLU O 81 -36.30 -39.63 8.50
CA GLU O 81 -37.52 -39.91 9.24
C GLU O 81 -38.48 -40.74 8.40
N THR O 82 -38.66 -40.35 7.12
CA THR O 82 -39.51 -41.10 6.20
C THR O 82 -39.06 -42.56 6.10
N TYR O 83 -37.75 -42.80 6.02
CA TYR O 83 -37.25 -44.16 6.00
C TYR O 83 -37.57 -44.87 7.29
N ALA O 84 -37.47 -44.18 8.42
CA ALA O 84 -37.75 -44.83 9.70
C ALA O 84 -39.17 -45.35 9.73
N ARG O 85 -40.13 -44.62 9.17
CA ARG O 85 -41.49 -45.14 9.09
C ARG O 85 -41.56 -46.35 8.17
N ILE O 86 -40.91 -46.27 7.01
CA ILE O 86 -40.97 -47.34 6.03
C ILE O 86 -40.51 -48.64 6.67
N LEU O 87 -39.49 -48.57 7.52
CA LEU O 87 -39.02 -49.79 8.15
C LEU O 87 -40.09 -50.44 9.02
N LYS O 88 -41.11 -49.68 9.45
CA LYS O 88 -42.20 -50.22 10.25
C LYS O 88 -43.32 -50.84 9.42
N ASP O 89 -43.41 -50.53 8.13
CA ASP O 89 -44.50 -51.04 7.28
C ASP O 89 -44.37 -52.55 7.10
N PRO O 90 -45.42 -53.34 7.35
CA PRO O 90 -45.29 -54.79 7.21
C PRO O 90 -45.47 -55.29 5.81
N ARG O 91 -45.87 -54.42 4.88
CA ARG O 91 -46.08 -54.80 3.49
C ARG O 91 -44.76 -55.00 2.73
N HIS O 92 -43.62 -54.91 3.43
CA HIS O 92 -42.31 -55.18 2.88
C HIS O 92 -41.39 -55.56 4.03
N HIS O 93 -40.27 -56.18 3.69
CA HIS O 93 -39.34 -56.64 4.72
C HIS O 93 -37.94 -56.74 4.13
N SER O 94 -36.98 -56.98 5.02
CA SER O 94 -35.59 -57.23 4.63
C SER O 94 -35.05 -56.08 3.76
N ALA O 95 -35.15 -54.87 4.29
CA ALA O 95 -34.68 -53.69 3.58
C ALA O 95 -33.16 -53.57 3.66
N GLU O 96 -32.59 -53.00 2.60
CA GLU O 96 -31.15 -52.77 2.46
C GLU O 96 -30.97 -51.32 2.06
N ILE O 97 -30.13 -50.59 2.80
CA ILE O 97 -29.72 -49.29 2.27
C ILE O 97 -28.71 -49.55 1.15
N VAL O 98 -28.86 -48.87 0.04
CA VAL O 98 -27.92 -48.95 -1.07
C VAL O 98 -26.91 -47.81 -1.04
N GLU O 99 -27.38 -46.58 -0.79
CA GLU O 99 -26.49 -45.43 -0.65
C GLU O 99 -27.29 -44.32 0.00
N PHE O 100 -26.56 -43.44 0.68
CA PHE O 100 -27.12 -42.20 1.21
C PHE O 100 -26.05 -41.14 1.12
N LYS O 101 -26.31 -40.11 0.32
CA LYS O 101 -25.31 -39.07 0.08
C LYS O 101 -25.99 -37.76 -0.26
N ALA O 102 -25.24 -36.68 -0.07
CA ALA O 102 -25.64 -35.35 -0.49
C ALA O 102 -25.50 -35.21 -1.99
N ILE O 103 -26.36 -34.39 -2.59
CA ILE O 103 -26.38 -34.19 -4.03
C ILE O 103 -26.57 -32.72 -4.36
N GLU O 104 -26.01 -32.31 -5.49
CA GLU O 104 -26.10 -30.90 -5.88
C GLU O 104 -27.50 -30.56 -6.36
N GLU O 105 -28.14 -31.49 -7.08
CA GLU O 105 -29.46 -31.21 -7.63
C GLU O 105 -30.28 -32.48 -7.72
N ARG O 106 -31.59 -32.31 -7.73
CA ARG O 106 -32.48 -33.45 -7.85
C ARG O 106 -32.47 -34.00 -9.27
N THR O 107 -32.62 -35.32 -9.38
CA THR O 107 -32.94 -35.91 -10.66
C THR O 107 -34.42 -36.23 -10.79
N PHE O 108 -35.02 -36.71 -9.69
CA PHE O 108 -36.44 -37.12 -9.66
C PHE O 108 -37.30 -35.94 -9.19
N ILE O 109 -37.46 -34.97 -10.09
CA ILE O 109 -38.06 -33.68 -9.77
C ILE O 109 -39.58 -33.71 -9.81
N ASN O 110 -40.15 -34.31 -10.86
CA ASN O 110 -41.54 -34.09 -11.23
C ASN O 110 -42.50 -34.74 -10.26
N TRP O 111 -42.08 -35.84 -9.61
CA TRP O 111 -43.02 -36.59 -8.80
C TRP O 111 -42.46 -36.68 -7.39
N SER O 112 -43.25 -36.19 -6.41
CA SER O 112 -42.98 -36.51 -4.99
C SER O 112 -43.05 -38.01 -4.73
N MET O 113 -43.78 -38.74 -5.57
CA MET O 113 -43.77 -40.21 -5.59
C MET O 113 -44.55 -40.80 -6.78
N ARG O 114 -43.90 -41.66 -7.57
CA ARG O 114 -44.54 -42.36 -8.69
C ARG O 114 -44.05 -43.81 -8.78
N LEU O 115 -44.99 -44.73 -9.02
CA LEU O 115 -44.70 -46.15 -9.13
C LEU O 115 -44.58 -46.58 -10.59
N VAL O 116 -43.57 -47.40 -10.85
CA VAL O 116 -43.40 -48.20 -12.07
C VAL O 116 -43.19 -49.64 -11.59
N GLN O 117 -43.95 -50.53 -12.23
CA GLN O 117 -43.77 -51.98 -12.02
C GLN O 117 -43.34 -52.50 -13.39
N LEU O 118 -42.17 -53.12 -13.46
CA LEU O 118 -41.64 -53.59 -14.73
C LEU O 118 -42.51 -54.65 -15.37
N GLY O 119 -43.41 -55.31 -14.61
CA GLY O 119 -44.21 -56.37 -15.20
C GLY O 119 -45.31 -55.88 -16.12
N GLU O 120 -45.74 -54.62 -15.95
CA GLU O 120 -46.58 -53.97 -16.94
C GLU O 120 -45.76 -53.02 -17.80
N MET O 121 -44.55 -53.45 -18.17
CA MET O 121 -43.66 -52.63 -18.98
C MET O 121 -43.17 -53.49 -20.14
N ASP O 122 -42.87 -52.84 -21.26
CA ASP O 122 -42.50 -53.61 -22.46
C ASP O 122 -41.42 -54.63 -22.10
N SER O 123 -41.75 -55.92 -22.19
CA SER O 123 -40.78 -56.97 -21.78
C SER O 123 -39.42 -56.69 -22.40
N ASP O 124 -39.37 -56.05 -23.56
CA ASP O 124 -38.06 -55.90 -24.21
C ASP O 124 -37.31 -54.73 -23.56
N THR O 125 -37.93 -53.55 -23.54
CA THR O 125 -37.23 -52.37 -23.00
C THR O 125 -36.75 -52.66 -21.58
N ILE O 126 -37.59 -53.28 -20.76
CA ILE O 126 -37.23 -53.54 -19.34
C ILE O 126 -36.09 -54.56 -19.30
N ARG O 127 -36.13 -55.55 -20.20
CA ARG O 127 -35.09 -56.60 -20.20
C ARG O 127 -33.73 -55.96 -20.41
N ARG O 128 -33.65 -55.04 -21.37
CA ARG O 128 -32.35 -54.41 -21.70
C ARG O 128 -31.92 -53.51 -20.54
N LEU O 129 -32.86 -52.81 -19.92
CA LEU O 129 -32.56 -51.91 -18.77
C LEU O 129 -32.01 -52.75 -17.62
N ARG O 130 -32.74 -53.81 -17.24
CA ARG O 130 -32.32 -54.65 -16.09
C ARG O 130 -30.92 -55.22 -16.36
N LEU O 131 -30.64 -55.58 -17.60
CA LEU O 131 -29.34 -56.18 -17.92
C LEU O 131 -28.29 -55.07 -17.99
N LYS O 132 -28.66 -53.90 -18.50
CA LYS O 132 -27.67 -52.85 -18.61
C LYS O 132 -27.01 -52.59 -17.26
N TYR O 133 -27.78 -52.67 -16.18
CA TYR O 133 -27.35 -52.25 -14.87
C TYR O 133 -27.36 -53.40 -13.87
N SER O 134 -27.28 -54.64 -14.32
CA SER O 134 -27.24 -55.73 -13.33
C SER O 134 -26.68 -56.99 -13.96
N PRO O 135 -26.10 -57.88 -13.16
CA PRO O 135 -25.59 -59.15 -13.67
C PRO O 135 -26.63 -60.26 -13.69
N ALA O 136 -27.84 -59.94 -13.25
CA ALA O 136 -28.84 -60.93 -12.94
C ALA O 136 -29.70 -61.23 -14.16
N ALA O 137 -30.24 -62.44 -14.16
CA ALA O 137 -31.15 -62.90 -15.19
C ALA O 137 -32.59 -62.42 -14.95
N THR O 138 -32.88 -61.94 -13.74
CA THR O 138 -34.15 -61.32 -13.33
C THR O 138 -33.81 -60.01 -12.63
N PHE O 139 -34.84 -59.21 -12.30
CA PHE O 139 -34.65 -57.97 -11.55
C PHE O 139 -34.23 -58.32 -10.12
N GLN O 140 -32.99 -58.01 -9.75
CA GLN O 140 -32.43 -58.37 -8.45
C GLN O 140 -31.62 -57.19 -7.94
N PRO O 141 -32.26 -56.16 -7.34
CA PRO O 141 -31.52 -54.96 -6.93
C PRO O 141 -30.43 -55.30 -5.92
N ARG O 142 -30.53 -56.46 -5.28
CA ARG O 142 -29.55 -56.86 -4.25
C ARG O 142 -28.24 -57.22 -4.93
N SER O 143 -28.22 -57.22 -6.27
CA SER O 143 -27.00 -57.55 -7.05
C SER O 143 -26.49 -56.30 -7.74
N MET O 144 -27.08 -55.14 -7.43
CA MET O 144 -26.71 -53.92 -8.17
C MET O 144 -26.00 -52.92 -7.28
N THR O 145 -25.09 -52.15 -7.87
CA THR O 145 -24.39 -51.12 -7.14
C THR O 145 -25.29 -49.91 -6.96
N ALA O 146 -24.85 -49.01 -6.06
CA ALA O 146 -25.55 -47.74 -5.86
C ALA O 146 -25.66 -46.99 -7.17
N GLU O 147 -24.58 -46.91 -7.89
CA GLU O 147 -24.61 -46.17 -9.13
C GLU O 147 -25.47 -46.89 -10.16
N GLN O 148 -25.49 -48.22 -10.12
CA GLN O 148 -26.36 -48.93 -11.05
C GLN O 148 -27.84 -48.67 -10.73
N CYS O 149 -28.22 -48.72 -9.44
CA CYS O 149 -29.60 -48.44 -9.05
C CYS O 149 -30.00 -47.02 -9.45
N PHE O 150 -29.16 -46.03 -9.17
CA PHE O 150 -29.52 -44.66 -9.54
C PHE O 150 -29.75 -44.56 -11.03
N ARG O 151 -28.82 -45.09 -11.81
CA ARG O 151 -28.92 -45.00 -13.26
C ARG O 151 -30.08 -45.83 -13.81
N PHE O 152 -30.40 -46.96 -13.17
CA PHE O 152 -31.60 -47.71 -13.51
C PHE O 152 -32.85 -46.89 -13.24
N LEU O 153 -32.98 -46.36 -12.01
CA LEU O 153 -34.17 -45.60 -11.67
C LEU O 153 -34.28 -44.36 -12.52
N LYS O 154 -33.16 -43.74 -12.86
CA LYS O 154 -33.23 -42.53 -13.66
C LYS O 154 -33.77 -42.83 -15.05
N GLU O 155 -33.39 -43.97 -15.63
CA GLU O 155 -33.90 -44.30 -16.96
C GLU O 155 -35.41 -44.60 -16.93
N LEU O 156 -35.91 -45.21 -15.84
CA LEU O 156 -37.36 -45.34 -15.70
C LEU O 156 -38.03 -43.98 -15.64
N TYR O 157 -37.46 -43.05 -14.85
CA TYR O 157 -38.00 -41.71 -14.74
C TYR O 157 -38.03 -41.00 -16.09
N ASP O 158 -37.03 -41.24 -16.94
CA ASP O 158 -37.02 -40.56 -18.24
C ASP O 158 -38.08 -41.14 -19.20
N MET O 159 -38.40 -42.41 -19.03
CA MET O 159 -39.40 -43.04 -19.92
C MET O 159 -40.81 -42.56 -19.55
N SER O 160 -41.09 -42.30 -18.27
CA SER O 160 -42.41 -41.76 -17.91
C SER O 160 -42.42 -40.23 -17.75
N GLY P 22 -9.30 -8.67 -9.36
CA GLY P 22 -10.11 -9.00 -10.53
C GLY P 22 -11.65 -8.92 -10.45
N LEU P 23 -12.30 -9.63 -11.36
CA LEU P 23 -13.77 -9.71 -11.42
C LEU P 23 -14.29 -10.80 -10.47
N HIS P 24 -15.31 -10.48 -9.68
CA HIS P 24 -15.81 -11.39 -8.65
C HIS P 24 -17.32 -11.50 -8.74
N ARG P 25 -17.86 -12.46 -8.01
CA ARG P 25 -19.30 -12.61 -7.85
C ARG P 25 -19.63 -12.79 -6.38
N LEU P 26 -20.67 -12.08 -5.95
CA LEU P 26 -21.28 -12.27 -4.65
C LEU P 26 -22.67 -12.90 -4.80
N ILE P 27 -23.02 -13.76 -3.85
CA ILE P 27 -24.37 -14.27 -3.75
C ILE P 27 -24.75 -14.12 -2.29
N PHE P 28 -25.88 -13.47 -2.03
CA PHE P 28 -26.36 -13.32 -0.67
C PHE P 28 -27.88 -13.45 -0.64
N LEU P 29 -28.40 -13.64 0.56
CA LEU P 29 -29.82 -13.76 0.82
C LEU P 29 -30.22 -12.87 2.00
N SER P 30 -31.52 -12.66 2.13
CA SER P 30 -32.04 -11.87 3.23
C SER P 30 -33.53 -12.14 3.40
N CYS P 31 -34.01 -11.81 4.59
CA CYS P 31 -35.43 -11.90 4.92
C CYS P 31 -36.04 -10.51 4.72
N ALA P 32 -37.14 -10.46 3.96
CA ALA P 32 -37.84 -9.19 3.73
C ALA P 32 -38.52 -8.68 5.00
N THR P 33 -38.38 -7.37 5.23
CA THR P 33 -39.06 -6.75 6.35
C THR P 33 -40.56 -6.69 6.11
N ASP P 34 -41.32 -6.96 7.17
CA ASP P 34 -42.77 -6.98 7.05
C ASP P 34 -43.32 -5.61 6.66
N GLY P 35 -44.22 -5.61 5.67
CA GLY P 35 -44.79 -4.38 5.13
C GLY P 35 -44.18 -3.92 3.83
N LEU P 36 -43.24 -4.67 3.27
CA LEU P 36 -42.59 -4.30 2.02
C LEU P 36 -43.62 -4.11 0.92
N SER P 37 -43.49 -3.01 0.17
CA SER P 37 -44.46 -2.66 -0.85
C SER P 37 -43.86 -2.77 -2.25
N TYR P 38 -44.73 -3.03 -3.23
CA TYR P 38 -44.30 -2.98 -4.62
C TYR P 38 -43.70 -1.61 -4.96
N PRO P 39 -44.25 -0.47 -4.48
CA PRO P 39 -43.54 0.82 -4.64
C PRO P 39 -42.17 0.81 -3.96
N ASP P 40 -42.13 0.28 -2.74
CA ASP P 40 -40.87 0.07 -2.05
C ASP P 40 -39.95 -0.71 -2.95
N LEU P 41 -40.47 -1.81 -3.51
CA LEU P 41 -39.58 -2.67 -4.32
C LEU P 41 -39.10 -1.85 -5.51
N ARG P 42 -40.04 -1.27 -6.25
CA ARG P 42 -39.65 -0.56 -7.46
C ARG P 42 -38.62 0.53 -7.16
N ASP P 43 -38.68 1.11 -5.97
CA ASP P 43 -37.67 2.07 -5.54
C ASP P 43 -36.31 1.39 -5.46
N ILE P 44 -36.25 0.18 -4.86
CA ILE P 44 -35.01 -0.57 -4.82
C ILE P 44 -34.49 -0.79 -6.23
N MET P 45 -35.36 -1.28 -7.11
CA MET P 45 -34.94 -1.59 -8.47
C MET P 45 -34.47 -0.36 -9.23
N ALA P 46 -35.05 0.80 -8.95
CA ALA P 46 -34.69 1.99 -9.73
C ALA P 46 -33.29 2.48 -9.38
N LYS P 47 -32.96 2.54 -8.09
CA LYS P 47 -31.63 2.99 -7.70
C LYS P 47 -30.56 1.98 -8.09
N SER P 48 -30.87 0.69 -8.01
CA SER P 48 -29.89 -0.34 -8.33
C SER P 48 -29.45 -0.27 -9.79
N GLU P 49 -30.39 -0.04 -10.71
CA GLU P 49 -30.03 -0.02 -12.12
C GLU P 49 -29.01 1.08 -12.43
N VAL P 50 -29.14 2.25 -11.81
CA VAL P 50 -28.22 3.36 -12.04
C VAL P 50 -26.91 3.18 -11.28
N ASN P 51 -26.98 2.80 -10.00
CA ASN P 51 -25.75 2.68 -9.19
C ASN P 51 -24.80 1.65 -9.78
N ASN P 52 -25.32 0.46 -10.07
CA ASN P 52 -24.49 -0.61 -10.61
C ASN P 52 -24.04 -0.29 -12.03
N LEU P 53 -24.86 0.42 -12.81
CA LEU P 53 -24.36 0.89 -14.12
C LEU P 53 -23.15 1.81 -13.96
N ARG P 54 -23.14 2.67 -12.93
CA ARG P 54 -21.92 3.44 -12.72
C ARG P 54 -20.77 2.55 -12.27
N ASP P 55 -21.06 1.54 -11.44
CA ASP P 55 -20.04 0.78 -10.73
C ASP P 55 -19.50 -0.43 -11.49
N GLY P 56 -19.93 -0.60 -12.74
CA GLY P 56 -19.51 -1.77 -13.52
C GLY P 56 -20.07 -3.03 -12.90
N ILE P 57 -21.12 -2.92 -12.09
CA ILE P 57 -21.70 -4.10 -11.38
C ILE P 57 -22.93 -4.60 -12.14
N THR P 58 -23.07 -5.92 -12.27
CA THR P 58 -24.25 -6.53 -12.92
C THR P 58 -24.76 -7.65 -12.01
N GLY P 59 -26.04 -7.98 -12.09
CA GLY P 59 -26.57 -8.99 -11.16
C GLY P 59 -28.03 -9.32 -11.37
N MET P 60 -28.64 -9.99 -10.39
CA MET P 60 -30.03 -10.40 -10.48
C MET P 60 -30.59 -10.51 -9.08
N LEU P 61 -31.84 -10.07 -8.91
CA LEU P 61 -32.53 -10.16 -7.63
C LEU P 61 -33.73 -11.09 -7.76
N CYS P 62 -33.79 -12.08 -6.90
CA CYS P 62 -34.90 -13.00 -6.83
C CYS P 62 -35.66 -12.78 -5.53
N TYR P 63 -36.97 -12.57 -5.65
CA TYR P 63 -37.84 -12.35 -4.50
C TYR P 63 -38.97 -13.37 -4.49
N GLY P 64 -39.15 -14.01 -3.34
CA GLY P 64 -40.22 -14.98 -3.16
C GLY P 64 -40.31 -15.40 -1.72
N ASN P 65 -41.52 -15.77 -1.27
CA ASN P 65 -41.76 -16.27 0.09
C ASN P 65 -41.15 -15.34 1.15
N GLY P 66 -41.20 -14.03 0.87
CA GLY P 66 -40.67 -13.05 1.81
C GLY P 66 -39.18 -13.12 2.00
N MET P 67 -38.50 -13.88 1.15
CA MET P 67 -37.06 -14.09 1.21
C MET P 67 -36.45 -13.44 -0.03
N PHE P 68 -35.28 -12.84 0.17
CA PHE P 68 -34.47 -12.26 -0.90
C PHE P 68 -33.27 -13.16 -1.20
N LEU P 69 -32.98 -13.38 -2.48
CA LEU P 69 -31.76 -14.07 -2.90
C LEU P 69 -31.18 -13.29 -4.08
N GLN P 70 -30.01 -12.69 -3.89
CA GLN P 70 -29.37 -11.82 -4.87
C GLN P 70 -27.95 -12.25 -5.15
N THR P 71 -27.50 -11.95 -6.37
CA THR P 71 -26.12 -12.11 -6.77
C THR P 71 -25.66 -10.83 -7.46
N LEU P 72 -24.42 -10.44 -7.19
CA LEU P 72 -23.78 -9.29 -7.81
C LEU P 72 -22.44 -9.70 -8.39
N GLU P 73 -22.13 -9.20 -9.58
CA GLU P 73 -20.85 -9.43 -10.24
C GLU P 73 -20.18 -8.09 -10.51
N GLY P 74 -18.85 -8.06 -10.36
CA GLY P 74 -18.06 -6.88 -10.65
C GLY P 74 -16.73 -6.91 -9.90
N ASP P 75 -16.21 -5.72 -9.67
CA ASP P 75 -14.97 -5.50 -8.93
C ASP P 75 -15.12 -5.86 -7.45
N ARG P 76 -14.05 -6.40 -6.86
CA ARG P 76 -14.09 -6.81 -5.45
C ARG P 76 -14.50 -5.66 -4.54
N GLN P 77 -13.93 -4.48 -4.77
CA GLN P 77 -14.28 -3.31 -3.96
C GLN P 77 -15.71 -2.87 -4.20
N LYS P 78 -16.08 -2.67 -5.47
CA LYS P 78 -17.43 -2.19 -5.75
C LYS P 78 -18.46 -3.13 -5.15
N VAL P 79 -18.38 -4.42 -5.50
CA VAL P 79 -19.38 -5.36 -5.04
C VAL P 79 -19.42 -5.36 -3.52
N SER P 80 -18.26 -5.31 -2.88
CA SER P 80 -18.22 -5.26 -1.43
C SER P 80 -18.93 -4.02 -0.90
N GLU P 81 -18.54 -2.84 -1.40
CA GLU P 81 -19.12 -1.58 -0.93
C GLU P 81 -20.62 -1.56 -1.16
N THR P 82 -21.06 -2.06 -2.30
CA THR P 82 -22.50 -2.10 -2.60
C THR P 82 -23.22 -2.97 -1.58
N TYR P 83 -22.65 -4.13 -1.24
CA TYR P 83 -23.27 -4.94 -0.21
C TYR P 83 -23.33 -4.18 1.11
N ALA P 84 -22.28 -3.40 1.42
CA ALA P 84 -22.23 -2.70 2.71
C ALA P 84 -23.41 -1.74 2.86
N ARG P 85 -23.81 -1.08 1.77
CA ARG P 85 -25.00 -0.24 1.81
C ARG P 85 -26.25 -1.07 1.96
N ILE P 86 -26.31 -2.21 1.26
CA ILE P 86 -27.48 -3.06 1.34
C ILE P 86 -27.76 -3.43 2.77
N LEU P 87 -26.71 -3.66 3.56
CA LEU P 87 -26.92 -4.02 4.95
C LEU P 87 -27.53 -2.85 5.73
N LYS P 88 -27.41 -1.62 5.22
CA LYS P 88 -27.97 -0.44 5.88
C LYS P 88 -29.42 -0.16 5.49
N ASP P 89 -29.97 -0.90 4.55
CA ASP P 89 -31.32 -0.65 4.08
C ASP P 89 -32.34 -1.26 5.04
N PRO P 90 -33.33 -0.50 5.51
CA PRO P 90 -34.35 -1.10 6.37
C PRO P 90 -35.35 -1.96 5.60
N ARG P 91 -35.33 -1.97 4.27
CA ARG P 91 -36.32 -2.73 3.46
C ARG P 91 -36.20 -4.25 3.70
N HIS P 92 -35.10 -4.71 4.31
CA HIS P 92 -34.88 -6.13 4.64
C HIS P 92 -34.03 -6.21 5.90
N HIS P 93 -33.91 -7.42 6.44
CA HIS P 93 -33.14 -7.69 7.65
C HIS P 93 -32.55 -9.09 7.54
N SER P 94 -31.67 -9.42 8.47
CA SER P 94 -31.14 -10.78 8.52
C SER P 94 -30.51 -11.21 7.18
N ALA P 95 -29.60 -10.39 6.67
CA ALA P 95 -28.86 -10.74 5.48
C ALA P 95 -27.79 -11.77 5.84
N GLU P 96 -27.55 -12.70 4.90
CA GLU P 96 -26.58 -13.78 5.05
C GLU P 96 -25.79 -13.96 3.74
N ILE P 97 -24.47 -13.92 3.84
CA ILE P 97 -23.61 -14.16 2.70
C ILE P 97 -23.65 -15.63 2.30
N VAL P 98 -23.86 -15.90 1.01
CA VAL P 98 -23.89 -17.26 0.49
C VAL P 98 -22.58 -17.65 -0.16
N GLU P 99 -21.94 -16.73 -0.89
CA GLU P 99 -20.67 -16.99 -1.54
C GLU P 99 -20.07 -15.66 -1.98
N PHE P 100 -18.73 -15.64 -2.06
CA PHE P 100 -17.99 -14.53 -2.64
C PHE P 100 -16.65 -15.06 -3.14
N LYS P 101 -16.41 -14.98 -4.45
CA LYS P 101 -15.21 -15.55 -5.06
C LYS P 101 -14.91 -14.83 -6.37
N ALA P 102 -13.69 -15.02 -6.84
CA ALA P 102 -13.27 -14.55 -8.14
C ALA P 102 -13.93 -15.39 -9.21
N ILE P 103 -14.17 -14.77 -10.38
CA ILE P 103 -14.79 -15.49 -11.47
C ILE P 103 -14.06 -15.16 -12.76
N GLU P 104 -14.04 -16.13 -13.69
CA GLU P 104 -13.35 -15.95 -14.97
C GLU P 104 -14.18 -15.14 -15.95
N GLU P 105 -15.50 -15.29 -15.93
CA GLU P 105 -16.40 -14.56 -16.80
C GLU P 105 -17.73 -14.33 -16.09
N ARG P 106 -18.48 -13.35 -16.59
CA ARG P 106 -19.78 -13.03 -15.97
C ARG P 106 -20.88 -13.89 -16.61
N THR P 107 -21.89 -14.24 -15.84
CA THR P 107 -23.06 -15.01 -16.30
C THR P 107 -24.27 -14.05 -16.28
N PHE P 108 -24.30 -13.08 -15.35
CA PHE P 108 -25.42 -12.18 -15.33
C PHE P 108 -25.00 -10.89 -16.01
N ILE P 109 -24.86 -11.01 -17.33
CA ILE P 109 -24.24 -9.98 -18.16
C ILE P 109 -25.24 -8.89 -18.55
N ASN P 110 -26.45 -9.28 -18.99
CA ASN P 110 -27.28 -8.37 -19.78
C ASN P 110 -27.80 -7.21 -18.98
N TRP P 111 -28.08 -7.45 -17.70
CA TRP P 111 -28.77 -6.42 -16.89
C TRP P 111 -27.99 -6.02 -15.63
N SER P 112 -27.92 -4.71 -15.35
CA SER P 112 -27.27 -4.20 -14.12
C SER P 112 -28.01 -4.82 -12.94
N MET P 113 -29.33 -4.94 -13.06
CA MET P 113 -30.10 -5.69 -12.03
C MET P 113 -31.47 -6.00 -12.61
N ARG P 114 -31.95 -7.21 -12.38
CA ARG P 114 -33.28 -7.61 -12.86
C ARG P 114 -34.02 -8.19 -11.67
N LEU P 115 -35.23 -7.71 -11.41
CA LEU P 115 -36.02 -8.22 -10.27
C LEU P 115 -36.87 -9.38 -10.77
N VAL P 116 -36.66 -10.56 -10.20
CA VAL P 116 -37.52 -11.68 -10.54
C VAL P 116 -38.32 -12.03 -9.29
N GLN P 117 -39.65 -11.96 -9.39
CA GLN P 117 -40.58 -12.36 -8.33
C GLN P 117 -41.11 -13.75 -8.65
N LEU P 118 -40.88 -14.70 -7.73
CA LEU P 118 -41.27 -16.09 -7.97
C LEU P 118 -42.79 -16.24 -7.99
N GLY P 119 -43.51 -15.42 -7.24
CA GLY P 119 -44.96 -15.50 -7.19
C GLY P 119 -45.65 -15.17 -8.50
N GLU P 120 -45.01 -14.37 -9.36
CA GLU P 120 -45.58 -13.99 -10.65
C GLU P 120 -44.96 -14.76 -11.82
N MET P 121 -44.53 -16.01 -11.59
CA MET P 121 -43.94 -16.84 -12.63
C MET P 121 -44.73 -18.14 -12.70
N ASP P 122 -44.61 -18.83 -13.85
CA ASP P 122 -45.34 -20.06 -14.07
C ASP P 122 -45.31 -20.89 -12.81
N SER P 123 -46.48 -21.13 -12.23
CA SER P 123 -46.55 -21.99 -11.03
C SER P 123 -45.90 -23.34 -11.33
N ASP P 124 -45.62 -23.64 -12.60
CA ASP P 124 -45.10 -25.01 -12.93
C ASP P 124 -43.57 -25.01 -13.01
N THR P 125 -43.02 -24.44 -14.08
CA THR P 125 -41.55 -24.44 -14.29
C THR P 125 -40.83 -23.98 -13.02
N ILE P 126 -41.40 -23.05 -12.26
CA ILE P 126 -40.72 -22.51 -11.10
C ILE P 126 -40.85 -23.49 -9.93
N ARG P 127 -42.00 -24.15 -9.79
CA ARG P 127 -42.09 -25.15 -8.73
C ARG P 127 -41.02 -26.22 -8.92
N ARG P 128 -40.89 -26.72 -10.15
CA ARG P 128 -39.86 -27.71 -10.43
C ARG P 128 -38.48 -27.13 -10.17
N LEU P 129 -38.24 -25.88 -10.59
CA LEU P 129 -36.93 -25.27 -10.39
C LEU P 129 -36.59 -25.14 -8.91
N ARG P 130 -37.56 -24.73 -8.08
CA ARG P 130 -37.28 -24.60 -6.64
C ARG P 130 -36.97 -25.95 -6.02
N LEU P 131 -37.61 -27.02 -6.51
CA LEU P 131 -37.29 -28.36 -6.01
C LEU P 131 -35.92 -28.83 -6.51
N LYS P 132 -35.60 -28.54 -7.78
CA LYS P 132 -34.37 -29.02 -8.37
C LYS P 132 -33.16 -28.69 -7.53
N TYR P 133 -33.15 -27.50 -6.90
CA TYR P 133 -31.96 -26.98 -6.25
C TYR P 133 -32.15 -26.78 -4.76
N SER P 134 -33.09 -27.50 -4.15
CA SER P 134 -33.39 -27.28 -2.76
C SER P 134 -34.07 -28.48 -2.17
N PRO P 135 -33.90 -28.72 -0.88
CA PRO P 135 -34.65 -29.79 -0.19
C PRO P 135 -36.01 -29.36 0.35
N ALA P 136 -36.40 -28.10 0.12
CA ALA P 136 -37.56 -27.49 0.75
C ALA P 136 -38.79 -27.51 -0.17
N ALA P 137 -39.98 -27.58 0.45
CA ALA P 137 -41.25 -27.52 -0.26
C ALA P 137 -41.62 -26.10 -0.67
N THR P 138 -40.95 -25.09 -0.14
CA THR P 138 -41.10 -23.71 -0.56
C THR P 138 -39.72 -23.10 -0.73
N PHE P 139 -39.69 -21.89 -1.29
CA PHE P 139 -38.47 -21.12 -1.45
C PHE P 139 -37.86 -20.79 -0.09
N GLN P 140 -36.73 -21.39 0.24
CA GLN P 140 -36.00 -21.11 1.46
C GLN P 140 -34.54 -21.09 1.09
N PRO P 141 -33.99 -19.93 0.65
CA PRO P 141 -32.62 -19.88 0.17
C PRO P 141 -31.59 -20.32 1.22
N ARG P 142 -32.00 -20.37 2.48
CA ARG P 142 -31.04 -20.70 3.57
C ARG P 142 -30.85 -22.22 3.64
N SER P 143 -31.65 -22.99 2.90
CA SER P 143 -31.45 -24.42 2.87
C SER P 143 -30.64 -24.81 1.66
N MET P 144 -30.09 -23.82 0.96
CA MET P 144 -29.42 -23.97 -0.32
C MET P 144 -27.92 -23.72 -0.22
N THR P 145 -27.12 -24.47 -0.99
CA THR P 145 -25.69 -24.26 -1.14
C THR P 145 -25.42 -23.10 -2.09
N ALA P 146 -24.16 -22.67 -2.10
CA ALA P 146 -23.71 -21.65 -3.05
C ALA P 146 -23.87 -22.16 -4.47
N GLU P 147 -23.56 -23.44 -4.70
CA GLU P 147 -23.74 -23.97 -6.05
C GLU P 147 -25.23 -24.06 -6.38
N GLN P 148 -26.05 -24.45 -5.41
CA GLN P 148 -27.47 -24.51 -5.65
C GLN P 148 -28.06 -23.13 -5.94
N CYS P 149 -27.69 -22.10 -5.15
CA CYS P 149 -28.22 -20.76 -5.42
C CYS P 149 -27.76 -20.27 -6.77
N PHE P 150 -26.51 -20.54 -7.14
CA PHE P 150 -26.01 -19.96 -8.42
C PHE P 150 -26.77 -20.56 -9.60
N ARG P 151 -26.92 -21.87 -9.62
CA ARG P 151 -27.56 -22.53 -10.79
C ARG P 151 -29.03 -22.09 -10.87
N PHE P 152 -29.70 -21.99 -9.73
CA PHE P 152 -31.11 -21.53 -9.67
C PHE P 152 -31.22 -20.16 -10.36
N LEU P 153 -30.38 -19.22 -9.94
CA LEU P 153 -30.44 -17.88 -10.52
C LEU P 153 -30.03 -17.90 -11.97
N LYS P 154 -29.12 -18.81 -12.35
CA LYS P 154 -28.69 -18.87 -13.75
C LYS P 154 -29.83 -19.35 -14.64
N GLU P 155 -30.55 -20.40 -14.24
CA GLU P 155 -31.67 -20.86 -15.03
C GLU P 155 -32.77 -19.79 -15.07
N LEU P 156 -33.02 -19.12 -13.94
CA LEU P 156 -33.99 -18.00 -13.97
C LEU P 156 -33.54 -16.99 -15.02
N TYR P 157 -32.33 -16.45 -14.86
CA TYR P 157 -31.78 -15.46 -15.82
C TYR P 157 -31.90 -15.98 -17.24
N ASP P 158 -31.57 -17.26 -17.44
CA ASP P 158 -31.55 -17.73 -18.83
C ASP P 158 -32.95 -17.78 -19.44
N MET P 159 -33.99 -18.02 -18.64
CA MET P 159 -35.36 -18.02 -19.12
C MET P 159 -36.03 -16.65 -19.06
N SER P 160 -35.28 -15.60 -18.72
CA SER P 160 -35.87 -14.25 -18.61
C SER P 160 -35.10 -13.36 -19.58
N GLN P 161 -34.46 -13.96 -20.57
CA GLN P 161 -33.60 -13.19 -21.51
C GLN P 161 -34.43 -12.32 -22.44
N GLY P 162 -35.75 -12.52 -22.46
CA GLY P 162 -36.55 -11.77 -23.43
C GLY P 162 -36.01 -11.98 -24.83
N MET Q 21 -3.49 -7.24 -12.34
CA MET Q 21 -3.45 -7.32 -10.88
C MET Q 21 -3.05 -8.74 -10.35
N GLY Q 22 -2.33 -8.73 -9.25
CA GLY Q 22 -1.75 -9.92 -8.67
C GLY Q 22 -0.25 -10.03 -8.92
N LEU Q 23 0.33 -11.01 -8.24
CA LEU Q 23 1.76 -11.26 -8.32
C LEU Q 23 2.04 -11.98 -9.62
N HIS Q 24 3.10 -11.57 -10.32
CA HIS Q 24 3.47 -12.15 -11.58
C HIS Q 24 4.94 -12.47 -11.58
N ARG Q 25 5.36 -13.33 -12.50
CA ARG Q 25 6.77 -13.59 -12.68
C ARG Q 25 7.12 -13.44 -14.15
N LEU Q 26 8.24 -12.77 -14.39
CA LEU Q 26 8.82 -12.67 -15.70
C LEU Q 26 10.10 -13.49 -15.73
N ILE Q 27 10.34 -14.18 -16.84
CA ILE Q 27 11.62 -14.83 -17.12
C ILE Q 27 12.02 -14.41 -18.52
N PHE Q 28 13.26 -13.92 -18.68
CA PHE Q 28 13.79 -13.58 -19.99
C PHE Q 28 15.28 -13.87 -20.03
N LEU Q 29 15.83 -13.89 -21.25
CA LEU Q 29 17.24 -14.17 -21.52
C LEU Q 29 17.76 -13.13 -22.52
N SER Q 30 19.09 -13.02 -22.60
CA SER Q 30 19.76 -12.08 -23.50
C SER Q 30 21.24 -12.47 -23.57
N CYS Q 31 21.96 -11.89 -24.53
CA CYS Q 31 23.41 -12.00 -24.63
C CYS Q 31 24.08 -10.77 -23.99
N ALA Q 32 25.05 -11.01 -23.13
CA ALA Q 32 25.83 -9.89 -22.60
C ALA Q 32 26.65 -9.27 -23.71
N THR Q 33 26.70 -7.95 -23.73
CA THR Q 33 27.51 -7.24 -24.70
C THR Q 33 29.00 -7.47 -24.46
N ASP Q 34 29.76 -7.63 -25.55
CA ASP Q 34 31.17 -7.95 -25.43
C ASP Q 34 31.89 -6.88 -24.63
N GLY Q 35 32.72 -7.31 -23.69
CA GLY Q 35 33.43 -6.39 -22.84
C GLY Q 35 32.87 -6.15 -21.46
N LEU Q 36 31.83 -6.87 -21.04
CA LEU Q 36 31.25 -6.64 -19.73
C LEU Q 36 32.32 -6.70 -18.65
N SER Q 37 32.38 -5.65 -17.82
CA SER Q 37 33.40 -5.49 -16.79
C SER Q 37 32.75 -5.55 -15.42
N TYR Q 38 33.54 -5.84 -14.39
CA TYR Q 38 32.98 -5.80 -13.04
C TYR Q 38 32.30 -4.45 -12.76
N PRO Q 39 32.87 -3.31 -13.13
CA PRO Q 39 32.11 -2.04 -12.98
C PRO Q 39 30.74 -2.05 -13.66
N ASP Q 40 30.62 -2.66 -14.85
CA ASP Q 40 29.30 -2.78 -15.48
C ASP Q 40 28.32 -3.54 -14.58
N LEU Q 41 28.74 -4.73 -14.11
CA LEU Q 41 27.91 -5.54 -13.22
C LEU Q 41 27.58 -4.80 -11.93
N ARG Q 42 28.57 -4.18 -11.32
CA ARG Q 42 28.27 -3.53 -10.05
C ARG Q 42 27.31 -2.38 -10.28
N ASP Q 43 27.45 -1.68 -11.40
CA ASP Q 43 26.48 -0.66 -11.75
C ASP Q 43 25.11 -1.26 -12.00
N ILE Q 44 25.06 -2.39 -12.73
CA ILE Q 44 23.78 -3.05 -12.98
C ILE Q 44 23.09 -3.46 -11.68
N MET Q 45 23.83 -4.13 -10.79
CA MET Q 45 23.26 -4.57 -9.51
C MET Q 45 22.89 -3.39 -8.62
N ALA Q 46 23.67 -2.33 -8.66
CA ALA Q 46 23.42 -1.22 -7.73
C ALA Q 46 22.08 -0.57 -8.02
N LYS Q 47 21.81 -0.30 -9.29
CA LYS Q 47 20.51 0.27 -9.66
C LYS Q 47 19.37 -0.73 -9.47
N SER Q 48 19.64 -2.02 -9.68
CA SER Q 48 18.60 -3.04 -9.54
C SER Q 48 18.08 -3.17 -8.09
N GLU Q 49 18.96 -3.18 -7.08
CA GLU Q 49 18.40 -3.24 -5.72
C GLU Q 49 17.57 -1.99 -5.41
N VAL Q 50 18.03 -0.80 -5.84
CA VAL Q 50 17.29 0.40 -5.48
C VAL Q 50 15.96 0.40 -6.21
N ASN Q 51 15.98 0.16 -7.53
CA ASN Q 51 14.74 0.24 -8.33
C ASN Q 51 13.78 -0.87 -7.92
N ASN Q 52 14.28 -2.10 -7.86
CA ASN Q 52 13.41 -3.21 -7.51
C ASN Q 52 12.90 -3.06 -6.10
N LEU Q 53 13.77 -2.66 -5.18
CA LEU Q 53 13.31 -2.42 -3.82
C LEU Q 53 12.23 -1.36 -3.80
N ARG Q 54 12.38 -0.31 -4.62
CA ARG Q 54 11.34 0.71 -4.64
C ARG Q 54 10.05 0.14 -5.19
N ASP Q 55 10.13 -0.75 -6.16
CA ASP Q 55 8.97 -1.23 -6.91
C ASP Q 55 8.32 -2.50 -6.35
N GLY Q 56 8.78 -2.99 -5.20
CA GLY Q 56 8.26 -4.24 -4.71
C GLY Q 56 8.67 -5.43 -5.53
N ILE Q 57 9.75 -5.31 -6.31
CA ILE Q 57 10.19 -6.36 -7.21
C ILE Q 57 11.35 -7.11 -6.57
N THR Q 58 11.31 -8.44 -6.67
CA THR Q 58 12.41 -9.31 -6.28
C THR Q 58 12.78 -10.16 -7.49
N GLY Q 59 13.97 -10.75 -7.45
CA GLY Q 59 14.40 -11.58 -8.56
C GLY Q 59 15.87 -11.95 -8.49
N MET Q 60 16.34 -12.50 -9.61
CA MET Q 60 17.65 -13.12 -9.68
C MET Q 60 18.20 -13.02 -11.09
N LEU Q 61 19.48 -12.67 -11.20
CA LEU Q 61 20.15 -12.57 -12.48
C LEU Q 61 21.30 -13.58 -12.51
N CYS Q 62 21.25 -14.48 -13.48
CA CYS Q 62 22.25 -15.51 -13.68
C CYS Q 62 23.09 -15.14 -14.89
N TYR Q 63 24.41 -15.19 -14.74
CA TYR Q 63 25.32 -14.91 -15.84
C TYR Q 63 26.26 -16.10 -15.99
N GLY Q 64 26.41 -16.56 -17.22
CA GLY Q 64 27.30 -17.63 -17.51
C GLY Q 64 27.38 -17.79 -19.01
N ASN Q 65 28.53 -18.27 -19.49
CA ASN Q 65 28.74 -18.57 -20.90
C ASN Q 65 28.33 -17.41 -21.79
N GLY Q 66 28.58 -16.18 -21.32
CA GLY Q 66 28.25 -14.98 -22.04
C GLY Q 66 26.78 -14.68 -22.17
N MET Q 67 25.93 -15.40 -21.43
CA MET Q 67 24.48 -15.25 -21.50
C MET Q 67 23.90 -14.74 -20.19
N PHE Q 68 22.82 -13.97 -20.29
CA PHE Q 68 22.01 -13.51 -19.17
C PHE Q 68 20.69 -14.27 -19.14
N LEU Q 69 20.28 -14.65 -17.94
CA LEU Q 69 18.98 -15.26 -17.72
C LEU Q 69 18.45 -14.71 -16.41
N GLN Q 70 17.34 -13.98 -16.47
CA GLN Q 70 16.88 -13.24 -15.32
C GLN Q 70 15.44 -13.62 -15.04
N THR Q 71 15.04 -13.49 -13.78
CA THR Q 71 13.63 -13.59 -13.39
C THR Q 71 13.31 -12.46 -12.44
N LEU Q 72 12.13 -11.87 -12.60
CA LEU Q 72 11.62 -10.80 -11.79
C LEU Q 72 10.22 -11.18 -11.34
N GLU Q 73 9.93 -10.94 -10.07
CA GLU Q 73 8.61 -11.17 -9.50
C GLU Q 73 8.08 -9.87 -8.98
N GLY Q 74 6.77 -9.66 -9.16
CA GLY Q 74 6.10 -8.49 -8.60
C GLY Q 74 4.81 -8.18 -9.36
N ASP Q 75 4.42 -6.91 -9.25
CA ASP Q 75 3.18 -6.44 -9.87
C ASP Q 75 3.30 -6.49 -11.39
N ARG Q 76 2.18 -6.79 -12.04
CA ARG Q 76 2.15 -6.93 -13.50
C ARG Q 76 2.70 -5.69 -14.22
N GLN Q 77 2.31 -4.50 -13.78
CA GLN Q 77 2.78 -3.26 -14.42
C GLN Q 77 4.25 -2.99 -14.14
N LYS Q 78 4.63 -2.96 -12.86
CA LYS Q 78 6.00 -2.64 -12.50
C LYS Q 78 6.99 -3.57 -13.18
N VAL Q 79 6.74 -4.89 -13.10
CA VAL Q 79 7.66 -5.83 -13.74
C VAL Q 79 7.74 -5.56 -15.23
N SER Q 80 6.60 -5.26 -15.85
CA SER Q 80 6.62 -4.89 -17.27
C SER Q 80 7.44 -3.62 -17.47
N GLU Q 81 7.18 -2.59 -16.65
CA GLU Q 81 7.91 -1.33 -16.78
C GLU Q 81 9.40 -1.55 -16.59
N THR Q 82 9.79 -2.39 -15.63
CA THR Q 82 11.20 -2.67 -15.42
C THR Q 82 11.80 -3.36 -16.66
N TYR Q 83 11.06 -4.27 -17.26
CA TYR Q 83 11.57 -4.91 -18.47
C TYR Q 83 11.83 -3.88 -19.57
N ALA Q 84 11.01 -2.84 -19.65
CA ALA Q 84 11.20 -1.88 -20.72
C ALA Q 84 12.53 -1.17 -20.60
N ARG Q 85 12.91 -0.79 -19.37
CA ARG Q 85 14.21 -0.17 -19.20
C ARG Q 85 15.33 -1.16 -19.49
N ILE Q 86 15.19 -2.41 -19.05
CA ILE Q 86 16.23 -3.38 -19.36
C ILE Q 86 16.41 -3.53 -20.87
N LEU Q 87 15.33 -3.40 -21.64
CA LEU Q 87 15.46 -3.52 -23.10
C LEU Q 87 16.27 -2.38 -23.69
N LYS Q 88 16.29 -1.23 -23.03
CA LYS Q 88 17.03 -0.11 -23.54
C LYS Q 88 18.49 -0.09 -23.10
N ASP Q 89 18.93 -1.08 -22.32
CA ASP Q 89 20.29 -1.11 -21.77
C ASP Q 89 21.28 -1.62 -22.82
N PRO Q 90 22.35 -0.87 -23.12
CA PRO Q 90 23.32 -1.36 -24.12
C PRO Q 90 24.19 -2.47 -23.63
N ARG Q 91 24.21 -2.75 -22.33
CA ARG Q 91 25.14 -3.75 -21.84
C ARG Q 91 24.70 -5.18 -22.15
N HIS Q 92 23.58 -5.37 -22.85
CA HIS Q 92 23.18 -6.67 -23.38
C HIS Q 92 22.38 -6.42 -24.66
N HIS Q 93 22.11 -7.51 -25.40
CA HIS Q 93 21.34 -7.43 -26.63
C HIS Q 93 20.62 -8.74 -26.86
N SER Q 94 19.71 -8.72 -27.84
CA SER Q 94 18.99 -9.92 -28.29
C SER Q 94 18.22 -10.59 -27.15
N ALA Q 95 17.43 -9.81 -26.43
CA ALA Q 95 16.63 -10.39 -25.37
C ALA Q 95 15.50 -11.25 -25.94
N GLU Q 96 15.11 -12.28 -25.18
CA GLU Q 96 14.00 -13.17 -25.51
C GLU Q 96 13.15 -13.28 -24.28
N ILE Q 97 11.87 -12.93 -24.38
CA ILE Q 97 10.97 -13.22 -23.27
C ILE Q 97 10.82 -14.72 -23.22
N VAL Q 98 10.94 -15.30 -22.02
CA VAL Q 98 10.80 -16.74 -21.85
C VAL Q 98 9.42 -17.10 -21.31
N GLU Q 99 8.87 -16.29 -20.41
CA GLU Q 99 7.56 -16.59 -19.88
C GLU Q 99 7.08 -15.40 -19.08
N PHE Q 100 5.77 -15.23 -19.02
CA PHE Q 100 5.21 -14.21 -18.16
C PHE Q 100 3.83 -14.66 -17.74
N LYS Q 101 3.63 -14.91 -16.44
CA LYS Q 101 2.37 -15.41 -15.95
C LYS Q 101 2.15 -14.98 -14.52
N ALA Q 102 0.90 -15.07 -14.09
CA ALA Q 102 0.56 -14.83 -12.71
C ALA Q 102 1.02 -16.02 -11.87
N ILE Q 103 1.43 -15.76 -10.63
CA ILE Q 103 1.93 -16.81 -9.75
C ILE Q 103 1.26 -16.67 -8.40
N GLU Q 104 1.08 -17.80 -7.70
CA GLU Q 104 0.36 -17.74 -6.43
C GLU Q 104 1.25 -17.19 -5.31
N GLU Q 105 2.55 -17.51 -5.35
CA GLU Q 105 3.48 -17.04 -4.33
C GLU Q 105 4.83 -16.84 -5.01
N ARG Q 106 5.67 -16.04 -4.36
CA ARG Q 106 7.04 -15.83 -4.83
C ARG Q 106 7.94 -17.02 -4.52
N THR Q 107 8.88 -17.27 -5.43
CA THR Q 107 10.00 -18.16 -5.18
C THR Q 107 11.25 -17.37 -4.82
N PHE Q 108 11.47 -16.24 -5.47
CA PHE Q 108 12.69 -15.48 -5.29
C PHE Q 108 12.43 -14.32 -4.32
N ILE Q 109 12.30 -14.69 -3.06
CA ILE Q 109 11.81 -13.80 -2.01
C ILE Q 109 12.91 -12.90 -1.47
N ASN Q 110 14.09 -13.48 -1.28
CA ASN Q 110 15.10 -12.94 -0.36
C ASN Q 110 15.82 -11.73 -0.91
N TRP Q 111 15.91 -11.59 -2.22
CA TRP Q 111 16.77 -10.58 -2.80
C TRP Q 111 15.97 -9.68 -3.73
N SER Q 112 16.16 -8.36 -3.58
CA SER Q 112 15.53 -7.42 -4.52
C SER Q 112 16.14 -7.70 -5.89
N MET Q 113 17.39 -8.14 -5.88
CA MET Q 113 18.10 -8.54 -7.11
C MET Q 113 19.43 -9.14 -6.68
N ARG Q 114 19.75 -10.34 -7.16
CA ARG Q 114 21.03 -11.00 -6.80
C ARG Q 114 21.68 -11.54 -8.06
N LEU Q 115 23.00 -11.37 -8.17
CA LEU Q 115 23.75 -11.89 -9.34
C LEU Q 115 24.41 -13.21 -8.97
N VAL Q 116 24.16 -14.25 -9.76
CA VAL Q 116 24.84 -15.55 -9.56
C VAL Q 116 25.65 -15.80 -10.82
N GLN Q 117 26.97 -15.76 -10.71
CA GLN Q 117 27.80 -16.06 -11.86
C GLN Q 117 28.02 -17.58 -11.87
N LEU Q 118 27.78 -18.20 -13.01
CA LEU Q 118 27.90 -19.66 -13.05
C LEU Q 118 29.32 -20.14 -12.80
N GLY Q 119 30.34 -19.39 -13.25
CA GLY Q 119 31.73 -19.80 -13.04
C GLY Q 119 32.10 -19.75 -11.57
N GLU Q 120 31.45 -18.88 -10.83
CA GLU Q 120 31.85 -18.69 -9.41
C GLU Q 120 31.30 -19.82 -8.54
N MET Q 121 30.81 -20.92 -9.13
CA MET Q 121 30.21 -21.98 -8.32
C MET Q 121 30.78 -23.35 -8.63
N ASP Q 122 30.49 -24.30 -7.72
CA ASP Q 122 31.02 -25.65 -7.83
C ASP Q 122 30.82 -26.13 -9.25
N SER Q 123 31.90 -26.31 -9.99
CA SER Q 123 31.76 -26.63 -11.41
C SER Q 123 30.89 -27.87 -11.68
N ASP Q 124 30.86 -28.85 -10.76
CA ASP Q 124 30.15 -30.11 -10.98
C ASP Q 124 28.65 -29.97 -10.73
N THR Q 125 28.30 -29.19 -9.69
CA THR Q 125 26.91 -28.88 -9.40
C THR Q 125 26.27 -28.17 -10.58
N ILE Q 126 27.00 -27.22 -11.18
CA ILE Q 126 26.45 -26.46 -12.30
C ILE Q 126 26.39 -27.32 -13.55
N ARG Q 127 27.41 -28.16 -13.76
CA ARG Q 127 27.35 -29.05 -14.91
C ARG Q 127 26.12 -29.93 -14.80
N ARG Q 128 25.94 -30.54 -13.64
CA ARG Q 128 24.76 -31.37 -13.47
C ARG Q 128 23.48 -30.53 -13.59
N LEU Q 129 23.47 -29.32 -13.04
CA LEU Q 129 22.25 -28.53 -13.09
C LEU Q 129 21.88 -28.19 -14.53
N ARG Q 130 22.87 -27.76 -15.33
CA ARG Q 130 22.68 -27.34 -16.71
C ARG Q 130 22.30 -28.49 -17.63
N LEU Q 131 22.82 -29.68 -17.35
CA LEU Q 131 22.41 -30.86 -18.10
C LEU Q 131 20.98 -31.26 -17.75
N LYS Q 132 20.65 -31.25 -16.45
CA LYS Q 132 19.33 -31.68 -15.99
C LYS Q 132 18.21 -30.91 -16.70
N TYR Q 133 18.43 -29.64 -16.98
CA TYR Q 133 17.35 -28.75 -17.43
C TYR Q 133 17.61 -28.15 -18.81
N SER Q 134 18.46 -28.76 -19.64
CA SER Q 134 18.71 -28.27 -20.98
C SER Q 134 19.36 -29.37 -21.78
N PRO Q 135 19.18 -29.40 -23.10
CA PRO Q 135 19.83 -30.41 -23.93
C PRO Q 135 21.23 -30.02 -24.38
N ALA Q 136 21.70 -28.85 -23.92
CA ALA Q 136 22.91 -28.24 -24.47
C ALA Q 136 24.13 -28.63 -23.64
N ALA Q 137 25.29 -28.70 -24.31
CA ALA Q 137 26.53 -29.04 -23.63
C ALA Q 137 27.15 -27.85 -22.90
N THR Q 138 26.65 -26.64 -23.13
CA THR Q 138 27.05 -25.47 -22.37
C THR Q 138 25.79 -24.67 -22.03
N PHE Q 139 25.93 -23.67 -21.17
CA PHE Q 139 24.78 -22.86 -20.78
C PHE Q 139 24.17 -22.12 -21.97
N GLN Q 140 22.97 -22.54 -22.36
CA GLN Q 140 22.27 -21.99 -23.52
C GLN Q 140 20.81 -21.78 -23.14
N PRO Q 141 20.48 -20.65 -22.52
CA PRO Q 141 19.08 -20.43 -22.12
C PRO Q 141 18.07 -20.46 -23.30
N ARG Q 142 18.52 -20.13 -24.49
CA ARG Q 142 17.63 -20.18 -25.65
C ARG Q 142 17.19 -21.60 -25.99
N SER Q 143 17.85 -22.62 -25.46
CA SER Q 143 17.51 -24.01 -25.72
C SER Q 143 16.60 -24.62 -24.67
N MET Q 144 16.13 -23.81 -23.70
CA MET Q 144 15.39 -24.29 -22.54
C MET Q 144 13.94 -23.83 -22.55
N THR Q 145 13.06 -24.67 -22.02
CA THR Q 145 11.67 -24.28 -21.86
C THR Q 145 11.51 -23.36 -20.65
N ALA Q 146 10.31 -22.79 -20.51
CA ALA Q 146 9.98 -21.93 -19.38
C ALA Q 146 10.12 -22.67 -18.06
N GLU Q 147 9.64 -23.90 -18.01
CA GLU Q 147 9.72 -24.64 -16.76
C GLU Q 147 11.18 -24.97 -16.42
N GLN Q 148 11.98 -25.26 -17.45
CA GLN Q 148 13.39 -25.55 -17.22
C GLN Q 148 14.13 -24.31 -16.73
N CYS Q 149 13.83 -23.15 -17.32
CA CYS Q 149 14.45 -21.93 -16.83
C CYS Q 149 14.04 -21.67 -15.39
N PHE Q 150 12.76 -21.84 -15.06
CA PHE Q 150 12.35 -21.61 -13.69
C PHE Q 150 13.07 -22.57 -12.75
N ARG Q 151 13.03 -23.85 -13.06
CA ARG Q 151 13.64 -24.79 -12.14
C ARG Q 151 15.16 -24.54 -12.02
N PHE Q 152 15.80 -24.16 -13.11
CA PHE Q 152 17.23 -23.86 -13.08
C PHE Q 152 17.51 -22.72 -12.12
N LEU Q 153 16.80 -21.60 -12.27
CA LEU Q 153 17.00 -20.46 -11.40
C LEU Q 153 16.66 -20.78 -9.94
N LYS Q 154 15.64 -21.60 -9.69
CA LYS Q 154 15.26 -21.93 -8.33
C LYS Q 154 16.32 -22.78 -7.63
N GLU Q 155 16.91 -23.74 -8.33
CA GLU Q 155 17.99 -24.50 -7.72
C GLU Q 155 19.18 -23.59 -7.44
N LEU Q 156 19.48 -22.65 -8.34
CA LEU Q 156 20.51 -21.66 -8.07
C LEU Q 156 20.15 -20.82 -6.84
N TYR Q 157 18.94 -20.31 -6.81
CA TYR Q 157 18.52 -19.48 -5.68
C TYR Q 157 18.55 -20.28 -4.39
N ASP Q 158 18.04 -21.51 -4.43
CA ASP Q 158 17.94 -22.30 -3.21
C ASP Q 158 19.29 -22.60 -2.62
N MET Q 159 20.33 -22.71 -3.45
CA MET Q 159 21.69 -22.96 -2.98
C MET Q 159 22.44 -21.68 -2.60
N SER Q 160 21.74 -20.55 -2.45
CA SER Q 160 22.35 -19.27 -2.08
C SER Q 160 21.59 -18.65 -0.90
N HIS R 20 16.57 -25.56 -32.05
CA HIS R 20 15.99 -25.29 -30.73
C HIS R 20 14.55 -25.80 -30.63
N MET R 21 14.41 -27.08 -30.25
CA MET R 21 13.10 -27.70 -30.03
C MET R 21 12.99 -28.47 -28.70
N GLY R 22 14.05 -28.54 -27.92
CA GLY R 22 13.94 -28.99 -26.55
C GLY R 22 14.60 -30.33 -26.30
N LEU R 23 14.58 -30.66 -25.02
CA LEU R 23 15.17 -31.88 -24.52
C LEU R 23 14.29 -33.08 -24.86
N HIS R 24 14.93 -34.21 -25.21
CA HIS R 24 14.18 -35.41 -25.53
C HIS R 24 14.86 -36.62 -24.91
N ARG R 25 14.12 -37.73 -24.85
CA ARG R 25 14.70 -39.01 -24.47
C ARG R 25 14.37 -40.07 -25.51
N LEU R 26 15.40 -40.62 -26.12
CA LEU R 26 15.31 -41.81 -26.93
C LEU R 26 15.57 -43.03 -26.06
N ILE R 27 14.80 -44.09 -26.26
CA ILE R 27 15.13 -45.41 -25.73
C ILE R 27 15.03 -46.39 -26.88
N PHE R 28 15.94 -47.37 -26.93
CA PHE R 28 15.89 -48.40 -27.95
C PHE R 28 16.57 -49.67 -27.44
N LEU R 29 16.53 -50.72 -28.26
CA LEU R 29 17.14 -52.01 -27.93
C LEU R 29 17.72 -52.62 -29.20
N SER R 30 18.56 -53.64 -29.04
CA SER R 30 19.07 -54.35 -30.21
C SER R 30 19.78 -55.62 -29.79
N CYS R 31 20.00 -56.51 -30.78
CA CYS R 31 20.72 -57.76 -30.61
C CYS R 31 22.20 -57.50 -30.77
N ALA R 32 23.00 -58.11 -29.90
CA ALA R 32 24.46 -58.00 -30.04
C ALA R 32 24.89 -58.89 -31.20
N THR R 33 25.66 -58.31 -32.13
CA THR R 33 26.22 -59.08 -33.22
C THR R 33 26.90 -60.36 -32.73
N ASP R 34 26.45 -61.50 -33.26
CA ASP R 34 26.98 -62.79 -32.84
C ASP R 34 28.51 -62.76 -32.82
N GLY R 35 29.08 -63.21 -31.70
CA GLY R 35 30.52 -63.13 -31.52
C GLY R 35 31.09 -61.81 -31.06
N LEU R 36 30.29 -60.98 -30.38
CA LEU R 36 30.79 -59.70 -29.87
C LEU R 36 31.79 -59.91 -28.73
N SER R 37 32.76 -59.02 -28.66
CA SER R 37 33.85 -59.15 -27.71
C SER R 37 33.81 -58.06 -26.64
N TYR R 38 34.41 -58.34 -25.49
CA TYR R 38 34.57 -57.30 -24.49
C TYR R 38 35.32 -56.08 -25.03
N PRO R 39 36.45 -56.23 -25.74
CA PRO R 39 37.12 -55.04 -26.30
C PRO R 39 36.24 -54.26 -27.24
N ASP R 40 35.32 -54.91 -27.93
CA ASP R 40 34.36 -54.18 -28.74
C ASP R 40 33.60 -53.19 -27.87
N LEU R 41 32.95 -53.72 -26.82
CA LEU R 41 32.28 -52.89 -25.84
C LEU R 41 33.17 -51.72 -25.45
N ARG R 42 34.47 -51.98 -25.25
CA ARG R 42 35.38 -50.91 -24.84
C ARG R 42 35.46 -49.84 -25.91
N ASP R 43 35.64 -50.22 -27.17
CA ASP R 43 35.62 -49.21 -28.23
C ASP R 43 34.32 -48.39 -28.19
N ILE R 44 33.20 -49.06 -27.92
CA ILE R 44 31.90 -48.40 -28.00
C ILE R 44 31.78 -47.36 -26.90
N MET R 45 31.96 -47.78 -25.63
CA MET R 45 31.85 -46.86 -24.50
C MET R 45 32.80 -45.70 -24.65
N ALA R 46 33.97 -45.96 -25.21
CA ALA R 46 34.96 -44.90 -25.34
C ALA R 46 34.55 -43.90 -26.41
N LYS R 47 34.05 -44.39 -27.55
CA LYS R 47 33.63 -43.46 -28.59
C LYS R 47 32.38 -42.70 -28.17
N SER R 48 31.40 -43.40 -27.60
CA SER R 48 30.24 -42.75 -27.02
C SER R 48 30.65 -41.55 -26.18
N GLU R 49 31.45 -41.80 -25.12
CA GLU R 49 31.81 -40.76 -24.15
C GLU R 49 32.28 -39.50 -24.84
N VAL R 50 33.16 -39.65 -25.84
CA VAL R 50 33.63 -38.49 -26.61
C VAL R 50 32.48 -37.83 -27.35
N ASN R 51 31.83 -38.59 -28.25
CA ASN R 51 30.80 -38.01 -29.11
C ASN R 51 29.65 -37.43 -28.29
N ASN R 52 29.11 -38.23 -27.36
CA ASN R 52 27.98 -37.80 -26.55
C ASN R 52 28.32 -36.55 -25.74
N LEU R 53 29.50 -36.52 -25.13
CA LEU R 53 29.95 -35.31 -24.44
C LEU R 53 30.06 -34.12 -25.39
N ARG R 54 30.55 -34.34 -26.61
CA ARG R 54 30.58 -33.25 -27.59
C ARG R 54 29.18 -32.79 -27.99
N ASP R 55 28.23 -33.73 -28.10
CA ASP R 55 26.89 -33.48 -28.61
C ASP R 55 25.89 -33.01 -27.55
N GLY R 56 26.28 -32.93 -26.27
CA GLY R 56 25.32 -32.63 -25.23
C GLY R 56 24.43 -33.78 -24.82
N ILE R 57 24.69 -34.97 -25.31
CA ILE R 57 23.91 -36.16 -25.05
C ILE R 57 24.44 -36.86 -23.81
N THR R 58 23.55 -37.41 -22.98
CA THR R 58 23.91 -38.33 -21.91
C THR R 58 23.02 -39.55 -22.01
N GLY R 59 23.33 -40.57 -21.22
CA GLY R 59 22.50 -41.75 -21.26
C GLY R 59 23.11 -42.93 -20.54
N MET R 60 22.77 -44.11 -21.03
CA MET R 60 23.07 -45.36 -20.37
C MET R 60 22.94 -46.46 -21.40
N LEU R 61 23.84 -47.45 -21.32
CA LEU R 61 23.78 -48.63 -22.17
C LEU R 61 23.87 -49.85 -21.27
N CYS R 62 22.82 -50.65 -21.31
CA CYS R 62 22.71 -51.88 -20.53
C CYS R 62 22.87 -53.07 -21.47
N TYR R 63 23.78 -53.97 -21.13
CA TYR R 63 24.06 -55.16 -21.92
C TYR R 63 23.80 -56.41 -21.08
N GLY R 64 23.06 -57.35 -21.64
CA GLY R 64 22.66 -58.54 -20.92
C GLY R 64 21.97 -59.53 -21.82
N ASN R 65 22.24 -60.82 -21.62
CA ASN R 65 21.59 -61.89 -22.39
C ASN R 65 21.70 -61.64 -23.89
N GLY R 66 22.85 -61.14 -24.33
CA GLY R 66 23.08 -60.88 -25.74
C GLY R 66 22.30 -59.73 -26.30
N MET R 67 21.48 -59.07 -25.49
CA MET R 67 20.60 -58.00 -25.91
C MET R 67 21.15 -56.67 -25.40
N PHE R 68 20.91 -55.61 -26.17
CA PHE R 68 21.23 -54.24 -25.77
C PHE R 68 19.95 -53.49 -25.40
N LEU R 69 20.05 -52.61 -24.42
CA LEU R 69 18.97 -51.68 -24.09
C LEU R 69 19.62 -50.35 -23.72
N GLN R 70 19.33 -49.30 -24.49
CA GLN R 70 20.04 -48.02 -24.37
C GLN R 70 19.05 -46.87 -24.25
N THR R 71 19.48 -45.81 -23.55
CA THR R 71 18.76 -44.54 -23.55
C THR R 71 19.71 -43.36 -23.75
N LEU R 72 19.27 -42.39 -24.51
CA LEU R 72 19.99 -41.15 -24.78
C LEU R 72 19.08 -39.96 -24.50
N GLU R 73 19.63 -38.89 -23.93
CA GLU R 73 18.86 -37.69 -23.70
C GLU R 73 19.65 -36.53 -24.28
N GLY R 74 18.95 -35.66 -25.02
CA GLY R 74 19.61 -34.49 -25.57
C GLY R 74 18.70 -33.78 -26.56
N ASP R 75 19.32 -32.93 -27.37
CA ASP R 75 18.60 -32.25 -28.44
C ASP R 75 17.97 -33.28 -29.40
N ARG R 76 16.84 -32.90 -29.99
CA ARG R 76 16.10 -33.79 -30.88
C ARG R 76 16.95 -34.18 -32.10
N GLN R 77 17.53 -33.19 -32.77
CA GLN R 77 18.39 -33.50 -33.89
C GLN R 77 19.58 -34.37 -33.45
N LYS R 78 20.40 -33.87 -32.53
CA LYS R 78 21.62 -34.60 -32.15
C LYS R 78 21.30 -36.04 -31.78
N VAL R 79 20.34 -36.25 -30.89
CA VAL R 79 19.96 -37.62 -30.51
C VAL R 79 19.64 -38.43 -31.77
N SER R 80 18.88 -37.84 -32.70
CA SER R 80 18.48 -38.59 -33.88
C SER R 80 19.68 -38.92 -34.76
N GLU R 81 20.50 -37.91 -35.06
CA GLU R 81 21.73 -38.19 -35.78
C GLU R 81 22.53 -39.30 -35.08
N THR R 82 22.69 -39.20 -33.78
CA THR R 82 23.47 -40.22 -33.09
C THR R 82 22.83 -41.60 -33.22
N TYR R 83 21.50 -41.68 -33.31
CA TYR R 83 20.89 -42.99 -33.50
C TYR R 83 21.16 -43.50 -34.92
N ALA R 84 21.03 -42.63 -35.91
CA ALA R 84 21.35 -42.99 -37.29
C ALA R 84 22.75 -43.59 -37.37
N ARG R 85 23.68 -43.10 -36.54
CA ARG R 85 25.01 -43.69 -36.53
C ARG R 85 24.96 -45.08 -35.91
N ILE R 86 24.22 -45.23 -34.82
CA ILE R 86 24.20 -46.52 -34.12
C ILE R 86 23.64 -47.61 -35.02
N LEU R 87 22.83 -47.23 -36.02
CA LEU R 87 22.24 -48.21 -36.92
C LEU R 87 23.28 -48.70 -37.91
N LYS R 88 24.15 -47.79 -38.35
CA LYS R 88 25.20 -48.16 -39.33
C LYS R 88 26.35 -48.88 -38.62
N ASP R 89 26.13 -49.28 -37.36
CA ASP R 89 27.17 -50.04 -36.61
C ASP R 89 26.93 -51.52 -36.77
N PRO R 90 27.90 -52.29 -37.28
CA PRO R 90 27.74 -53.73 -37.50
C PRO R 90 27.88 -54.56 -36.24
N ARG R 91 28.20 -53.97 -35.10
CA ARG R 91 28.32 -54.79 -33.89
C ARG R 91 26.96 -55.13 -33.28
N HIS R 92 25.85 -54.67 -33.87
CA HIS R 92 24.51 -55.07 -33.46
C HIS R 92 23.56 -55.00 -34.66
N HIS R 93 22.39 -55.61 -34.47
CA HIS R 93 21.40 -55.84 -35.53
C HIS R 93 20.02 -55.98 -34.89
N SER R 94 18.99 -55.65 -35.66
CA SER R 94 17.61 -55.80 -35.19
C SER R 94 17.28 -54.75 -34.13
N ALA R 95 17.75 -53.54 -34.39
CA ALA R 95 17.35 -52.35 -33.65
C ALA R 95 15.83 -52.25 -33.59
N GLU R 96 15.33 -51.83 -32.42
CA GLU R 96 13.91 -51.63 -32.14
C GLU R 96 13.75 -50.37 -31.30
N ILE R 97 13.29 -49.28 -31.94
CA ILE R 97 12.90 -48.09 -31.19
C ILE R 97 11.89 -48.44 -30.13
N VAL R 98 12.07 -47.91 -28.92
CA VAL R 98 11.16 -48.18 -27.82
C VAL R 98 10.29 -46.97 -27.49
N GLU R 99 10.87 -45.76 -27.44
CA GLU R 99 10.09 -44.53 -27.30
C GLU R 99 10.96 -43.36 -27.68
N PHE R 100 10.33 -42.25 -28.07
CA PHE R 100 11.08 -41.02 -28.32
C PHE R 100 10.18 -39.82 -28.03
N LYS R 101 10.49 -39.04 -27.00
CA LYS R 101 9.60 -37.95 -26.63
C LYS R 101 10.38 -36.84 -25.95
N ALA R 102 9.77 -35.65 -25.94
CA ALA R 102 10.30 -34.53 -25.17
C ALA R 102 10.16 -34.82 -23.69
N ILE R 103 11.12 -34.33 -22.90
CA ILE R 103 11.16 -34.54 -21.45
C ILE R 103 11.35 -33.21 -20.74
N GLU R 104 10.82 -33.13 -19.52
CA GLU R 104 10.92 -31.89 -18.75
C GLU R 104 12.32 -31.70 -18.15
N GLU R 105 12.99 -32.78 -17.75
CA GLU R 105 14.34 -32.75 -17.19
C GLU R 105 15.00 -34.11 -17.43
N ARG R 106 16.34 -34.14 -17.42
CA ARG R 106 17.06 -35.41 -17.64
C ARG R 106 16.98 -36.31 -16.44
N THR R 107 16.89 -37.62 -16.69
CA THR R 107 17.18 -38.60 -15.65
C THR R 107 18.64 -39.05 -15.66
N PHE R 108 19.23 -39.31 -16.82
CA PHE R 108 20.55 -39.93 -16.86
C PHE R 108 21.64 -38.86 -16.97
N ILE R 109 21.78 -38.10 -15.87
CA ILE R 109 22.53 -36.83 -15.90
C ILE R 109 24.03 -37.07 -15.86
N ASN R 110 24.48 -38.09 -15.09
CA ASN R 110 25.84 -38.14 -14.57
C ASN R 110 26.85 -38.65 -15.57
N TRP R 111 26.42 -39.43 -16.54
CA TRP R 111 27.36 -40.08 -17.45
C TRP R 111 26.97 -39.70 -18.85
N SER R 112 27.91 -39.10 -19.58
CA SER R 112 27.71 -38.90 -21.00
C SER R 112 27.41 -40.24 -21.67
N MET R 113 27.92 -41.33 -21.10
CA MET R 113 27.59 -42.70 -21.51
C MET R 113 28.12 -43.67 -20.48
N ARG R 114 27.30 -44.64 -20.08
CA ARG R 114 27.64 -45.56 -19.00
C ARG R 114 27.15 -46.94 -19.38
N LEU R 115 28.04 -47.95 -19.30
CA LEU R 115 27.69 -49.34 -19.56
C LEU R 115 27.44 -50.08 -18.26
N VAL R 116 26.46 -50.97 -18.27
CA VAL R 116 26.11 -51.78 -17.12
C VAL R 116 25.91 -53.19 -17.64
N GLN R 117 26.75 -54.13 -17.22
CA GLN R 117 26.68 -55.50 -17.70
C GLN R 117 25.87 -56.33 -16.71
N LEU R 118 24.70 -56.78 -17.14
CA LEU R 118 23.79 -57.45 -16.19
C LEU R 118 24.50 -58.59 -15.45
N GLY R 119 25.03 -59.58 -16.18
CA GLY R 119 25.63 -60.76 -15.53
C GLY R 119 26.70 -60.37 -14.52
N GLU R 120 27.21 -59.15 -14.63
CA GLU R 120 28.29 -58.69 -13.71
C GLU R 120 27.72 -58.23 -12.38
N MET R 121 26.40 -58.11 -12.25
CA MET R 121 25.87 -57.53 -10.98
C MET R 121 25.15 -58.58 -10.14
N ASP R 122 24.88 -58.25 -8.88
CA ASP R 122 24.21 -59.20 -7.96
C ASP R 122 23.17 -60.00 -8.72
N SER R 123 23.42 -61.30 -8.89
CA SER R 123 22.46 -62.18 -9.58
C SER R 123 21.05 -61.93 -9.02
N ASP R 124 20.92 -61.87 -7.69
CA ASP R 124 19.56 -61.73 -7.10
C ASP R 124 19.02 -60.33 -7.41
N THR R 125 19.75 -59.30 -7.01
CA THR R 125 19.25 -57.91 -7.21
C THR R 125 18.72 -57.73 -8.63
N ILE R 126 19.49 -58.15 -9.64
CA ILE R 126 19.08 -57.91 -11.05
C ILE R 126 17.90 -58.82 -11.39
N ARG R 127 17.94 -60.07 -10.95
CA ARG R 127 16.81 -60.99 -11.21
C ARG R 127 15.54 -60.25 -10.80
N ARG R 128 15.48 -59.85 -9.54
CA ARG R 128 14.30 -59.11 -9.02
C ARG R 128 14.02 -57.91 -9.93
N LEU R 129 15.03 -57.14 -10.27
CA LEU R 129 14.80 -55.91 -11.08
C LEU R 129 14.22 -56.33 -12.43
N ARG R 130 14.66 -57.46 -12.96
CA ARG R 130 14.16 -57.84 -14.29
C ARG R 130 12.78 -58.47 -14.20
N LEU R 131 12.49 -59.14 -13.11
CA LEU R 131 11.13 -59.57 -12.88
C LEU R 131 10.24 -58.37 -12.62
N LYS R 132 10.73 -57.41 -11.82
CA LYS R 132 9.91 -56.26 -11.46
C LYS R 132 9.31 -55.61 -12.70
N TYR R 133 10.12 -55.41 -13.74
CA TYR R 133 9.74 -54.63 -14.89
C TYR R 133 9.57 -55.47 -16.16
N SER R 134 9.24 -56.74 -16.03
CA SER R 134 9.28 -57.53 -17.25
C SER R 134 8.53 -58.84 -17.03
N PRO R 135 7.84 -59.36 -18.05
CA PRO R 135 7.18 -60.65 -17.89
C PRO R 135 8.12 -61.84 -17.99
N ALA R 136 9.39 -61.66 -18.42
CA ALA R 136 10.29 -62.74 -18.84
C ALA R 136 11.14 -63.31 -17.70
N ALA R 137 11.45 -64.61 -17.82
CA ALA R 137 12.41 -65.26 -16.92
C ALA R 137 13.85 -64.95 -17.26
N THR R 138 14.10 -64.29 -18.40
CA THR R 138 15.41 -63.81 -18.80
C THR R 138 15.28 -62.37 -19.28
N PHE R 139 16.33 -61.58 -19.12
CA PHE R 139 16.28 -60.22 -19.62
C PHE R 139 15.84 -60.23 -21.07
N GLN R 140 14.67 -59.63 -21.34
CA GLN R 140 14.10 -59.58 -22.69
C GLN R 140 13.48 -58.22 -22.98
N PRO R 141 14.26 -57.29 -23.53
CA PRO R 141 13.74 -55.92 -23.71
C PRO R 141 12.61 -55.81 -24.71
N ARG R 142 12.43 -56.81 -25.59
CA ARG R 142 11.35 -56.80 -26.57
C ARG R 142 9.98 -57.05 -25.94
N SER R 143 9.94 -57.61 -24.72
CA SER R 143 8.71 -57.86 -24.00
C SER R 143 8.40 -56.78 -22.97
N MET R 144 9.04 -55.61 -23.08
CA MET R 144 8.96 -54.55 -22.07
C MET R 144 8.46 -53.25 -22.68
N THR R 145 7.46 -52.65 -22.01
CA THR R 145 6.92 -51.36 -22.47
C THR R 145 7.96 -50.25 -22.30
N ALA R 146 7.65 -49.09 -22.87
CA ALA R 146 8.51 -47.92 -22.68
C ALA R 146 8.68 -47.58 -21.21
N GLU R 147 7.59 -47.61 -20.43
CA GLU R 147 7.69 -47.23 -19.03
C GLU R 147 8.59 -48.20 -18.26
N GLN R 148 8.41 -49.50 -18.49
CA GLN R 148 9.26 -50.51 -17.86
C GLN R 148 10.74 -50.33 -18.20
N CYS R 149 11.05 -50.10 -19.47
CA CYS R 149 12.43 -49.84 -19.86
C CYS R 149 13.02 -48.67 -19.07
N PHE R 150 12.34 -47.52 -19.06
CA PHE R 150 12.84 -46.35 -18.36
C PHE R 150 13.02 -46.65 -16.88
N ARG R 151 11.98 -47.21 -16.25
CA ARG R 151 12.09 -47.55 -14.84
C ARG R 151 13.18 -48.58 -14.60
N PHE R 152 13.47 -49.43 -15.60
CA PHE R 152 14.53 -50.43 -15.45
C PHE R 152 15.90 -49.77 -15.53
N LEU R 153 16.16 -48.99 -16.59
CA LEU R 153 17.41 -48.25 -16.68
C LEU R 153 17.62 -47.35 -15.47
N LYS R 154 16.57 -46.60 -15.07
CA LYS R 154 16.75 -45.64 -13.99
C LYS R 154 17.21 -46.30 -12.68
N GLU R 155 16.60 -47.44 -12.31
CA GLU R 155 17.05 -48.18 -11.13
C GLU R 155 18.51 -48.65 -11.28
N LEU R 156 18.86 -49.19 -12.43
CA LEU R 156 20.27 -49.48 -12.69
C LEU R 156 21.10 -48.23 -12.47
N TYR R 157 20.77 -47.14 -13.16
CA TYR R 157 21.60 -45.90 -13.09
C TYR R 157 21.78 -45.45 -11.64
N ASP R 158 20.71 -45.51 -10.86
CA ASP R 158 20.80 -45.14 -9.42
C ASP R 158 21.74 -46.14 -8.76
N MET R 159 21.57 -47.44 -9.04
CA MET R 159 22.48 -48.47 -8.49
C MET R 159 23.89 -48.23 -9.04
N MET S 21 3.00 -59.05 -25.36
CA MET S 21 1.97 -58.04 -25.23
C MET S 21 1.93 -57.32 -23.85
N GLY S 22 2.71 -57.81 -22.89
CA GLY S 22 2.91 -57.06 -21.67
C GLY S 22 2.96 -57.86 -20.37
N LEU S 23 3.26 -57.18 -19.27
CA LEU S 23 3.13 -57.77 -17.95
C LEU S 23 1.68 -57.67 -17.49
N HIS S 24 1.18 -58.73 -16.86
CA HIS S 24 -0.19 -58.80 -16.36
C HIS S 24 -0.21 -59.38 -14.96
N ARG S 25 -1.35 -59.22 -14.30
CA ARG S 25 -1.58 -59.88 -13.03
C ARG S 25 -2.95 -60.55 -13.05
N LEU S 26 -3.00 -61.76 -12.52
CA LEU S 26 -4.24 -62.48 -12.32
C LEU S 26 -4.46 -62.64 -10.83
N ILE S 27 -5.71 -62.52 -10.41
CA ILE S 27 -6.13 -62.83 -9.06
C ILE S 27 -7.33 -63.75 -9.19
N PHE S 28 -7.35 -64.84 -8.43
CA PHE S 28 -8.54 -65.67 -8.40
C PHE S 28 -8.66 -66.27 -7.01
N LEU S 29 -9.84 -66.84 -6.72
CA LEU S 29 -10.08 -67.57 -5.48
C LEU S 29 -10.71 -68.94 -5.79
N SER S 30 -10.74 -69.81 -4.79
CA SER S 30 -11.28 -71.16 -4.99
C SER S 30 -11.55 -71.85 -3.65
N CYS S 31 -12.52 -72.76 -3.60
CA CYS S 31 -12.77 -73.56 -2.38
C CYS S 31 -11.83 -74.77 -2.43
N ALA S 32 -11.17 -75.09 -1.32
CA ALA S 32 -10.32 -76.30 -1.29
C ALA S 32 -11.23 -77.51 -1.06
N THR S 33 -10.89 -78.63 -1.67
CA THR S 33 -11.72 -79.82 -1.53
C THR S 33 -11.43 -80.53 -0.21
N ASP S 34 -12.41 -81.33 0.23
CA ASP S 34 -12.28 -82.12 1.45
C ASP S 34 -11.00 -82.93 1.43
N GLY S 35 -10.31 -82.94 2.56
CA GLY S 35 -9.12 -83.75 2.70
C GLY S 35 -7.82 -83.09 2.29
N LEU S 36 -7.84 -81.78 2.03
CA LEU S 36 -6.58 -81.15 1.73
C LEU S 36 -5.60 -81.45 2.85
N SER S 37 -4.43 -81.95 2.49
CA SER S 37 -3.39 -82.27 3.47
C SER S 37 -2.16 -81.42 3.19
N TYR S 38 -1.29 -81.31 4.19
CA TYR S 38 -0.01 -80.58 3.99
C TYR S 38 0.71 -81.17 2.79
N PRO S 39 0.84 -82.50 2.66
CA PRO S 39 1.45 -83.09 1.45
C PRO S 39 0.81 -82.60 0.16
N ASP S 40 -0.51 -82.40 0.17
CA ASP S 40 -1.17 -81.78 -0.96
C ASP S 40 -0.66 -80.36 -1.14
N LEU S 41 -0.64 -79.60 -0.04
CA LEU S 41 -0.13 -78.23 -0.06
C LEU S 41 1.36 -78.18 -0.40
N ARG S 42 2.15 -79.09 0.21
CA ARG S 42 3.59 -79.09 -0.04
C ARG S 42 3.87 -79.43 -1.48
N ASP S 43 3.10 -80.37 -2.01
CA ASP S 43 3.24 -80.74 -3.41
C ASP S 43 2.84 -79.58 -4.31
N ILE S 44 1.78 -78.85 -3.94
CA ILE S 44 1.37 -77.66 -4.68
C ILE S 44 2.51 -76.64 -4.74
N MET S 45 3.15 -76.33 -3.59
CA MET S 45 4.36 -75.51 -3.64
C MET S 45 5.38 -76.07 -4.60
N ALA S 46 5.50 -77.41 -4.62
CA ALA S 46 6.63 -78.03 -5.30
C ALA S 46 6.55 -77.79 -6.80
N LYS S 47 5.39 -78.10 -7.38
CA LYS S 47 5.24 -77.93 -8.82
C LYS S 47 5.19 -76.45 -9.19
N SER S 48 4.52 -75.65 -8.35
CA SER S 48 4.37 -74.23 -8.63
C SER S 48 5.72 -73.51 -8.71
N GLU S 49 6.62 -73.74 -7.74
CA GLU S 49 7.92 -73.07 -7.80
C GLU S 49 8.61 -73.36 -9.12
N VAL S 50 8.60 -74.64 -9.53
CA VAL S 50 9.32 -75.07 -10.72
C VAL S 50 8.70 -74.48 -11.98
N ASN S 51 7.40 -74.67 -12.18
CA ASN S 51 6.75 -74.19 -13.41
C ASN S 51 6.79 -72.67 -13.51
N ASN S 52 6.44 -71.96 -12.42
CA ASN S 52 6.44 -70.51 -12.48
C ASN S 52 7.86 -70.00 -12.72
N LEU S 53 8.84 -70.65 -12.11
CA LEU S 53 10.23 -70.25 -12.36
C LEU S 53 10.56 -70.37 -13.84
N ARG S 54 10.16 -71.49 -14.44
CA ARG S 54 10.35 -71.70 -15.87
C ARG S 54 9.55 -70.70 -16.68
N ASP S 55 8.31 -70.42 -16.27
CA ASP S 55 7.36 -69.63 -17.04
C ASP S 55 7.47 -68.13 -16.79
N GLY S 56 8.42 -67.68 -15.98
CA GLY S 56 8.53 -66.25 -15.66
C GLY S 56 7.40 -65.71 -14.81
N ILE S 57 6.71 -66.56 -14.07
CA ILE S 57 5.56 -66.18 -13.29
C ILE S 57 5.97 -65.97 -11.84
N THR S 58 5.48 -64.88 -11.24
CA THR S 58 5.60 -64.72 -9.80
C THR S 58 4.20 -64.66 -9.21
N GLY S 59 4.10 -64.82 -7.90
CA GLY S 59 2.80 -64.73 -7.26
C GLY S 59 2.83 -65.29 -5.86
N MET S 60 1.62 -65.38 -5.27
CA MET S 60 1.52 -65.90 -3.91
C MET S 60 0.13 -66.50 -3.74
N LEU S 61 0.08 -67.55 -2.92
CA LEU S 61 -1.14 -68.28 -2.63
C LEU S 61 -1.51 -68.12 -1.17
N CYS S 62 -2.73 -67.68 -0.91
CA CYS S 62 -3.23 -67.52 0.43
C CYS S 62 -4.29 -68.57 0.71
N TYR S 63 -4.12 -69.30 1.82
CA TYR S 63 -5.07 -70.31 2.22
C TYR S 63 -5.57 -70.02 3.62
N GLY S 64 -6.88 -70.06 3.79
CA GLY S 64 -7.45 -69.87 5.10
C GLY S 64 -8.94 -70.11 5.04
N ASN S 65 -9.51 -70.64 6.12
CA ASN S 65 -10.95 -70.90 6.20
C ASN S 65 -11.38 -71.76 5.00
N GLY S 66 -10.52 -72.72 4.64
CA GLY S 66 -10.84 -73.64 3.57
C GLY S 66 -10.92 -73.00 2.22
N MET S 67 -10.48 -71.75 2.09
CA MET S 67 -10.55 -71.01 0.84
C MET S 67 -9.15 -70.64 0.38
N PHE S 68 -8.97 -70.64 -0.93
CA PHE S 68 -7.74 -70.22 -1.56
C PHE S 68 -7.94 -68.83 -2.16
N LEU S 69 -6.93 -67.97 -2.03
CA LEU S 69 -6.86 -66.70 -2.74
C LEU S 69 -5.45 -66.58 -3.31
N GLN S 70 -5.36 -66.47 -4.63
CA GLN S 70 -4.08 -66.49 -5.32
C GLN S 70 -3.97 -65.36 -6.34
N THR S 71 -2.75 -64.84 -6.49
CA THR S 71 -2.40 -63.96 -7.59
C THR S 71 -1.17 -64.52 -8.32
N LEU S 72 -1.17 -64.35 -9.63
CA LEU S 72 -0.06 -64.75 -10.49
C LEU S 72 0.29 -63.54 -11.34
N GLU S 73 1.59 -63.26 -11.47
CA GLU S 73 2.07 -62.17 -12.30
C GLU S 73 2.94 -62.75 -13.40
N GLY S 74 2.77 -62.26 -14.62
CA GLY S 74 3.66 -62.69 -15.68
C GLY S 74 3.06 -62.39 -17.04
N ASP S 75 3.55 -63.15 -18.01
CA ASP S 75 3.08 -62.98 -19.39
C ASP S 75 1.60 -63.35 -19.47
N ARG S 76 0.88 -62.62 -20.32
CA ARG S 76 -0.56 -62.84 -20.46
C ARG S 76 -0.87 -64.28 -20.88
N GLN S 77 -0.15 -64.80 -21.86
CA GLN S 77 -0.46 -66.16 -22.28
C GLN S 77 -0.02 -67.15 -21.22
N LYS S 78 1.20 -67.02 -20.71
CA LYS S 78 1.70 -67.99 -19.74
C LYS S 78 0.78 -68.07 -18.53
N VAL S 79 0.44 -66.91 -17.94
CA VAL S 79 -0.45 -66.84 -16.79
C VAL S 79 -1.81 -67.44 -17.13
N SER S 80 -2.31 -67.17 -18.33
CA SER S 80 -3.57 -67.77 -18.73
C SER S 80 -3.47 -69.29 -18.72
N GLU S 81 -2.43 -69.81 -19.36
CA GLU S 81 -2.26 -71.25 -19.47
C GLU S 81 -2.05 -71.89 -18.10
N THR S 82 -1.25 -71.25 -17.25
CA THR S 82 -1.10 -71.79 -15.90
C THR S 82 -2.44 -71.82 -15.19
N TYR S 83 -3.26 -70.76 -15.35
CA TYR S 83 -4.60 -70.80 -14.78
C TYR S 83 -5.42 -71.94 -15.39
N ALA S 84 -5.32 -72.17 -16.71
CA ALA S 84 -6.07 -73.26 -17.32
C ALA S 84 -5.66 -74.59 -16.71
N ARG S 85 -4.36 -74.77 -16.49
CA ARG S 85 -3.86 -75.96 -15.84
C ARG S 85 -4.33 -76.02 -14.38
N ILE S 86 -4.29 -74.89 -13.67
CA ILE S 86 -4.72 -74.90 -12.25
C ILE S 86 -6.17 -75.34 -12.14
N LEU S 87 -7.02 -74.90 -13.08
CA LEU S 87 -8.46 -75.22 -13.02
C LEU S 87 -8.70 -76.72 -13.10
N LYS S 88 -7.74 -77.47 -13.63
CA LYS S 88 -7.92 -78.93 -13.80
C LYS S 88 -7.65 -79.67 -12.49
N ASP S 89 -7.06 -79.02 -11.49
CA ASP S 89 -6.67 -79.68 -10.25
C ASP S 89 -7.87 -80.07 -9.38
N PRO S 90 -7.96 -81.32 -8.92
CA PRO S 90 -9.08 -81.73 -8.06
C PRO S 90 -8.96 -81.33 -6.61
N ARG S 91 -7.83 -80.77 -6.19
CA ARG S 91 -7.68 -80.37 -4.80
C ARG S 91 -8.42 -79.09 -4.47
N HIS S 92 -9.18 -78.53 -5.43
CA HIS S 92 -10.03 -77.37 -5.21
C HIS S 92 -11.09 -77.37 -6.30
N HIS S 93 -12.12 -76.54 -6.09
CA HIS S 93 -13.26 -76.44 -6.98
C HIS S 93 -13.82 -75.02 -6.91
N SER S 94 -14.79 -74.74 -7.78
CA SER S 94 -15.58 -73.50 -7.74
C SER S 94 -14.69 -72.25 -7.79
N ALA S 95 -13.79 -72.23 -8.76
CA ALA S 95 -12.90 -71.10 -8.90
C ALA S 95 -13.64 -69.89 -9.42
N GLU S 96 -13.19 -68.70 -8.98
CA GLU S 96 -13.75 -67.42 -9.39
C GLU S 96 -12.59 -66.52 -9.78
N ILE S 97 -12.62 -66.01 -11.01
CA ILE S 97 -11.66 -64.99 -11.39
C ILE S 97 -12.04 -63.69 -10.69
N VAL S 98 -11.05 -63.05 -10.08
CA VAL S 98 -11.26 -61.76 -9.43
C VAL S 98 -10.89 -60.60 -10.36
N GLU S 99 -9.77 -60.70 -11.06
CA GLU S 99 -9.33 -59.64 -11.94
C GLU S 99 -8.22 -60.15 -12.85
N PHE S 100 -8.09 -59.53 -14.02
CA PHE S 100 -6.98 -59.79 -14.92
C PHE S 100 -6.72 -58.50 -15.69
N LYS S 101 -5.54 -57.93 -15.52
CA LYS S 101 -5.26 -56.65 -16.14
C LYS S 101 -3.77 -56.52 -16.36
N ALA S 102 -3.41 -55.61 -17.27
CA ALA S 102 -2.02 -55.26 -17.46
C ALA S 102 -1.52 -54.47 -16.23
N ILE S 103 -0.24 -54.62 -15.92
CA ILE S 103 0.36 -53.92 -14.79
C ILE S 103 1.70 -53.34 -15.24
N GLU S 104 2.05 -52.18 -14.67
CA GLU S 104 3.30 -51.52 -14.98
C GLU S 104 4.48 -52.22 -14.32
N GLU S 105 4.28 -52.75 -13.11
CA GLU S 105 5.38 -53.43 -12.43
C GLU S 105 4.81 -54.51 -11.55
N ARG S 106 5.65 -55.48 -11.27
CA ARG S 106 5.23 -56.54 -10.39
C ARG S 106 5.21 -56.02 -8.98
N THR S 107 4.27 -56.53 -8.22
CA THR S 107 4.29 -56.35 -6.79
C THR S 107 4.91 -57.54 -6.07
N PHE S 108 4.58 -58.77 -6.49
CA PHE S 108 5.00 -59.98 -5.79
C PHE S 108 6.22 -60.57 -6.48
N ILE S 109 7.37 -59.93 -6.25
CA ILE S 109 8.59 -60.20 -7.03
C ILE S 109 9.33 -61.41 -6.49
N ASN S 110 9.43 -61.54 -5.15
CA ASN S 110 10.45 -62.38 -4.54
C ASN S 110 10.17 -63.87 -4.76
N TRP S 111 8.92 -64.27 -4.92
CA TRP S 111 8.58 -65.69 -4.90
C TRP S 111 7.94 -66.07 -6.23
N SER S 112 8.48 -67.13 -6.85
CA SER S 112 7.74 -67.75 -7.95
C SER S 112 6.39 -68.19 -7.46
N MET S 113 6.34 -68.69 -6.23
CA MET S 113 5.08 -68.95 -5.56
C MET S 113 5.39 -69.28 -4.12
N ARG S 114 4.65 -68.66 -3.22
CA ARG S 114 4.78 -68.94 -1.81
C ARG S 114 3.40 -69.06 -1.21
N LEU S 115 3.26 -70.03 -0.33
CA LEU S 115 2.02 -70.30 0.35
C LEU S 115 2.03 -69.59 1.70
N VAL S 116 0.89 -68.97 2.03
CA VAL S 116 0.65 -68.33 3.33
C VAL S 116 -0.59 -68.97 3.92
N GLN S 117 -0.48 -69.54 5.11
CA GLN S 117 -1.64 -70.13 5.78
C GLN S 117 -2.19 -69.17 6.81
N LEU S 118 -3.42 -68.68 6.56
CA LEU S 118 -4.07 -67.63 7.35
C LEU S 118 -4.58 -68.12 8.70
N GLY S 119 -4.81 -69.45 8.85
CA GLY S 119 -5.20 -70.00 10.14
C GLY S 119 -4.00 -70.13 11.11
N GLU S 120 -2.80 -70.18 10.53
CA GLU S 120 -1.56 -70.34 11.35
C GLU S 120 -1.05 -68.97 11.78
N MET S 121 -0.85 -68.77 13.08
CA MET S 121 -0.28 -67.49 13.57
C MET S 121 -1.19 -66.31 13.24
N ASP S 122 -2.36 -66.23 13.85
CA ASP S 122 -3.24 -65.05 13.65
C ASP S 122 -2.46 -63.81 14.08
N SER S 123 -1.77 -63.89 15.21
CA SER S 123 -1.05 -62.70 15.74
C SER S 123 -2.02 -61.52 15.79
N ASP S 124 -3.32 -61.78 15.72
CA ASP S 124 -4.36 -60.71 15.71
C ASP S 124 -4.27 -59.93 14.39
N THR S 125 -3.05 -59.53 14.00
CA THR S 125 -2.86 -58.83 12.71
C THR S 125 -3.72 -59.48 11.64
N ILE S 126 -3.59 -60.80 11.47
CA ILE S 126 -4.41 -61.54 10.46
C ILE S 126 -5.85 -61.05 10.56
N ARG S 127 -6.45 -61.16 11.75
CA ARG S 127 -7.88 -60.76 11.91
C ARG S 127 -8.06 -59.30 11.46
N ARG S 128 -7.15 -58.42 11.88
CA ARG S 128 -7.27 -56.98 11.53
C ARG S 128 -7.22 -56.84 10.01
N LEU S 129 -6.30 -57.53 9.35
CA LEU S 129 -6.13 -57.41 7.89
C LEU S 129 -7.33 -58.02 7.18
N ARG S 130 -7.90 -59.11 7.71
CA ARG S 130 -9.08 -59.67 7.06
C ARG S 130 -10.29 -58.76 7.23
N LEU S 131 -10.41 -58.13 8.40
CA LEU S 131 -11.46 -57.15 8.59
C LEU S 131 -11.18 -55.87 7.79
N LYS S 132 -9.92 -55.46 7.72
CA LYS S 132 -9.59 -54.21 7.06
C LYS S 132 -10.15 -54.18 5.66
N TYR S 133 -10.03 -55.28 4.94
CA TYR S 133 -10.25 -55.34 3.50
C TYR S 133 -11.42 -56.24 3.15
N SER S 134 -12.36 -56.43 4.08
CA SER S 134 -13.48 -57.33 3.81
C SER S 134 -14.59 -57.07 4.80
N PRO S 135 -15.84 -57.35 4.43
CA PRO S 135 -16.97 -57.18 5.36
C PRO S 135 -17.28 -58.40 6.20
N ALA S 136 -16.50 -59.47 6.08
CA ALA S 136 -16.85 -60.77 6.63
C ALA S 136 -16.16 -61.01 7.97
N ALA S 137 -16.79 -61.85 8.81
CA ALA S 137 -16.25 -62.26 10.10
C ALA S 137 -15.19 -63.35 9.99
N THR S 138 -15.10 -64.02 8.84
CA THR S 138 -14.08 -65.02 8.52
C THR S 138 -13.53 -64.70 7.14
N PHE S 139 -12.52 -65.45 6.75
CA PHE S 139 -11.91 -65.21 5.44
C PHE S 139 -12.86 -65.62 4.30
N GLN S 140 -13.32 -64.65 3.52
CA GLN S 140 -14.29 -64.92 2.46
C GLN S 140 -13.95 -64.11 1.23
N PRO S 141 -12.97 -64.57 0.45
CA PRO S 141 -12.59 -63.78 -0.73
C PRO S 141 -13.75 -63.56 -1.71
N ARG S 142 -14.81 -64.35 -1.64
CA ARG S 142 -15.92 -64.08 -2.54
C ARG S 142 -16.64 -62.79 -2.18
N SER S 143 -16.43 -62.27 -0.98
CA SER S 143 -17.02 -60.99 -0.59
C SER S 143 -16.07 -59.83 -0.75
N MET S 144 -14.91 -60.03 -1.39
CA MET S 144 -13.91 -58.99 -1.54
C MET S 144 -13.82 -58.51 -2.98
N THR S 145 -13.51 -57.24 -3.13
CA THR S 145 -13.31 -56.66 -4.45
C THR S 145 -11.93 -57.03 -4.97
N ALA S 146 -11.71 -56.70 -6.25
CA ALA S 146 -10.39 -56.83 -6.82
C ALA S 146 -9.36 -56.09 -5.96
N GLU S 147 -9.63 -54.82 -5.62
CA GLU S 147 -8.66 -54.02 -4.88
C GLU S 147 -8.51 -54.51 -3.45
N GLN S 148 -9.60 -54.90 -2.81
CA GLN S 148 -9.48 -55.47 -1.47
C GLN S 148 -8.62 -56.75 -1.51
N CYS S 149 -8.82 -57.60 -2.53
CA CYS S 149 -7.96 -58.79 -2.69
C CYS S 149 -6.51 -58.41 -2.98
N PHE S 150 -6.25 -57.48 -3.90
CA PHE S 150 -4.87 -57.15 -4.15
C PHE S 150 -4.18 -56.62 -2.90
N ARG S 151 -4.82 -55.67 -2.23
CA ARG S 151 -4.25 -55.00 -1.07
C ARG S 151 -4.13 -55.96 0.13
N PHE S 152 -5.07 -56.89 0.29
CA PHE S 152 -4.93 -57.91 1.33
C PHE S 152 -3.69 -58.78 1.08
N LEU S 153 -3.54 -59.28 -0.16
CA LEU S 153 -2.36 -60.09 -0.49
C LEU S 153 -1.09 -59.28 -0.40
N LYS S 154 -1.13 -58.01 -0.81
CA LYS S 154 0.08 -57.21 -0.81
C LYS S 154 0.59 -56.99 0.60
N GLU S 155 -0.32 -56.77 1.56
CA GLU S 155 0.09 -56.58 2.95
C GLU S 155 0.64 -57.87 3.55
N LEU S 156 0.06 -59.02 3.20
CA LEU S 156 0.65 -60.28 3.65
C LEU S 156 2.06 -60.44 3.09
N TYR S 157 2.23 -60.19 1.80
CA TYR S 157 3.55 -60.29 1.19
C TYR S 157 4.54 -59.36 1.86
N ASP S 158 4.09 -58.15 2.21
CA ASP S 158 5.00 -57.18 2.79
C ASP S 158 5.46 -57.62 4.17
N MET S 159 4.63 -58.37 4.88
CA MET S 159 4.99 -58.90 6.17
C MET S 159 6.02 -60.01 6.04
N SER S 160 5.84 -60.89 5.05
CA SER S 160 6.81 -61.96 4.77
C SER S 160 8.15 -61.37 4.35
N GLN S 161 8.15 -60.55 3.29
CA GLN S 161 9.31 -59.80 2.81
C GLN S 161 10.58 -60.63 2.83
N MET T 21 -21.93 -57.61 -2.08
CA MET T 21 -22.04 -56.27 -2.68
C MET T 21 -20.98 -55.26 -2.20
N GLY T 22 -20.31 -55.59 -1.12
CA GLY T 22 -19.03 -55.06 -0.78
C GLY T 22 -18.99 -54.56 0.64
N LEU T 23 -17.90 -53.89 0.97
CA LEU T 23 -17.72 -53.37 2.31
C LEU T 23 -18.42 -52.02 2.35
N HIS T 24 -19.20 -51.76 3.39
CA HIS T 24 -19.94 -50.51 3.50
C HIS T 24 -19.71 -49.86 4.85
N ARG T 25 -19.93 -48.55 4.90
CA ARG T 25 -19.92 -47.82 6.17
C ARG T 25 -21.15 -46.95 6.27
N LEU T 26 -21.79 -47.00 7.42
CA LEU T 26 -22.89 -46.10 7.71
C LEU T 26 -22.44 -45.10 8.77
N ILE T 27 -22.92 -43.88 8.64
CA ILE T 27 -22.77 -42.88 9.68
C ILE T 27 -24.15 -42.30 9.96
N PHE T 28 -24.54 -42.31 11.24
CA PHE T 28 -25.80 -41.67 11.67
C PHE T 28 -25.63 -41.04 13.05
N LEU T 29 -26.60 -40.21 13.40
CA LEU T 29 -26.68 -39.55 14.69
C LEU T 29 -28.09 -39.73 15.26
N SER T 30 -28.20 -39.51 16.56
CA SER T 30 -29.48 -39.59 17.23
C SER T 30 -29.42 -38.82 18.54
N CYS T 31 -30.62 -38.49 19.05
CA CYS T 31 -30.77 -37.81 20.34
C CYS T 31 -30.97 -38.87 21.39
N ALA T 32 -30.20 -38.79 22.46
CA ALA T 32 -30.52 -39.66 23.58
C ALA T 32 -31.84 -39.22 24.19
N THR T 33 -32.66 -40.20 24.56
CA THR T 33 -33.92 -39.91 25.23
C THR T 33 -33.65 -39.33 26.62
N ASP T 34 -34.51 -38.39 27.05
CA ASP T 34 -34.31 -37.76 28.33
C ASP T 34 -34.37 -38.82 29.45
N GLY T 35 -33.38 -38.78 30.35
CA GLY T 35 -33.27 -39.71 31.47
C GLY T 35 -32.33 -40.84 31.21
N LEU T 36 -31.73 -40.86 30.02
CA LEU T 36 -30.82 -41.98 29.65
C LEU T 36 -29.81 -42.16 30.78
N SER T 37 -29.45 -43.40 31.10
CA SER T 37 -28.58 -43.65 32.23
C SER T 37 -27.35 -44.50 31.89
N TYR T 38 -26.34 -44.39 32.77
CA TYR T 38 -25.11 -45.19 32.71
C TYR T 38 -25.39 -46.67 32.56
N PRO T 39 -26.33 -47.27 33.29
CA PRO T 39 -26.71 -48.65 32.97
C PRO T 39 -27.12 -48.82 31.51
N ASP T 40 -27.84 -47.85 30.94
CA ASP T 40 -28.23 -47.95 29.54
C ASP T 40 -27.01 -48.09 28.63
N LEU T 41 -26.02 -47.20 28.76
CA LEU T 41 -24.82 -47.31 27.94
C LEU T 41 -24.13 -48.65 28.17
N ARG T 42 -24.07 -49.09 29.43
CA ARG T 42 -23.32 -50.31 29.70
C ARG T 42 -23.97 -51.49 28.98
N ASP T 43 -25.31 -51.47 28.89
CA ASP T 43 -26.05 -52.50 28.15
C ASP T 43 -25.81 -52.43 26.66
N ILE T 44 -25.83 -51.21 26.12
CA ILE T 44 -25.61 -51.00 24.69
C ILE T 44 -24.25 -51.57 24.28
N MET T 45 -23.20 -51.22 25.02
CA MET T 45 -21.87 -51.71 24.66
C MET T 45 -21.82 -53.22 24.70
N ALA T 46 -22.53 -53.83 25.65
CA ALA T 46 -22.44 -55.28 25.81
C ALA T 46 -23.14 -56.00 24.67
N LYS T 47 -24.36 -55.58 24.34
CA LYS T 47 -25.13 -56.19 23.27
C LYS T 47 -24.57 -55.83 21.90
N SER T 48 -24.13 -54.58 21.73
CA SER T 48 -23.60 -54.17 20.43
C SER T 48 -22.32 -54.92 20.11
N GLU T 49 -21.47 -55.11 21.12
CA GLU T 49 -20.20 -55.81 20.91
C GLU T 49 -20.42 -57.27 20.53
N VAL T 50 -21.35 -57.94 21.20
CA VAL T 50 -21.60 -59.35 20.95
C VAL T 50 -22.27 -59.51 19.60
N ASN T 51 -23.30 -58.69 19.33
CA ASN T 51 -24.01 -58.79 18.07
C ASN T 51 -23.10 -58.47 16.89
N ASN T 52 -22.38 -57.35 16.97
CA ASN T 52 -21.57 -56.91 15.83
C ASN T 52 -20.46 -57.91 15.54
N LEU T 53 -19.88 -58.49 16.60
CA LEU T 53 -18.90 -59.56 16.39
C LEU T 53 -19.50 -60.68 15.56
N ARG T 54 -20.78 -60.97 15.80
CA ARG T 54 -21.46 -62.01 15.04
C ARG T 54 -21.61 -61.62 13.58
N ASP T 55 -21.90 -60.35 13.30
CA ASP T 55 -22.26 -59.91 11.95
C ASP T 55 -21.09 -59.40 11.13
N GLY T 56 -19.86 -59.54 11.63
CA GLY T 56 -18.78 -58.93 10.89
C GLY T 56 -18.79 -57.41 10.86
N ILE T 57 -19.43 -56.76 11.84
CA ILE T 57 -19.55 -55.31 11.90
C ILE T 57 -18.52 -54.74 12.86
N THR T 58 -17.90 -53.64 12.47
CA THR T 58 -17.10 -52.86 13.41
C THR T 58 -17.65 -51.44 13.38
N GLY T 59 -17.29 -50.66 14.39
CA GLY T 59 -17.78 -49.29 14.43
C GLY T 59 -17.41 -48.58 15.72
N MET T 60 -18.00 -47.41 15.88
CA MET T 60 -17.63 -46.56 17.01
C MET T 60 -18.85 -45.73 17.38
N LEU T 61 -19.10 -45.64 18.69
CA LEU T 61 -20.22 -44.86 19.21
C LEU T 61 -19.65 -43.74 20.09
N CYS T 62 -19.99 -42.53 19.72
CA CYS T 62 -19.57 -41.35 20.45
C CYS T 62 -20.80 -40.73 21.10
N TYR T 63 -20.68 -40.41 22.39
CA TYR T 63 -21.75 -39.80 23.17
C TYR T 63 -21.25 -38.51 23.80
N GLY T 64 -22.03 -37.44 23.62
CA GLY T 64 -21.74 -36.14 24.19
C GLY T 64 -22.88 -35.18 23.98
N ASN T 65 -23.05 -34.21 24.89
CA ASN T 65 -24.09 -33.18 24.77
C ASN T 65 -25.45 -33.83 24.50
N GLY T 66 -25.66 -34.99 25.13
CA GLY T 66 -26.93 -35.69 24.93
C GLY T 66 -27.16 -36.21 23.53
N MET T 67 -26.13 -36.20 22.69
CA MET T 67 -26.28 -36.64 21.31
C MET T 67 -25.43 -37.88 21.07
N PHE T 68 -25.92 -38.74 20.19
CA PHE T 68 -25.20 -39.90 19.70
C PHE T 68 -24.73 -39.66 18.27
N LEU T 69 -23.50 -40.05 18.01
CA LEU T 69 -22.94 -40.10 16.65
C LEU T 69 -22.24 -41.43 16.52
N GLN T 70 -22.70 -42.27 15.58
CA GLN T 70 -22.18 -43.63 15.42
C GLN T 70 -21.82 -43.93 13.96
N THR T 71 -20.82 -44.77 13.82
CA THR T 71 -20.48 -45.33 12.52
C THR T 71 -20.37 -46.84 12.64
N LEU T 72 -20.90 -47.53 11.62
CA LEU T 72 -20.85 -48.99 11.52
C LEU T 72 -20.27 -49.34 10.16
N GLU T 73 -19.32 -50.29 10.13
CA GLU T 73 -18.69 -50.78 8.91
C GLU T 73 -18.94 -52.27 8.80
N GLY T 74 -19.23 -52.72 7.59
CA GLY T 74 -19.49 -54.14 7.40
C GLY T 74 -20.29 -54.38 6.13
N ASP T 75 -21.02 -55.50 6.15
CA ASP T 75 -21.82 -55.91 5.00
C ASP T 75 -23.01 -54.99 4.81
N ARG T 76 -23.33 -54.69 3.55
CA ARG T 76 -24.45 -53.81 3.22
C ARG T 76 -25.75 -54.24 3.87
N GLN T 77 -26.06 -55.54 3.79
CA GLN T 77 -27.29 -56.03 4.41
C GLN T 77 -27.19 -55.99 5.93
N LYS T 78 -26.17 -56.64 6.47
CA LYS T 78 -26.05 -56.72 7.92
C LYS T 78 -26.10 -55.35 8.55
N VAL T 79 -25.27 -54.42 8.05
CA VAL T 79 -25.26 -53.09 8.62
C VAL T 79 -26.65 -52.49 8.56
N SER T 80 -27.32 -52.62 7.41
CA SER T 80 -28.66 -52.06 7.28
C SER T 80 -29.58 -52.65 8.34
N GLU T 81 -29.54 -53.98 8.51
CA GLU T 81 -30.39 -54.63 9.50
C GLU T 81 -30.08 -54.11 10.89
N THR T 82 -28.80 -53.90 11.20
CA THR T 82 -28.45 -53.39 12.52
C THR T 82 -29.07 -52.02 12.75
N TYR T 83 -29.08 -51.17 11.73
CA TYR T 83 -29.74 -49.88 11.88
C TYR T 83 -31.21 -50.04 12.17
N ALA T 84 -31.86 -50.98 11.49
CA ALA T 84 -33.30 -51.17 11.68
C ALA T 84 -33.61 -51.56 13.11
N ARG T 85 -32.78 -52.42 13.72
CA ARG T 85 -32.97 -52.78 15.13
C ARG T 85 -32.67 -51.59 16.03
N ILE T 86 -31.64 -50.82 15.70
CA ILE T 86 -31.30 -49.64 16.47
C ILE T 86 -32.44 -48.62 16.43
N LEU T 87 -33.13 -48.50 15.29
CA LEU T 87 -34.11 -47.45 15.12
C LEU T 87 -35.28 -47.58 16.08
N LYS T 88 -35.55 -48.78 16.56
CA LYS T 88 -36.66 -49.01 17.48
C LYS T 88 -36.18 -49.55 18.82
N ASP T 89 -34.97 -49.17 19.16
CA ASP T 89 -34.58 -49.03 20.54
C ASP T 89 -35.18 -47.73 21.10
N PRO T 90 -35.85 -47.76 22.27
CA PRO T 90 -36.45 -46.53 22.80
C PRO T 90 -35.46 -45.55 23.43
N ARG T 91 -34.20 -45.95 23.64
CA ARG T 91 -33.18 -45.12 24.29
C ARG T 91 -32.66 -43.99 23.42
N HIS T 92 -33.16 -43.81 22.19
CA HIS T 92 -32.89 -42.62 21.37
C HIS T 92 -34.06 -42.36 20.44
N HIS T 93 -34.03 -41.20 19.80
CA HIS T 93 -35.07 -40.75 18.88
C HIS T 93 -34.45 -39.77 17.90
N SER T 94 -35.25 -39.36 16.90
CA SER T 94 -34.80 -38.35 15.92
C SER T 94 -33.48 -38.76 15.26
N ALA T 95 -33.40 -40.01 14.83
CA ALA T 95 -32.20 -40.49 14.16
C ALA T 95 -32.09 -39.89 12.77
N GLU T 96 -30.87 -39.55 12.38
CA GLU T 96 -30.58 -38.90 11.09
C GLU T 96 -29.44 -39.65 10.42
N ILE T 97 -29.67 -40.15 9.20
CA ILE T 97 -28.59 -40.77 8.44
C ILE T 97 -27.68 -39.65 7.96
N VAL T 98 -26.37 -39.84 8.13
CA VAL T 98 -25.41 -38.86 7.67
C VAL T 98 -24.81 -39.23 6.33
N GLU T 99 -24.50 -40.51 6.12
CA GLU T 99 -24.03 -41.05 4.84
C GLU T 99 -24.05 -42.57 4.89
N PHE T 100 -24.20 -43.16 3.70
CA PHE T 100 -24.11 -44.61 3.55
C PHE T 100 -23.51 -44.90 2.19
N LYS T 101 -22.35 -45.55 2.18
CA LYS T 101 -21.67 -45.78 0.91
C LYS T 101 -20.74 -46.97 1.04
N ALA T 102 -20.35 -47.50 -0.12
CA ALA T 102 -19.32 -48.52 -0.17
C ALA T 102 -17.96 -47.90 0.08
N ILE T 103 -17.09 -48.66 0.75
CA ILE T 103 -15.75 -48.20 1.09
C ILE T 103 -14.76 -49.29 0.72
N GLU T 104 -13.57 -48.86 0.28
CA GLU T 104 -12.54 -49.79 -0.16
C GLU T 104 -11.85 -50.45 1.02
N GLU T 105 -11.70 -49.75 2.14
CA GLU T 105 -11.08 -50.35 3.32
C GLU T 105 -11.78 -49.83 4.55
N ARG T 106 -11.64 -50.57 5.62
CA ARG T 106 -12.14 -50.15 6.91
C ARG T 106 -11.21 -49.15 7.59
N THR T 107 -11.82 -48.23 8.33
CA THR T 107 -11.08 -47.39 9.29
C THR T 107 -11.22 -47.86 10.72
N PHE T 108 -12.42 -48.27 11.11
CA PHE T 108 -12.72 -48.58 12.49
C PHE T 108 -12.63 -50.08 12.74
N ILE T 109 -11.38 -50.57 12.69
CA ILE T 109 -11.09 -52.00 12.69
C ILE T 109 -11.07 -52.60 14.08
N ASN T 110 -10.53 -51.89 15.07
CA ASN T 110 -10.06 -52.54 16.31
C ASN T 110 -11.20 -53.05 17.18
N TRP T 111 -12.39 -52.45 17.10
CA TRP T 111 -13.46 -52.73 18.03
C TRP T 111 -14.75 -53.02 17.29
N SER T 112 -15.42 -54.13 17.66
CA SER T 112 -16.76 -54.36 17.13
C SER T 112 -17.71 -53.27 17.56
N MET T 113 -17.45 -52.66 18.72
CA MET T 113 -18.18 -51.47 19.17
C MET T 113 -17.43 -50.82 20.32
N ARG T 114 -17.06 -49.56 20.16
CA ARG T 114 -16.33 -48.82 21.17
C ARG T 114 -17.11 -47.57 21.49
N LEU T 115 -17.39 -47.34 22.76
CA LEU T 115 -18.10 -46.14 23.18
C LEU T 115 -17.06 -45.11 23.60
N VAL T 116 -17.21 -43.90 23.10
CA VAL T 116 -16.41 -42.78 23.55
C VAL T 116 -17.40 -41.73 24.02
N GLN T 117 -17.31 -41.36 25.28
CA GLN T 117 -18.13 -40.29 25.84
C GLN T 117 -17.31 -39.02 25.83
N LEU T 118 -17.79 -38.00 25.12
CA LEU T 118 -17.03 -36.77 25.04
C LEU T 118 -16.88 -36.13 26.40
N GLY T 119 -17.84 -36.35 27.30
CA GLY T 119 -17.81 -35.71 28.64
C GLY T 119 -16.64 -36.12 29.52
N GLU T 120 -16.02 -37.26 29.26
CA GLU T 120 -14.93 -37.75 30.14
C GLU T 120 -13.58 -37.58 29.44
N MET T 121 -13.45 -36.55 28.61
CA MET T 121 -12.17 -36.33 27.89
C MET T 121 -11.59 -34.95 28.22
N ASP T 122 -10.26 -34.81 28.11
CA ASP T 122 -9.63 -33.52 28.28
C ASP T 122 -10.50 -32.45 27.60
N SER T 123 -11.05 -31.53 28.40
CA SER T 123 -11.96 -30.52 27.85
C SER T 123 -11.36 -29.73 26.69
N ASP T 124 -10.04 -29.49 26.69
CA ASP T 124 -9.48 -28.66 25.62
C ASP T 124 -9.31 -29.48 24.33
N THR T 125 -8.88 -30.73 24.46
CA THR T 125 -8.74 -31.62 23.32
C THR T 125 -10.06 -31.75 22.54
N ILE T 126 -11.17 -31.96 23.25
CA ILE T 126 -12.46 -32.21 22.61
C ILE T 126 -13.05 -30.92 22.04
N ARG T 127 -12.98 -29.80 22.79
CA ARG T 127 -13.47 -28.54 22.24
C ARG T 127 -12.73 -28.23 20.94
N ARG T 128 -11.43 -28.48 20.92
CA ARG T 128 -10.64 -28.26 19.72
C ARG T 128 -11.10 -29.17 18.58
N LEU T 129 -11.35 -30.46 18.86
CA LEU T 129 -11.80 -31.35 17.80
C LEU T 129 -13.17 -30.95 17.26
N ARG T 130 -14.08 -30.60 18.16
CA ARG T 130 -15.44 -30.26 17.75
C ARG T 130 -15.47 -28.99 16.93
N LEU T 131 -14.61 -28.03 17.25
CA LEU T 131 -14.52 -26.85 16.42
C LEU T 131 -13.88 -27.17 15.06
N LYS T 132 -12.84 -28.02 15.07
CA LYS T 132 -12.13 -28.33 13.84
C LYS T 132 -13.09 -28.82 12.75
N TYR T 133 -14.11 -29.60 13.12
CA TYR T 133 -14.99 -30.27 12.15
C TYR T 133 -16.44 -29.86 12.27
N SER T 134 -16.76 -28.68 12.82
CA SER T 134 -18.12 -28.26 12.92
C SER T 134 -18.21 -26.75 13.14
N PRO T 135 -19.21 -26.09 12.81
CA PRO T 135 -19.39 -24.65 13.07
C PRO T 135 -19.97 -24.30 14.44
N ALA T 136 -20.24 -25.30 15.30
CA ALA T 136 -21.02 -25.13 16.51
C ALA T 136 -20.15 -24.86 17.73
N ALA T 137 -20.72 -24.13 18.69
CA ALA T 137 -20.08 -23.91 19.99
C ALA T 137 -20.25 -25.09 20.92
N THR T 138 -21.11 -26.04 20.55
CA THR T 138 -21.25 -27.29 21.26
C THR T 138 -21.22 -28.44 20.27
N PHE T 139 -21.13 -29.65 20.80
CA PHE T 139 -21.20 -30.84 19.97
C PHE T 139 -22.56 -30.94 19.31
N GLN T 140 -22.62 -30.78 17.99
CA GLN T 140 -23.89 -30.82 17.25
C GLN T 140 -23.71 -31.53 15.93
N PRO T 141 -23.78 -32.87 15.92
CA PRO T 141 -23.61 -33.61 14.66
C PRO T 141 -24.58 -33.20 13.56
N ARG T 142 -25.75 -32.65 13.87
CA ARG T 142 -26.67 -32.25 12.81
C ARG T 142 -26.14 -31.07 12.01
N SER T 143 -25.11 -30.40 12.49
CA SER T 143 -24.51 -29.29 11.77
C SER T 143 -23.27 -29.72 10.99
N MET T 144 -22.96 -31.00 10.98
CA MET T 144 -21.72 -31.53 10.44
C MET T 144 -21.95 -32.31 9.15
N THR T 145 -21.00 -32.21 8.23
CA THR T 145 -21.09 -32.96 6.99
C THR T 145 -20.71 -34.41 7.25
N ALA T 146 -20.94 -35.24 6.23
CA ALA T 146 -20.52 -36.62 6.32
C ALA T 146 -19.00 -36.69 6.48
N GLU T 147 -18.27 -35.84 5.76
CA GLU T 147 -16.81 -35.87 5.88
C GLU T 147 -16.36 -35.38 7.25
N GLN T 148 -17.02 -34.33 7.77
CA GLN T 148 -16.67 -33.82 9.09
C GLN T 148 -16.92 -34.90 10.15
N CYS T 149 -18.05 -35.62 10.04
CA CYS T 149 -18.32 -36.68 11.01
C CYS T 149 -17.29 -37.80 10.92
N PHE T 150 -16.92 -38.19 9.69
CA PHE T 150 -15.94 -39.25 9.55
C PHE T 150 -14.59 -38.84 10.12
N ARG T 151 -14.10 -37.67 9.71
CA ARG T 151 -12.77 -37.28 10.19
C ARG T 151 -12.79 -37.12 11.71
N PHE T 152 -13.90 -36.58 12.24
CA PHE T 152 -14.09 -36.41 13.67
C PHE T 152 -14.11 -37.77 14.39
N LEU T 153 -14.96 -38.68 13.92
CA LEU T 153 -15.00 -40.00 14.55
C LEU T 153 -13.65 -40.68 14.44
N LYS T 154 -12.96 -40.49 13.33
CA LYS T 154 -11.67 -41.15 13.16
C LYS T 154 -10.63 -40.64 14.16
N GLU T 155 -10.56 -39.32 14.38
CA GLU T 155 -9.59 -38.80 15.36
C GLU T 155 -9.89 -39.30 16.76
N LEU T 156 -11.17 -39.39 17.14
CA LEU T 156 -11.50 -40.03 18.40
C LEU T 156 -10.99 -41.47 18.43
N TYR T 157 -11.26 -42.23 17.35
CA TYR T 157 -10.82 -43.62 17.30
C TYR T 157 -9.31 -43.74 17.44
N ASP T 158 -8.56 -42.87 16.76
CA ASP T 158 -7.11 -42.93 16.80
C ASP T 158 -6.56 -42.54 18.16
N MET T 159 -7.29 -41.76 18.98
CA MET T 159 -6.72 -41.51 20.30
C MET T 159 -7.03 -42.61 21.31
N SER T 160 -7.59 -43.75 20.92
CA SER T 160 -7.92 -44.76 21.92
C SER T 160 -7.34 -46.13 21.54
#